data_4FQV
#
_entry.id   4FQV
#
_cell.length_a   197.570
_cell.length_b   197.570
_cell.length_c   223.620
_cell.angle_alpha   90.00
_cell.angle_beta   90.00
_cell.angle_gamma   90.00
#
_symmetry.space_group_name_H-M   'P 42 21 2'
#
loop_
_entity.id
_entity.type
_entity.pdbx_description
1 polymer 'Hemagglutinin HA1'
2 polymer 'Hemagglutinin HA2'
3 polymer 'Antibody CR9114 heavy chain'
4 polymer 'Antibody CR9114 light chain'
#
loop_
_entity_poly.entity_id
_entity_poly.type
_entity_poly.pdbx_seq_one_letter_code
_entity_poly.pdbx_strand_id
1 'polypeptide(L)'
;ADPGDKICLGHHAVSNGTKVNTLTERGVEVVNATETVERTNVPRICSKGKRTVDLGQCGLLGTITGPPQCDQFLEFSADL
IIERREGSDVCYPGKFVNEEALRQILRESGGIDKETMGFTYSGIRTNGTTSACRRSGSSFYAEMKWLLSNTDNAAFPQMT
KSYKNTRKDPALIIWGIHHSGSTTEQTKLYGSGNKLITVGSSNYQQSFVPSPGARPQVNGQSGRIDFHWLILNPNDTVTF
SFNGAFIALDRASFLRGKSMGIQSEVQVDANCEGDCYHSGGTIISNLPFQNINSRAVGKCPRYVKQESLLLATGMKNVPE
IPKRRRR
;
A,C,E
2 'polypeptide(L)'
;GLFGAIAGFIENGWEGLIDGWYGFRHQNAQGEGTAADYKSTQSAIDQITGKLNRLIEKTNQQFELIDNEFTEVERQIGNV
INWTRDSMTEVWSYNAELLVAMENQHTIDLADSEMNKLYERVKRQLRENAEEDGTGCFEIFHKCDDDCMASIRNNTYDHS
KYREEAIQNRIQIDPV
;
B,D,F
3 'polypeptide(L)'
;QVQLVQSGAEVKKPGSSVKVSCKSSGGTSNNYAISWVRQAPGQGLDWMGGISPIFGSTAYAQKFQGRVTISADIFSNTAY
MELNSLTSEDTAVYFCARHGNYYYYSGMDVWGQGTTVTVSSASTKGPSVFPLAPSSKSTSGGTAALGCLVKDYFPEPVTV
SWNSGALTSGVHTFPAVLQSSGLYSLSSVVTVPSSSLGTQTYICNVNHKPSNTKVDKRVEPKSC
;
H,I,J
4 'polypeptide(L)'
;QSALTQPPAVSGTPGQRVTISCSGSDSNIGRRSVNWYQQFPGTAPKLLIYSNDQRPSVVPDRFSGSKSGTSASLAISGLQ
SEDEAEYYCAAWDDSLKGAVFGGGTQLTVLGQPKAAPSVTLFPPSSEELQANKATLVCLISDFYPGAVTVAWKADSSPVK
AGVETTTPSKQSNNKYAASSYLSLTPEQWKSHRSYSCQVTHEGSTVEKTVAPTECS
;
L,M,N
#
# COMPACT_ATOMS: atom_id res chain seq x y z
N ASP A 5 -39.24 -34.41 10.69
CA ASP A 5 -38.45 -34.42 11.92
C ASP A 5 -37.45 -33.26 12.00
N LYS A 6 -36.88 -32.86 10.86
CA LYS A 6 -35.78 -31.91 10.88
C LYS A 6 -35.60 -31.15 9.57
N ILE A 7 -35.07 -29.94 9.68
CA ILE A 7 -34.58 -29.21 8.51
C ILE A 7 -33.15 -28.70 8.71
N CYS A 8 -32.35 -28.82 7.65
CA CYS A 8 -30.94 -28.50 7.69
C CYS A 8 -30.52 -27.60 6.54
N LEU A 9 -29.91 -26.48 6.92
CA LEU A 9 -29.29 -25.55 5.98
C LEU A 9 -27.79 -25.84 5.82
N GLY A 10 -27.24 -25.50 4.67
CA GLY A 10 -25.87 -25.85 4.35
C GLY A 10 -25.41 -25.18 3.07
N HIS A 11 -24.11 -25.22 2.83
CA HIS A 11 -23.52 -24.46 1.74
C HIS A 11 -23.07 -25.42 0.66
N HIS A 12 -22.71 -24.90 -0.51
CA HIS A 12 -22.31 -25.76 -1.62
C HIS A 12 -20.82 -26.13 -1.57
N ALA A 13 -20.41 -27.01 -2.47
CA ALA A 13 -19.02 -27.49 -2.52
C ALA A 13 -18.73 -28.17 -3.84
N VAL A 14 -17.47 -28.14 -4.25
CA VAL A 14 -17.02 -28.82 -5.47
C VAL A 14 -15.91 -29.79 -5.10
N SER A 15 -15.67 -30.78 -5.95
CA SER A 15 -14.81 -31.91 -5.59
C SER A 15 -13.33 -31.60 -5.66
N ASN A 16 -12.94 -30.80 -6.64
CA ASN A 16 -11.59 -30.27 -6.75
C ASN A 16 -11.62 -28.76 -6.87
N GLY A 17 -11.31 -28.06 -5.78
CA GLY A 17 -11.26 -26.62 -5.83
C GLY A 17 -9.85 -26.13 -6.12
N THR A 18 -9.66 -24.82 -6.01
CA THR A 18 -8.34 -24.23 -6.30
C THR A 18 -7.73 -23.65 -5.04
N LYS A 19 -6.42 -23.85 -4.87
CA LYS A 19 -5.69 -23.26 -3.75
C LYS A 19 -5.44 -21.76 -3.88
N VAL A 20 -5.73 -21.01 -2.82
CA VAL A 20 -5.35 -19.60 -2.79
C VAL A 20 -4.53 -19.32 -1.53
N ASN A 21 -4.14 -18.06 -1.33
CA ASN A 21 -3.43 -17.66 -0.13
C ASN A 21 -4.17 -16.61 0.69
N THR A 22 -3.98 -16.64 2.00
CA THR A 22 -4.63 -15.68 2.88
C THR A 22 -3.63 -15.00 3.83
N LEU A 23 -4.14 -14.04 4.59
CA LEU A 23 -3.37 -13.41 5.67
C LEU A 23 -2.78 -14.45 6.60
N THR A 24 -3.43 -15.60 6.59
CA THR A 24 -3.52 -16.49 7.75
C THR A 24 -3.06 -17.92 7.38
N GLU A 25 -3.27 -18.31 6.12
CA GLU A 25 -3.01 -19.69 5.69
C GLU A 25 -2.50 -19.67 4.24
N ARG A 26 -1.78 -20.71 3.84
CA ARG A 26 -1.32 -20.88 2.47
C ARG A 26 -1.99 -22.06 1.79
N GLY A 27 -2.35 -21.90 0.53
CA GLY A 27 -3.00 -22.96 -0.21
C GLY A 27 -4.25 -23.46 0.48
N VAL A 28 -5.18 -22.54 0.76
CA VAL A 28 -6.48 -22.95 1.23
C VAL A 28 -7.44 -23.08 0.06
N GLU A 29 -7.99 -24.29 -0.13
CA GLU A 29 -8.84 -24.55 -1.28
C GLU A 29 -10.16 -23.79 -1.14
N VAL A 30 -10.55 -23.11 -2.22
CA VAL A 30 -11.84 -22.46 -2.33
C VAL A 30 -12.59 -22.94 -3.57
N VAL A 31 -13.86 -22.58 -3.65
CA VAL A 31 -14.75 -23.09 -4.69
C VAL A 31 -14.35 -22.64 -6.09
N ASN A 32 -14.30 -21.33 -6.29
CA ASN A 32 -13.90 -20.74 -7.56
C ASN A 32 -12.97 -19.57 -7.29
N ALA A 33 -11.91 -19.45 -8.07
CA ALA A 33 -10.98 -18.33 -7.94
C ALA A 33 -10.57 -17.82 -9.32
N THR A 34 -10.02 -16.61 -9.36
CA THR A 34 -9.71 -15.96 -10.62
C THR A 34 -8.35 -15.31 -10.67
N GLU A 35 -7.75 -15.29 -11.85
CA GLU A 35 -6.39 -14.80 -11.96
C GLU A 35 -6.33 -13.29 -12.01
N THR A 36 -5.22 -12.74 -11.56
CA THR A 36 -5.12 -11.31 -11.32
C THR A 36 -3.85 -10.72 -11.97
N VAL A 37 -2.92 -11.59 -12.35
CA VAL A 37 -1.72 -11.19 -13.06
C VAL A 37 -1.77 -11.62 -14.52
N GLU A 38 -1.63 -10.66 -15.43
CA GLU A 38 -1.59 -10.99 -16.85
C GLU A 38 -0.28 -11.70 -17.23
N ARG A 39 -0.41 -12.88 -17.82
CA ARG A 39 0.74 -13.65 -18.29
C ARG A 39 0.79 -13.81 -19.79
N THR A 40 -0.23 -13.32 -20.48
CA THR A 40 -0.39 -13.60 -21.89
C THR A 40 0.00 -12.41 -22.76
N ASN A 41 1.01 -12.63 -23.60
CA ASN A 41 1.49 -11.60 -24.51
C ASN A 41 0.81 -11.76 -25.86
N VAL A 42 0.59 -10.64 -26.53
CA VAL A 42 0.18 -10.67 -27.93
C VAL A 42 1.35 -10.22 -28.78
N PRO A 43 1.99 -11.16 -29.51
CA PRO A 43 3.30 -10.87 -30.10
C PRO A 43 3.21 -9.95 -31.32
N ARG A 44 2.49 -8.83 -31.19
CA ARG A 44 2.26 -7.87 -32.27
C ARG A 44 2.01 -6.49 -31.66
N ILE A 45 2.13 -5.43 -32.46
CA ILE A 45 1.79 -4.09 -31.97
C ILE A 45 0.35 -3.77 -32.39
N CYS A 46 -0.55 -3.72 -31.42
CA CYS A 46 -1.97 -3.56 -31.73
C CYS A 46 -2.36 -2.09 -31.84
N SER A 47 -2.61 -1.69 -33.08
CA SER A 47 -2.75 -0.29 -33.45
C SER A 47 -4.13 0.05 -33.98
N LYS A 48 -5.09 -0.86 -33.82
CA LYS A 48 -6.43 -0.60 -34.30
C LYS A 48 -6.86 0.79 -33.85
N GLY A 49 -7.35 1.58 -34.80
CA GLY A 49 -7.90 2.90 -34.51
C GLY A 49 -6.87 3.99 -34.26
N LYS A 50 -5.59 3.69 -34.39
CA LYS A 50 -4.53 4.67 -34.15
C LYS A 50 -3.76 5.03 -35.42
N ARG A 51 -3.41 6.30 -35.52
CA ARG A 51 -2.66 6.81 -36.66
C ARG A 51 -1.25 6.34 -36.43
N THR A 52 -0.80 5.38 -37.22
CA THR A 52 0.48 4.74 -36.97
C THR A 52 1.51 5.18 -38.00
N VAL A 53 2.71 5.49 -37.52
CA VAL A 53 3.85 5.71 -38.42
C VAL A 53 4.95 4.77 -37.98
N ASP A 54 5.27 3.81 -38.85
CA ASP A 54 6.30 2.84 -38.53
C ASP A 54 7.57 3.29 -39.25
N LEU A 55 8.60 3.63 -38.47
CA LEU A 55 9.72 4.41 -39.00
C LEU A 55 10.72 3.62 -39.84
N GLY A 56 10.67 2.30 -39.75
CA GLY A 56 11.48 1.46 -40.63
C GLY A 56 12.97 1.77 -40.57
N GLN A 57 13.54 2.03 -41.74
CA GLN A 57 14.95 2.39 -41.87
C GLN A 57 15.24 3.83 -41.44
N CYS A 58 14.20 4.62 -41.25
CA CYS A 58 14.38 5.99 -40.77
C CYS A 58 14.50 6.01 -39.25
N GLY A 59 15.51 6.73 -38.76
CA GLY A 59 15.71 6.88 -37.34
C GLY A 59 14.90 8.08 -36.88
N LEU A 60 14.34 8.00 -35.67
CA LEU A 60 13.46 9.08 -35.18
C LEU A 60 14.10 10.45 -35.40
N LEU A 61 15.37 10.57 -35.06
CA LEU A 61 16.04 11.87 -35.15
C LEU A 61 16.24 12.26 -36.61
N GLY A 62 16.26 11.28 -37.50
CA GLY A 62 16.31 11.55 -38.93
C GLY A 62 15.14 12.35 -39.46
N THR A 63 13.97 12.29 -38.82
CA THR A 63 12.80 12.97 -39.36
C THR A 63 13.08 14.47 -39.30
N ILE A 64 13.99 14.88 -38.42
CA ILE A 64 14.31 16.30 -38.20
C ILE A 64 15.32 16.89 -39.19
N THR A 65 16.38 16.15 -39.49
CA THR A 65 17.50 16.66 -40.30
C THR A 65 17.30 16.23 -41.74
N GLY A 66 16.86 14.99 -41.94
CA GLY A 66 16.36 14.56 -43.22
C GLY A 66 17.35 13.92 -44.16
N PRO A 67 17.98 12.81 -43.73
CA PRO A 67 18.77 12.00 -44.66
C PRO A 67 17.81 11.24 -45.58
N PRO A 68 18.31 10.75 -46.72
CA PRO A 68 17.44 10.13 -47.72
C PRO A 68 16.44 9.09 -47.16
N GLN A 69 16.86 8.24 -46.21
CA GLN A 69 15.93 7.19 -45.74
C GLN A 69 14.69 7.76 -45.08
N CYS A 70 14.75 9.03 -44.71
CA CYS A 70 13.71 9.65 -43.90
C CYS A 70 12.86 10.60 -44.73
N ASP A 71 13.10 10.60 -46.03
CA ASP A 71 12.39 11.49 -46.94
C ASP A 71 10.84 11.42 -46.84
N GLN A 72 10.29 10.23 -46.63
CA GLN A 72 8.84 10.10 -46.45
C GLN A 72 8.31 10.47 -45.06
N PHE A 73 9.21 10.93 -44.19
CA PHE A 73 8.87 11.19 -42.79
C PHE A 73 9.24 12.60 -42.36
N LEU A 74 9.61 13.47 -43.30
CA LEU A 74 9.95 14.84 -42.96
C LEU A 74 8.77 15.61 -42.32
N GLU A 75 7.55 15.16 -42.59
CA GLU A 75 6.34 15.90 -42.18
C GLU A 75 5.15 15.03 -41.70
N PHE A 76 5.39 13.94 -40.97
CA PHE A 76 4.31 12.99 -40.65
C PHE A 76 3.39 13.38 -39.48
N SER A 77 2.31 12.61 -39.30
CA SER A 77 1.34 12.78 -38.22
C SER A 77 1.09 11.42 -37.57
N ALA A 78 1.13 11.33 -36.25
CA ALA A 78 0.85 10.06 -35.58
C ALA A 78 0.32 10.13 -34.15
N ASP A 79 -0.50 9.14 -33.78
CA ASP A 79 -0.81 8.85 -32.39
C ASP A 79 0.22 7.87 -31.82
N LEU A 80 0.80 7.04 -32.68
CA LEU A 80 1.69 5.95 -32.24
C LEU A 80 2.89 5.87 -33.20
N ILE A 81 4.09 6.04 -32.66
CA ILE A 81 5.32 6.09 -33.46
C ILE A 81 6.13 4.85 -33.14
N ILE A 82 6.51 4.10 -34.17
CA ILE A 82 7.21 2.82 -33.96
C ILE A 82 8.64 2.90 -34.50
N GLU A 83 9.61 2.81 -33.61
CA GLU A 83 11.03 2.81 -34.00
C GLU A 83 11.45 1.38 -34.25
N ARG A 84 12.38 1.18 -35.18
CA ARG A 84 12.90 -0.15 -35.47
C ARG A 84 14.38 -0.18 -35.17
N ARG A 85 14.88 -1.37 -34.86
CA ARG A 85 16.31 -1.59 -34.63
C ARG A 85 17.18 -1.23 -35.83
N GLU A 86 16.66 -1.40 -37.04
CA GLU A 86 17.40 -1.02 -38.24
C GLU A 86 17.44 0.49 -38.53
N GLY A 87 16.75 1.28 -37.71
CA GLY A 87 16.61 2.72 -37.95
C GLY A 87 17.90 3.51 -37.82
N SER A 88 18.16 4.43 -38.76
CA SER A 88 19.37 5.24 -38.76
C SER A 88 19.11 6.75 -38.88
N ASP A 89 19.72 7.54 -38.00
CA ASP A 89 19.47 8.99 -37.94
C ASP A 89 20.27 9.80 -38.97
N VAL A 90 21.22 9.16 -39.63
CA VAL A 90 22.39 9.86 -40.17
C VAL A 90 22.83 9.28 -41.52
N CYS A 91 23.18 10.15 -42.46
CA CYS A 91 23.86 9.71 -43.69
C CYS A 91 25.37 9.95 -43.64
N TYR A 92 25.75 11.23 -43.54
CA TYR A 92 27.13 11.64 -43.33
C TYR A 92 27.44 11.38 -41.88
N PRO A 93 28.58 10.73 -41.60
CA PRO A 93 28.78 10.29 -40.22
C PRO A 93 28.77 11.43 -39.19
N GLY A 94 28.32 11.12 -37.98
CA GLY A 94 28.08 12.13 -36.96
C GLY A 94 27.04 11.68 -35.95
N LYS A 95 26.77 12.52 -34.95
CA LYS A 95 25.85 12.17 -33.86
C LYS A 95 25.01 13.37 -33.42
N PHE A 96 23.95 13.11 -32.65
CA PHE A 96 23.18 14.20 -32.04
C PHE A 96 23.66 14.34 -30.60
N VAL A 97 23.97 15.56 -30.18
CA VAL A 97 24.31 15.80 -28.78
C VAL A 97 22.98 15.89 -27.99
N ASN A 98 22.88 15.09 -26.92
CA ASN A 98 21.65 15.02 -26.12
C ASN A 98 20.55 14.31 -26.90
N GLU A 99 20.90 13.19 -27.52
CA GLU A 99 20.01 12.55 -28.46
C GLU A 99 18.78 12.02 -27.74
N GLU A 100 18.95 11.44 -26.55
CA GLU A 100 17.84 10.79 -25.84
C GLU A 100 16.74 11.76 -25.41
N ALA A 101 17.16 12.95 -24.96
CA ALA A 101 16.18 13.98 -24.65
C ALA A 101 15.38 14.32 -25.91
N LEU A 102 16.06 14.37 -27.05
CA LEU A 102 15.41 14.73 -28.32
C LEU A 102 14.45 13.64 -28.81
N ARG A 103 14.87 12.37 -28.69
CA ARG A 103 13.99 11.25 -28.99
C ARG A 103 12.75 11.33 -28.14
N GLN A 104 12.94 11.57 -26.85
CA GLN A 104 11.82 11.60 -25.92
C GLN A 104 10.83 12.71 -26.30
N ILE A 105 11.35 13.87 -26.70
CA ILE A 105 10.51 14.95 -27.17
C ILE A 105 9.74 14.52 -28.42
N LEU A 106 10.44 13.83 -29.33
CA LEU A 106 9.89 13.51 -30.64
C LEU A 106 8.83 12.40 -30.58
N ARG A 107 9.03 11.42 -29.69
CA ARG A 107 8.11 10.31 -29.50
C ARG A 107 6.73 10.78 -29.07
N GLU A 108 6.70 11.85 -28.28
CA GLU A 108 5.45 12.32 -27.71
C GLU A 108 4.92 13.49 -28.51
N SER A 109 5.45 13.66 -29.71
CA SER A 109 5.25 14.91 -30.41
C SER A 109 3.93 14.92 -31.16
N GLY A 110 3.44 13.75 -31.54
CA GLY A 110 2.27 13.67 -32.38
C GLY A 110 2.65 13.87 -33.84
N GLY A 111 3.95 13.79 -34.11
CA GLY A 111 4.48 14.05 -35.43
C GLY A 111 4.91 15.51 -35.54
N ILE A 112 5.49 15.89 -36.68
CA ILE A 112 6.05 17.24 -36.85
C ILE A 112 5.54 17.98 -38.08
N ASP A 113 5.49 19.31 -37.96
CA ASP A 113 5.10 20.19 -39.06
C ASP A 113 6.25 21.17 -39.30
N LYS A 114 6.69 21.29 -40.54
CA LYS A 114 7.91 22.04 -40.84
C LYS A 114 7.57 23.44 -41.37
N GLU A 115 8.31 24.44 -40.91
CA GLU A 115 8.22 25.79 -41.44
C GLU A 115 9.58 26.35 -41.84
N THR A 116 9.64 27.04 -42.98
CA THR A 116 10.89 27.63 -43.42
C THR A 116 11.38 28.65 -42.38
N MET A 117 12.68 28.73 -42.17
CA MET A 117 13.26 29.71 -41.26
C MET A 117 13.57 31.01 -41.99
N GLY A 118 13.38 30.98 -43.32
CA GLY A 118 13.49 32.20 -44.10
C GLY A 118 14.90 32.74 -44.21
N PHE A 119 15.90 31.88 -44.09
CA PHE A 119 17.27 32.32 -44.33
C PHE A 119 17.53 32.40 -45.83
N THR A 120 18.19 33.47 -46.22
CA THR A 120 18.84 33.57 -47.52
C THR A 120 20.28 34.04 -47.28
N TYR A 121 21.13 33.88 -48.29
CA TYR A 121 22.57 33.99 -48.10
C TYR A 121 23.21 34.76 -49.25
N SER A 122 24.17 35.61 -48.92
CA SER A 122 24.88 36.40 -49.93
C SER A 122 26.34 36.02 -49.93
N GLY A 123 26.87 35.78 -51.13
CA GLY A 123 28.30 35.68 -51.35
C GLY A 123 28.89 34.51 -50.59
N ILE A 124 28.08 33.48 -50.40
CA ILE A 124 28.59 32.15 -50.07
C ILE A 124 27.83 31.12 -50.89
N ARG A 125 28.30 29.88 -50.88
CA ARG A 125 27.51 28.78 -51.40
C ARG A 125 26.57 28.24 -50.33
N THR A 126 25.63 27.42 -50.78
CA THR A 126 24.46 27.08 -49.97
C THR A 126 24.15 25.60 -50.22
N ASN A 127 24.89 25.02 -51.16
CA ASN A 127 24.52 23.78 -51.81
C ASN A 127 25.64 22.75 -51.71
N GLY A 128 26.44 22.82 -50.65
CA GLY A 128 27.46 21.82 -50.43
C GLY A 128 26.83 20.46 -50.25
N THR A 129 27.39 19.46 -50.92
CA THR A 129 26.88 18.09 -50.85
C THR A 129 27.97 17.08 -50.51
N THR A 130 27.58 15.80 -50.41
CA THR A 130 28.50 14.73 -50.09
C THR A 130 28.01 13.41 -50.66
N SER A 131 28.95 12.56 -51.06
CA SER A 131 28.62 11.24 -51.59
C SER A 131 28.03 10.30 -50.53
N ALA A 132 27.96 10.75 -49.28
CA ALA A 132 27.40 9.89 -48.23
C ALA A 132 25.87 9.96 -48.14
N CYS A 133 25.28 11.05 -48.65
CA CYS A 133 23.82 11.11 -48.83
C CYS A 133 23.42 11.06 -50.31
N ARG A 134 23.08 9.86 -50.76
CA ARG A 134 22.80 9.59 -52.16
C ARG A 134 21.32 9.82 -52.43
N ARG A 135 20.99 10.78 -53.30
CA ARG A 135 19.62 10.88 -53.83
C ARG A 135 19.59 10.59 -55.34
N SER A 136 20.17 11.48 -56.15
CA SER A 136 20.67 11.07 -57.46
C SER A 136 22.07 11.65 -57.66
N GLY A 137 23.08 10.91 -57.22
CA GLY A 137 24.38 11.50 -56.96
C GLY A 137 24.36 12.27 -55.64
N SER A 138 25.47 12.95 -55.35
CA SER A 138 25.65 13.59 -54.05
C SER A 138 24.49 14.51 -53.70
N SER A 139 24.11 14.50 -52.43
CA SER A 139 23.06 15.36 -51.91
C SER A 139 23.44 15.75 -50.49
N PHE A 140 22.45 16.10 -49.67
CA PHE A 140 22.69 16.44 -48.28
C PHE A 140 21.39 16.29 -47.51
N TYR A 141 21.46 16.44 -46.19
CA TYR A 141 20.27 16.53 -45.35
C TYR A 141 19.26 17.51 -45.96
N ALA A 142 18.04 17.04 -46.18
CA ALA A 142 17.04 17.81 -46.92
C ALA A 142 16.58 19.08 -46.22
N GLU A 143 16.70 19.12 -44.89
CA GLU A 143 16.20 20.25 -44.14
C GLU A 143 17.33 21.19 -43.75
N MET A 144 18.55 20.87 -44.18
CA MET A 144 19.74 21.61 -43.79
C MET A 144 20.39 22.17 -45.06
N LYS A 145 21.22 23.20 -44.91
CA LYS A 145 22.04 23.70 -45.98
C LYS A 145 23.50 23.68 -45.53
N TRP A 146 24.36 23.03 -46.30
CA TRP A 146 25.79 23.03 -46.00
C TRP A 146 26.42 24.31 -46.52
N LEU A 147 26.78 25.20 -45.60
CA LEU A 147 27.26 26.52 -46.01
C LEU A 147 28.76 26.44 -46.25
N LEU A 148 29.16 26.94 -47.41
CA LEU A 148 30.53 26.83 -47.90
C LEU A 148 31.01 28.21 -48.34
N SER A 149 32.32 28.45 -48.26
CA SER A 149 32.97 29.57 -48.94
C SER A 149 32.62 29.55 -50.42
N ASN A 150 32.66 30.73 -51.05
CA ASN A 150 32.33 30.89 -52.47
C ASN A 150 33.22 30.07 -53.41
N THR A 151 34.53 30.00 -53.13
CA THR A 151 35.44 29.11 -53.85
C THR A 151 36.43 28.49 -52.87
N ASP A 152 37.12 27.43 -53.29
CA ASP A 152 38.06 26.71 -52.42
C ASP A 152 39.14 27.65 -51.85
N ASN A 153 39.21 27.71 -50.53
CA ASN A 153 40.21 28.48 -49.77
C ASN A 153 39.79 29.92 -49.41
N ALA A 154 38.77 30.44 -50.08
CA ALA A 154 38.28 31.81 -49.83
C ALA A 154 37.80 32.01 -48.38
N ALA A 155 37.89 33.25 -47.90
CA ALA A 155 37.32 33.60 -46.59
C ALA A 155 35.79 33.51 -46.61
N PHE A 156 35.23 32.83 -45.61
CA PHE A 156 33.79 32.75 -45.37
C PHE A 156 33.48 33.95 -44.48
N PRO A 157 32.49 34.78 -44.86
CA PRO A 157 32.26 36.03 -44.11
C PRO A 157 31.75 35.78 -42.70
N GLN A 158 31.97 36.72 -41.79
CA GLN A 158 31.28 36.69 -40.51
C GLN A 158 29.79 36.90 -40.77
N MET A 159 29.01 35.88 -40.46
CA MET A 159 27.58 35.95 -40.68
C MET A 159 26.84 35.92 -39.35
N THR A 160 25.68 36.58 -39.35
CA THR A 160 24.68 36.45 -38.30
C THR A 160 23.33 36.18 -38.99
N LYS A 161 22.64 35.12 -38.57
CA LYS A 161 21.27 34.87 -39.05
C LYS A 161 20.37 34.70 -37.83
N SER A 162 19.18 35.32 -37.87
CA SER A 162 18.26 35.18 -36.75
C SER A 162 16.83 34.86 -37.15
N TYR A 163 16.14 34.15 -36.25
CA TYR A 163 14.78 33.70 -36.49
C TYR A 163 13.94 33.89 -35.24
N LYS A 164 12.78 34.52 -35.42
CA LYS A 164 11.84 34.74 -34.33
C LYS A 164 10.70 33.74 -34.41
N ASN A 165 10.40 33.08 -33.31
CA ASN A 165 9.26 32.20 -33.28
C ASN A 165 7.99 33.01 -33.10
N THR A 166 7.30 33.28 -34.20
CA THR A 166 6.07 34.07 -34.17
C THR A 166 4.83 33.19 -34.03
N ARG A 167 4.99 31.87 -34.14
CA ARG A 167 3.85 30.99 -33.89
C ARG A 167 3.52 30.90 -32.42
N LYS A 168 2.44 30.18 -32.10
CA LYS A 168 1.89 30.18 -30.76
C LYS A 168 2.38 28.97 -29.93
N ASP A 169 3.19 28.12 -30.55
CA ASP A 169 3.73 26.94 -29.88
C ASP A 169 5.26 26.88 -30.04
N PRO A 170 5.96 26.16 -29.15
CA PRO A 170 7.44 26.20 -29.16
C PRO A 170 8.03 25.52 -30.40
N ALA A 171 9.13 26.04 -30.92
CA ALA A 171 9.74 25.50 -32.13
C ALA A 171 11.00 24.72 -31.78
N LEU A 172 11.25 23.64 -32.53
CA LEU A 172 12.47 22.84 -32.37
C LEU A 172 13.46 23.25 -33.45
N ILE A 173 14.68 23.59 -33.02
CA ILE A 173 15.68 24.19 -33.87
C ILE A 173 16.94 23.33 -33.86
N ILE A 174 17.47 23.02 -35.05
CA ILE A 174 18.65 22.19 -35.17
C ILE A 174 19.73 22.89 -35.97
N TRP A 175 20.97 22.52 -35.72
CA TRP A 175 22.05 22.99 -36.58
C TRP A 175 23.20 22.04 -36.35
N GLY A 176 24.22 22.08 -37.17
CA GLY A 176 25.31 21.13 -37.03
C GLY A 176 26.63 21.86 -37.08
N ILE A 177 27.61 21.29 -36.39
CA ILE A 177 28.97 21.75 -36.48
C ILE A 177 29.73 20.70 -37.28
N HIS A 178 30.46 21.14 -38.31
CA HIS A 178 31.21 20.22 -39.14
C HIS A 178 32.66 20.12 -38.70
N HIS A 179 33.07 18.91 -38.33
CA HIS A 179 34.46 18.66 -38.00
C HIS A 179 35.11 17.99 -39.20
N SER A 180 35.86 18.76 -39.98
CA SER A 180 36.54 18.27 -41.19
C SER A 180 37.59 17.20 -40.88
N GLY A 181 37.88 16.35 -41.86
CA GLY A 181 38.79 15.23 -41.68
C GLY A 181 40.26 15.59 -41.56
N SER A 182 40.61 16.76 -42.07
CA SER A 182 41.98 17.28 -41.94
C SER A 182 41.86 18.79 -41.79
N THR A 183 42.89 19.43 -41.23
CA THR A 183 42.93 20.89 -41.20
C THR A 183 42.89 21.46 -42.61
N THR A 184 43.61 20.85 -43.54
CA THR A 184 43.57 21.29 -44.93
C THR A 184 42.10 21.35 -45.40
N GLU A 185 41.30 20.33 -45.14
CA GLU A 185 39.92 20.28 -45.64
C GLU A 185 39.06 21.40 -45.03
N GLN A 186 39.25 21.72 -43.76
CA GLN A 186 38.50 22.84 -43.18
C GLN A 186 38.80 24.13 -43.90
N THR A 187 40.07 24.50 -44.03
CA THR A 187 40.39 25.74 -44.74
C THR A 187 39.96 25.74 -46.22
N LYS A 188 39.97 24.58 -46.87
CA LYS A 188 39.48 24.49 -48.25
C LYS A 188 38.01 24.85 -48.32
N LEU A 189 37.23 24.26 -47.41
CA LEU A 189 35.80 24.51 -47.34
C LEU A 189 35.45 25.92 -46.82
N TYR A 190 36.19 26.36 -45.80
CA TYR A 190 35.79 27.53 -44.98
C TYR A 190 36.83 28.64 -44.84
N GLY A 191 37.99 28.49 -45.47
CA GLY A 191 39.11 29.41 -45.26
C GLY A 191 39.91 29.14 -43.97
N SER A 192 41.08 29.76 -43.87
CA SER A 192 42.02 29.48 -42.77
C SER A 192 41.68 30.33 -41.55
N GLY A 193 42.27 30.01 -40.41
CA GLY A 193 41.99 30.78 -39.22
C GLY A 193 40.98 30.11 -38.32
N ASN A 194 40.91 30.59 -37.09
CA ASN A 194 40.06 30.02 -36.06
C ASN A 194 38.58 30.16 -36.44
N LYS A 195 37.82 29.09 -36.25
CA LYS A 195 36.37 29.12 -36.49
C LYS A 195 35.60 29.10 -35.18
N LEU A 196 34.49 29.83 -35.15
CA LEU A 196 33.63 29.90 -33.97
C LEU A 196 32.18 30.04 -34.41
N ILE A 197 31.29 29.24 -33.81
CA ILE A 197 29.86 29.34 -34.06
C ILE A 197 29.28 29.67 -32.69
N THR A 198 28.42 30.67 -32.59
CA THR A 198 27.67 30.90 -31.37
C THR A 198 26.17 30.86 -31.62
N VAL A 199 25.44 30.45 -30.58
CA VAL A 199 24.01 30.28 -30.68
C VAL A 199 23.38 30.81 -29.39
N GLY A 200 22.48 31.78 -29.53
CA GLY A 200 21.89 32.44 -28.38
C GLY A 200 20.39 32.52 -28.55
N SER A 201 19.66 32.34 -27.46
CA SER A 201 18.33 32.91 -27.31
C SER A 201 18.17 33.38 -25.87
N SER A 202 16.94 33.65 -25.44
CA SER A 202 16.72 34.14 -24.07
C SER A 202 16.88 33.06 -22.99
N ASN A 203 16.92 31.79 -23.38
CA ASN A 203 17.06 30.70 -22.41
C ASN A 203 18.24 29.78 -22.77
N TYR A 204 19.01 30.19 -23.77
CA TYR A 204 20.09 29.38 -24.31
C TYR A 204 21.32 30.24 -24.65
N GLN A 205 22.51 29.72 -24.42
CA GLN A 205 23.74 30.44 -24.77
C GLN A 205 24.88 29.42 -24.82
N GLN A 206 25.38 29.14 -26.01
CA GLN A 206 26.50 28.21 -26.17
C GLN A 206 27.36 28.57 -27.38
N SER A 207 28.63 28.16 -27.34
CA SER A 207 29.54 28.35 -28.48
C SER A 207 30.26 27.05 -28.84
N PHE A 208 30.76 26.94 -30.07
CA PHE A 208 31.27 25.67 -30.61
C PHE A 208 32.48 25.98 -31.47
N VAL A 209 33.55 25.23 -31.25
CA VAL A 209 34.72 25.28 -32.12
C VAL A 209 34.91 23.92 -32.78
N PRO A 210 34.96 23.89 -34.12
CA PRO A 210 35.26 22.58 -34.73
C PRO A 210 36.66 22.08 -34.35
N SER A 211 36.85 20.77 -34.43
CA SER A 211 38.12 20.13 -34.12
C SER A 211 38.52 19.27 -35.32
N PRO A 212 39.07 19.89 -36.36
CA PRO A 212 39.41 19.13 -37.57
C PRO A 212 40.61 18.20 -37.37
N GLY A 213 40.66 17.11 -38.13
CA GLY A 213 41.65 16.08 -37.94
C GLY A 213 41.16 14.68 -38.22
N ALA A 214 42.06 13.70 -38.16
CA ALA A 214 41.84 12.41 -38.79
C ALA A 214 41.01 11.48 -37.92
N ARG A 215 39.87 11.05 -38.47
CA ARG A 215 39.07 9.96 -37.92
C ARG A 215 39.09 8.82 -38.92
N PRO A 216 38.83 7.58 -38.45
CA PRO A 216 38.64 6.56 -39.49
C PRO A 216 37.54 6.98 -40.47
N GLN A 217 37.49 6.38 -41.66
CA GLN A 217 36.37 6.62 -42.58
C GLN A 217 35.12 5.84 -42.23
N VAL A 218 34.01 6.56 -42.16
CA VAL A 218 32.68 5.98 -42.04
C VAL A 218 31.81 6.51 -43.18
N ASN A 219 31.17 5.59 -43.89
CA ASN A 219 30.52 5.91 -45.16
C ASN A 219 31.43 6.74 -46.06
N GLY A 220 32.69 6.33 -46.15
CA GLY A 220 33.65 6.98 -47.00
C GLY A 220 33.86 8.44 -46.67
N GLN A 221 33.66 8.81 -45.41
CA GLN A 221 33.91 10.17 -44.95
C GLN A 221 34.79 10.18 -43.72
N SER A 222 35.73 11.12 -43.71
CA SER A 222 36.66 11.27 -42.59
C SER A 222 36.19 12.41 -41.69
N GLY A 223 35.29 13.24 -42.21
CA GLY A 223 34.70 14.30 -41.40
C GLY A 223 33.50 13.74 -40.66
N ARG A 224 32.99 14.56 -39.75
CA ARG A 224 31.85 14.20 -38.93
C ARG A 224 30.97 15.44 -38.85
N ILE A 225 29.66 15.26 -38.72
CA ILE A 225 28.78 16.37 -38.39
C ILE A 225 28.13 16.10 -37.02
N ASP A 226 28.15 17.08 -36.12
CA ASP A 226 27.44 16.93 -34.84
C ASP A 226 26.24 17.85 -34.80
N PHE A 227 25.06 17.27 -34.63
CA PHE A 227 23.86 18.06 -34.54
C PHE A 227 23.60 18.47 -33.09
N HIS A 228 23.17 19.73 -32.92
CA HIS A 228 22.74 20.27 -31.63
C HIS A 228 21.35 20.85 -31.83
N TRP A 229 20.61 21.04 -30.73
CA TRP A 229 19.22 21.46 -30.83
C TRP A 229 18.79 22.33 -29.65
N LEU A 230 17.73 23.10 -29.85
CA LEU A 230 17.10 23.82 -28.74
C LEU A 230 15.61 24.00 -29.01
N ILE A 231 14.84 24.24 -27.94
CA ILE A 231 13.44 24.63 -28.07
C ILE A 231 13.30 26.15 -27.99
N LEU A 232 12.64 26.74 -28.98
CA LEU A 232 12.47 28.19 -29.03
C LEU A 232 11.05 28.49 -28.58
N ASN A 233 10.91 29.24 -27.49
CA ASN A 233 9.59 29.59 -26.95
C ASN A 233 8.89 30.63 -27.80
N PRO A 234 7.55 30.51 -27.93
CA PRO A 234 6.81 31.53 -28.68
C PRO A 234 7.36 32.93 -28.42
N ASN A 235 7.70 33.64 -29.50
CA ASN A 235 8.06 35.06 -29.44
C ASN A 235 9.55 35.34 -29.14
N ASP A 236 10.30 34.31 -28.78
CA ASP A 236 11.75 34.40 -28.60
C ASP A 236 12.50 34.24 -29.93
N THR A 237 13.78 34.62 -29.95
CA THR A 237 14.58 34.64 -31.17
C THR A 237 15.88 33.84 -30.98
N VAL A 238 16.22 32.99 -31.95
CA VAL A 238 17.55 32.38 -32.00
C VAL A 238 18.42 33.27 -32.86
N THR A 239 19.67 33.44 -32.45
CA THR A 239 20.67 34.08 -33.28
C THR A 239 21.88 33.15 -33.41
N PHE A 240 22.26 32.88 -34.66
CA PHE A 240 23.46 32.13 -34.99
C PHE A 240 24.46 33.14 -35.50
N SER A 241 25.70 33.02 -35.07
CA SER A 241 26.78 33.78 -35.68
C SER A 241 27.92 32.84 -35.95
N PHE A 242 28.63 33.01 -37.05
CA PHE A 242 29.53 31.95 -37.49
C PHE A 242 30.36 32.43 -38.66
N ASN A 243 31.57 31.90 -38.77
CA ASN A 243 32.42 32.20 -39.91
C ASN A 243 32.88 30.91 -40.55
N GLY A 244 32.01 29.91 -40.49
CA GLY A 244 32.24 28.67 -41.21
C GLY A 244 31.99 27.45 -40.34
N ALA A 245 32.21 26.29 -40.95
CA ALA A 245 32.02 25.01 -40.27
C ALA A 245 30.61 24.88 -39.72
N PHE A 246 29.66 25.56 -40.36
CA PHE A 246 28.33 25.67 -39.79
C PHE A 246 27.33 25.11 -40.80
N ILE A 247 26.53 24.15 -40.33
CA ILE A 247 25.50 23.50 -41.12
C ILE A 247 24.16 24.14 -40.67
N ALA A 248 23.50 24.87 -41.55
CA ALA A 248 22.38 25.75 -41.20
C ALA A 248 21.06 24.98 -41.37
N LEU A 249 20.07 25.22 -40.52
CA LEU A 249 18.78 24.58 -40.73
C LEU A 249 18.08 25.33 -41.87
N ASP A 250 17.40 24.61 -42.74
CA ASP A 250 16.53 25.30 -43.69
C ASP A 250 15.11 25.44 -43.11
N ARG A 251 14.70 24.50 -42.25
CA ARG A 251 13.35 24.50 -41.70
C ARG A 251 13.35 24.22 -40.18
N ALA A 252 12.48 24.91 -39.43
CA ALA A 252 12.20 24.61 -38.03
C ALA A 252 11.07 23.59 -37.91
N SER A 253 11.04 22.86 -36.80
CA SER A 253 9.97 21.90 -36.55
C SER A 253 9.05 22.36 -35.41
N PHE A 254 7.74 22.21 -35.62
CA PHE A 254 6.73 22.43 -34.58
C PHE A 254 6.02 21.11 -34.25
N LEU A 255 5.82 20.82 -32.97
CA LEU A 255 5.17 19.58 -32.56
C LEU A 255 3.65 19.69 -32.83
N ARG A 256 3.05 18.60 -33.30
CA ARG A 256 1.66 18.63 -33.81
C ARG A 256 0.57 18.46 -32.76
N GLY A 257 0.88 17.72 -31.69
CA GLY A 257 -0.12 17.35 -30.69
C GLY A 257 0.44 16.39 -29.64
N LYS A 258 -0.10 15.18 -29.61
CA LYS A 258 0.21 14.21 -28.57
C LYS A 258 0.29 12.83 -29.21
N SER A 259 1.24 12.02 -28.75
CA SER A 259 1.36 10.64 -29.21
C SER A 259 2.13 9.79 -28.20
N MET A 260 2.19 8.50 -28.50
CA MET A 260 2.98 7.57 -27.72
C MET A 260 4.06 7.02 -28.65
N GLY A 261 5.25 6.81 -28.12
CA GLY A 261 6.33 6.26 -28.92
C GLY A 261 6.80 4.97 -28.30
N ILE A 262 7.05 3.97 -29.14
CA ILE A 262 7.49 2.69 -28.65
C ILE A 262 8.56 2.15 -29.57
N GLN A 263 9.36 1.25 -29.05
CA GLN A 263 10.34 0.54 -29.86
C GLN A 263 9.88 -0.89 -29.95
N SER A 264 9.79 -1.43 -31.16
CA SER A 264 9.22 -2.75 -31.32
C SER A 264 9.98 -3.59 -32.34
N GLU A 265 9.91 -4.91 -32.15
CA GLU A 265 10.53 -5.87 -33.06
C GLU A 265 9.49 -6.73 -33.77
N VAL A 266 8.21 -6.43 -33.57
CA VAL A 266 7.14 -7.27 -34.10
C VAL A 266 6.22 -6.49 -35.05
N GLN A 267 5.45 -7.24 -35.84
CA GLN A 267 4.57 -6.68 -36.86
C GLN A 267 3.47 -5.79 -36.33
N VAL A 268 2.89 -4.99 -37.23
CA VAL A 268 1.76 -4.13 -36.88
C VAL A 268 0.46 -4.85 -37.23
N ASP A 269 -0.56 -4.65 -36.39
CA ASP A 269 -1.86 -5.27 -36.57
C ASP A 269 -2.95 -4.23 -36.28
N ALA A 270 -3.78 -3.89 -37.27
CA ALA A 270 -4.75 -2.80 -37.11
C ALA A 270 -6.11 -3.35 -36.69
N ASN A 271 -6.13 -4.62 -36.28
CA ASN A 271 -7.36 -5.31 -35.93
C ASN A 271 -7.58 -5.45 -34.43
N CYS A 272 -6.49 -5.52 -33.66
CA CYS A 272 -6.59 -5.65 -32.21
C CYS A 272 -6.34 -4.30 -31.53
N GLU A 273 -7.00 -4.11 -30.39
CA GLU A 273 -6.96 -2.84 -29.69
C GLU A 273 -6.16 -2.97 -28.40
N GLY A 274 -5.16 -2.10 -28.24
CA GLY A 274 -4.34 -2.16 -27.05
C GLY A 274 -3.74 -0.81 -26.73
N ASP A 275 -3.41 -0.61 -25.45
CA ASP A 275 -2.89 0.66 -24.96
C ASP A 275 -1.62 0.44 -24.18
N CYS A 276 -1.12 -0.79 -24.17
CA CYS A 276 0.09 -1.13 -23.45
C CYS A 276 1.04 -1.94 -24.32
N TYR A 277 2.22 -1.38 -24.56
CA TYR A 277 3.12 -1.91 -25.57
C TYR A 277 4.47 -2.21 -24.94
N HIS A 278 5.14 -3.21 -25.49
CA HIS A 278 6.57 -3.39 -25.25
C HIS A 278 7.18 -3.90 -26.57
N SER A 279 8.47 -4.22 -26.55
CA SER A 279 9.18 -4.52 -27.79
C SER A 279 8.62 -5.76 -28.48
N GLY A 280 8.00 -6.64 -27.69
CA GLY A 280 7.55 -7.91 -28.21
C GLY A 280 6.05 -7.97 -28.37
N GLY A 281 5.38 -6.83 -28.34
CA GLY A 281 3.96 -6.83 -28.62
C GLY A 281 3.15 -5.95 -27.69
N THR A 282 1.89 -6.34 -27.51
CA THR A 282 0.89 -5.54 -26.81
C THR A 282 0.40 -6.40 -25.66
N ILE A 283 0.17 -5.77 -24.52
CA ILE A 283 -0.48 -6.45 -23.42
C ILE A 283 -1.94 -6.07 -23.39
N ILE A 284 -2.78 -7.03 -23.76
CA ILE A 284 -4.20 -6.78 -23.81
C ILE A 284 -4.84 -7.54 -22.70
N SER A 285 -5.42 -6.79 -21.78
CA SER A 285 -5.87 -7.34 -20.52
C SER A 285 -6.53 -6.25 -19.71
N ASN A 286 -7.40 -6.70 -18.83
CA ASN A 286 -8.03 -5.84 -17.87
C ASN A 286 -7.47 -5.98 -16.45
N LEU A 287 -6.61 -6.96 -16.23
CA LEU A 287 -6.19 -7.33 -14.88
C LEU A 287 -5.35 -6.17 -14.36
N PRO A 288 -5.30 -5.99 -13.03
CA PRO A 288 -4.56 -4.86 -12.48
C PRO A 288 -3.04 -4.97 -12.60
N PHE A 289 -2.51 -6.17 -12.74
CA PHE A 289 -1.07 -6.38 -12.74
C PHE A 289 -0.67 -7.24 -13.95
N GLN A 290 0.63 -7.28 -14.23
CA GLN A 290 1.15 -8.04 -15.37
C GLN A 290 2.58 -8.47 -15.03
N ASN A 291 2.95 -9.66 -15.51
CA ASN A 291 4.27 -10.23 -15.25
C ASN A 291 5.03 -10.42 -16.55
N ILE A 292 4.64 -9.65 -17.56
CA ILE A 292 5.12 -9.86 -18.92
C ILE A 292 6.39 -9.07 -19.21
N ASN A 293 6.34 -7.77 -18.99
CA ASN A 293 7.47 -6.92 -19.31
C ASN A 293 7.48 -5.71 -18.40
N SER A 294 8.57 -5.51 -17.66
CA SER A 294 8.65 -4.40 -16.71
C SER A 294 8.82 -3.05 -17.40
N ARG A 295 9.17 -3.07 -18.69
CA ARG A 295 9.36 -1.84 -19.46
C ARG A 295 8.21 -1.43 -20.38
N ALA A 296 7.14 -2.23 -20.37
CA ALA A 296 5.91 -1.86 -21.07
C ALA A 296 5.58 -0.38 -20.87
N VAL A 297 5.04 0.26 -21.91
CA VAL A 297 4.58 1.64 -21.81
C VAL A 297 3.20 1.83 -22.44
N GLY A 298 2.60 2.99 -22.19
CA GLY A 298 1.20 3.21 -22.49
C GLY A 298 0.37 3.17 -21.22
N LYS A 299 -0.84 2.63 -21.31
CA LYS A 299 -1.67 2.40 -20.13
C LYS A 299 -1.75 0.92 -19.78
N CYS A 300 -1.00 0.54 -18.75
CA CYS A 300 -0.62 -0.84 -18.52
C CYS A 300 -1.09 -1.31 -17.16
N PRO A 301 -1.42 -2.62 -17.04
CA PRO A 301 -1.36 -3.13 -15.68
C PRO A 301 0.04 -2.93 -15.06
N ARG A 302 0.10 -2.73 -13.75
CA ARG A 302 1.37 -2.56 -13.04
C ARG A 302 2.22 -3.83 -13.10
N TYR A 303 3.53 -3.68 -13.26
CA TYR A 303 4.39 -4.85 -13.36
C TYR A 303 4.64 -5.37 -11.96
N VAL A 304 4.57 -6.69 -11.79
CA VAL A 304 4.91 -7.31 -10.52
C VAL A 304 5.84 -8.52 -10.70
N LYS A 305 6.49 -8.91 -9.60
CA LYS A 305 7.42 -10.02 -9.59
C LYS A 305 6.70 -11.34 -9.86
N GLN A 306 5.53 -11.51 -9.26
CA GLN A 306 4.90 -12.82 -9.16
C GLN A 306 4.29 -13.27 -10.50
N GLU A 307 4.37 -14.57 -10.80
CA GLU A 307 3.79 -15.08 -12.03
C GLU A 307 2.28 -15.18 -11.86
N SER A 308 1.85 -15.45 -10.64
CA SER A 308 0.43 -15.65 -10.38
C SER A 308 0.01 -15.23 -8.97
N LEU A 309 -1.18 -14.64 -8.88
CA LEU A 309 -1.83 -14.35 -7.61
C LEU A 309 -3.35 -14.54 -7.79
N LEU A 310 -3.91 -15.60 -7.20
CA LEU A 310 -5.32 -15.93 -7.41
C LEU A 310 -6.23 -15.24 -6.39
N LEU A 311 -7.30 -14.60 -6.88
CA LEU A 311 -8.33 -13.97 -6.03
C LEU A 311 -9.54 -14.86 -5.84
N ALA A 312 -9.84 -15.23 -4.60
CA ALA A 312 -11.03 -16.02 -4.30
C ALA A 312 -12.30 -15.31 -4.74
N THR A 313 -13.11 -16.02 -5.52
CA THR A 313 -14.45 -15.56 -5.86
C THR A 313 -15.53 -16.47 -5.27
N GLY A 314 -15.09 -17.52 -4.56
CA GLY A 314 -15.99 -18.47 -3.95
C GLY A 314 -15.87 -18.49 -2.45
N MET A 315 -16.42 -19.53 -1.83
CA MET A 315 -16.32 -19.71 -0.38
C MET A 315 -15.30 -20.77 -0.04
N LYS A 316 -15.07 -20.98 1.25
CA LYS A 316 -14.30 -22.13 1.70
C LYS A 316 -14.94 -23.37 1.07
N ASN A 317 -14.11 -24.22 0.46
CA ASN A 317 -14.59 -25.47 -0.10
C ASN A 317 -14.33 -26.65 0.83
N VAL A 318 -15.41 -27.20 1.38
CA VAL A 318 -15.33 -28.37 2.22
C VAL A 318 -16.05 -29.56 1.61
N PRO A 319 -15.29 -30.59 1.19
CA PRO A 319 -15.91 -31.80 0.65
C PRO A 319 -16.11 -32.88 1.70
N GLU A 320 -16.52 -34.06 1.28
CA GLU A 320 -17.03 -35.11 2.17
C GLU A 320 -15.96 -35.69 3.09
N GLY B 1 -13.38 -19.04 8.55
CA GLY B 1 -13.36 -19.65 9.91
C GLY B 1 -13.79 -18.70 11.01
N LEU B 2 -14.05 -17.44 10.65
CA LEU B 2 -14.30 -16.40 11.64
C LEU B 2 -15.56 -16.64 12.47
N PHE B 3 -16.60 -17.15 11.83
CA PHE B 3 -17.92 -17.18 12.45
C PHE B 3 -18.33 -18.58 12.93
N GLY B 4 -17.65 -19.60 12.43
CA GLY B 4 -17.83 -20.93 12.97
C GLY B 4 -18.71 -21.78 12.10
N ALA B 5 -19.43 -21.15 11.18
CA ALA B 5 -20.34 -21.88 10.30
C ALA B 5 -19.61 -22.81 9.31
N ILE B 6 -19.07 -22.22 8.26
CA ILE B 6 -18.39 -22.98 7.21
C ILE B 6 -17.06 -23.55 7.71
N ALA B 7 -16.89 -24.85 7.56
CA ALA B 7 -15.72 -25.56 8.08
C ALA B 7 -15.66 -25.47 9.61
N GLY B 8 -16.79 -25.17 10.21
CA GLY B 8 -16.93 -25.18 11.66
C GLY B 8 -17.86 -26.29 12.14
N PHE B 9 -19.09 -25.92 12.48
CA PHE B 9 -20.06 -26.87 13.04
C PHE B 9 -20.97 -27.49 11.98
N ILE B 10 -21.11 -26.81 10.85
CA ILE B 10 -21.51 -27.51 9.63
C ILE B 10 -20.31 -28.31 9.17
N GLU B 11 -20.56 -29.59 8.87
CA GLU B 11 -19.48 -30.54 8.69
C GLU B 11 -18.89 -30.39 7.31
N ASN B 12 -19.74 -30.06 6.35
CA ASN B 12 -19.31 -29.84 4.99
C ASN B 12 -20.41 -29.28 4.11
N GLY B 13 -20.12 -29.16 2.82
CA GLY B 13 -21.07 -28.62 1.88
C GLY B 13 -21.59 -29.72 0.98
N TRP B 14 -22.57 -29.37 0.16
CA TRP B 14 -23.33 -30.36 -0.58
C TRP B 14 -23.05 -30.24 -2.07
N GLU B 15 -22.31 -31.22 -2.58
CA GLU B 15 -21.85 -31.21 -3.95
C GLU B 15 -23.01 -31.41 -4.92
N GLY B 16 -24.21 -31.64 -4.39
CA GLY B 16 -25.39 -31.83 -5.21
C GLY B 16 -26.17 -30.54 -5.36
N LEU B 17 -25.74 -29.48 -4.68
CA LEU B 17 -26.52 -28.26 -4.62
C LEU B 17 -26.08 -27.28 -5.70
N ILE B 18 -26.52 -27.49 -6.93
CA ILE B 18 -25.98 -26.76 -8.08
C ILE B 18 -26.42 -25.30 -8.11
N ASP B 19 -27.62 -25.06 -7.59
CA ASP B 19 -28.32 -23.81 -7.85
C ASP B 19 -28.26 -22.79 -6.74
N GLY B 20 -27.15 -22.81 -6.01
CA GLY B 20 -26.92 -21.80 -5.00
C GLY B 20 -25.69 -22.12 -4.19
N TRP B 21 -25.34 -21.17 -3.34
CA TRP B 21 -24.27 -21.31 -2.36
C TRP B 21 -24.89 -21.82 -1.07
N TYR B 22 -26.12 -21.41 -0.79
CA TYR B 22 -26.79 -21.72 0.47
C TYR B 22 -28.18 -22.29 0.21
N GLY B 23 -28.60 -23.28 1.00
CA GLY B 23 -29.91 -23.87 0.80
C GLY B 23 -30.42 -24.76 1.92
N PHE B 24 -31.43 -25.55 1.60
CA PHE B 24 -32.16 -26.33 2.58
C PHE B 24 -32.27 -27.77 2.16
N ARG B 25 -32.02 -28.65 3.13
CA ARG B 25 -32.25 -30.08 3.00
C ARG B 25 -33.12 -30.50 4.17
N HIS B 26 -34.32 -30.99 3.87
CA HIS B 26 -35.26 -31.33 4.94
C HIS B 26 -35.66 -32.80 4.92
N GLN B 27 -36.07 -33.29 6.08
CA GLN B 27 -36.59 -34.66 6.20
C GLN B 27 -37.86 -34.64 7.04
N ASN B 28 -38.97 -34.99 6.41
CA ASN B 28 -40.24 -35.10 7.11
C ASN B 28 -40.98 -36.35 6.66
N ALA B 29 -42.27 -36.43 7.01
CA ALA B 29 -43.09 -37.58 6.67
C ALA B 29 -43.08 -37.87 5.18
N GLN B 30 -43.37 -36.85 4.36
CA GLN B 30 -43.61 -37.06 2.94
C GLN B 30 -42.38 -37.56 2.20
N GLY B 31 -41.28 -36.83 2.33
CA GLY B 31 -40.05 -37.20 1.65
C GLY B 31 -38.90 -36.30 2.04
N GLU B 32 -37.89 -36.27 1.18
CA GLU B 32 -36.71 -35.45 1.41
C GLU B 32 -36.54 -34.50 0.24
N GLY B 33 -36.36 -33.23 0.55
CA GLY B 33 -36.38 -32.19 -0.46
C GLY B 33 -35.26 -31.19 -0.26
N THR B 34 -34.72 -30.72 -1.37
CA THR B 34 -33.63 -29.77 -1.38
C THR B 34 -33.89 -28.57 -2.28
N ALA B 35 -33.67 -27.38 -1.75
CA ALA B 35 -33.74 -26.18 -2.57
C ALA B 35 -32.84 -25.09 -2.02
N ALA B 36 -32.13 -24.41 -2.91
CA ALA B 36 -31.12 -23.45 -2.48
C ALA B 36 -31.77 -22.08 -2.24
N ASP B 37 -31.33 -21.42 -1.18
CA ASP B 37 -31.85 -20.10 -0.83
C ASP B 37 -31.35 -19.03 -1.81
N TYR B 38 -32.26 -18.17 -2.27
CA TYR B 38 -31.91 -17.11 -3.21
C TYR B 38 -31.37 -15.87 -2.56
N LYS B 39 -32.13 -15.38 -1.59
CA LYS B 39 -31.88 -14.06 -1.03
C LYS B 39 -30.46 -13.92 -0.47
N SER B 40 -29.93 -15.00 0.10
CA SER B 40 -28.62 -14.93 0.71
C SER B 40 -27.49 -15.34 -0.25
N THR B 41 -27.80 -16.24 -1.18
CA THR B 41 -26.88 -16.54 -2.27
C THR B 41 -26.54 -15.30 -3.09
N GLN B 42 -27.58 -14.69 -3.67
CA GLN B 42 -27.49 -13.38 -4.29
C GLN B 42 -26.68 -12.38 -3.46
N SER B 43 -26.91 -12.39 -2.16
CA SER B 43 -26.33 -11.39 -1.26
C SER B 43 -24.81 -11.50 -1.29
N ALA B 44 -24.31 -12.71 -1.14
CA ALA B 44 -22.86 -12.94 -1.18
C ALA B 44 -22.30 -12.65 -2.57
N ILE B 45 -22.82 -13.33 -3.57
CA ILE B 45 -22.41 -13.09 -4.96
C ILE B 45 -22.26 -11.62 -5.29
N ASP B 46 -23.16 -10.80 -4.77
CA ASP B 46 -23.16 -9.39 -5.09
C ASP B 46 -21.98 -8.67 -4.45
N GLN B 47 -21.52 -9.16 -3.30
CA GLN B 47 -20.38 -8.56 -2.63
C GLN B 47 -19.07 -8.98 -3.27
N ILE B 48 -19.04 -10.20 -3.78
CA ILE B 48 -17.90 -10.65 -4.56
C ILE B 48 -17.80 -9.82 -5.84
N THR B 49 -18.92 -9.64 -6.54
CA THR B 49 -18.90 -8.88 -7.78
C THR B 49 -18.46 -7.45 -7.52
N GLY B 50 -18.90 -6.89 -6.40
CA GLY B 50 -18.51 -5.54 -6.05
C GLY B 50 -17.03 -5.41 -5.72
N LYS B 51 -16.43 -6.49 -5.22
CA LYS B 51 -14.98 -6.55 -5.09
C LYS B 51 -14.31 -6.55 -6.45
N LEU B 52 -14.79 -7.39 -7.36
CA LEU B 52 -14.15 -7.53 -8.66
C LEU B 52 -14.18 -6.20 -9.40
N ASN B 53 -15.35 -5.58 -9.48
CA ASN B 53 -15.50 -4.37 -10.28
C ASN B 53 -14.53 -3.28 -9.84
N ARG B 54 -14.07 -3.36 -8.60
CA ARG B 54 -13.12 -2.41 -8.03
C ARG B 54 -11.66 -2.61 -8.47
N LEU B 55 -11.28 -3.86 -8.74
CA LEU B 55 -9.90 -4.21 -9.10
C LEU B 55 -9.71 -4.33 -10.61
N ILE B 56 -10.82 -4.63 -11.27
CA ILE B 56 -10.87 -4.83 -12.70
C ILE B 56 -11.10 -3.58 -13.52
N GLU B 57 -11.33 -2.52 -12.77
CA GLU B 57 -10.81 -1.20 -13.05
C GLU B 57 -9.61 -1.16 -14.00
N LYS B 58 -9.59 -0.17 -14.89
CA LYS B 58 -8.40 0.17 -15.66
C LYS B 58 -7.84 1.51 -15.24
N THR B 59 -6.56 1.50 -14.86
CA THR B 59 -5.81 2.74 -14.72
C THR B 59 -5.80 3.52 -16.02
N ASN B 60 -6.27 4.76 -15.95
CA ASN B 60 -6.21 5.68 -17.08
C ASN B 60 -4.86 6.37 -17.19
N GLN B 61 -3.83 5.78 -16.58
CA GLN B 61 -2.56 6.47 -16.45
C GLN B 61 -1.44 6.03 -17.39
N GLN B 62 -0.98 6.99 -18.18
CA GLN B 62 -0.02 6.74 -19.25
C GLN B 62 1.42 7.00 -18.81
N PHE B 63 2.31 6.11 -19.24
CA PHE B 63 3.75 6.28 -19.02
C PHE B 63 4.49 6.17 -20.34
N GLU B 64 5.62 6.86 -20.47
CA GLU B 64 6.41 6.80 -21.70
C GLU B 64 7.79 6.19 -21.42
N LEU B 65 8.55 5.89 -22.47
CA LEU B 65 9.92 5.41 -22.34
C LEU B 65 10.79 6.53 -21.77
N ILE B 66 11.48 6.26 -20.66
CA ILE B 66 12.64 7.10 -20.32
C ILE B 66 13.94 6.40 -20.70
N ASP B 67 13.83 5.29 -21.41
CA ASP B 67 14.91 4.30 -21.49
C ASP B 67 15.07 4.01 -22.98
N ASN B 68 16.11 3.26 -23.33
CA ASN B 68 16.33 2.91 -24.73
C ASN B 68 16.92 1.51 -24.94
N GLU B 69 16.11 0.63 -25.53
CA GLU B 69 16.45 -0.79 -25.73
C GLU B 69 17.39 -1.01 -26.91
N PHE B 70 17.54 0.01 -27.75
CA PHE B 70 18.30 -0.10 -28.99
C PHE B 70 19.69 0.54 -28.91
N THR B 71 19.76 1.82 -28.55
CA THR B 71 21.00 2.42 -28.03
C THR B 71 20.86 2.81 -26.57
N GLU B 72 21.48 2.03 -25.69
CA GLU B 72 21.50 2.29 -24.24
C GLU B 72 21.76 3.78 -23.94
N VAL B 73 21.03 4.33 -22.96
CA VAL B 73 21.31 5.69 -22.46
C VAL B 73 22.62 5.72 -21.68
N GLU B 74 23.15 6.92 -21.41
CA GLU B 74 24.39 7.04 -20.65
C GLU B 74 24.23 6.36 -19.30
N ARG B 75 25.35 5.87 -18.76
CA ARG B 75 25.32 4.78 -17.80
C ARG B 75 24.87 5.19 -16.39
N GLN B 76 25.21 6.41 -16.00
CA GLN B 76 24.87 6.89 -14.66
C GLN B 76 23.35 7.12 -14.57
N ILE B 77 22.78 7.78 -15.58
CA ILE B 77 21.34 7.99 -15.61
C ILE B 77 20.60 6.69 -15.90
N GLY B 78 21.22 5.81 -16.67
CA GLY B 78 20.72 4.46 -16.84
C GLY B 78 20.54 3.73 -15.52
N ASN B 79 21.54 3.82 -14.65
CA ASN B 79 21.52 3.15 -13.35
C ASN B 79 20.54 3.74 -12.34
N VAL B 80 20.33 5.04 -12.42
CA VAL B 80 19.30 5.66 -11.60
C VAL B 80 17.91 5.20 -12.07
N ILE B 81 17.67 5.27 -13.37
CA ILE B 81 16.42 4.75 -13.92
C ILE B 81 16.10 3.32 -13.52
N ASN B 82 17.06 2.41 -13.71
CA ASN B 82 16.89 1.00 -13.36
C ASN B 82 16.64 0.75 -11.88
N TRP B 83 17.32 1.51 -11.03
CA TRP B 83 17.24 1.36 -9.58
C TRP B 83 15.85 1.83 -9.12
N THR B 84 15.35 2.88 -9.73
CA THR B 84 14.02 3.42 -9.43
C THR B 84 12.94 2.43 -9.86
N ARG B 85 13.05 1.96 -11.09
CA ARG B 85 12.12 0.99 -11.63
C ARG B 85 12.04 -0.28 -10.81
N ASP B 86 13.19 -0.77 -10.36
CA ASP B 86 13.23 -1.91 -9.46
C ASP B 86 12.56 -1.66 -8.11
N SER B 87 12.81 -0.49 -7.53
CA SER B 87 12.15 -0.04 -6.32
C SER B 87 10.63 0.02 -6.47
N MET B 88 10.18 0.41 -7.66
CA MET B 88 8.75 0.39 -7.94
C MET B 88 8.25 -1.02 -8.06
N THR B 89 9.03 -1.87 -8.68
CA THR B 89 8.70 -3.28 -8.74
C THR B 89 8.51 -3.88 -7.35
N GLU B 90 9.37 -3.49 -6.41
CA GLU B 90 9.22 -3.87 -4.99
C GLU B 90 7.90 -3.44 -4.38
N VAL B 91 7.59 -2.16 -4.55
CA VAL B 91 6.37 -1.62 -3.98
C VAL B 91 5.13 -2.28 -4.55
N TRP B 92 5.06 -2.40 -5.85
CA TRP B 92 3.88 -2.94 -6.49
C TRP B 92 3.69 -4.42 -6.20
N SER B 93 4.80 -5.16 -6.16
CA SER B 93 4.75 -6.58 -5.88
C SER B 93 4.22 -6.87 -4.47
N TYR B 94 4.69 -6.08 -3.51
CA TYR B 94 4.22 -6.14 -2.12
C TYR B 94 2.72 -5.79 -2.05
N ASN B 95 2.35 -4.69 -2.69
CA ASN B 95 0.97 -4.26 -2.78
C ASN B 95 0.06 -5.31 -3.40
N ALA B 96 0.58 -5.99 -4.42
CA ALA B 96 -0.21 -6.96 -5.17
C ALA B 96 -0.53 -8.14 -4.27
N GLU B 97 0.50 -8.69 -3.62
CA GLU B 97 0.33 -9.90 -2.84
C GLU B 97 -0.44 -9.66 -1.55
N LEU B 98 -0.27 -8.46 -1.00
CA LEU B 98 -0.99 -8.04 0.21
C LEU B 98 -2.46 -7.84 -0.11
N LEU B 99 -2.73 -7.11 -1.18
CA LEU B 99 -4.09 -6.84 -1.57
C LEU B 99 -4.82 -8.16 -1.76
N VAL B 100 -4.17 -9.11 -2.42
CA VAL B 100 -4.87 -10.35 -2.77
C VAL B 100 -5.12 -11.27 -1.56
N ALA B 101 -4.14 -11.35 -0.66
CA ALA B 101 -4.27 -12.18 0.54
C ALA B 101 -5.40 -11.66 1.40
N MET B 102 -5.45 -10.34 1.52
CA MET B 102 -6.41 -9.64 2.36
C MET B 102 -7.82 -9.78 1.80
N GLU B 103 -7.98 -9.53 0.50
CA GLU B 103 -9.27 -9.75 -0.15
C GLU B 103 -9.76 -11.18 0.05
N ASN B 104 -8.82 -12.12 0.08
CA ASN B 104 -9.18 -13.52 0.23
C ASN B 104 -9.68 -13.90 1.63
N GLN B 105 -8.91 -13.57 2.67
CA GLN B 105 -9.41 -13.59 4.04
C GLN B 105 -10.84 -13.07 4.10
N HIS B 106 -11.03 -11.86 3.56
CA HIS B 106 -12.32 -11.19 3.67
C HIS B 106 -13.40 -11.89 2.89
N THR B 107 -13.04 -12.54 1.79
CA THR B 107 -14.03 -13.21 0.97
C THR B 107 -14.54 -14.44 1.69
N ILE B 108 -13.60 -15.21 2.25
CA ILE B 108 -13.88 -16.39 3.04
C ILE B 108 -14.74 -16.11 4.26
N ASP B 109 -14.42 -15.03 4.97
CA ASP B 109 -15.15 -14.69 6.17
C ASP B 109 -16.48 -14.06 5.80
N LEU B 110 -16.53 -13.44 4.62
CA LEU B 110 -17.79 -13.02 4.05
C LEU B 110 -18.74 -14.19 3.86
N ALA B 111 -18.19 -15.33 3.48
CA ALA B 111 -19.00 -16.51 3.25
C ALA B 111 -19.46 -17.15 4.56
N ASP B 112 -18.52 -17.34 5.47
CA ASP B 112 -18.85 -17.86 6.78
C ASP B 112 -19.99 -17.03 7.36
N SER B 113 -19.94 -15.72 7.10
CA SER B 113 -20.86 -14.78 7.74
C SER B 113 -22.30 -14.94 7.24
N GLU B 114 -22.45 -15.24 5.96
CA GLU B 114 -23.77 -15.23 5.34
C GLU B 114 -24.48 -16.56 5.64
N MET B 115 -23.74 -17.66 5.59
CA MET B 115 -24.21 -18.93 6.20
C MET B 115 -24.76 -18.70 7.60
N ASN B 116 -23.90 -18.21 8.50
CA ASN B 116 -24.29 -18.02 9.89
C ASN B 116 -25.28 -16.85 10.04
N LYS B 117 -25.76 -16.32 8.92
CA LYS B 117 -26.86 -15.36 8.97
C LYS B 117 -28.15 -15.99 8.46
N LEU B 118 -28.01 -17.04 7.66
CA LEU B 118 -29.16 -17.85 7.25
C LEU B 118 -29.63 -18.63 8.46
N TYR B 119 -28.74 -19.49 8.96
CA TYR B 119 -28.94 -20.14 10.25
C TYR B 119 -29.69 -19.25 11.23
N GLU B 120 -29.02 -18.25 11.81
CA GLU B 120 -29.57 -17.52 12.94
C GLU B 120 -30.98 -16.95 12.65
N ARG B 121 -31.29 -16.80 11.37
CA ARG B 121 -32.60 -16.27 10.96
C ARG B 121 -33.69 -17.32 11.03
N VAL B 122 -33.45 -18.48 10.44
CA VAL B 122 -34.39 -19.58 10.50
C VAL B 122 -34.65 -19.91 11.97
N LYS B 123 -33.57 -20.11 12.73
CA LYS B 123 -33.67 -20.21 14.18
C LYS B 123 -34.66 -19.20 14.78
N ARG B 124 -34.49 -17.92 14.46
CA ARG B 124 -35.38 -16.90 14.99
C ARG B 124 -36.85 -17.14 14.59
N GLN B 125 -37.05 -17.58 13.35
CA GLN B 125 -38.38 -17.88 12.84
C GLN B 125 -39.08 -18.91 13.72
N LEU B 126 -38.40 -20.00 14.01
CA LEU B 126 -39.05 -21.17 14.60
C LEU B 126 -39.32 -21.02 16.10
N ARG B 127 -38.86 -19.93 16.69
CA ARG B 127 -39.12 -19.61 18.10
C ARG B 127 -38.81 -20.79 19.04
N GLU B 128 -39.84 -21.48 19.52
CA GLU B 128 -39.64 -22.51 20.54
C GLU B 128 -40.12 -23.89 20.06
N ASN B 129 -40.38 -24.00 18.76
CA ASN B 129 -40.93 -25.22 18.19
C ASN B 129 -39.89 -26.20 17.65
N ALA B 130 -38.61 -25.92 17.92
CA ALA B 130 -37.52 -26.78 17.46
C ALA B 130 -36.23 -26.52 18.24
N GLU B 131 -35.19 -27.27 17.93
CA GLU B 131 -33.94 -27.21 18.72
C GLU B 131 -32.67 -27.23 17.87
N GLU B 132 -31.67 -26.48 18.34
CA GLU B 132 -30.31 -26.58 17.82
C GLU B 132 -29.64 -27.89 18.24
N ASP B 133 -29.48 -28.81 17.29
CA ASP B 133 -28.67 -30.01 17.51
C ASP B 133 -27.17 -29.71 17.37
N GLY B 134 -26.81 -28.87 16.41
CA GLY B 134 -25.49 -28.27 16.37
C GLY B 134 -24.60 -28.71 15.21
N THR B 135 -25.19 -29.37 14.22
CA THR B 135 -24.50 -29.66 12.97
C THR B 135 -25.14 -28.86 11.84
N GLY B 136 -25.80 -27.76 12.19
CA GLY B 136 -26.46 -26.92 11.21
C GLY B 136 -27.82 -27.47 10.87
N CYS B 137 -28.51 -27.95 11.90
CA CYS B 137 -29.80 -28.61 11.75
C CYS B 137 -30.78 -28.17 12.84
N PHE B 138 -32.07 -28.22 12.51
CA PHE B 138 -33.12 -28.01 13.50
C PHE B 138 -34.01 -29.23 13.57
N GLU B 139 -33.96 -29.90 14.71
CA GLU B 139 -34.94 -30.92 15.01
C GLU B 139 -36.26 -30.26 15.35
N ILE B 140 -37.24 -30.47 14.47
CA ILE B 140 -38.59 -29.96 14.64
C ILE B 140 -39.38 -30.89 15.55
N PHE B 141 -39.98 -30.34 16.60
CA PHE B 141 -40.70 -31.16 17.58
C PHE B 141 -42.22 -31.21 17.33
N HIS B 142 -42.62 -30.99 16.08
CA HIS B 142 -43.96 -31.36 15.63
C HIS B 142 -43.91 -31.90 14.20
N LYS B 143 -44.75 -32.90 13.93
CA LYS B 143 -44.99 -33.34 12.57
C LYS B 143 -45.20 -32.13 11.68
N CYS B 144 -44.61 -32.16 10.49
CA CYS B 144 -44.74 -31.07 9.55
C CYS B 144 -44.64 -31.52 8.10
N ASP B 145 -45.44 -30.89 7.25
CA ASP B 145 -45.55 -31.30 5.86
C ASP B 145 -44.76 -30.37 4.95
N ASP B 146 -44.76 -30.69 3.66
CA ASP B 146 -43.87 -30.04 2.70
C ASP B 146 -44.34 -28.64 2.31
N ASP B 147 -45.56 -28.27 2.69
CA ASP B 147 -46.02 -26.90 2.51
C ASP B 147 -45.70 -26.11 3.76
N CYS B 148 -45.31 -26.83 4.81
CA CYS B 148 -44.81 -26.21 6.02
C CYS B 148 -43.33 -25.88 5.81
N MET B 149 -42.64 -26.75 5.09
CA MET B 149 -41.26 -26.49 4.71
C MET B 149 -41.19 -25.23 3.87
N ALA B 150 -41.95 -25.20 2.78
CA ALA B 150 -41.94 -24.05 1.88
C ALA B 150 -42.23 -22.75 2.61
N SER B 151 -43.03 -22.83 3.67
CA SER B 151 -43.38 -21.63 4.44
C SER B 151 -42.25 -21.18 5.35
N ILE B 152 -41.39 -22.12 5.75
CA ILE B 152 -40.12 -21.72 6.37
C ILE B 152 -39.21 -21.05 5.34
N ARG B 153 -39.05 -21.69 4.20
CA ARG B 153 -38.21 -21.20 3.10
C ARG B 153 -38.53 -19.76 2.73
N ASN B 154 -39.72 -19.53 2.16
CA ASN B 154 -40.11 -18.19 1.76
C ASN B 154 -40.61 -17.33 2.94
N ASN B 155 -40.27 -17.77 4.15
CA ASN B 155 -40.36 -16.94 5.35
C ASN B 155 -41.79 -16.53 5.69
N THR B 156 -42.65 -17.53 5.84
CA THR B 156 -44.03 -17.30 6.25
C THR B 156 -44.48 -18.17 7.42
N TYR B 157 -43.68 -19.18 7.76
CA TYR B 157 -44.03 -20.12 8.82
C TYR B 157 -44.47 -19.39 10.08
N ASP B 158 -45.72 -19.60 10.49
CA ASP B 158 -46.24 -19.05 11.74
C ASP B 158 -45.95 -19.98 12.91
N HIS B 159 -45.43 -19.43 14.00
CA HIS B 159 -45.07 -20.24 15.15
C HIS B 159 -46.27 -20.57 16.04
N SER B 160 -47.00 -19.54 16.46
CA SER B 160 -48.10 -19.71 17.39
C SER B 160 -49.26 -20.50 16.79
N LYS B 161 -49.03 -21.12 15.63
CA LYS B 161 -49.98 -22.07 15.08
C LYS B 161 -49.63 -23.49 15.52
N TYR B 162 -48.34 -23.75 15.73
CA TYR B 162 -47.87 -25.08 16.08
C TYR B 162 -47.24 -25.10 17.47
N ARG B 163 -47.40 -24.01 18.22
CA ARG B 163 -46.67 -23.83 19.47
C ARG B 163 -46.95 -24.96 20.46
N GLU B 164 -48.15 -24.99 21.01
CA GLU B 164 -48.51 -25.99 22.01
C GLU B 164 -48.12 -27.40 21.56
N GLU B 165 -48.52 -27.75 20.34
CA GLU B 165 -48.20 -29.06 19.78
C GLU B 165 -46.76 -29.47 20.07
N ALA B 166 -45.81 -28.61 19.69
CA ALA B 166 -44.41 -29.00 19.68
C ALA B 166 -43.76 -28.89 21.06
N ILE B 167 -44.52 -28.39 22.03
CA ILE B 167 -43.98 -28.03 23.34
C ILE B 167 -44.13 -29.13 24.38
N GLN B 168 -45.29 -29.79 24.40
CA GLN B 168 -45.47 -30.99 25.21
C GLN B 168 -44.48 -32.04 24.75
N ASN B 169 -44.29 -32.12 23.45
CA ASN B 169 -43.32 -33.01 22.84
C ASN B 169 -41.89 -32.64 23.24
N ARG B 170 -41.74 -31.78 24.25
CA ARG B 170 -40.43 -31.42 24.78
C ARG B 170 -40.42 -31.50 26.30
N ASP C 5 -46.52 -7.18 25.93
CA ASP C 5 -45.49 -6.30 26.45
C ASP C 5 -44.12 -6.63 25.83
N LYS C 6 -43.33 -5.61 25.49
CA LYS C 6 -42.12 -5.80 24.70
C LYS C 6 -41.10 -4.66 24.86
N ILE C 7 -39.82 -4.98 24.68
CA ILE C 7 -38.79 -3.96 24.53
C ILE C 7 -37.93 -4.18 23.28
N CYS C 8 -37.63 -3.09 22.58
CA CYS C 8 -36.92 -3.15 21.30
C CYS C 8 -35.72 -2.20 21.26
N LEU C 9 -34.55 -2.77 20.96
CA LEU C 9 -33.34 -1.96 20.72
C LEU C 9 -33.13 -1.65 19.25
N GLY C 10 -32.43 -0.56 18.97
CA GLY C 10 -32.28 -0.08 17.62
C GLY C 10 -31.31 1.08 17.53
N HIS C 11 -30.91 1.40 16.31
CA HIS C 11 -29.84 2.35 16.08
C HIS C 11 -30.43 3.62 15.49
N HIS C 12 -29.62 4.68 15.41
CA HIS C 12 -30.13 5.95 14.89
C HIS C 12 -30.05 6.01 13.38
N ALA C 13 -30.59 7.09 12.82
CA ALA C 13 -30.62 7.23 11.37
C ALA C 13 -30.93 8.68 11.02
N VAL C 14 -30.44 9.12 9.87
CA VAL C 14 -30.71 10.46 9.39
C VAL C 14 -31.38 10.37 8.02
N SER C 15 -32.06 11.44 7.62
CA SER C 15 -32.94 11.36 6.45
C SER C 15 -32.14 11.44 5.15
N ASN C 16 -31.10 12.26 5.15
CA ASN C 16 -30.16 12.31 4.03
C ASN C 16 -28.73 12.14 4.54
N GLY C 17 -28.18 10.94 4.35
CA GLY C 17 -26.82 10.66 4.73
C GLY C 17 -25.90 10.88 3.54
N THR C 18 -24.64 10.49 3.67
CA THR C 18 -23.66 10.69 2.61
C THR C 18 -23.16 9.38 1.99
N LYS C 19 -23.02 9.37 0.67
CA LYS C 19 -22.47 8.21 -0.02
C LYS C 19 -20.97 8.08 0.17
N VAL C 20 -20.51 6.87 0.53
CA VAL C 20 -19.07 6.59 0.56
C VAL C 20 -18.76 5.33 -0.26
N ASN C 21 -17.49 4.92 -0.26
CA ASN C 21 -17.09 3.68 -0.95
C ASN C 21 -16.48 2.65 -0.01
N THR C 22 -16.69 1.38 -0.32
CA THR C 22 -16.14 0.27 0.47
C THR C 22 -15.40 -0.74 -0.39
N LEU C 23 -14.79 -1.73 0.28
CA LEU C 23 -14.18 -2.87 -0.41
C LEU C 23 -15.16 -3.55 -1.35
N THR C 24 -16.44 -3.36 -1.07
CA THR C 24 -17.47 -4.34 -1.38
C THR C 24 -18.58 -3.69 -2.22
N GLU C 25 -18.81 -2.38 -2.02
CA GLU C 25 -19.93 -1.68 -2.65
C GLU C 25 -19.50 -0.25 -2.95
N ARG C 26 -20.16 0.39 -3.92
CA ARG C 26 -19.88 1.78 -4.22
C ARG C 26 -21.08 2.66 -3.87
N GLY C 27 -20.83 3.84 -3.31
CA GLY C 27 -21.90 4.75 -2.92
C GLY C 27 -22.90 4.14 -1.95
N VAL C 28 -22.38 3.65 -0.83
CA VAL C 28 -23.23 3.21 0.27
C VAL C 28 -23.47 4.31 1.30
N GLU C 29 -24.73 4.68 1.52
CA GLU C 29 -25.06 5.79 2.40
C GLU C 29 -24.74 5.46 3.86
N VAL C 30 -24.06 6.38 4.51
CA VAL C 30 -23.81 6.32 5.94
C VAL C 30 -24.27 7.58 6.61
N VAL C 31 -24.28 7.54 7.95
CA VAL C 31 -24.86 8.60 8.77
C VAL C 31 -24.06 9.90 8.64
N ASN C 32 -22.76 9.81 8.94
CA ASN C 32 -21.85 10.95 8.83
C ASN C 32 -20.51 10.53 8.21
N ALA C 33 -19.98 11.34 7.30
CA ALA C 33 -18.68 11.05 6.71
C ALA C 33 -17.86 12.33 6.59
N THR C 34 -16.56 12.19 6.41
CA THR C 34 -15.66 13.33 6.42
C THR C 34 -14.60 13.30 5.32
N GLU C 35 -14.17 14.47 4.85
CA GLU C 35 -13.27 14.48 3.71
C GLU C 35 -11.82 14.24 4.13
N THR C 36 -11.07 13.70 3.19
CA THR C 36 -9.75 13.16 3.47
C THR C 36 -8.75 13.73 2.47
N VAL C 37 -9.25 14.31 1.38
CA VAL C 37 -8.39 14.98 0.39
C VAL C 37 -8.54 16.49 0.48
N GLU C 38 -7.42 17.17 0.72
CA GLU C 38 -7.43 18.63 0.74
C GLU C 38 -7.62 19.21 -0.67
N ARG C 39 -8.65 20.03 -0.84
CA ARG C 39 -8.90 20.70 -2.12
C ARG C 39 -8.76 22.22 -2.04
N THR C 40 -8.51 22.75 -0.84
CA THR C 40 -8.57 24.19 -0.61
C THR C 40 -7.20 24.86 -0.52
N ASN C 41 -6.96 25.78 -1.45
CA ASN C 41 -5.71 26.53 -1.51
C ASN C 41 -5.79 27.86 -0.80
N VAL C 42 -4.67 28.28 -0.22
CA VAL C 42 -4.55 29.64 0.27
C VAL C 42 -3.63 30.45 -0.64
N PRO C 43 -4.19 31.36 -1.46
CA PRO C 43 -3.44 31.95 -2.57
C PRO C 43 -2.42 32.98 -2.09
N ARG C 44 -1.63 32.60 -1.09
CA ARG C 44 -0.64 33.48 -0.49
C ARG C 44 0.42 32.56 0.08
N ILE C 45 1.60 33.10 0.37
CA ILE C 45 2.67 32.34 1.02
C ILE C 45 2.62 32.57 2.52
N CYS C 46 2.24 31.56 3.28
CA CYS C 46 2.03 31.75 4.70
C CYS C 46 3.35 31.58 5.46
N SER C 47 3.87 32.71 5.90
CA SER C 47 5.22 32.82 6.42
C SER C 47 5.26 33.23 7.90
N LYS C 48 4.12 33.20 8.57
CA LYS C 48 4.07 33.58 9.98
C LYS C 48 5.16 32.87 10.77
N GLY C 49 5.90 33.65 11.55
CA GLY C 49 6.91 33.08 12.44
C GLY C 49 8.19 32.65 11.75
N LYS C 50 8.28 32.90 10.45
CA LYS C 50 9.44 32.52 9.68
C LYS C 50 10.25 33.72 9.17
N ARG C 51 11.56 33.58 9.17
CA ARG C 51 12.46 34.63 8.71
C ARG C 51 12.41 34.56 7.19
N THR C 52 11.77 35.52 6.56
CA THR C 52 11.53 35.41 5.13
C THR C 52 12.43 36.34 4.34
N VAL C 53 13.03 35.84 3.26
CA VAL C 53 13.70 36.73 2.33
C VAL C 53 13.07 36.47 0.97
N ASP C 54 12.34 37.46 0.45
CA ASP C 54 11.70 37.32 -0.84
C ASP C 54 12.56 38.06 -1.87
N LEU C 55 13.09 37.31 -2.83
CA LEU C 55 14.22 37.79 -3.63
C LEU C 55 13.88 38.84 -4.70
N GLY C 56 12.60 38.97 -5.04
CA GLY C 56 12.16 40.02 -5.95
C GLY C 56 12.87 40.00 -7.30
N GLN C 57 13.45 41.13 -7.68
CA GLN C 57 14.21 41.22 -8.93
C GLN C 57 15.57 40.55 -8.87
N CYS C 58 16.01 40.20 -7.66
CA CYS C 58 17.28 39.48 -7.47
C CYS C 58 17.15 37.96 -7.67
N GLY C 59 18.05 37.38 -8.46
CA GLY C 59 18.07 35.95 -8.66
C GLY C 59 18.89 35.25 -7.60
N LEU C 60 18.46 34.06 -7.18
CA LEU C 60 19.14 33.35 -6.10
C LEU C 60 20.65 33.29 -6.33
N LEU C 61 21.07 32.97 -7.55
CA LEU C 61 22.50 32.81 -7.82
C LEU C 61 23.25 34.15 -7.78
N GLY C 62 22.51 35.24 -8.00
CA GLY C 62 23.05 36.58 -7.85
C GLY C 62 23.54 36.91 -6.46
N THR C 63 22.99 36.25 -5.45
CA THR C 63 23.33 36.61 -4.07
C THR C 63 24.79 36.27 -3.89
N ILE C 64 25.29 35.36 -4.72
CA ILE C 64 26.66 34.89 -4.62
C ILE C 64 27.64 35.82 -5.32
N THR C 65 27.29 36.29 -6.53
CA THR C 65 28.22 37.04 -7.37
C THR C 65 27.99 38.53 -7.18
N GLY C 66 26.73 38.92 -7.11
CA GLY C 66 26.36 40.24 -6.65
C GLY C 66 26.22 41.29 -7.74
N PRO C 67 25.31 41.06 -8.71
CA PRO C 67 24.98 42.14 -9.64
C PRO C 67 24.12 43.16 -8.90
N PRO C 68 23.99 44.39 -9.42
CA PRO C 68 23.31 45.46 -8.67
C PRO C 68 21.93 45.09 -8.06
N GLN C 69 21.10 44.35 -8.77
CA GLN C 69 19.76 44.09 -8.22
C GLN C 69 19.86 43.30 -6.91
N CYS C 70 21.01 42.70 -6.66
CA CYS C 70 21.16 41.77 -5.54
C CYS C 70 21.97 42.33 -4.36
N ASP C 71 22.34 43.60 -4.41
CA ASP C 71 23.14 44.22 -3.33
C ASP C 71 22.62 44.05 -1.89
N GLN C 72 21.31 44.13 -1.69
CA GLN C 72 20.74 43.93 -0.35
C GLN C 72 20.68 42.46 0.12
N PHE C 73 21.18 41.55 -0.72
CA PHE C 73 21.05 40.12 -0.46
C PHE C 73 22.42 39.45 -0.48
N LEU C 74 23.50 40.25 -0.52
CA LEU C 74 24.83 39.65 -0.53
C LEU C 74 25.08 38.84 0.74
N GLU C 75 24.33 39.17 1.79
CA GLU C 75 24.55 38.62 3.13
C GLU C 75 23.29 38.30 3.95
N PHE C 76 22.23 37.78 3.33
CA PHE C 76 20.93 37.65 4.01
C PHE C 76 20.81 36.42 4.92
N SER C 77 19.71 36.38 5.69
CA SER C 77 19.40 35.26 6.57
C SER C 77 17.94 34.83 6.37
N ALA C 78 17.68 33.54 6.19
CA ALA C 78 16.29 33.09 6.04
C ALA C 78 15.99 31.64 6.44
N ASP C 79 14.77 31.41 6.92
CA ASP C 79 14.19 30.07 7.01
C ASP C 79 13.47 29.75 5.70
N LEU C 80 12.99 30.78 5.01
CA LEU C 80 12.15 30.62 3.83
C LEU C 80 12.57 31.63 2.78
N ILE C 81 13.00 31.13 1.61
CA ILE C 81 13.55 31.96 0.55
C ILE C 81 12.56 31.92 -0.61
N ILE C 82 12.15 33.09 -1.11
CA ILE C 82 11.13 33.18 -2.15
C ILE C 82 11.74 33.74 -3.45
N GLU C 83 11.75 32.93 -4.51
CA GLU C 83 12.23 33.33 -5.83
C GLU C 83 11.07 33.93 -6.61
N ARG C 84 11.36 34.90 -7.46
CA ARG C 84 10.31 35.49 -8.28
C ARG C 84 10.64 35.27 -9.76
N ARG C 85 9.61 35.23 -10.60
CA ARG C 85 9.79 35.11 -12.06
C ARG C 85 10.58 36.24 -12.72
N GLU C 86 10.46 37.46 -12.19
CA GLU C 86 11.23 38.59 -12.71
C GLU C 86 12.72 38.60 -12.30
N GLY C 87 13.11 37.63 -11.47
CA GLY C 87 14.44 37.56 -10.90
C GLY C 87 15.54 37.31 -11.93
N SER C 88 16.64 38.07 -11.81
CA SER C 88 17.76 37.96 -12.75
C SER C 88 19.11 37.74 -12.04
N ASP C 89 19.87 36.75 -12.50
CA ASP C 89 21.14 36.37 -11.84
C ASP C 89 22.32 37.25 -12.25
N VAL C 90 22.11 38.08 -13.28
CA VAL C 90 23.19 38.53 -14.14
C VAL C 90 23.00 39.99 -14.58
N CYS C 91 24.09 40.76 -14.59
CA CYS C 91 24.07 42.08 -15.23
C CYS C 91 24.73 42.01 -16.62
N TYR C 92 26.02 41.67 -16.64
CA TYR C 92 26.78 41.41 -17.85
C TYR C 92 26.41 40.02 -18.38
N PRO C 93 26.09 39.91 -19.69
CA PRO C 93 25.53 38.62 -20.13
C PRO C 93 26.44 37.41 -19.89
N GLY C 94 25.82 36.26 -19.67
CA GLY C 94 26.52 35.05 -19.26
C GLY C 94 25.61 34.12 -18.48
N LYS C 95 26.14 32.97 -18.08
CA LYS C 95 25.34 31.95 -17.41
C LYS C 95 26.14 31.25 -16.31
N PHE C 96 25.46 30.51 -15.45
CA PHE C 96 26.14 29.67 -14.47
C PHE C 96 26.19 28.26 -15.02
N VAL C 97 27.36 27.64 -15.01
CA VAL C 97 27.45 26.25 -15.40
C VAL C 97 27.01 25.43 -14.20
N ASN C 98 26.03 24.54 -14.42
CA ASN C 98 25.46 23.75 -13.34
C ASN C 98 24.61 24.61 -12.42
N GLU C 99 23.76 25.44 -13.00
CA GLU C 99 23.07 26.45 -12.22
C GLU C 99 22.11 25.78 -11.24
N GLU C 100 21.41 24.73 -11.69
CA GLU C 100 20.37 24.10 -10.86
C GLU C 100 20.87 23.40 -9.61
N ALA C 101 22.01 22.73 -9.71
CA ALA C 101 22.62 22.13 -8.53
C ALA C 101 22.93 23.24 -7.52
N LEU C 102 23.39 24.37 -8.04
CA LEU C 102 23.76 25.52 -7.22
C LEU C 102 22.56 26.20 -6.57
N ARG C 103 21.49 26.35 -7.32
CA ARG C 103 20.23 26.86 -6.79
C ARG C 103 19.78 25.99 -5.65
N GLN C 104 19.82 24.69 -5.87
CA GLN C 104 19.35 23.74 -4.87
C GLN C 104 20.17 23.86 -3.59
N ILE C 105 21.48 24.05 -3.73
CA ILE C 105 22.32 24.27 -2.56
C ILE C 105 21.90 25.56 -1.83
N LEU C 106 21.62 26.61 -2.59
CA LEU C 106 21.35 27.94 -2.02
C LEU C 106 19.98 28.08 -1.34
N ARG C 107 18.96 27.43 -1.90
CA ARG C 107 17.61 27.47 -1.35
C ARG C 107 17.55 26.94 0.07
N GLU C 108 18.38 25.94 0.35
CA GLU C 108 18.34 25.24 1.63
C GLU C 108 19.46 25.71 2.57
N SER C 109 20.03 26.87 2.26
CA SER C 109 21.30 27.28 2.84
C SER C 109 21.09 27.97 4.19
N GLY C 110 19.92 28.55 4.39
CA GLY C 110 19.69 29.36 5.58
C GLY C 110 20.21 30.77 5.37
N GLY C 111 20.50 31.11 4.12
CA GLY C 111 21.10 32.39 3.80
C GLY C 111 22.61 32.22 3.78
N ILE C 112 23.33 33.27 3.43
CA ILE C 112 24.77 33.16 3.27
C ILE C 112 25.54 34.18 4.09
N ASP C 113 26.75 33.78 4.51
CA ASP C 113 27.65 34.65 5.24
C ASP C 113 28.96 34.70 4.47
N LYS C 114 29.45 35.90 4.20
CA LYS C 114 30.57 36.06 3.28
C LYS C 114 31.89 36.28 4.03
N GLU C 115 32.96 35.63 3.57
CA GLU C 115 34.30 35.90 4.10
C GLU C 115 35.28 36.21 2.99
N THR C 116 36.15 37.19 3.22
CA THR C 116 37.16 37.54 2.23
C THR C 116 38.09 36.34 1.96
N MET C 117 38.50 36.18 0.71
CA MET C 117 39.44 35.14 0.31
C MET C 117 40.90 35.57 0.42
N GLY C 118 41.11 36.85 0.74
CA GLY C 118 42.44 37.36 1.02
C GLY C 118 43.38 37.42 -0.16
N PHE C 119 42.82 37.55 -1.36
CA PHE C 119 43.65 37.77 -2.54
C PHE C 119 44.05 39.23 -2.60
N THR C 120 45.33 39.47 -2.91
CA THR C 120 45.82 40.77 -3.35
C THR C 120 46.61 40.57 -4.64
N TYR C 121 46.89 41.65 -5.37
CA TYR C 121 47.35 41.51 -6.74
C TYR C 121 48.47 42.49 -7.04
N SER C 122 49.49 42.02 -7.75
CA SER C 122 50.63 42.85 -8.14
C SER C 122 50.74 42.99 -9.65
N GLY C 123 50.93 44.23 -10.10
CA GLY C 123 51.34 44.53 -11.46
C GLY C 123 50.26 44.09 -12.43
N ILE C 124 49.02 44.10 -11.95
CA ILE C 124 47.84 44.10 -12.81
C ILE C 124 46.81 45.11 -12.28
N ARG C 125 45.76 45.38 -13.06
CA ARG C 125 44.59 46.09 -12.54
C ARG C 125 43.62 45.11 -11.89
N THR C 126 42.65 45.66 -11.18
CA THR C 126 41.85 44.90 -10.22
C THR C 126 40.42 45.42 -10.35
N ASN C 127 40.26 46.47 -11.16
CA ASN C 127 39.10 47.33 -11.14
C ASN C 127 38.42 47.46 -12.50
N GLY C 128 38.54 46.43 -13.34
CA GLY C 128 37.85 46.44 -14.62
C GLY C 128 36.35 46.51 -14.42
N THR C 129 35.70 47.38 -15.20
CA THR C 129 34.25 47.54 -15.10
C THR C 129 33.53 47.45 -16.45
N THR C 130 32.21 47.59 -16.40
CA THR C 130 31.37 47.52 -17.60
C THR C 130 30.08 48.31 -17.40
N SER C 131 29.59 48.94 -18.47
CA SER C 131 28.35 49.69 -18.42
C SER C 131 27.10 48.83 -18.24
N ALA C 132 27.27 47.51 -18.22
CA ALA C 132 26.12 46.61 -18.03
C ALA C 132 25.76 46.42 -16.57
N CYS C 133 26.72 46.65 -15.68
CA CYS C 133 26.40 46.70 -14.26
C CYS C 133 26.50 48.16 -13.76
N ARG C 134 25.35 48.83 -13.73
CA ARG C 134 25.27 50.25 -13.43
C ARG C 134 25.10 50.45 -11.92
N ARG C 135 26.06 51.11 -11.27
CA ARG C 135 25.84 51.59 -9.90
C ARG C 135 25.80 53.12 -9.80
N SER C 136 26.94 53.78 -10.01
CA SER C 136 26.93 55.17 -10.48
C SER C 136 27.95 55.33 -11.60
N GLY C 137 27.50 55.11 -12.84
CA GLY C 137 28.40 54.79 -13.91
C GLY C 137 28.88 53.34 -13.82
N SER C 138 29.80 52.97 -14.71
CA SER C 138 30.23 51.58 -14.85
C SER C 138 30.67 50.94 -13.53
N SER C 139 30.31 49.69 -13.34
CA SER C 139 30.72 48.93 -12.16
C SER C 139 30.95 47.46 -12.54
N PHE C 140 30.84 46.57 -11.55
CA PHE C 140 30.99 45.14 -11.80
C PHE C 140 30.33 44.37 -10.64
N TYR C 141 30.26 43.04 -10.77
CA TYR C 141 29.85 42.17 -9.67
C TYR C 141 30.58 42.50 -8.36
N ALA C 142 29.80 42.74 -7.31
CA ALA C 142 30.32 43.24 -6.03
C ALA C 142 31.25 42.26 -5.33
N GLU C 143 31.08 40.96 -5.60
CA GLU C 143 31.85 39.93 -4.92
C GLU C 143 33.00 39.47 -5.79
N MET C 144 33.13 40.07 -6.97
CA MET C 144 34.11 39.63 -7.93
C MET C 144 35.08 40.78 -8.24
N LYS C 145 36.25 40.44 -8.77
CA LYS C 145 37.17 41.43 -9.29
C LYS C 145 37.50 41.05 -10.74
N TRP C 146 37.27 41.98 -11.66
CA TRP C 146 37.64 41.76 -13.05
C TRP C 146 39.12 42.06 -13.23
N LEU C 147 39.93 41.03 -13.40
CA LEU C 147 41.38 41.22 -13.44
C LEU C 147 41.79 41.53 -14.88
N LEU C 148 42.59 42.57 -15.06
CA LEU C 148 42.93 43.08 -16.39
C LEU C 148 44.44 43.25 -16.46
N SER C 149 45.01 43.11 -17.66
CA SER C 149 46.38 43.55 -17.88
C SER C 149 46.50 45.01 -17.43
N ASN C 150 47.70 45.38 -17.03
CA ASN C 150 47.99 46.73 -16.55
C ASN C 150 47.75 47.86 -17.59
N THR C 151 48.07 47.64 -18.87
CA THR C 151 47.70 48.60 -19.93
C THR C 151 47.24 47.79 -21.13
N ASP C 152 46.55 48.44 -22.05
CA ASP C 152 45.99 47.76 -23.23
C ASP C 152 47.08 47.04 -24.05
N ASN C 153 46.90 45.73 -24.23
CA ASN C 153 47.78 44.88 -25.05
C ASN C 153 48.94 44.23 -24.28
N ALA C 154 49.25 44.75 -23.10
CA ALA C 154 50.34 44.24 -22.27
C ALA C 154 50.12 42.77 -21.90
N ALA C 155 51.23 42.04 -21.68
CA ALA C 155 51.15 40.67 -21.19
C ALA C 155 50.59 40.61 -19.77
N PHE C 156 49.61 39.74 -19.57
CA PHE C 156 49.07 39.46 -18.25
C PHE C 156 49.94 38.34 -17.69
N PRO C 157 50.50 38.53 -16.48
CA PRO C 157 51.47 37.55 -15.97
C PRO C 157 50.82 36.20 -15.68
N GLN C 158 51.60 35.12 -15.71
CA GLN C 158 51.13 33.86 -15.15
C GLN C 158 50.98 34.03 -13.64
N MET C 159 49.74 33.90 -13.17
CA MET C 159 49.42 34.07 -11.76
C MET C 159 48.95 32.76 -11.14
N THR C 160 49.23 32.62 -9.84
CA THR C 160 48.64 31.61 -8.99
C THR C 160 48.06 32.25 -7.72
N LYS C 161 46.80 31.99 -7.42
CA LYS C 161 46.20 32.40 -6.16
C LYS C 161 45.56 31.20 -5.48
N SER C 162 45.76 31.01 -4.18
CA SER C 162 45.15 29.89 -3.47
C SER C 162 44.47 30.29 -2.16
N TYR C 163 43.45 29.54 -1.77
CA TYR C 163 42.68 29.85 -0.56
C TYR C 163 42.41 28.57 0.21
N LYS C 164 42.70 28.60 1.50
CA LYS C 164 42.46 27.46 2.38
C LYS C 164 41.22 27.75 3.20
N ASN C 165 40.31 26.79 3.22
CA ASN C 165 39.13 26.90 4.06
C ASN C 165 39.50 26.53 5.50
N THR C 166 39.77 27.53 6.34
CA THR C 166 40.15 27.30 7.73
C THR C 166 38.95 27.28 8.69
N ARG C 167 37.77 27.64 8.20
CA ARG C 167 36.56 27.54 9.00
C ARG C 167 36.14 26.09 9.13
N LYS C 168 35.10 25.84 9.92
CA LYS C 168 34.73 24.49 10.29
C LYS C 168 33.65 23.90 9.39
N ASP C 169 33.17 24.71 8.43
CA ASP C 169 32.14 24.27 7.50
C ASP C 169 32.55 24.53 6.05
N PRO C 170 31.93 23.82 5.09
CA PRO C 170 32.37 23.89 3.70
C PRO C 170 32.09 25.25 3.07
N ALA C 171 32.99 25.71 2.20
CA ALA C 171 32.88 27.01 1.57
C ALA C 171 32.44 26.87 0.13
N LEU C 172 31.63 27.82 -0.34
CA LEU C 172 31.22 27.86 -1.72
C LEU C 172 32.11 28.88 -2.44
N ILE C 173 32.73 28.44 -3.54
CA ILE C 173 33.75 29.20 -4.22
C ILE C 173 33.25 29.40 -5.63
N ILE C 174 33.30 30.64 -6.12
CA ILE C 174 32.81 30.93 -7.46
C ILE C 174 33.90 31.63 -8.26
N TRP C 175 33.87 31.50 -9.58
CA TRP C 175 34.76 32.29 -10.42
C TRP C 175 34.17 32.31 -11.81
N GLY C 176 34.69 33.16 -12.70
CA GLY C 176 34.12 33.25 -14.03
C GLY C 176 35.23 33.22 -15.07
N ILE C 177 34.89 32.72 -16.25
CA ILE C 177 35.76 32.77 -17.41
C ILE C 177 35.15 33.80 -18.35
N HIS C 178 35.98 34.75 -18.80
CA HIS C 178 35.50 35.79 -19.70
C HIS C 178 35.78 35.44 -21.16
N HIS C 179 34.70 35.35 -21.93
CA HIS C 179 34.76 35.13 -23.36
C HIS C 179 34.55 36.47 -24.08
N SER C 180 35.62 37.10 -24.54
CA SER C 180 35.55 38.39 -25.23
C SER C 180 34.76 38.41 -26.54
N GLY C 181 34.23 39.58 -26.90
CA GLY C 181 33.37 39.71 -28.07
C GLY C 181 34.17 39.60 -29.36
N SER C 182 35.47 39.88 -29.29
CA SER C 182 36.34 39.70 -30.46
C SER C 182 37.70 39.22 -29.95
N THR C 183 38.49 38.58 -30.83
CA THR C 183 39.87 38.25 -30.49
C THR C 183 40.69 39.49 -30.19
N THR C 184 40.48 40.53 -30.99
CA THR C 184 41.15 41.81 -30.76
C THR C 184 40.88 42.23 -29.31
N GLU C 185 39.63 42.14 -28.88
CA GLU C 185 39.25 42.60 -27.55
C GLU C 185 39.93 41.76 -26.46
N GLN C 186 40.08 40.46 -26.71
CA GLN C 186 40.80 39.60 -25.75
C GLN C 186 42.22 40.06 -25.54
N THR C 187 42.97 40.17 -26.62
CA THR C 187 44.37 40.61 -26.51
C THR C 187 44.52 42.02 -25.93
N LYS C 188 43.55 42.89 -26.19
CA LYS C 188 43.56 44.23 -25.60
C LYS C 188 43.47 44.14 -24.08
N LEU C 189 42.53 43.35 -23.59
CA LEU C 189 42.32 43.17 -22.14
C LEU C 189 43.44 42.36 -21.43
N TYR C 190 43.92 41.29 -22.06
CA TYR C 190 44.73 40.27 -21.37
C TYR C 190 46.09 39.99 -22.02
N GLY C 191 46.40 40.71 -23.09
CA GLY C 191 47.58 40.43 -23.90
C GLY C 191 47.33 39.27 -24.84
N SER C 192 48.24 39.08 -25.81
CA SER C 192 48.05 38.11 -26.87
C SER C 192 48.51 36.73 -26.44
N GLY C 193 48.17 35.71 -27.23
CA GLY C 193 48.56 34.36 -26.89
C GLY C 193 47.43 33.60 -26.21
N ASN C 194 47.61 32.28 -26.15
CA ASN C 194 46.62 31.37 -25.61
C ASN C 194 46.39 31.64 -24.12
N LYS C 195 45.13 31.65 -23.71
CA LYS C 195 44.79 31.81 -22.29
C LYS C 195 44.32 30.48 -21.75
N LEU C 196 44.67 30.16 -20.51
CA LEU C 196 44.23 28.90 -19.95
C LEU C 196 44.05 29.17 -18.44
N ILE C 197 42.93 28.73 -17.86
CA ILE C 197 42.65 28.86 -16.45
C ILE C 197 42.51 27.45 -15.91
N THR C 198 43.19 27.15 -14.80
CA THR C 198 42.95 25.91 -14.11
C THR C 198 42.54 26.16 -12.67
N VAL C 199 41.76 25.23 -12.15
CA VAL C 199 41.18 25.34 -10.84
C VAL C 199 41.28 23.96 -10.19
N GLY C 200 41.95 23.88 -9.05
CA GLY C 200 42.19 22.60 -8.40
C GLY C 200 41.87 22.64 -6.92
N SER C 201 41.33 21.54 -6.41
CA SER C 201 41.49 21.20 -5.01
C SER C 201 41.66 19.69 -4.92
N SER C 202 41.51 19.12 -3.73
CA SER C 202 41.68 17.67 -3.56
C SER C 202 40.51 16.84 -4.11
N ASN C 203 39.38 17.47 -4.40
CA ASN C 203 38.22 16.75 -4.92
C ASN C 203 37.73 17.35 -6.24
N TYR C 204 38.50 18.29 -6.78
CA TYR C 204 38.13 19.04 -7.97
C TYR C 204 39.35 19.28 -8.88
N GLN C 205 39.16 19.23 -10.18
CA GLN C 205 40.25 19.50 -11.12
C GLN C 205 39.67 19.82 -12.50
N GLN C 206 39.77 21.07 -12.93
CA GLN C 206 39.30 21.45 -14.26
C GLN C 206 40.10 22.60 -14.86
N SER C 207 40.10 22.67 -16.19
CA SER C 207 40.75 23.77 -16.89
C SER C 207 39.79 24.37 -17.92
N PHE C 208 40.04 25.61 -18.33
CA PHE C 208 39.10 26.39 -19.10
C PHE C 208 39.89 27.20 -20.11
N VAL C 209 39.46 27.18 -21.36
CA VAL C 209 40.03 28.06 -22.36
C VAL C 209 38.92 28.99 -22.83
N PRO C 210 39.15 30.30 -22.72
CA PRO C 210 38.15 31.20 -23.28
C PRO C 210 37.99 31.02 -24.79
N SER C 211 36.83 31.40 -25.32
CA SER C 211 36.55 31.32 -26.74
C SER C 211 36.09 32.66 -27.27
N PRO C 212 37.03 33.58 -27.52
CA PRO C 212 36.62 34.91 -27.97
C PRO C 212 36.09 34.89 -29.40
N GLY C 213 35.20 35.83 -29.72
CA GLY C 213 34.52 35.84 -31.00
C GLY C 213 33.09 36.36 -30.89
N ALA C 214 32.41 36.51 -32.02
CA ALA C 214 31.23 37.36 -32.12
C ALA C 214 29.92 36.71 -31.63
N ARG C 215 29.30 37.33 -30.62
CA ARG C 215 27.92 37.01 -30.22
C ARG C 215 27.02 38.22 -30.47
N PRO C 216 25.69 38.00 -30.60
CA PRO C 216 24.82 39.18 -30.63
C PRO C 216 25.02 40.05 -29.37
N GLN C 217 24.60 41.31 -29.42
CA GLN C 217 24.62 42.14 -28.22
C GLN C 217 23.45 41.86 -27.26
N VAL C 218 23.80 41.61 -25.99
CA VAL C 218 22.83 41.54 -24.89
C VAL C 218 23.27 42.51 -23.79
N ASN C 219 22.38 43.39 -23.32
CA ASN C 219 22.75 44.53 -22.48
C ASN C 219 23.98 45.27 -23.03
N GLY C 220 23.98 45.52 -24.33
CA GLY C 220 25.06 46.26 -24.97
C GLY C 220 26.44 45.64 -24.82
N GLN C 221 26.51 44.32 -24.69
CA GLN C 221 27.77 43.61 -24.61
C GLN C 221 27.88 42.41 -25.58
N SER C 222 29.04 42.23 -26.21
CA SER C 222 29.23 41.14 -27.16
C SER C 222 29.98 39.95 -26.53
N GLY C 223 30.61 40.20 -25.39
CA GLY C 223 31.27 39.16 -24.63
C GLY C 223 30.31 38.49 -23.68
N ARG C 224 30.75 37.41 -23.05
CA ARG C 224 29.91 36.66 -22.13
C ARG C 224 30.79 36.31 -20.95
N ILE C 225 30.21 36.20 -19.76
CA ILE C 225 30.93 35.62 -18.63
C ILE C 225 30.24 34.35 -18.21
N ASP C 226 31.00 33.27 -18.06
CA ASP C 226 30.43 32.03 -17.54
C ASP C 226 30.97 31.75 -16.16
N PHE C 227 30.06 31.66 -15.19
CA PHE C 227 30.43 31.35 -13.83
C PHE C 227 30.49 29.85 -13.61
N HIS C 228 31.49 29.42 -12.86
CA HIS C 228 31.64 28.04 -12.43
C HIS C 228 31.78 28.07 -10.92
N TRP C 229 31.53 26.94 -10.27
CA TRP C 229 31.51 26.92 -8.82
C TRP C 229 32.00 25.58 -8.28
N LEU C 230 32.44 25.60 -7.03
CA LEU C 230 32.76 24.37 -6.30
C LEU C 230 32.56 24.50 -4.78
N ILE C 231 32.39 23.37 -4.11
CA ILE C 231 32.39 23.32 -2.64
C ILE C 231 33.78 22.94 -2.11
N LEU C 232 34.31 23.77 -1.20
CA LEU C 232 35.64 23.52 -0.64
C LEU C 232 35.46 22.95 0.76
N ASN C 233 35.95 21.73 0.99
CA ASN C 233 35.79 21.09 2.28
C ASN C 233 36.73 21.72 3.33
N PRO C 234 36.27 21.84 4.59
CA PRO C 234 37.14 22.34 5.68
C PRO C 234 38.59 21.81 5.57
N ASN C 235 39.56 22.72 5.58
CA ASN C 235 40.99 22.36 5.66
C ASN C 235 41.64 22.06 4.29
N ASP C 236 40.83 21.97 3.25
CA ASP C 236 41.28 21.83 1.87
C ASP C 236 41.61 23.20 1.22
N THR C 237 42.32 23.21 0.09
CA THR C 237 42.78 24.46 -0.54
C THR C 237 42.36 24.49 -2.03
N VAL C 238 41.80 25.61 -2.51
CA VAL C 238 41.63 25.82 -3.96
C VAL C 238 42.86 26.55 -4.46
N THR C 239 43.33 26.18 -5.65
CA THR C 239 44.36 26.93 -6.35
C THR C 239 43.86 27.26 -7.76
N PHE C 240 43.92 28.55 -8.08
CA PHE C 240 43.63 29.06 -9.41
C PHE C 240 44.97 29.40 -10.02
N SER C 241 45.16 29.04 -11.29
CA SER C 241 46.30 29.52 -12.04
C SER C 241 45.79 30.01 -13.37
N PHE C 242 46.36 31.09 -13.90
CA PHE C 242 45.71 31.75 -15.02
C PHE C 242 46.58 32.84 -15.59
N ASN C 243 46.45 33.11 -16.88
CA ASN C 243 47.18 34.20 -17.49
C ASN C 243 46.22 35.13 -18.23
N GLY C 244 45.01 35.24 -17.70
CA GLY C 244 44.04 36.20 -18.18
C GLY C 244 42.67 35.58 -18.38
N ALA C 245 41.73 36.41 -18.84
CA ALA C 245 40.36 35.97 -19.09
C ALA C 245 39.70 35.38 -17.85
N PHE C 246 40.14 35.80 -16.67
CA PHE C 246 39.72 35.16 -15.43
C PHE C 246 39.08 36.19 -14.52
N ILE C 247 37.86 35.89 -14.06
CA ILE C 247 37.11 36.77 -13.18
C ILE C 247 37.25 36.14 -11.78
N ALA C 248 37.92 36.85 -10.87
CA ALA C 248 38.39 36.28 -9.60
C ALA C 248 37.34 36.55 -8.51
N LEU C 249 37.15 35.64 -7.57
CA LEU C 249 36.24 35.93 -6.46
C LEU C 249 36.94 36.88 -5.49
N ASP C 250 36.20 37.84 -4.95
CA ASP C 250 36.73 38.64 -3.85
C ASP C 250 36.36 38.00 -2.49
N ARG C 251 35.21 37.32 -2.47
CA ARG C 251 34.68 36.72 -1.24
C ARG C 251 34.16 35.28 -1.44
N ALA C 252 34.39 34.39 -0.48
CA ALA C 252 33.77 33.07 -0.44
C ALA C 252 32.43 33.14 0.31
N SER C 253 31.55 32.19 0.01
CA SER C 253 30.27 32.10 0.72
C SER C 253 30.20 30.88 1.61
N PHE C 254 29.67 31.07 2.83
CA PHE C 254 29.36 29.98 3.74
C PHE C 254 27.84 29.83 4.06
N LEU C 255 27.25 28.64 4.03
CA LEU C 255 25.82 28.52 4.36
C LEU C 255 25.65 28.60 5.87
N ARG C 256 24.56 29.27 6.24
CA ARG C 256 24.27 29.69 7.62
C ARG C 256 23.59 28.64 8.49
N GLY C 257 22.80 27.76 7.90
CA GLY C 257 21.99 26.83 8.68
C GLY C 257 21.08 26.02 7.78
N LYS C 258 19.78 26.21 7.95
CA LYS C 258 18.80 25.40 7.26
C LYS C 258 17.65 26.29 6.84
N SER C 259 17.12 26.03 5.66
CA SER C 259 15.95 26.75 5.17
C SER C 259 15.21 25.96 4.09
N MET C 260 14.06 26.49 3.69
CA MET C 260 13.31 25.95 2.58
C MET C 260 13.27 27.01 1.50
N GLY C 261 13.34 26.59 0.24
CA GLY C 261 13.26 27.53 -0.86
C GLY C 261 12.08 27.18 -1.74
N ILE C 262 11.35 28.21 -2.18
CA ILE C 262 10.19 27.98 -3.03
C ILE C 262 10.18 29.05 -4.10
N GLN C 263 9.49 28.76 -5.19
CA GLN C 263 9.26 29.72 -6.25
C GLN C 263 7.78 30.07 -6.22
N SER C 264 7.46 31.36 -6.18
CA SER C 264 6.07 31.75 -5.99
C SER C 264 5.62 32.96 -6.83
N GLU C 265 4.32 33.01 -7.13
CA GLU C 265 3.73 34.11 -7.87
C GLU C 265 2.74 34.95 -7.06
N VAL C 266 2.58 34.65 -5.77
CA VAL C 266 1.58 35.30 -4.92
C VAL C 266 2.22 36.01 -3.73
N GLN C 267 1.47 36.90 -3.10
CA GLN C 267 1.97 37.71 -1.98
C GLN C 267 2.39 36.92 -0.76
N VAL C 268 3.15 37.58 0.10
CA VAL C 268 3.58 37.01 1.38
C VAL C 268 2.58 37.42 2.43
N ASP C 269 2.32 36.53 3.37
CA ASP C 269 1.37 36.82 4.43
C ASP C 269 1.95 36.31 5.75
N ALA C 270 2.19 37.21 6.69
CA ALA C 270 2.87 36.84 7.92
C ALA C 270 1.86 36.52 9.01
N ASN C 271 0.61 36.36 8.61
CA ASN C 271 -0.48 36.12 9.55
C ASN C 271 -0.92 34.66 9.58
N CYS C 272 -0.76 33.97 8.44
CA CYS C 272 -1.14 32.55 8.38
C CYS C 272 0.11 31.67 8.47
N GLU C 273 -0.08 30.50 9.06
CA GLU C 273 1.01 29.59 9.33
C GLU C 273 0.89 28.40 8.40
N GLY C 274 1.94 28.09 7.67
CA GLY C 274 1.90 26.98 6.74
C GLY C 274 3.27 26.40 6.54
N ASP C 275 3.30 25.12 6.17
CA ASP C 275 4.57 24.41 6.00
C ASP C 275 4.59 23.74 4.64
N CYS C 276 3.57 24.01 3.83
CA CYS C 276 3.49 23.42 2.50
C CYS C 276 3.15 24.50 1.47
N TYR C 277 4.07 24.70 0.53
CA TYR C 277 4.00 25.85 -0.37
C TYR C 277 4.01 25.34 -1.80
N HIS C 278 3.37 26.07 -2.70
CA HIS C 278 3.63 25.89 -4.13
C HIS C 278 3.54 27.26 -4.77
N SER C 279 3.66 27.30 -6.10
CA SER C 279 3.77 28.58 -6.80
C SER C 279 2.53 29.42 -6.57
N GLY C 280 1.41 28.75 -6.30
CA GLY C 280 0.14 29.44 -6.20
C GLY C 280 -0.38 29.58 -4.77
N GLY C 281 0.48 29.35 -3.78
CA GLY C 281 0.10 29.61 -2.39
C GLY C 281 0.55 28.52 -1.42
N THR C 282 -0.22 28.38 -0.34
CA THR C 282 0.13 27.55 0.80
C THR C 282 -1.00 26.55 0.94
N ILE C 283 -0.66 25.30 1.25
CA ILE C 283 -1.67 24.31 1.60
C ILE C 283 -1.77 24.15 3.12
N ILE C 284 -2.85 24.66 3.70
CA ILE C 284 -3.02 24.60 5.15
C ILE C 284 -4.13 23.63 5.47
N SER C 285 -3.79 22.56 6.15
CA SER C 285 -4.70 21.44 6.28
C SER C 285 -4.08 20.38 7.16
N ASN C 286 -4.95 19.57 7.76
CA ASN C 286 -4.50 18.41 8.51
C ASN C 286 -4.68 17.09 7.76
N LEU C 287 -5.35 17.12 6.61
CA LEU C 287 -5.75 15.88 5.93
C LEU C 287 -4.50 15.20 5.43
N PRO C 288 -4.54 13.86 5.28
CA PRO C 288 -3.35 13.11 4.86
C PRO C 288 -2.94 13.30 3.40
N PHE C 289 -3.88 13.72 2.56
CA PHE C 289 -3.63 13.83 1.13
C PHE C 289 -4.08 15.20 0.63
N GLN C 290 -3.68 15.54 -0.58
CA GLN C 290 -4.01 16.82 -1.18
C GLN C 290 -4.06 16.65 -2.71
N ASN C 291 -4.98 17.38 -3.33
CA ASN C 291 -5.21 17.31 -4.78
C ASN C 291 -4.98 18.66 -5.45
N ILE C 292 -4.20 19.50 -4.81
CA ILE C 292 -4.06 20.89 -5.21
C ILE C 292 -2.93 21.09 -6.22
N ASN C 293 -1.74 20.62 -5.86
CA ASN C 293 -0.54 20.83 -6.67
C ASN C 293 0.42 19.67 -6.42
N SER C 294 0.78 18.97 -7.49
CA SER C 294 1.65 17.81 -7.38
C SER C 294 3.11 18.17 -7.05
N ARG C 295 3.46 19.43 -7.22
CA ARG C 295 4.81 19.91 -6.96
C ARG C 295 5.04 20.65 -5.62
N ALA C 296 4.00 20.76 -4.80
CA ALA C 296 4.14 21.28 -3.45
C ALA C 296 5.40 20.78 -2.75
N VAL C 297 6.02 21.65 -1.96
CA VAL C 297 7.18 21.26 -1.13
C VAL C 297 7.06 21.81 0.28
N GLY C 298 7.91 21.32 1.17
CA GLY C 298 7.74 21.54 2.59
C GLY C 298 7.21 20.27 3.25
N LYS C 299 6.35 20.45 4.26
CA LYS C 299 5.66 19.33 4.87
C LYS C 299 4.17 19.28 4.50
N CYS C 300 3.85 18.37 3.59
CA CYS C 300 2.60 18.41 2.81
C CYS C 300 1.78 17.14 3.01
N PRO C 301 0.44 17.26 2.94
CA PRO C 301 -0.27 16.02 2.61
C PRO C 301 0.23 15.43 1.29
N ARG C 302 0.21 14.10 1.15
CA ARG C 302 0.62 13.45 -0.09
C ARG C 302 -0.36 13.81 -1.20
N TYR C 303 0.17 14.04 -2.40
CA TYR C 303 -0.65 14.44 -3.54
C TYR C 303 -1.34 13.21 -4.10
N VAL C 304 -2.62 13.30 -4.44
CA VAL C 304 -3.31 12.20 -5.11
C VAL C 304 -4.13 12.62 -6.33
N LYS C 305 -4.45 11.64 -7.17
CA LYS C 305 -5.23 11.87 -8.39
C LYS C 305 -6.62 12.33 -8.00
N GLN C 306 -7.18 11.70 -6.97
CA GLN C 306 -8.61 11.80 -6.71
C GLN C 306 -8.93 13.17 -6.12
N GLU C 307 -10.08 13.73 -6.49
CA GLU C 307 -10.50 15.02 -5.97
C GLU C 307 -11.02 14.87 -4.55
N SER C 308 -11.62 13.71 -4.29
CA SER C 308 -12.25 13.43 -3.01
C SER C 308 -12.23 11.95 -2.65
N LEU C 309 -12.03 11.66 -1.36
CA LEU C 309 -12.18 10.32 -0.82
C LEU C 309 -12.80 10.45 0.57
N LEU C 310 -14.07 10.06 0.69
CA LEU C 310 -14.78 10.26 1.94
C LEU C 310 -14.60 9.08 2.90
N LEU C 311 -14.24 9.41 4.14
CA LEU C 311 -14.10 8.44 5.22
C LEU C 311 -15.34 8.41 6.10
N ALA C 312 -16.01 7.25 6.18
CA ALA C 312 -17.17 7.12 7.05
C ALA C 312 -16.81 7.39 8.53
N THR C 313 -17.57 8.27 9.17
CA THR C 313 -17.47 8.45 10.62
C THR C 313 -18.75 8.04 11.35
N GLY C 314 -19.75 7.58 10.59
CA GLY C 314 -21.03 7.18 11.14
C GLY C 314 -21.25 5.71 10.85
N MET C 315 -22.49 5.24 11.02
CA MET C 315 -22.79 3.85 10.70
C MET C 315 -23.55 3.75 9.38
N LYS C 316 -23.84 2.51 8.96
CA LYS C 316 -24.75 2.29 7.84
C LYS C 316 -26.02 3.06 8.14
N ASN C 317 -26.47 3.83 7.17
CA ASN C 317 -27.72 4.56 7.31
C ASN C 317 -28.93 3.92 6.66
N VAL C 318 -29.85 3.43 7.49
CA VAL C 318 -31.10 2.87 6.98
C VAL C 318 -32.27 3.73 7.48
N PRO C 319 -32.93 4.50 6.59
CA PRO C 319 -34.09 5.31 6.98
C PRO C 319 -35.43 4.62 6.74
N GLU C 320 -36.55 5.31 6.93
CA GLU C 320 -37.82 4.58 6.95
C GLU C 320 -38.04 4.09 5.52
N GLY D 1 -22.96 -5.22 7.30
CA GLY D 1 -23.72 -6.47 6.98
C GLY D 1 -23.12 -7.73 7.59
N LEU D 2 -21.97 -7.60 8.24
CA LEU D 2 -21.22 -8.77 8.69
C LEU D 2 -21.96 -9.60 9.74
N PHE D 3 -22.65 -8.93 10.64
CA PHE D 3 -23.18 -9.58 11.85
C PHE D 3 -24.69 -9.80 11.77
N GLY D 4 -25.35 -9.09 10.87
CA GLY D 4 -26.74 -9.35 10.56
C GLY D 4 -27.68 -8.35 11.20
N ALA D 5 -27.19 -7.57 12.16
CA ALA D 5 -28.01 -6.60 12.86
C ALA D 5 -28.49 -5.42 12.00
N ILE D 6 -27.59 -4.46 11.77
CA ILE D 6 -27.93 -3.25 11.01
C ILE D 6 -28.15 -3.55 9.53
N ALA D 7 -29.31 -3.12 9.02
CA ALA D 7 -29.71 -3.42 7.66
C ALA D 7 -29.85 -4.93 7.47
N GLY D 8 -29.99 -5.65 8.58
CA GLY D 8 -30.26 -7.07 8.56
C GLY D 8 -31.65 -7.37 9.10
N PHE D 9 -31.73 -7.82 10.34
CA PHE D 9 -33.00 -8.23 10.95
C PHE D 9 -33.67 -7.11 11.76
N ILE D 10 -32.89 -6.14 12.22
CA ILE D 10 -33.45 -4.83 12.53
C ILE D 10 -33.76 -4.18 11.19
N GLU D 11 -34.98 -3.66 11.08
CA GLU D 11 -35.52 -3.26 9.80
C GLU D 11 -34.99 -1.90 9.39
N ASN D 12 -34.76 -1.05 10.36
CA ASN D 12 -34.20 0.26 10.13
C ASN D 12 -33.83 0.99 11.42
N GLY D 13 -33.41 2.24 11.30
CA GLY D 13 -33.00 3.01 12.46
C GLY D 13 -34.01 4.11 12.77
N TRP D 14 -33.81 4.79 13.88
CA TRP D 14 -34.83 5.69 14.42
C TRP D 14 -34.40 7.14 14.35
N GLU D 15 -35.03 7.88 13.43
CA GLU D 15 -34.64 9.26 13.17
C GLU D 15 -35.01 10.18 14.33
N GLY D 16 -35.70 9.65 15.33
CA GLY D 16 -36.09 10.45 16.48
C GLY D 16 -35.09 10.31 17.61
N LEU D 17 -34.10 9.44 17.42
CA LEU D 17 -33.19 9.08 18.50
C LEU D 17 -31.95 9.97 18.40
N ILE D 18 -32.08 11.20 18.88
CA ILE D 18 -31.04 12.22 18.64
C ILE D 18 -29.81 11.91 19.46
N ASP D 19 -30.05 11.28 20.61
CA ASP D 19 -29.05 11.21 21.65
C ASP D 19 -28.30 9.90 21.74
N GLY D 20 -28.11 9.27 20.58
CA GLY D 20 -27.29 8.09 20.50
C GLY D 20 -27.28 7.38 19.17
N TRP D 21 -26.41 6.39 19.08
CA TRP D 21 -26.32 5.51 17.95
C TRP D 21 -27.20 4.30 18.22
N TYR D 22 -27.24 3.91 19.48
CA TYR D 22 -27.94 2.71 19.91
C TYR D 22 -28.85 3.05 21.09
N GLY D 23 -30.03 2.46 21.16
CA GLY D 23 -30.92 2.75 22.28
C GLY D 23 -32.10 1.81 22.41
N PHE D 24 -33.09 2.24 23.20
CA PHE D 24 -34.22 1.40 23.60
C PHE D 24 -35.56 2.09 23.34
N ARG D 25 -36.49 1.34 22.78
CA ARG D 25 -37.89 1.74 22.64
C ARG D 25 -38.79 0.66 23.24
N HIS D 26 -39.56 0.98 24.27
CA HIS D 26 -40.37 -0.02 24.98
C HIS D 26 -41.87 0.27 24.97
N GLN D 27 -42.66 -0.80 25.12
CA GLN D 27 -44.12 -0.70 25.23
C GLN D 27 -44.62 -1.56 26.38
N ASN D 28 -45.18 -0.91 27.40
CA ASN D 28 -45.77 -1.61 28.51
C ASN D 28 -47.10 -1.00 28.93
N ALA D 29 -47.58 -1.39 30.10
CA ALA D 29 -48.84 -0.91 30.62
C ALA D 29 -48.85 0.62 30.67
N GLN D 30 -47.83 1.17 31.30
CA GLN D 30 -47.82 2.60 31.60
C GLN D 30 -47.79 3.46 30.35
N GLY D 31 -46.81 3.20 29.49
CA GLY D 31 -46.65 3.97 28.29
C GLY D 31 -45.54 3.46 27.38
N GLU D 32 -45.08 4.35 26.52
CA GLU D 32 -44.02 4.06 25.57
C GLU D 32 -42.85 5.03 25.77
N GLY D 33 -41.64 4.49 25.86
CA GLY D 33 -40.48 5.27 26.25
C GLY D 33 -39.25 4.97 25.42
N THR D 34 -38.46 6.01 25.17
CA THR D 34 -37.24 5.86 24.37
C THR D 34 -36.03 6.50 25.06
N ALA D 35 -34.94 5.75 25.15
CA ALA D 35 -33.68 6.31 25.64
C ALA D 35 -32.47 5.60 25.08
N ALA D 36 -31.45 6.37 24.67
CA ALA D 36 -30.31 5.79 23.99
C ALA D 36 -29.23 5.28 24.96
N ASP D 37 -28.65 4.13 24.66
CA ASP D 37 -27.59 3.56 25.48
C ASP D 37 -26.27 4.31 25.36
N TYR D 38 -25.67 4.56 26.50
CA TYR D 38 -24.42 5.28 26.59
C TYR D 38 -23.24 4.35 26.37
N LYS D 39 -23.25 3.26 27.12
CA LYS D 39 -22.12 2.37 27.26
C LYS D 39 -21.63 1.85 25.90
N SER D 40 -22.54 1.58 24.96
CA SER D 40 -22.16 1.05 23.64
C SER D 40 -21.99 2.12 22.56
N THR D 41 -22.75 3.21 22.67
CA THR D 41 -22.54 4.40 21.83
C THR D 41 -21.14 4.96 21.99
N GLN D 42 -20.80 5.33 23.21
CA GLN D 42 -19.42 5.67 23.56
C GLN D 42 -18.44 4.69 22.95
N SER D 43 -18.75 3.41 23.01
CA SER D 43 -17.81 2.37 22.59
C SER D 43 -17.49 2.50 21.11
N ALA D 44 -18.51 2.63 20.29
CA ALA D 44 -18.32 2.77 18.85
C ALA D 44 -17.64 4.10 18.52
N ILE D 45 -18.27 5.20 18.92
CA ILE D 45 -17.67 6.52 18.75
C ILE D 45 -16.19 6.58 19.06
N ASP D 46 -15.78 5.89 20.12
CA ASP D 46 -14.40 5.94 20.56
C ASP D 46 -13.47 5.23 19.59
N GLN D 47 -14.01 4.23 18.91
CA GLN D 47 -13.25 3.47 17.92
C GLN D 47 -13.14 4.25 16.61
N ILE D 48 -14.19 5.02 16.31
CA ILE D 48 -14.14 5.92 15.16
C ILE D 48 -13.10 7.01 15.39
N THR D 49 -13.12 7.61 16.57
CA THR D 49 -12.18 8.67 16.90
C THR D 49 -10.75 8.14 16.87
N GLY D 50 -10.56 6.91 17.34
CA GLY D 50 -9.25 6.29 17.33
C GLY D 50 -8.73 6.00 15.94
N LYS D 51 -9.65 5.77 15.00
CA LYS D 51 -9.30 5.73 13.58
C LYS D 51 -8.85 7.08 13.06
N LEU D 52 -9.61 8.12 13.38
CA LEU D 52 -9.33 9.45 12.85
C LEU D 52 -7.95 9.92 13.31
N ASN D 53 -7.68 9.84 14.61
CA ASN D 53 -6.44 10.38 15.15
C ASN D 53 -5.20 9.77 14.47
N ARG D 54 -5.38 8.59 13.90
CA ARG D 54 -4.32 7.88 13.20
C ARG D 54 -4.03 8.40 11.79
N LEU D 55 -5.04 8.93 11.11
CA LEU D 55 -4.89 9.40 9.73
C LEU D 55 -4.66 10.89 9.61
N ILE D 56 -5.14 11.60 10.61
CA ILE D 56 -5.07 13.06 10.68
C ILE D 56 -3.81 13.57 11.32
N GLU D 57 -3.05 12.61 11.80
CA GLU D 57 -1.61 12.61 11.71
C GLU D 57 -1.05 13.56 10.65
N LYS D 58 0.05 14.23 11.00
CA LYS D 58 0.87 14.98 10.05
C LYS D 58 2.21 14.27 9.88
N THR D 59 2.56 13.96 8.64
CA THR D 59 3.92 13.56 8.30
C THR D 59 4.90 14.66 8.69
N ASN D 60 5.88 14.31 9.50
CA ASN D 60 6.95 15.26 9.84
C ASN D 60 8.03 15.29 8.77
N GLN D 61 7.69 14.84 7.57
CA GLN D 61 8.68 14.64 6.53
C GLN D 61 8.68 15.71 5.44
N GLN D 62 9.83 16.40 5.33
CA GLN D 62 10.01 17.57 4.47
C GLN D 62 10.58 17.21 3.10
N PHE D 63 10.08 17.85 2.04
CA PHE D 63 10.63 17.68 0.71
C PHE D 63 10.98 19.05 0.10
N GLU D 64 12.00 19.07 -0.76
CA GLU D 64 12.43 20.31 -1.40
C GLU D 64 12.22 20.25 -2.92
N LEU D 65 12.38 21.38 -3.62
CA LEU D 65 12.32 21.39 -5.09
C LEU D 65 13.51 20.62 -5.67
N ILE D 66 13.25 19.62 -6.50
CA ILE D 66 14.29 19.13 -7.42
C ILE D 66 14.09 19.70 -8.83
N ASP D 67 13.15 20.64 -8.96
CA ASP D 67 12.55 20.98 -10.26
C ASP D 67 12.63 22.48 -10.37
N ASN D 68 12.32 23.04 -11.54
CA ASN D 68 12.33 24.49 -11.71
C ASN D 68 11.22 24.97 -12.67
N GLU D 69 10.25 25.68 -12.11
CA GLU D 69 9.05 26.15 -12.82
C GLU D 69 9.29 27.40 -13.69
N PHE D 70 10.42 28.06 -13.47
CA PHE D 70 10.72 29.35 -14.10
C PHE D 70 11.70 29.25 -15.28
N THR D 71 12.89 28.70 -15.03
CA THR D 71 13.73 28.16 -16.11
C THR D 71 13.82 26.62 -15.99
N GLU D 72 13.11 25.95 -16.89
CA GLU D 72 13.09 24.51 -17.00
C GLU D 72 14.51 23.91 -16.88
N VAL D 73 14.67 22.81 -16.13
CA VAL D 73 15.93 22.04 -16.09
C VAL D 73 16.21 21.32 -17.42
N GLU D 74 17.45 20.83 -17.60
CA GLU D 74 17.80 20.09 -18.83
C GLU D 74 16.87 18.89 -19.01
N ARG D 75 16.66 18.49 -20.26
CA ARG D 75 15.44 17.78 -20.62
C ARG D 75 15.42 16.30 -20.20
N GLN D 76 16.59 15.66 -20.20
CA GLN D 76 16.69 14.23 -19.85
C GLN D 76 16.44 14.00 -18.37
N ILE D 77 17.09 14.82 -17.54
CA ILE D 77 16.88 14.75 -16.09
C ILE D 77 15.49 15.28 -15.75
N GLY D 78 15.00 16.22 -16.56
CA GLY D 78 13.61 16.64 -16.48
C GLY D 78 12.69 15.43 -16.63
N ASN D 79 12.98 14.58 -17.61
CA ASN D 79 12.15 13.40 -17.89
C ASN D 79 12.20 12.28 -16.84
N VAL D 80 13.36 12.09 -16.23
CA VAL D 80 13.46 11.14 -15.12
C VAL D 80 12.71 11.64 -13.88
N ILE D 81 12.93 12.90 -13.49
CA ILE D 81 12.17 13.50 -12.39
C ILE D 81 10.66 13.38 -12.56
N ASN D 82 10.14 13.78 -13.71
CA ASN D 82 8.70 13.70 -13.96
C ASN D 82 8.17 12.27 -13.88
N TRP D 83 8.95 11.31 -14.39
CA TRP D 83 8.52 9.90 -14.43
C TRP D 83 8.48 9.35 -12.98
N THR D 84 9.44 9.75 -12.16
CA THR D 84 9.46 9.34 -10.74
C THR D 84 8.29 9.93 -9.96
N ARG D 85 8.10 11.24 -10.09
CA ARG D 85 7.00 11.90 -9.42
C ARG D 85 5.62 11.35 -9.75
N ASP D 86 5.39 11.07 -11.03
CA ASP D 86 4.16 10.41 -11.46
C ASP D 86 4.00 8.99 -10.89
N SER D 87 5.08 8.20 -10.89
CA SER D 87 5.07 6.89 -10.25
C SER D 87 4.72 6.96 -8.76
N MET D 88 5.16 8.03 -8.10
CA MET D 88 4.77 8.23 -6.71
C MET D 88 3.30 8.58 -6.64
N THR D 89 2.84 9.39 -7.58
CA THR D 89 1.42 9.67 -7.65
C THR D 89 0.53 8.42 -7.81
N GLU D 90 0.97 7.47 -8.64
CA GLU D 90 0.30 6.16 -8.76
C GLU D 90 0.20 5.40 -7.45
N VAL D 91 1.35 5.25 -6.79
CA VAL D 91 1.40 4.52 -5.53
C VAL D 91 0.53 5.18 -4.47
N TRP D 92 0.66 6.48 -4.29
CA TRP D 92 -0.07 7.16 -3.23
C TRP D 92 -1.57 7.18 -3.49
N SER D 93 -1.96 7.36 -4.75
CA SER D 93 -3.38 7.38 -5.09
C SER D 93 -4.05 6.04 -4.81
N TYR D 94 -3.35 4.98 -5.15
CA TYR D 94 -3.79 3.62 -4.85
C TYR D 94 -3.89 3.44 -3.33
N ASN D 95 -2.85 3.86 -2.61
CA ASN D 95 -2.84 3.83 -1.15
C ASN D 95 -4.01 4.58 -0.54
N ALA D 96 -4.34 5.74 -1.12
CA ALA D 96 -5.38 6.60 -0.58
C ALA D 96 -6.73 5.92 -0.69
N GLU D 97 -7.05 5.43 -1.89
CA GLU D 97 -8.38 4.87 -2.16
C GLU D 97 -8.59 3.51 -1.47
N LEU D 98 -7.51 2.75 -1.35
CA LEU D 98 -7.53 1.46 -0.68
C LEU D 98 -7.74 1.69 0.81
N LEU D 99 -6.93 2.59 1.36
CA LEU D 99 -7.01 2.89 2.78
C LEU D 99 -8.41 3.33 3.15
N VAL D 100 -9.00 4.17 2.31
CA VAL D 100 -10.29 4.74 2.66
C VAL D 100 -11.44 3.74 2.54
N ALA D 101 -11.40 2.89 1.51
CA ALA D 101 -12.42 1.87 1.29
C ALA D 101 -12.42 0.86 2.42
N MET D 102 -11.22 0.47 2.84
CA MET D 102 -11.01 -0.54 3.86
C MET D 102 -11.46 0.00 5.23
N GLU D 103 -11.03 1.22 5.56
CA GLU D 103 -11.51 1.86 6.78
C GLU D 103 -13.03 1.93 6.81
N ASN D 104 -13.62 2.09 5.64
CA ASN D 104 -15.07 2.19 5.56
C ASN D 104 -15.81 0.88 5.81
N GLN D 105 -15.44 -0.17 5.08
CA GLN D 105 -15.84 -1.55 5.40
C GLN D 105 -15.80 -1.78 6.92
N HIS D 106 -14.64 -1.52 7.52
CA HIS D 106 -14.41 -1.82 8.92
C HIS D 106 -15.26 -0.96 9.84
N THR D 107 -15.54 0.27 9.42
CA THR D 107 -16.30 1.17 10.25
C THR D 107 -17.74 0.70 10.32
N ILE D 108 -18.29 0.36 9.16
CA ILE D 108 -19.65 -0.16 9.03
C ILE D 108 -19.87 -1.43 9.83
N ASP D 109 -18.91 -2.35 9.76
CA ASP D 109 -19.04 -3.62 10.45
C ASP D 109 -18.76 -3.45 11.93
N LEU D 110 -17.95 -2.43 12.25
CA LEU D 110 -17.78 -1.99 13.63
C LEU D 110 -19.13 -1.59 14.21
N ALA D 111 -19.98 -0.98 13.41
CA ALA D 111 -21.29 -0.56 13.89
C ALA D 111 -22.21 -1.75 14.06
N ASP D 112 -22.26 -2.59 13.02
CA ASP D 112 -23.03 -3.83 13.08
C ASP D 112 -22.68 -4.62 14.34
N SER D 113 -21.40 -4.61 14.69
CA SER D 113 -20.87 -5.46 15.76
C SER D 113 -21.39 -4.99 17.11
N GLU D 114 -21.53 -3.69 17.26
CA GLU D 114 -21.84 -3.11 18.56
C GLU D 114 -23.34 -3.19 18.83
N MET D 115 -24.15 -2.92 17.80
CA MET D 115 -25.57 -3.31 17.84
C MET D 115 -25.77 -4.74 18.32
N ASN D 116 -25.22 -5.67 17.55
CA ASN D 116 -25.38 -7.09 17.83
C ASN D 116 -24.60 -7.50 19.09
N LYS D 117 -24.06 -6.52 19.81
CA LYS D 117 -23.48 -6.76 21.13
C LYS D 117 -24.39 -6.18 22.20
N LEU D 118 -25.20 -5.21 21.81
CA LEU D 118 -26.22 -4.70 22.69
C LEU D 118 -27.30 -5.75 22.84
N TYR D 119 -27.93 -6.05 21.71
CA TYR D 119 -28.80 -7.21 21.61
C TYR D 119 -28.37 -8.38 22.48
N GLU D 120 -27.34 -9.12 22.07
CA GLU D 120 -27.01 -10.40 22.69
C GLU D 120 -26.81 -10.31 24.21
N ARG D 121 -26.53 -9.10 24.68
CA ARG D 121 -26.34 -8.85 26.11
C ARG D 121 -27.65 -8.78 26.86
N VAL D 122 -28.55 -7.95 26.34
CA VAL D 122 -29.89 -7.84 26.91
C VAL D 122 -30.54 -9.23 26.95
N LYS D 123 -30.54 -9.90 25.80
CA LYS D 123 -30.93 -11.31 25.72
C LYS D 123 -30.38 -12.12 26.89
N ARG D 124 -29.06 -12.04 27.12
CA ARG D 124 -28.43 -12.79 28.21
C ARG D 124 -28.99 -12.40 29.59
N GLN D 125 -29.27 -11.13 29.79
CA GLN D 125 -29.84 -10.63 31.04
C GLN D 125 -31.15 -11.34 31.34
N LEU D 126 -32.03 -11.40 30.35
CA LEU D 126 -33.41 -11.81 30.59
C LEU D 126 -33.61 -13.32 30.74
N ARG D 127 -32.55 -14.10 30.55
CA ARG D 127 -32.58 -15.56 30.76
C ARG D 127 -33.74 -16.27 30.05
N GLU D 128 -34.78 -16.65 30.79
CA GLU D 128 -35.85 -17.47 30.24
C GLU D 128 -37.20 -16.76 30.32
N ASN D 129 -37.17 -15.48 30.65
CA ASN D 129 -38.39 -14.70 30.87
C ASN D 129 -38.94 -13.92 29.65
N ALA D 130 -38.37 -14.15 28.47
CA ALA D 130 -38.81 -13.44 27.27
C ALA D 130 -38.34 -14.15 26.01
N GLU D 131 -38.70 -13.63 24.84
CA GLU D 131 -38.39 -14.35 23.60
C GLU D 131 -37.90 -13.45 22.44
N GLU D 132 -36.99 -14.01 21.66
CA GLU D 132 -36.58 -13.40 20.39
C GLU D 132 -37.70 -13.50 19.35
N ASP D 133 -38.34 -12.38 19.04
CA ASP D 133 -39.26 -12.34 17.90
C ASP D 133 -38.52 -12.23 16.57
N GLY D 134 -37.45 -11.44 16.54
CA GLY D 134 -36.50 -11.47 15.46
C GLY D 134 -36.46 -10.23 14.58
N THR D 135 -37.08 -9.17 15.04
CA THR D 135 -36.96 -7.86 14.40
C THR D 135 -36.19 -6.92 15.32
N GLY D 136 -35.41 -7.50 16.22
CA GLY D 136 -34.63 -6.73 17.18
C GLY D 136 -35.51 -6.35 18.35
N CYS D 137 -36.34 -7.29 18.76
CA CYS D 137 -37.31 -7.06 19.83
C CYS D 137 -37.39 -8.26 20.76
N PHE D 138 -37.74 -8.00 22.01
CA PHE D 138 -38.04 -9.04 22.98
C PHE D 138 -39.47 -8.90 23.50
N GLU D 139 -40.31 -9.86 23.16
CA GLU D 139 -41.62 -9.97 23.80
C GLU D 139 -41.46 -10.51 25.22
N ILE D 140 -41.80 -9.65 26.18
CA ILE D 140 -41.75 -9.99 27.60
C ILE D 140 -43.01 -10.74 28.00
N PHE D 141 -42.83 -11.88 28.64
CA PHE D 141 -43.95 -12.73 29.02
C PHE D 141 -44.38 -12.53 30.47
N HIS D 142 -44.08 -11.36 31.03
CA HIS D 142 -44.74 -10.90 32.24
C HIS D 142 -44.98 -9.40 32.17
N LYS D 143 -46.11 -8.98 32.72
CA LYS D 143 -46.37 -7.57 32.97
C LYS D 143 -45.15 -6.92 33.59
N CYS D 144 -44.80 -5.73 33.13
CA CYS D 144 -43.66 -5.01 33.68
C CYS D 144 -43.83 -3.50 33.59
N ASP D 145 -43.35 -2.81 34.62
CA ASP D 145 -43.55 -1.36 34.74
C ASP D 145 -42.28 -0.61 34.35
N ASP D 146 -42.37 0.71 34.40
CA ASP D 146 -41.33 1.56 33.83
C ASP D 146 -40.08 1.64 34.72
N ASP D 147 -40.14 1.11 35.93
CA ASP D 147 -38.94 1.00 36.77
C ASP D 147 -38.28 -0.36 36.56
N CYS D 148 -38.99 -1.25 35.88
CA CYS D 148 -38.44 -2.53 35.43
C CYS D 148 -37.64 -2.39 34.14
N MET D 149 -38.10 -1.49 33.28
CA MET D 149 -37.38 -1.15 32.07
C MET D 149 -36.00 -0.61 32.43
N ALA D 150 -35.99 0.42 33.27
CA ALA D 150 -34.75 1.06 33.68
C ALA D 150 -33.75 0.06 34.25
N SER D 151 -34.25 -1.00 34.89
CA SER D 151 -33.37 -2.00 35.49
C SER D 151 -32.78 -2.92 34.43
N ILE D 152 -33.49 -3.07 33.32
CA ILE D 152 -32.86 -3.67 32.15
C ILE D 152 -31.78 -2.77 31.55
N ARG D 153 -32.14 -1.51 31.34
CA ARG D 153 -31.23 -0.52 30.76
C ARG D 153 -29.88 -0.44 31.49
N ASN D 154 -29.90 0.03 32.74
CA ASN D 154 -28.66 0.14 33.51
C ASN D 154 -28.24 -1.20 34.15
N ASN D 155 -28.77 -2.29 33.61
CA ASN D 155 -28.24 -3.62 33.84
C ASN D 155 -28.30 -4.11 35.29
N THR D 156 -29.51 -4.10 35.85
CA THR D 156 -29.75 -4.62 37.20
C THR D 156 -30.93 -5.60 37.29
N TYR D 157 -31.71 -5.70 36.22
CA TYR D 157 -32.88 -6.56 36.19
C TYR D 157 -32.59 -7.98 36.68
N ASP D 158 -33.23 -8.38 37.78
CA ASP D 158 -33.10 -9.74 38.28
C ASP D 158 -34.13 -10.67 37.64
N HIS D 159 -33.65 -11.83 37.20
CA HIS D 159 -34.51 -12.80 36.51
C HIS D 159 -35.31 -13.65 37.50
N SER D 160 -34.60 -14.29 38.44
CA SER D 160 -35.25 -15.23 39.37
C SER D 160 -36.22 -14.53 40.33
N LYS D 161 -36.55 -13.28 40.03
CA LYS D 161 -37.64 -12.60 40.72
C LYS D 161 -38.95 -12.75 39.97
N TYR D 162 -38.87 -12.85 38.65
CA TYR D 162 -40.05 -12.93 37.80
C TYR D 162 -40.14 -14.26 37.07
N ARG D 163 -39.27 -15.20 37.45
CA ARG D 163 -39.12 -16.44 36.70
C ARG D 163 -40.44 -17.19 36.56
N GLU D 164 -40.92 -17.79 37.64
CA GLU D 164 -42.15 -18.60 37.60
C GLU D 164 -43.27 -17.87 36.86
N GLU D 165 -43.52 -16.63 37.26
CA GLU D 165 -44.55 -15.79 36.67
C GLU D 165 -44.53 -15.91 35.15
N ALA D 166 -43.36 -15.66 34.56
CA ALA D 166 -43.30 -15.50 33.12
C ALA D 166 -43.21 -16.85 32.43
N ILE D 167 -43.13 -17.92 33.22
CA ILE D 167 -42.84 -19.22 32.63
C ILE D 167 -44.09 -20.03 32.38
N GLN D 168 -44.99 -20.01 33.35
CA GLN D 168 -46.33 -20.57 33.17
C GLN D 168 -47.02 -19.77 32.04
N ASN D 169 -46.77 -18.44 32.04
CA ASN D 169 -47.29 -17.49 31.02
C ASN D 169 -46.69 -17.66 29.58
N ARG D 170 -46.12 -18.82 29.31
CA ARG D 170 -45.62 -19.22 27.99
C ARG D 170 -46.22 -20.58 27.67
N ILE D 171 -47.14 -21.02 28.54
CA ILE D 171 -48.07 -22.07 28.21
C ILE D 171 -49.48 -21.58 28.56
N GLY E 4 -26.86 -25.18 42.93
CA GLY E 4 -26.73 -25.71 41.59
C GLY E 4 -25.28 -25.69 41.13
N ASP E 5 -24.96 -26.50 40.13
CA ASP E 5 -23.60 -26.57 39.62
C ASP E 5 -23.41 -25.77 38.33
N LYS E 6 -22.15 -25.66 37.88
CA LYS E 6 -21.81 -24.77 36.76
C LYS E 6 -20.49 -25.16 36.09
N ILE E 7 -20.35 -24.86 34.81
CA ILE E 7 -19.06 -24.92 34.12
C ILE E 7 -18.75 -23.61 33.38
N CYS E 8 -17.51 -23.16 33.46
CA CYS E 8 -17.11 -21.87 32.88
C CYS E 8 -15.87 -21.97 31.99
N LEU E 9 -16.03 -21.50 30.77
CA LEU E 9 -14.91 -21.36 29.82
C LEU E 9 -14.31 -19.95 29.89
N GLY E 10 -13.04 -19.82 29.55
CA GLY E 10 -12.33 -18.56 29.70
C GLY E 10 -10.94 -18.58 29.10
N HIS E 11 -10.34 -17.41 28.97
CA HIS E 11 -9.08 -17.29 28.24
C HIS E 11 -7.97 -17.01 29.22
N HIS E 12 -6.72 -17.11 28.76
CA HIS E 12 -5.59 -16.89 29.65
C HIS E 12 -5.24 -15.40 29.73
N ALA E 13 -4.29 -15.07 30.60
CA ALA E 13 -3.89 -13.69 30.80
C ALA E 13 -2.56 -13.65 31.54
N VAL E 14 -1.80 -12.59 31.31
CA VAL E 14 -0.54 -12.40 32.00
C VAL E 14 -0.60 -11.08 32.74
N SER E 15 0.25 -10.93 33.74
CA SER E 15 0.13 -9.83 34.68
C SER E 15 0.68 -8.53 34.11
N ASN E 16 1.77 -8.65 33.36
CA ASN E 16 2.32 -7.54 32.60
C ASN E 16 2.50 -7.93 31.13
N GLY E 17 1.60 -7.46 30.28
CA GLY E 17 1.68 -7.71 28.85
C GLY E 17 2.37 -6.56 28.14
N THR E 18 2.36 -6.61 26.81
CA THR E 18 3.03 -5.57 26.01
C THR E 18 2.04 -4.72 25.22
N LYS E 19 2.29 -3.41 25.17
CA LYS E 19 1.47 -2.50 24.37
C LYS E 19 1.72 -2.58 22.87
N VAL E 20 0.65 -2.66 22.08
CA VAL E 20 0.77 -2.55 20.63
C VAL E 20 -0.16 -1.48 20.08
N ASN E 21 -0.20 -1.31 18.77
CA ASN E 21 -1.12 -0.37 18.13
C ASN E 21 -2.07 -1.06 17.17
N THR E 22 -3.26 -0.51 17.03
CA THR E 22 -4.28 -1.06 16.14
C THR E 22 -4.86 0.00 15.20
N LEU E 23 -5.71 -0.46 14.29
CA LEU E 23 -6.49 0.44 13.43
C LEU E 23 -7.24 1.47 14.25
N THR E 24 -7.48 1.12 15.51
CA THR E 24 -8.65 1.59 16.26
C THR E 24 -8.22 2.24 17.58
N GLU E 25 -7.11 1.78 18.13
CA GLU E 25 -6.66 2.20 19.45
C GLU E 25 -5.14 2.24 19.48
N ARG E 26 -4.58 3.01 20.39
CA ARG E 26 -3.13 3.05 20.57
C ARG E 26 -2.72 2.48 21.92
N GLY E 27 -1.62 1.72 21.93
CA GLY E 27 -1.13 1.11 23.15
C GLY E 27 -2.16 0.23 23.83
N VAL E 28 -2.67 -0.74 23.08
CA VAL E 28 -3.53 -1.78 23.66
C VAL E 28 -2.71 -3.00 24.06
N GLU E 29 -2.75 -3.35 25.35
CA GLU E 29 -1.94 -4.45 25.89
C GLU E 29 -2.43 -5.80 25.38
N VAL E 30 -1.48 -6.61 24.91
CA VAL E 30 -1.73 -7.99 24.54
C VAL E 30 -0.78 -8.93 25.28
N VAL E 31 -1.06 -10.23 25.18
CA VAL E 31 -0.35 -11.24 25.96
C VAL E 31 1.13 -11.35 25.57
N ASN E 32 1.37 -11.63 24.29
CA ASN E 32 2.72 -11.73 23.75
C ASN E 32 2.80 -11.02 22.39
N ALA E 33 3.86 -10.26 22.16
CA ALA E 33 4.09 -9.58 20.89
C ALA E 33 5.55 -9.71 20.46
N THR E 34 5.84 -9.43 19.19
CA THR E 34 7.18 -9.64 18.61
C THR E 34 7.66 -8.49 17.74
N GLU E 35 8.97 -8.26 17.70
CA GLU E 35 9.48 -7.09 16.99
C GLU E 35 9.60 -7.33 15.48
N THR E 36 9.48 -6.25 14.72
CA THR E 36 9.32 -6.35 13.28
C THR E 36 10.31 -5.45 12.55
N VAL E 37 10.91 -4.49 13.27
CA VAL E 37 11.95 -3.62 12.74
C VAL E 37 13.32 -3.96 13.29
N GLU E 38 14.27 -4.25 12.40
CA GLU E 38 15.61 -4.51 12.87
C GLU E 38 16.31 -3.25 13.38
N ARG E 39 16.77 -3.31 14.62
CA ARG E 39 17.52 -2.19 15.21
C ARG E 39 18.97 -2.56 15.51
N THR E 40 19.34 -3.82 15.29
CA THR E 40 20.65 -4.32 15.74
C THR E 40 21.65 -4.49 14.60
N ASN E 41 22.75 -3.75 14.70
CA ASN E 41 23.83 -3.79 13.72
C ASN E 41 24.93 -4.77 14.12
N VAL E 42 25.58 -5.41 13.14
CA VAL E 42 26.81 -6.16 13.38
C VAL E 42 28.02 -5.43 12.80
N PRO E 43 28.86 -4.84 13.67
CA PRO E 43 29.87 -3.85 13.24
C PRO E 43 31.07 -4.48 12.53
N ARG E 44 30.79 -5.34 11.55
CA ARG E 44 31.83 -6.04 10.81
C ARG E 44 31.24 -6.38 9.46
N ILE E 45 32.07 -6.69 8.48
CA ILE E 45 31.58 -7.13 7.17
C ILE E 45 31.58 -8.65 7.13
N CYS E 46 30.39 -9.24 7.12
CA CYS E 46 30.27 -10.70 7.22
C CYS E 46 30.35 -11.36 5.85
N SER E 47 31.48 -12.02 5.63
CA SER E 47 31.88 -12.50 4.31
C SER E 47 31.98 -14.02 4.27
N LYS E 48 31.48 -14.71 5.29
CA LYS E 48 31.56 -16.16 5.31
C LYS E 48 31.10 -16.77 3.99
N GLY E 49 31.94 -17.63 3.44
CA GLY E 49 31.58 -18.39 2.25
C GLY E 49 31.65 -17.59 0.95
N LYS E 50 32.07 -16.33 1.04
CA LYS E 50 32.16 -15.45 -0.11
C LYS E 50 33.60 -15.10 -0.45
N ARG E 51 33.87 -15.02 -1.75
CA ARG E 51 35.20 -14.69 -2.25
C ARG E 51 35.35 -13.20 -2.05
N THR E 52 36.18 -12.80 -1.09
CA THR E 52 36.22 -11.39 -0.75
C THR E 52 37.50 -10.76 -1.26
N VAL E 53 37.37 -9.58 -1.85
CA VAL E 53 38.54 -8.78 -2.17
C VAL E 53 38.39 -7.43 -1.52
N ASP E 54 39.27 -7.16 -0.56
CA ASP E 54 39.25 -5.90 0.15
C ASP E 54 40.33 -5.02 -0.46
N LEU E 55 39.93 -3.91 -1.08
CA LEU E 55 40.79 -3.19 -2.01
C LEU E 55 41.86 -2.37 -1.30
N GLY E 56 41.70 -2.15 0.00
CA GLY E 56 42.72 -1.50 0.80
C GLY E 56 43.13 -0.14 0.27
N GLN E 57 44.43 0.05 0.04
CA GLN E 57 44.94 1.30 -0.53
C GLN E 57 44.67 1.45 -2.03
N CYS E 58 44.26 0.37 -2.68
CA CYS E 58 43.90 0.41 -4.09
C CYS E 58 42.48 0.90 -4.34
N GLY E 59 42.32 1.83 -5.26
CA GLY E 59 41.01 2.33 -5.63
C GLY E 59 40.41 1.47 -6.74
N LEU E 60 39.10 1.26 -6.70
CA LEU E 60 38.43 0.37 -7.67
C LEU E 60 38.85 0.68 -9.11
N LEU E 61 38.87 1.96 -9.47
CA LEU E 61 39.19 2.32 -10.84
C LEU E 61 40.67 2.05 -11.14
N GLY E 62 41.49 2.04 -10.09
CA GLY E 62 42.88 1.65 -10.22
C GLY E 62 43.09 0.25 -10.74
N THR E 63 42.12 -0.62 -10.51
CA THR E 63 42.28 -2.03 -10.88
C THR E 63 42.37 -2.12 -12.40
N ILE E 64 41.85 -1.11 -13.09
CA ILE E 64 41.82 -1.10 -14.55
C ILE E 64 43.12 -0.61 -15.19
N THR E 65 43.68 0.46 -14.63
CA THR E 65 44.83 1.16 -15.22
C THR E 65 46.14 0.69 -14.58
N GLY E 66 46.12 0.49 -13.26
CA GLY E 66 47.20 -0.23 -12.61
C GLY E 66 48.35 0.61 -12.08
N PRO E 67 48.05 1.54 -11.15
CA PRO E 67 49.12 2.23 -10.41
C PRO E 67 49.75 1.28 -9.41
N PRO E 68 50.96 1.59 -8.93
CA PRO E 68 51.68 0.61 -8.08
C PRO E 68 50.88 -0.02 -6.91
N GLN E 69 50.09 0.80 -6.22
CA GLN E 69 49.36 0.30 -5.04
C GLN E 69 48.36 -0.79 -5.39
N CYS E 70 48.01 -0.90 -6.67
CA CYS E 70 46.93 -1.76 -7.15
C CYS E 70 47.48 -3.00 -7.86
N ASP E 71 48.80 -3.16 -7.80
CA ASP E 71 49.48 -4.26 -8.47
C ASP E 71 48.93 -5.66 -8.17
N GLN E 72 48.50 -5.89 -6.93
CA GLN E 72 47.89 -7.17 -6.56
C GLN E 72 46.44 -7.41 -6.99
N PHE E 73 45.88 -6.44 -7.71
CA PHE E 73 44.46 -6.48 -8.06
C PHE E 73 44.21 -6.32 -9.56
N LEU E 74 45.27 -6.39 -10.37
CA LEU E 74 45.07 -6.27 -11.81
C LEU E 74 44.18 -7.38 -12.37
N GLU E 75 44.10 -8.50 -11.66
CA GLU E 75 43.42 -9.68 -12.19
C GLU E 75 42.59 -10.47 -11.15
N PHE E 76 41.91 -9.79 -10.23
CA PHE E 76 41.26 -10.48 -9.10
C PHE E 76 39.90 -11.12 -9.45
N SER E 77 39.36 -11.90 -8.51
CA SER E 77 38.05 -12.53 -8.63
C SER E 77 37.26 -12.29 -7.34
N ALA E 78 36.00 -11.85 -7.45
CA ALA E 78 35.20 -11.66 -6.24
C ALA E 78 33.68 -11.77 -6.38
N ASP E 79 33.03 -12.22 -5.31
CA ASP E 79 31.58 -12.07 -5.14
C ASP E 79 31.29 -10.73 -4.45
N LEU E 80 32.25 -10.29 -3.62
CA LEU E 80 32.06 -9.13 -2.77
C LEU E 80 33.33 -8.26 -2.78
N ILE E 81 33.18 -7.01 -3.21
CA ILE E 81 34.28 -6.08 -3.40
C ILE E 81 34.17 -4.98 -2.36
N ILE E 82 35.23 -4.74 -1.60
CA ILE E 82 35.18 -3.77 -0.51
C ILE E 82 36.11 -2.57 -0.77
N GLU E 83 35.52 -1.39 -0.93
CA GLU E 83 36.30 -0.17 -1.13
C GLU E 83 36.59 0.45 0.23
N ARG E 84 37.74 1.09 0.36
CA ARG E 84 38.08 1.76 1.60
C ARG E 84 38.23 3.23 1.30
N ARG E 85 38.02 4.04 2.33
CA ARG E 85 38.21 5.49 2.25
C ARG E 85 39.66 5.90 1.89
N GLU E 86 40.65 5.11 2.31
CA GLU E 86 42.04 5.41 1.95
C GLU E 86 42.42 5.07 0.50
N GLY E 87 41.49 4.47 -0.24
CA GLY E 87 41.76 3.98 -1.59
C GLY E 87 42.06 5.08 -2.60
N SER E 88 43.09 4.87 -3.43
CA SER E 88 43.48 5.87 -4.42
C SER E 88 43.58 5.27 -5.83
N ASP E 89 42.93 5.94 -6.79
CA ASP E 89 42.85 5.42 -8.15
C ASP E 89 44.09 5.73 -8.99
N VAL E 90 44.96 6.59 -8.47
CA VAL E 90 45.85 7.39 -9.31
C VAL E 90 47.24 7.56 -8.67
N CYS E 91 48.30 7.45 -9.47
CA CYS E 91 49.64 7.84 -9.04
C CYS E 91 50.02 9.22 -9.60
N TYR E 92 50.09 9.29 -10.93
CA TYR E 92 50.31 10.55 -11.64
C TYR E 92 49.00 11.31 -11.63
N PRO E 93 49.05 12.59 -11.26
CA PRO E 93 47.76 13.27 -11.05
C PRO E 93 46.85 13.28 -12.27
N GLY E 94 45.55 13.28 -12.02
CA GLY E 94 44.58 13.11 -13.07
C GLY E 94 43.29 12.53 -12.54
N LYS E 95 42.32 12.37 -13.43
CA LYS E 95 40.99 11.90 -12.99
C LYS E 95 40.33 10.99 -14.02
N PHE E 96 39.27 10.29 -13.62
CA PHE E 96 38.48 9.53 -14.58
C PHE E 96 37.25 10.37 -14.95
N VAL E 97 36.98 10.51 -16.25
CA VAL E 97 35.76 11.19 -16.67
C VAL E 97 34.61 10.21 -16.57
N ASN E 98 33.55 10.59 -15.86
CA ASN E 98 32.42 9.69 -15.64
C ASN E 98 32.82 8.58 -14.69
N GLU E 99 33.48 8.95 -13.58
CA GLU E 99 34.10 7.95 -12.72
C GLU E 99 33.03 7.07 -12.07
N GLU E 100 31.90 7.66 -11.67
CA GLU E 100 30.87 6.93 -10.92
C GLU E 100 30.18 5.81 -11.72
N ALA E 101 29.90 6.06 -13.00
CA ALA E 101 29.36 5.01 -13.85
C ALA E 101 30.33 3.84 -13.91
N LEU E 102 31.61 4.16 -13.98
CA LEU E 102 32.66 3.15 -14.07
C LEU E 102 32.84 2.33 -12.80
N ARG E 103 32.78 3.01 -11.65
CA ARG E 103 32.79 2.32 -10.38
C ARG E 103 31.64 1.34 -10.29
N GLN E 104 30.44 1.80 -10.66
CA GLN E 104 29.26 0.96 -10.55
C GLN E 104 29.39 -0.28 -11.42
N ILE E 105 29.95 -0.12 -12.63
CA ILE E 105 30.20 -1.27 -13.49
C ILE E 105 31.18 -2.23 -12.82
N LEU E 106 32.22 -1.71 -12.19
CA LEU E 106 33.30 -2.54 -11.67
C LEU E 106 32.87 -3.31 -10.41
N ARG E 107 32.05 -2.66 -9.58
CA ARG E 107 31.54 -3.25 -8.35
C ARG E 107 30.72 -4.50 -8.58
N GLU E 108 30.00 -4.53 -9.70
CA GLU E 108 29.08 -5.62 -9.96
C GLU E 108 29.72 -6.60 -10.94
N SER E 109 31.04 -6.50 -11.09
CA SER E 109 31.69 -7.13 -12.23
C SER E 109 32.03 -8.60 -11.98
N GLY E 110 32.21 -8.98 -10.73
CA GLY E 110 32.68 -10.31 -10.44
C GLY E 110 34.18 -10.41 -10.60
N GLY E 111 34.82 -9.24 -10.69
CA GLY E 111 36.25 -9.14 -10.95
C GLY E 111 36.51 -9.00 -12.45
N ILE E 112 37.77 -8.81 -12.82
CA ILE E 112 38.13 -8.55 -14.22
C ILE E 112 39.20 -9.54 -14.68
N ASP E 113 39.19 -9.85 -15.97
CA ASP E 113 40.18 -10.71 -16.58
C ASP E 113 40.79 -9.92 -17.73
N LYS E 114 42.12 -9.85 -17.79
CA LYS E 114 42.77 -8.93 -18.73
C LYS E 114 43.25 -9.66 -19.98
N GLU E 115 43.05 -9.03 -21.14
CA GLU E 115 43.60 -9.53 -22.39
C GLU E 115 44.37 -8.46 -23.16
N THR E 116 45.50 -8.85 -23.75
CA THR E 116 46.28 -7.92 -24.54
C THR E 116 45.45 -7.40 -25.73
N MET E 117 45.63 -6.12 -26.07
CA MET E 117 44.97 -5.52 -27.23
C MET E 117 45.77 -5.67 -28.52
N GLY E 118 46.98 -6.22 -28.39
CA GLY E 118 47.77 -6.56 -29.56
C GLY E 118 48.30 -5.37 -30.33
N PHE E 119 48.46 -4.24 -29.66
CA PHE E 119 49.11 -3.09 -30.28
C PHE E 119 50.61 -3.28 -30.29
N THR E 120 51.23 -2.95 -31.41
CA THR E 120 52.66 -2.73 -31.46
C THR E 120 52.91 -1.40 -32.16
N TYR E 121 54.13 -0.85 -32.03
CA TYR E 121 54.36 0.55 -32.38
C TYR E 121 55.69 0.67 -33.11
N SER E 122 55.70 1.50 -34.16
CA SER E 122 56.91 1.72 -34.94
C SER E 122 57.35 3.18 -34.87
N GLY E 123 58.64 3.37 -34.62
CA GLY E 123 59.27 4.68 -34.78
C GLY E 123 58.68 5.69 -33.81
N ILE E 124 58.24 5.19 -32.66
CA ILE E 124 58.04 6.01 -31.48
C ILE E 124 58.60 5.31 -30.23
N ARG E 125 58.68 6.04 -29.11
CA ARG E 125 58.92 5.37 -27.84
C ARG E 125 57.61 4.89 -27.23
N THR E 126 57.73 4.05 -26.21
CA THR E 126 56.61 3.25 -25.74
C THR E 126 56.71 3.19 -24.23
N ASN E 127 57.79 3.76 -23.68
CA ASN E 127 58.25 3.47 -22.33
C ASN E 127 58.40 4.73 -21.51
N GLY E 128 57.61 5.76 -21.80
CA GLY E 128 57.63 6.96 -20.99
C GLY E 128 57.23 6.61 -19.58
N THR E 129 57.98 7.12 -18.62
CA THR E 129 57.71 6.88 -17.21
C THR E 129 57.70 8.21 -16.45
N THR E 130 57.45 8.14 -15.14
CA THR E 130 57.39 9.33 -14.30
C THR E 130 57.75 8.94 -12.86
N SER E 131 58.41 9.83 -12.13
CA SER E 131 58.75 9.57 -10.74
C SER E 131 57.56 9.53 -9.78
N ALA E 132 56.34 9.76 -10.27
CA ALA E 132 55.16 9.71 -9.40
C ALA E 132 54.60 8.30 -9.21
N CYS E 133 54.89 7.39 -10.15
CA CYS E 133 54.59 5.97 -9.95
C CYS E 133 55.87 5.17 -9.72
N ARG E 134 56.17 4.97 -8.44
CA ARG E 134 57.43 4.38 -7.99
C ARG E 134 57.27 2.86 -7.91
N ARG E 135 58.05 2.14 -8.71
CA ARG E 135 58.19 0.70 -8.52
C ARG E 135 59.60 0.33 -8.07
N SER E 136 60.58 0.48 -8.96
CA SER E 136 61.95 0.70 -8.53
C SER E 136 62.57 1.84 -9.34
N GLY E 137 62.40 3.07 -8.86
CA GLY E 137 62.53 4.24 -9.71
C GLY E 137 61.30 4.44 -10.59
N SER E 138 61.39 5.44 -11.48
CA SER E 138 60.23 5.84 -12.27
C SER E 138 59.62 4.65 -13.01
N SER E 139 58.29 4.63 -13.05
CA SER E 139 57.52 3.60 -13.76
C SER E 139 56.28 4.25 -14.37
N PHE E 140 55.22 3.47 -14.60
CA PHE E 140 53.98 4.02 -15.14
C PHE E 140 52.81 3.08 -14.83
N TYR E 141 51.58 3.50 -15.12
CA TYR E 141 50.43 2.61 -15.07
C TYR E 141 50.74 1.28 -15.78
N ALA E 142 50.55 0.17 -15.07
CA ALA E 142 50.97 -1.14 -15.57
C ALA E 142 50.20 -1.62 -16.80
N GLU E 143 48.97 -1.15 -16.97
CA GLU E 143 48.14 -1.64 -18.06
C GLU E 143 48.14 -0.66 -19.24
N MET E 144 48.89 0.43 -19.11
CA MET E 144 48.92 1.52 -20.10
C MET E 144 50.36 1.65 -20.61
N LYS E 145 50.51 2.29 -21.77
CA LYS E 145 51.80 2.66 -22.33
C LYS E 145 51.79 4.18 -22.60
N TRP E 146 52.75 4.91 -22.05
CA TRP E 146 52.88 6.33 -22.33
C TRP E 146 53.61 6.55 -23.66
N LEU E 147 52.90 6.98 -24.70
CA LEU E 147 53.52 7.07 -26.03
C LEU E 147 54.20 8.43 -26.21
N LEU E 148 55.45 8.40 -26.66
CA LEU E 148 56.31 9.59 -26.76
C LEU E 148 56.96 9.64 -28.16
N SER E 149 57.25 10.83 -28.66
CA SER E 149 58.15 11.01 -29.81
C SER E 149 59.50 10.29 -29.64
N ASN E 150 60.15 9.94 -30.75
CA ASN E 150 61.44 9.23 -30.72
C ASN E 150 62.57 9.98 -30.03
N THR E 151 62.63 11.30 -30.21
CA THR E 151 63.57 12.12 -29.46
C THR E 151 62.88 13.41 -29.06
N ASP E 152 63.47 14.12 -28.11
CA ASP E 152 62.91 15.33 -27.57
C ASP E 152 62.69 16.34 -28.70
N ASN E 153 61.45 16.78 -28.84
CA ASN E 153 61.03 17.80 -29.82
C ASN E 153 60.59 17.19 -31.15
N ALA E 154 60.93 15.93 -31.40
CA ALA E 154 60.56 15.26 -32.64
C ALA E 154 59.06 15.21 -32.86
N ALA E 155 58.66 15.19 -34.13
CA ALA E 155 57.27 14.99 -34.54
C ALA E 155 56.78 13.59 -34.20
N PHE E 156 55.60 13.52 -33.58
CA PHE E 156 54.94 12.25 -33.31
C PHE E 156 54.08 11.94 -34.54
N PRO E 157 54.24 10.73 -35.12
CA PRO E 157 53.55 10.45 -36.39
C PRO E 157 52.04 10.36 -36.20
N GLN E 158 51.28 10.61 -37.26
CA GLN E 158 49.86 10.27 -37.23
C GLN E 158 49.72 8.75 -37.18
N MET E 159 49.17 8.26 -36.08
CA MET E 159 48.97 6.84 -35.88
C MET E 159 47.49 6.50 -35.84
N THR E 160 47.21 5.29 -36.29
CA THR E 160 45.92 4.65 -36.08
C THR E 160 46.16 3.26 -35.48
N LYS E 161 45.50 2.97 -34.37
CA LYS E 161 45.52 1.62 -33.81
C LYS E 161 44.10 1.18 -33.61
N SER E 162 43.78 -0.06 -33.99
CA SER E 162 42.43 -0.57 -33.79
C SER E 162 42.39 -1.96 -33.18
N TYR E 163 41.32 -2.22 -32.44
CA TYR E 163 41.15 -3.49 -31.74
C TYR E 163 39.72 -3.98 -31.91
N LYS E 164 39.60 -5.25 -32.29
CA LYS E 164 38.30 -5.86 -32.45
C LYS E 164 38.02 -6.76 -31.27
N ASN E 165 36.85 -6.60 -30.66
CA ASN E 165 36.45 -7.49 -29.59
C ASN E 165 35.92 -8.79 -30.19
N THR E 166 36.77 -9.81 -30.24
CA THR E 166 36.37 -11.10 -30.82
C THR E 166 35.80 -12.09 -29.80
N ARG E 167 35.90 -11.76 -28.51
CA ARG E 167 35.29 -12.59 -27.49
C ARG E 167 33.76 -12.42 -27.47
N LYS E 168 33.09 -13.20 -26.62
CA LYS E 168 31.63 -13.28 -26.63
C LYS E 168 30.98 -12.36 -25.58
N ASP E 169 31.79 -11.63 -24.82
CA ASP E 169 31.26 -10.72 -23.80
C ASP E 169 31.89 -9.33 -24.01
N PRO E 170 31.23 -8.27 -23.52
CA PRO E 170 31.70 -6.91 -23.84
C PRO E 170 33.06 -6.55 -23.20
N ALA E 171 33.88 -5.78 -23.91
CA ALA E 171 35.21 -5.45 -23.40
C ALA E 171 35.19 -3.99 -22.92
N LEU E 172 35.92 -3.73 -21.84
CA LEU E 172 36.08 -2.36 -21.31
C LEU E 172 37.42 -1.79 -21.77
N ILE E 173 37.39 -0.59 -22.36
CA ILE E 173 38.54 0.00 -23.03
C ILE E 173 38.86 1.34 -22.39
N ILE E 174 40.12 1.57 -22.05
CA ILE E 174 40.52 2.81 -21.40
C ILE E 174 41.63 3.45 -22.20
N TRP E 175 41.74 4.75 -22.09
CA TRP E 175 42.90 5.45 -22.64
C TRP E 175 42.97 6.78 -21.94
N GLY E 176 44.07 7.50 -22.07
CA GLY E 176 44.20 8.74 -21.36
C GLY E 176 44.67 9.82 -22.30
N ILE E 177 44.28 11.05 -21.98
CA ILE E 177 44.79 12.21 -22.66
C ILE E 177 45.73 12.91 -21.69
N HIS E 178 46.94 13.21 -22.14
CA HIS E 178 47.91 13.87 -21.27
C HIS E 178 47.94 15.39 -21.46
N HIS E 179 47.65 16.10 -20.38
CA HIS E 179 47.76 17.55 -20.37
C HIS E 179 49.08 17.94 -19.70
N SER E 180 50.09 18.29 -20.50
CA SER E 180 51.40 18.69 -20.00
C SER E 180 51.36 19.96 -19.16
N GLY E 181 52.35 20.12 -18.27
CA GLY E 181 52.38 21.22 -17.33
C GLY E 181 52.70 22.57 -17.97
N SER E 182 53.34 22.54 -19.13
CA SER E 182 53.61 23.75 -19.89
C SER E 182 53.50 23.39 -21.37
N THR E 183 53.27 24.38 -22.23
CA THR E 183 53.30 24.15 -23.68
C THR E 183 54.65 23.61 -24.13
N THR E 184 55.73 24.16 -23.58
CA THR E 184 57.07 23.66 -23.89
C THR E 184 57.12 22.15 -23.64
N GLU E 185 56.61 21.68 -22.52
CA GLU E 185 56.69 20.27 -22.16
C GLU E 185 55.92 19.42 -23.17
N GLN E 186 54.79 19.92 -23.65
CA GLN E 186 54.04 19.20 -24.68
C GLN E 186 54.86 19.00 -25.94
N THR E 187 55.38 20.08 -26.50
CA THR E 187 56.18 19.95 -27.72
C THR E 187 57.47 19.11 -27.53
N LYS E 188 58.05 19.15 -26.33
CA LYS E 188 59.22 18.31 -26.03
C LYS E 188 58.83 16.83 -26.12
N LEU E 189 57.72 16.47 -25.50
CA LEU E 189 57.25 15.08 -25.51
C LEU E 189 56.70 14.59 -26.87
N TYR E 190 55.95 15.44 -27.56
CA TYR E 190 55.12 15.02 -28.70
C TYR E 190 55.38 15.81 -30.00
N GLY E 191 56.32 16.75 -29.96
CA GLY E 191 56.53 17.67 -31.07
C GLY E 191 55.53 18.82 -31.06
N SER E 192 55.79 19.85 -31.87
CA SER E 192 55.01 21.08 -31.84
C SER E 192 53.76 20.97 -32.71
N GLY E 193 52.84 21.92 -32.56
CA GLY E 193 51.61 21.91 -33.34
C GLY E 193 50.42 21.35 -32.58
N ASN E 194 49.23 21.58 -33.11
CA ASN E 194 47.98 21.19 -32.48
C ASN E 194 47.88 19.67 -32.37
N LYS E 195 47.44 19.18 -31.21
CA LYS E 195 47.23 17.74 -31.01
C LYS E 195 45.74 17.38 -30.97
N LEU E 196 45.41 16.21 -31.51
CA LEU E 196 44.03 15.71 -31.56
C LEU E 196 44.03 14.20 -31.43
N ILE E 197 43.17 13.68 -30.56
CA ILE E 197 42.99 12.26 -30.39
C ILE E 197 41.53 12.02 -30.75
N THR E 198 41.25 11.04 -31.59
CA THR E 198 39.88 10.62 -31.81
C THR E 198 39.70 9.16 -31.49
N VAL E 199 38.49 8.81 -31.06
CA VAL E 199 38.18 7.46 -30.63
C VAL E 199 36.81 7.11 -31.17
N GLY E 200 36.72 6.04 -31.94
CA GLY E 200 35.48 5.68 -32.60
C GLY E 200 35.18 4.21 -32.41
N SER E 201 33.91 3.89 -32.23
CA SER E 201 33.40 2.57 -32.60
C SER E 201 32.01 2.78 -33.18
N SER E 202 31.22 1.71 -33.29
CA SER E 202 29.88 1.83 -33.87
C SER E 202 28.82 2.48 -32.98
N ASN E 203 29.10 2.63 -31.68
CA ASN E 203 28.14 3.24 -30.76
C ASN E 203 28.77 4.41 -30.01
N TYR E 204 29.99 4.78 -30.41
CA TYR E 204 30.80 5.81 -29.73
C TYR E 204 31.55 6.69 -30.74
N GLN E 205 31.69 7.98 -30.46
CA GLN E 205 32.44 8.88 -31.33
C GLN E 205 32.81 10.13 -30.55
N GLN E 206 34.10 10.28 -30.25
CA GLN E 206 34.53 11.49 -29.54
C GLN E 206 35.96 11.88 -29.93
N SER E 207 36.29 13.15 -29.77
CA SER E 207 37.64 13.65 -30.02
C SER E 207 38.11 14.48 -28.83
N PHE E 208 39.42 14.64 -28.67
CA PHE E 208 40.00 15.19 -27.46
C PHE E 208 41.17 16.08 -27.88
N VAL E 209 41.22 17.29 -27.33
CA VAL E 209 42.39 18.14 -27.50
C VAL E 209 43.02 18.39 -26.13
N PRO E 210 44.31 18.05 -25.98
CA PRO E 210 44.95 18.41 -24.71
C PRO E 210 45.00 19.92 -24.50
N SER E 211 45.10 20.35 -23.23
CA SER E 211 45.19 21.75 -22.86
C SER E 211 46.41 21.99 -21.98
N PRO E 212 47.60 22.08 -22.59
CA PRO E 212 48.82 22.24 -21.79
C PRO E 212 48.93 23.62 -21.13
N GLY E 213 49.61 23.70 -19.99
CA GLY E 213 49.67 24.91 -19.21
C GLY E 213 49.72 24.65 -17.70
N ALA E 214 49.86 25.71 -16.92
CA ALA E 214 50.34 25.58 -15.54
C ALA E 214 49.25 25.21 -14.53
N ARG E 215 49.45 24.08 -13.85
CA ARG E 215 48.67 23.68 -12.68
C ARG E 215 49.58 23.66 -11.45
N PRO E 216 49.01 23.78 -10.24
CA PRO E 216 49.89 23.54 -9.08
C PRO E 216 50.55 22.17 -9.16
N GLN E 217 51.64 21.93 -8.42
CA GLN E 217 52.20 20.58 -8.35
C GLN E 217 51.45 19.64 -7.40
N VAL E 218 51.09 18.48 -7.93
CA VAL E 218 50.56 17.36 -7.14
C VAL E 218 51.40 16.12 -7.40
N ASN E 219 51.86 15.46 -6.33
CA ASN E 219 52.89 14.43 -6.44
C ASN E 219 54.02 14.89 -7.35
N GLY E 220 54.46 16.13 -7.15
CA GLY E 220 55.58 16.67 -7.91
C GLY E 220 55.36 16.68 -9.42
N GLN E 221 54.12 16.80 -9.85
CA GLN E 221 53.82 16.91 -11.28
C GLN E 221 52.91 18.08 -11.62
N SER E 222 53.24 18.74 -12.73
CA SER E 222 52.49 19.88 -13.21
C SER E 222 51.54 19.46 -14.33
N GLY E 223 51.77 18.28 -14.90
CA GLY E 223 50.85 17.74 -15.89
C GLY E 223 49.73 16.96 -15.21
N ARG E 224 48.75 16.55 -15.99
CA ARG E 224 47.60 15.79 -15.49
C ARG E 224 47.30 14.72 -16.53
N ILE E 225 46.79 13.57 -16.12
CA ILE E 225 46.25 12.62 -17.08
C ILE E 225 44.75 12.45 -16.85
N ASP E 226 43.96 12.52 -17.91
CA ASP E 226 42.53 12.24 -17.78
C ASP E 226 42.20 10.93 -18.48
N PHE E 227 41.67 9.98 -17.72
CA PHE E 227 41.26 8.70 -18.26
C PHE E 227 39.82 8.75 -18.77
N HIS E 228 39.61 8.12 -19.92
CA HIS E 228 38.29 7.96 -20.47
C HIS E 228 38.12 6.47 -20.73
N TRP E 229 36.88 6.03 -20.86
CA TRP E 229 36.59 4.60 -20.98
C TRP E 229 35.37 4.39 -21.87
N LEU E 230 35.25 3.18 -22.42
CA LEU E 230 34.05 2.77 -23.14
C LEU E 230 33.79 1.26 -23.09
N ILE E 231 32.55 0.84 -23.33
CA ILE E 231 32.26 -0.58 -23.50
C ILE E 231 32.22 -0.98 -24.97
N LEU E 232 33.00 -1.99 -25.32
CA LEU E 232 33.07 -2.44 -26.71
C LEU E 232 32.25 -3.73 -26.80
N ASN E 233 31.20 -3.70 -27.63
CA ASN E 233 30.32 -4.86 -27.80
C ASN E 233 30.97 -5.98 -28.62
N PRO E 234 30.73 -7.24 -28.26
CA PRO E 234 31.26 -8.35 -29.08
C PRO E 234 31.21 -8.03 -30.58
N ASN E 235 32.37 -8.16 -31.25
CA ASN E 235 32.46 -8.07 -32.71
C ASN E 235 32.63 -6.64 -33.26
N ASP E 236 32.49 -5.64 -32.39
CA ASP E 236 32.77 -4.25 -32.73
C ASP E 236 34.26 -3.88 -32.59
N THR E 237 34.68 -2.75 -33.17
CA THR E 237 36.10 -2.35 -33.20
C THR E 237 36.25 -0.93 -32.66
N VAL E 238 37.24 -0.72 -31.78
CA VAL E 238 37.64 0.64 -31.41
C VAL E 238 38.76 1.04 -32.35
N THR E 239 38.75 2.30 -32.77
CA THR E 239 39.86 2.88 -33.50
C THR E 239 40.30 4.16 -32.78
N PHE E 240 41.58 4.23 -32.46
CA PHE E 240 42.20 5.41 -31.89
C PHE E 240 43.02 6.01 -33.00
N SER E 241 42.97 7.32 -33.16
CA SER E 241 43.91 7.99 -34.03
C SER E 241 44.47 9.20 -33.32
N PHE E 242 45.74 9.48 -33.52
CA PHE E 242 46.39 10.44 -32.63
C PHE E 242 47.79 10.77 -33.08
N ASN E 243 48.23 11.98 -32.77
CA ASN E 243 49.60 12.39 -33.05
C ASN E 243 50.26 12.93 -31.79
N GLY E 244 49.85 12.38 -30.65
CA GLY E 244 50.51 12.66 -29.38
C GLY E 244 49.52 12.96 -28.28
N ALA E 245 50.05 13.25 -27.09
CA ALA E 245 49.25 13.56 -25.92
C ALA E 245 48.29 12.41 -25.59
N PHE E 246 48.65 11.20 -26.00
CA PHE E 246 47.73 10.06 -25.93
C PHE E 246 48.35 8.93 -25.10
N ILE E 247 47.63 8.44 -24.09
CA ILE E 247 48.10 7.36 -23.23
C ILE E 247 47.33 6.09 -23.67
N ALA E 248 48.03 5.09 -24.21
CA ALA E 248 47.40 3.97 -24.92
C ALA E 248 47.18 2.81 -23.93
N LEU E 249 46.11 2.04 -24.05
CA LEU E 249 45.95 0.86 -23.18
C LEU E 249 46.87 -0.26 -23.70
N ASP E 250 47.49 -0.99 -22.79
CA ASP E 250 48.16 -2.21 -23.23
C ASP E 250 47.18 -3.40 -23.16
N ARG E 251 46.21 -3.35 -22.23
CA ARG E 251 45.27 -4.46 -22.04
C ARG E 251 43.81 -3.99 -21.91
N ALA E 252 42.89 -4.75 -22.52
CA ALA E 252 41.45 -4.56 -22.29
C ALA E 252 40.98 -5.40 -21.11
N SER E 253 39.88 -4.99 -20.48
CA SER E 253 39.29 -5.76 -19.39
C SER E 253 37.95 -6.40 -19.76
N PHE E 254 37.77 -7.66 -19.36
CA PHE E 254 36.48 -8.34 -19.48
C PHE E 254 35.91 -8.66 -18.10
N LEU E 255 34.62 -8.42 -17.91
CA LEU E 255 34.00 -8.69 -16.61
C LEU E 255 33.79 -10.21 -16.44
N ARG E 256 34.03 -10.70 -15.22
CA ARG E 256 34.08 -12.16 -14.97
C ARG E 256 32.73 -12.83 -14.70
N GLY E 257 31.80 -12.09 -14.13
CA GLY E 257 30.54 -12.65 -13.66
C GLY E 257 29.69 -11.63 -12.93
N LYS E 258 29.45 -11.89 -11.64
CA LYS E 258 28.52 -11.09 -10.87
C LYS E 258 29.09 -10.91 -9.49
N SER E 259 28.93 -9.72 -8.93
CA SER E 259 29.35 -9.44 -7.57
C SER E 259 28.57 -8.27 -6.98
N MET E 260 28.81 -8.03 -5.71
CA MET E 260 28.29 -6.88 -4.99
C MET E 260 29.49 -6.07 -4.58
N GLY E 261 29.35 -4.75 -4.60
CA GLY E 261 30.43 -3.87 -4.18
C GLY E 261 29.85 -2.99 -3.10
N ILE E 262 30.63 -2.77 -2.05
CA ILE E 262 30.19 -1.97 -0.94
C ILE E 262 31.35 -1.11 -0.50
N GLN E 263 31.03 -0.02 0.20
CA GLN E 263 32.04 0.82 0.80
C GLN E 263 31.98 0.67 2.31
N SER E 264 33.12 0.38 2.94
CA SER E 264 33.11 0.06 4.37
C SER E 264 34.28 0.65 5.16
N GLU E 265 34.02 0.87 6.45
CA GLU E 265 35.01 1.37 7.37
C GLU E 265 35.36 0.36 8.49
N VAL E 266 34.79 -0.85 8.41
CA VAL E 266 34.94 -1.85 9.47
C VAL E 266 35.57 -3.13 8.93
N GLN E 267 36.06 -3.96 9.86
CA GLN E 267 36.75 -5.20 9.53
C GLN E 267 35.90 -6.22 8.79
N VAL E 268 36.58 -7.18 8.16
CA VAL E 268 35.91 -8.29 7.47
C VAL E 268 35.85 -9.47 8.44
N ASP E 269 34.78 -10.25 8.38
CA ASP E 269 34.63 -11.39 9.26
C ASP E 269 34.09 -12.58 8.45
N ALA E 270 34.86 -13.65 8.36
CA ALA E 270 34.52 -14.78 7.49
C ALA E 270 33.76 -15.88 8.22
N ASN E 271 33.29 -15.56 9.41
CA ASN E 271 32.61 -16.50 10.29
C ASN E 271 31.08 -16.30 10.29
N CYS E 272 30.65 -15.07 10.05
CA CYS E 272 29.23 -14.73 10.01
C CYS E 272 28.70 -14.57 8.59
N GLU E 273 27.42 -14.91 8.40
CA GLU E 273 26.79 -14.93 7.10
C GLU E 273 25.79 -13.77 6.97
N GLY E 274 25.93 -12.95 5.93
CA GLY E 274 25.02 -11.82 5.73
C GLY E 274 24.88 -11.40 4.27
N ASP E 275 23.76 -10.76 3.95
CA ASP E 275 23.46 -10.37 2.58
C ASP E 275 23.09 -8.90 2.49
N CYS E 276 23.21 -8.18 3.61
CA CYS E 276 22.87 -6.76 3.65
C CYS E 276 23.97 -5.95 4.34
N TYR E 277 24.56 -5.01 3.60
CA TYR E 277 25.77 -4.35 4.05
C TYR E 277 25.57 -2.84 4.07
N HIS E 278 26.26 -2.15 4.98
CA HIS E 278 26.43 -0.71 4.88
C HIS E 278 27.83 -0.37 5.38
N SER E 279 28.17 0.91 5.44
CA SER E 279 29.54 1.30 5.72
C SER E 279 29.96 0.83 7.10
N GLY E 280 29.00 0.64 7.99
CA GLY E 280 29.31 0.30 9.36
C GLY E 280 29.00 -1.13 9.70
N GLY E 281 28.80 -1.98 8.69
CA GLY E 281 28.65 -3.40 8.93
C GLY E 281 27.54 -4.06 8.13
N THR E 282 26.99 -5.12 8.71
CA THR E 282 26.05 -6.02 8.04
C THR E 282 24.77 -6.03 8.85
N ILE E 283 23.63 -6.05 8.16
CA ILE E 283 22.35 -6.26 8.83
C ILE E 283 21.90 -7.71 8.67
N ILE E 284 21.96 -8.46 9.77
CA ILE E 284 21.61 -9.87 9.76
C ILE E 284 20.32 -10.07 10.52
N SER E 285 19.29 -10.53 9.83
CA SER E 285 17.95 -10.49 10.40
C SER E 285 16.94 -11.12 9.46
N ASN E 286 15.84 -11.59 10.03
CA ASN E 286 14.74 -12.06 9.21
C ASN E 286 13.60 -11.05 9.12
N LEU E 287 13.65 -9.97 9.92
CA LEU E 287 12.50 -9.08 10.04
C LEU E 287 12.33 -8.36 8.71
N PRO E 288 11.10 -7.95 8.39
CA PRO E 288 10.87 -7.32 7.09
C PRO E 288 11.46 -5.91 6.94
N PHE E 289 11.69 -5.23 8.06
CA PHE E 289 12.15 -3.85 8.00
C PHE E 289 13.35 -3.70 8.90
N GLN E 290 14.03 -2.58 8.74
CA GLN E 290 15.23 -2.27 9.49
C GLN E 290 15.30 -0.76 9.61
N ASN E 291 15.81 -0.30 10.74
CA ASN E 291 15.90 1.13 11.04
C ASN E 291 17.36 1.53 11.21
N ILE E 292 18.24 0.73 10.62
CA ILE E 292 19.67 0.84 10.85
C ILE E 292 20.33 1.81 9.86
N ASN E 293 20.13 1.56 8.57
CA ASN E 293 20.79 2.37 7.54
C ASN E 293 19.98 2.43 6.25
N SER E 294 19.62 3.63 5.81
CA SER E 294 18.81 3.74 4.59
C SER E 294 19.64 3.45 3.33
N ARG E 295 20.97 3.44 3.45
CA ARG E 295 21.85 3.17 2.30
C ARG E 295 22.41 1.75 2.22
N ALA E 296 22.06 0.92 3.20
CA ALA E 296 22.38 -0.50 3.15
C ALA E 296 22.14 -1.03 1.73
N VAL E 297 22.98 -1.95 1.27
CA VAL E 297 22.75 -2.60 -0.01
C VAL E 297 22.93 -4.11 0.06
N GLY E 298 22.52 -4.81 -0.98
CA GLY E 298 22.38 -6.26 -0.94
C GLY E 298 20.94 -6.71 -0.83
N LYS E 299 20.69 -7.78 -0.08
CA LYS E 299 19.32 -8.21 0.19
C LYS E 299 18.91 -7.93 1.64
N CYS E 300 18.11 -6.88 1.77
CA CYS E 300 17.91 -6.17 3.03
C CYS E 300 16.44 -6.12 3.44
N PRO E 301 16.16 -6.13 4.75
CA PRO E 301 14.85 -5.56 5.08
C PRO E 301 14.71 -4.13 4.56
N ARG E 302 13.48 -3.73 4.20
CA ARG E 302 13.19 -2.38 3.71
C ARG E 302 13.43 -1.37 4.84
N TYR E 303 13.98 -0.21 4.52
CA TYR E 303 14.29 0.79 5.53
C TYR E 303 13.01 1.54 5.90
N VAL E 304 12.81 1.79 7.19
CA VAL E 304 11.68 2.61 7.63
C VAL E 304 12.09 3.67 8.65
N LYS E 305 11.23 4.67 8.79
CA LYS E 305 11.44 5.79 9.71
C LYS E 305 11.45 5.29 11.16
N GLN E 306 10.53 4.38 11.46
CA GLN E 306 10.18 4.05 12.84
C GLN E 306 11.25 3.20 13.53
N GLU E 307 11.46 3.45 14.82
CA GLU E 307 12.42 2.67 15.59
C GLU E 307 11.84 1.32 15.94
N SER E 308 10.52 1.28 16.11
CA SER E 308 9.86 0.06 16.54
C SER E 308 8.43 -0.07 16.03
N LEU E 309 8.06 -1.30 15.67
CA LEU E 309 6.68 -1.64 15.34
C LEU E 309 6.39 -3.05 15.85
N LEU E 310 5.61 -3.16 16.92
CA LEU E 310 5.39 -4.47 17.52
C LEU E 310 4.17 -5.17 16.90
N LEU E 311 4.34 -6.42 16.50
CA LEU E 311 3.26 -7.24 15.98
C LEU E 311 2.70 -8.16 17.06
N ALA E 312 1.43 -8.01 17.37
CA ALA E 312 0.79 -8.90 18.35
C ALA E 312 0.86 -10.36 17.91
N THR E 313 1.35 -11.22 18.81
CA THR E 313 1.28 -12.65 18.59
C THR E 313 0.36 -13.36 19.58
N GLY E 314 -0.22 -12.58 20.49
CA GLY E 314 -1.11 -13.10 21.52
C GLY E 314 -2.51 -12.51 21.38
N MET E 315 -3.32 -12.66 22.42
CA MET E 315 -4.66 -12.09 22.42
C MET E 315 -4.72 -10.84 23.28
N LYS E 316 -5.89 -10.20 23.31
CA LYS E 316 -6.16 -9.15 24.27
C LYS E 316 -5.84 -9.71 25.65
N ASN E 317 -5.07 -8.94 26.42
CA ASN E 317 -4.76 -9.33 27.77
C ASN E 317 -5.63 -8.65 28.80
N VAL E 318 -6.50 -9.41 29.44
CA VAL E 318 -7.29 -8.78 30.48
C VAL E 318 -7.01 -9.38 31.86
N PRO E 319 -6.36 -8.60 32.73
CA PRO E 319 -6.14 -9.05 34.10
C PRO E 319 -7.26 -8.45 34.96
N GLU E 320 -7.22 -8.61 36.27
CA GLU E 320 -8.38 -8.24 37.07
C GLU E 320 -8.60 -6.72 37.04
N GLY F 1 -12.54 -6.96 20.44
CA GLY F 1 -13.86 -6.44 20.90
C GLY F 1 -14.99 -6.70 19.93
N LEU F 2 -14.68 -7.28 18.78
CA LEU F 2 -15.65 -7.41 17.71
C LEU F 2 -16.85 -8.30 18.04
N PHE F 3 -16.59 -9.38 18.77
CA PHE F 3 -17.58 -10.44 18.94
C PHE F 3 -18.20 -10.43 20.33
N GLY F 4 -17.54 -9.74 21.26
CA GLY F 4 -18.14 -9.51 22.56
C GLY F 4 -17.59 -10.41 23.66
N ALA F 5 -16.90 -11.48 23.27
CA ALA F 5 -16.37 -12.43 24.26
C ALA F 5 -15.25 -11.85 25.14
N ILE F 6 -14.05 -11.76 24.60
CA ILE F 6 -12.88 -11.28 25.34
C ILE F 6 -12.98 -9.77 25.65
N ALA F 7 -12.84 -9.43 26.93
CA ALA F 7 -12.99 -8.05 27.40
C ALA F 7 -14.41 -7.53 27.16
N GLY F 8 -15.34 -8.45 26.95
CA GLY F 8 -16.75 -8.15 26.82
C GLY F 8 -17.51 -8.70 28.01
N PHE F 9 -18.17 -9.83 27.81
CA PHE F 9 -19.01 -10.42 28.83
C PHE F 9 -18.29 -11.46 29.68
N ILE F 10 -17.21 -12.05 29.16
CA ILE F 10 -16.20 -12.64 30.02
C ILE F 10 -15.44 -11.49 30.66
N GLU F 11 -15.27 -11.55 31.97
CA GLU F 11 -14.80 -10.40 32.74
C GLU F 11 -13.29 -10.27 32.65
N ASN F 12 -12.60 -11.41 32.57
CA ASN F 12 -11.16 -11.41 32.41
C ASN F 12 -10.60 -12.80 32.13
N GLY F 13 -9.29 -12.90 32.08
CA GLY F 13 -8.64 -14.17 31.79
C GLY F 13 -7.98 -14.68 33.04
N TRP F 14 -7.47 -15.90 32.96
CA TRP F 14 -7.02 -16.62 34.15
C TRP F 14 -5.51 -16.79 34.11
N GLU F 15 -4.84 -16.03 34.97
CA GLU F 15 -3.39 -15.98 34.99
C GLU F 15 -2.82 -17.30 35.48
N GLY F 16 -3.69 -18.22 35.90
CA GLY F 16 -3.26 -19.51 36.38
C GLY F 16 -3.30 -20.55 35.28
N LEU F 17 -3.78 -20.17 34.09
CA LEU F 17 -4.03 -21.14 33.04
C LEU F 17 -2.82 -21.22 32.10
N ILE F 18 -1.78 -21.92 32.54
CA ILE F 18 -0.50 -21.89 31.85
C ILE F 18 -0.57 -22.63 30.53
N ASP F 19 -1.43 -23.64 30.49
CA ASP F 19 -1.38 -24.64 29.44
C ASP F 19 -2.39 -24.48 28.32
N GLY F 20 -2.75 -23.23 28.04
CA GLY F 20 -3.60 -22.92 26.92
C GLY F 20 -4.01 -21.46 26.86
N TRP F 21 -4.66 -21.09 25.77
CA TRP F 21 -5.23 -19.77 25.62
C TRP F 21 -6.68 -19.83 26.12
N TYR F 22 -7.31 -20.98 25.88
CA TYR F 22 -8.73 -21.19 26.19
C TYR F 22 -8.94 -22.50 26.98
N GLY F 23 -9.88 -22.49 27.95
CA GLY F 23 -10.13 -23.68 28.76
C GLY F 23 -11.40 -23.65 29.61
N PHE F 24 -11.45 -24.56 30.59
CA PHE F 24 -12.65 -24.81 31.39
C PHE F 24 -12.31 -24.76 32.87
N ARG F 25 -13.18 -24.08 33.61
CA ARG F 25 -13.16 -24.05 35.07
C ARG F 25 -14.55 -24.45 35.56
N HIS F 26 -14.65 -25.56 36.29
CA HIS F 26 -15.96 -26.08 36.69
C HIS F 26 -16.15 -26.17 38.21
N GLN F 27 -17.40 -26.14 38.64
CA GLN F 27 -17.74 -26.32 40.05
C GLN F 27 -18.90 -27.30 40.18
N ASN F 28 -18.62 -28.44 40.80
CA ASN F 28 -19.66 -29.42 41.06
C ASN F 28 -19.53 -30.00 42.46
N ALA F 29 -20.23 -31.11 42.72
CA ALA F 29 -20.21 -31.75 44.02
C ALA F 29 -18.79 -32.10 44.46
N GLN F 30 -18.06 -32.81 43.60
CA GLN F 30 -16.77 -33.38 43.99
C GLN F 30 -15.74 -32.31 44.31
N GLY F 31 -15.53 -31.38 43.39
CA GLY F 31 -14.54 -30.34 43.57
C GLY F 31 -14.56 -29.32 42.46
N GLU F 32 -13.44 -28.60 42.31
CA GLU F 32 -13.29 -27.57 41.28
C GLU F 32 -12.07 -27.91 40.43
N GLY F 33 -12.25 -27.87 39.11
CA GLY F 33 -11.24 -28.36 38.19
C GLY F 33 -11.03 -27.47 36.99
N THR F 34 -9.77 -27.39 36.55
CA THR F 34 -9.39 -26.56 35.41
C THR F 34 -8.55 -27.31 34.38
N ALA F 35 -8.93 -27.20 33.12
CA ALA F 35 -8.11 -27.75 32.04
C ALA F 35 -8.31 -26.98 30.75
N ALA F 36 -7.22 -26.69 30.04
CA ALA F 36 -7.29 -25.82 28.86
C ALA F 36 -7.67 -26.61 27.62
N ASP F 37 -8.51 -26.02 26.78
CA ASP F 37 -8.91 -26.68 25.54
C ASP F 37 -7.84 -26.71 24.50
N TYR F 38 -7.67 -27.87 23.90
CA TYR F 38 -6.68 -28.06 22.89
C TYR F 38 -7.14 -27.66 21.51
N LYS F 39 -8.28 -28.18 21.12
CA LYS F 39 -8.68 -28.06 19.73
C LYS F 39 -8.74 -26.60 19.24
N SER F 40 -9.14 -25.70 20.12
CA SER F 40 -9.28 -24.30 19.73
C SER F 40 -8.05 -23.44 20.00
N THR F 41 -7.30 -23.79 21.03
CA THR F 41 -5.99 -23.17 21.27
C THR F 41 -5.07 -23.36 20.06
N GLN F 42 -4.83 -24.62 19.71
CA GLN F 42 -4.15 -24.96 18.47
C GLN F 42 -4.67 -24.13 17.30
N SER F 43 -5.99 -23.95 17.23
CA SER F 43 -6.60 -23.32 16.08
C SER F 43 -6.13 -21.88 15.92
N ALA F 44 -6.19 -21.12 17.01
CA ALA F 44 -5.74 -19.74 16.98
C ALA F 44 -4.24 -19.64 16.76
N ILE F 45 -3.47 -20.26 17.64
CA ILE F 45 -2.02 -20.31 17.48
C ILE F 45 -1.62 -20.56 16.02
N ASP F 46 -2.36 -21.43 15.33
CA ASP F 46 -2.00 -21.80 13.96
C ASP F 46 -2.21 -20.67 12.97
N GLN F 47 -3.18 -19.81 13.25
CA GLN F 47 -3.46 -18.67 12.39
C GLN F 47 -2.46 -17.57 12.65
N ILE F 48 -2.00 -17.47 13.90
CA ILE F 48 -0.92 -16.55 14.22
C ILE F 48 0.37 -16.95 13.51
N THR F 49 0.73 -18.23 13.61
CA THR F 49 1.95 -18.71 12.96
C THR F 49 1.88 -18.52 11.46
N GLY F 50 0.71 -18.75 10.88
CA GLY F 50 0.54 -18.57 9.45
C GLY F 50 0.69 -17.12 9.03
N LYS F 51 0.33 -16.21 9.92
CA LYS F 51 0.67 -14.79 9.72
C LYS F 51 2.16 -14.56 9.77
N LEU F 52 2.85 -15.10 10.76
CA LEU F 52 4.26 -14.83 10.92
C LEU F 52 5.02 -15.30 9.69
N ASN F 53 4.79 -16.54 9.27
CA ASN F 53 5.54 -17.12 8.17
C ASN F 53 5.41 -16.28 6.91
N ARG F 54 4.33 -15.50 6.84
CA ARG F 54 4.11 -14.64 5.69
C ARG F 54 4.99 -13.38 5.74
N LEU F 55 5.31 -12.90 6.95
CA LEU F 55 6.09 -11.67 7.10
C LEU F 55 7.59 -11.82 7.31
N ILE F 56 7.97 -12.95 7.91
CA ILE F 56 9.38 -13.24 8.25
C ILE F 56 10.14 -13.93 7.12
N GLU F 57 9.40 -14.23 6.07
CA GLU F 57 9.83 -14.10 4.69
C GLU F 57 11.05 -13.20 4.48
N LYS F 58 11.93 -13.64 3.59
CA LYS F 58 13.01 -12.79 3.06
C LYS F 58 12.78 -12.43 1.60
N THR F 59 12.79 -11.13 1.32
CA THR F 59 12.89 -10.63 -0.05
C THR F 59 14.13 -11.13 -0.74
N ASN F 60 13.94 -11.79 -1.87
CA ASN F 60 15.08 -12.20 -2.69
C ASN F 60 15.58 -11.09 -3.59
N GLN F 61 15.26 -9.84 -3.25
CA GLN F 61 15.53 -8.73 -4.16
C GLN F 61 16.73 -7.86 -3.76
N GLN F 62 17.70 -7.83 -4.67
CA GLN F 62 19.00 -7.20 -4.44
C GLN F 62 19.07 -5.76 -4.96
N PHE F 63 19.72 -4.88 -4.20
CA PHE F 63 19.97 -3.51 -4.65
C PHE F 63 21.45 -3.18 -4.54
N GLU F 64 21.93 -2.30 -5.42
CA GLU F 64 23.33 -1.88 -5.42
C GLU F 64 23.46 -0.39 -5.13
N LEU F 65 24.69 0.04 -4.87
CA LEU F 65 24.96 1.47 -4.69
C LEU F 65 24.73 2.18 -6.02
N ILE F 66 23.88 3.19 -6.00
CA ILE F 66 23.91 4.20 -7.05
C ILE F 66 24.64 5.44 -6.53
N ASP F 67 25.24 5.30 -5.35
CA ASP F 67 25.58 6.46 -4.55
C ASP F 67 27.03 6.30 -4.12
N ASN F 68 27.59 7.34 -3.53
CA ASN F 68 28.97 7.27 -3.06
C ASN F 68 29.29 8.03 -1.76
N GLU F 69 29.58 7.28 -0.71
CA GLU F 69 29.83 7.84 0.62
C GLU F 69 31.22 8.44 0.81
N PHE F 70 32.13 8.16 -0.13
CA PHE F 70 33.54 8.54 0.00
C PHE F 70 33.92 9.77 -0.86
N THR F 71 33.68 9.71 -2.17
CA THR F 71 33.60 10.92 -3.00
C THR F 71 32.18 11.15 -3.52
N GLU F 72 31.49 12.12 -2.95
CA GLU F 72 30.14 12.50 -3.37
C GLU F 72 29.98 12.54 -4.89
N VAL F 73 28.86 12.02 -5.38
CA VAL F 73 28.50 12.18 -6.80
C VAL F 73 28.16 13.64 -7.09
N GLU F 74 28.12 13.98 -8.39
CA GLU F 74 27.75 15.34 -8.80
C GLU F 74 26.38 15.72 -8.25
N ARG F 75 26.17 17.01 -8.03
CA ARG F 75 25.18 17.45 -7.06
C ARG F 75 23.73 17.32 -7.54
N GLN F 76 23.50 17.49 -8.84
CA GLN F 76 22.14 17.42 -9.36
C GLN F 76 21.58 16.01 -9.32
N ILE F 77 22.37 15.05 -9.80
CA ILE F 77 21.97 13.65 -9.74
C ILE F 77 22.02 13.13 -8.32
N GLY F 78 22.94 13.65 -7.52
CA GLY F 78 22.93 13.37 -6.10
C GLY F 78 21.59 13.72 -5.49
N ASN F 79 21.05 14.88 -5.85
CA ASN F 79 19.78 15.37 -5.33
C ASN F 79 18.55 14.60 -5.84
N VAL F 80 18.60 14.12 -7.09
CA VAL F 80 17.53 13.25 -7.58
C VAL F 80 17.53 11.92 -6.85
N ILE F 81 18.69 11.30 -6.73
CA ILE F 81 18.83 10.09 -5.96
C ILE F 81 18.29 10.18 -4.55
N ASN F 82 18.73 11.21 -3.83
CA ASN F 82 18.29 11.42 -2.46
C ASN F 82 16.77 11.63 -2.35
N TRP F 83 16.19 12.36 -3.30
CA TRP F 83 14.77 12.69 -3.28
C TRP F 83 13.94 11.42 -3.54
N THR F 84 14.42 10.54 -4.44
CA THR F 84 13.74 9.27 -4.72
C THR F 84 13.80 8.36 -3.51
N ARG F 85 15.00 8.24 -2.94
CA ARG F 85 15.19 7.43 -1.74
C ARG F 85 14.34 7.82 -0.55
N ASP F 86 14.23 9.12 -0.28
CA ASP F 86 13.33 9.59 0.77
C ASP F 86 11.87 9.27 0.48
N SER F 87 11.45 9.48 -0.77
CA SER F 87 10.11 9.09 -1.20
C SER F 87 9.82 7.61 -1.01
N MET F 88 10.83 6.77 -1.22
CA MET F 88 10.66 5.36 -0.95
C MET F 88 10.59 5.10 0.54
N THR F 89 11.39 5.80 1.33
CA THR F 89 11.29 5.71 2.78
C THR F 89 9.89 6.04 3.29
N GLU F 90 9.26 7.06 2.70
CA GLU F 90 7.86 7.40 2.97
C GLU F 90 6.90 6.25 2.68
N VAL F 91 7.02 5.68 1.48
CA VAL F 91 6.13 4.59 1.09
C VAL F 91 6.30 3.39 2.02
N TRP F 92 7.52 2.98 2.27
CA TRP F 92 7.76 1.80 3.08
C TRP F 92 7.35 2.00 4.52
N SER F 93 7.60 3.21 5.02
CA SER F 93 7.26 3.51 6.40
C SER F 93 5.75 3.47 6.65
N TYR F 94 4.99 4.03 5.72
CA TYR F 94 3.52 3.99 5.73
C TYR F 94 3.07 2.53 5.64
N ASN F 95 3.64 1.80 4.69
CA ASN F 95 3.37 0.38 4.51
C ASN F 95 3.66 -0.42 5.78
N ALA F 96 4.75 -0.07 6.47
CA ALA F 96 5.15 -0.83 7.65
C ALA F 96 4.13 -0.65 8.75
N GLU F 97 3.78 0.61 9.05
CA GLU F 97 2.91 0.91 10.19
C GLU F 97 1.46 0.49 9.95
N LEU F 98 1.02 0.59 8.70
CA LEU F 98 -0.32 0.17 8.28
C LEU F 98 -0.42 -1.34 8.36
N LEU F 99 0.55 -2.00 7.78
CA LEU F 99 0.56 -3.46 7.78
C LEU F 99 0.49 -3.97 9.21
N VAL F 100 1.26 -3.37 10.10
CA VAL F 100 1.33 -3.90 11.44
C VAL F 100 0.07 -3.65 12.26
N ALA F 101 -0.51 -2.46 12.11
CA ALA F 101 -1.75 -2.07 12.80
C ALA F 101 -2.90 -2.97 12.38
N MET F 102 -2.97 -3.23 11.08
CA MET F 102 -4.05 -4.00 10.48
C MET F 102 -3.94 -5.46 10.92
N GLU F 103 -2.74 -6.02 10.83
CA GLU F 103 -2.52 -7.36 11.35
C GLU F 103 -2.92 -7.49 12.81
N ASN F 104 -2.70 -6.42 13.57
CA ASN F 104 -3.03 -6.47 14.99
C ASN F 104 -4.52 -6.45 15.30
N GLN F 105 -5.25 -5.48 14.74
CA GLN F 105 -6.71 -5.52 14.71
C GLN F 105 -7.17 -6.95 14.44
N HIS F 106 -6.68 -7.53 13.35
CA HIS F 106 -7.16 -8.84 12.92
C HIS F 106 -6.79 -9.95 13.88
N THR F 107 -5.65 -9.82 14.54
CA THR F 107 -5.19 -10.86 15.45
C THR F 107 -6.06 -10.90 16.70
N ILE F 108 -6.32 -9.72 17.24
CA ILE F 108 -7.17 -9.57 18.41
C ILE F 108 -8.59 -10.09 18.16
N ASP F 109 -9.14 -9.79 16.99
CA ASP F 109 -10.49 -10.23 16.69
C ASP F 109 -10.51 -11.70 16.32
N LEU F 110 -9.38 -12.19 15.81
CA LEU F 110 -9.20 -13.62 15.65
C LEU F 110 -9.34 -14.32 17.00
N ALA F 111 -8.84 -13.70 18.06
CA ALA F 111 -8.92 -14.30 19.38
C ALA F 111 -10.33 -14.26 19.97
N ASP F 112 -10.93 -13.06 19.92
CA ASP F 112 -12.31 -12.87 20.37
C ASP F 112 -13.16 -13.94 19.70
N SER F 113 -12.85 -14.21 18.44
CA SER F 113 -13.67 -15.07 17.61
C SER F 113 -13.64 -16.52 18.06
N GLU F 114 -12.48 -16.98 18.52
CA GLU F 114 -12.28 -18.40 18.81
C GLU F 114 -12.84 -18.72 20.20
N MET F 115 -12.63 -17.84 21.16
CA MET F 115 -13.40 -17.86 22.40
C MET F 115 -14.88 -18.03 22.12
N ASN F 116 -15.45 -17.05 21.40
CA ASN F 116 -16.86 -17.04 21.12
C ASN F 116 -17.24 -18.14 20.13
N LYS F 117 -16.28 -19.02 19.81
CA LYS F 117 -16.61 -20.23 19.07
C LYS F 117 -16.55 -21.45 19.99
N LEU F 118 -15.80 -21.32 21.07
CA LEU F 118 -15.81 -22.35 22.10
C LEU F 118 -17.13 -22.31 22.84
N TYR F 119 -17.38 -21.18 23.49
CA TYR F 119 -18.71 -20.90 24.03
C TYR F 119 -19.82 -21.49 23.19
N GLU F 120 -20.12 -20.87 22.04
CA GLU F 120 -21.32 -21.18 21.30
C GLU F 120 -21.44 -22.68 20.98
N ARG F 121 -20.31 -23.38 21.01
CA ARG F 121 -20.27 -24.82 20.75
C ARG F 121 -20.72 -25.63 21.95
N VAL F 122 -20.13 -25.36 23.11
CA VAL F 122 -20.53 -26.00 24.35
C VAL F 122 -22.02 -25.77 24.60
N LYS F 123 -22.43 -24.51 24.54
CA LYS F 123 -23.84 -24.16 24.54
C LYS F 123 -24.62 -25.14 23.66
N ARG F 124 -24.19 -25.31 22.41
CA ARG F 124 -24.89 -26.23 21.51
C ARG F 124 -24.93 -27.68 22.03
N GLN F 125 -23.84 -28.13 22.65
CA GLN F 125 -23.78 -29.48 23.21
C GLN F 125 -24.91 -29.66 24.24
N LEU F 126 -25.03 -28.70 25.15
CA LEU F 126 -25.86 -28.87 26.33
C LEU F 126 -27.37 -28.71 26.10
N ARG F 127 -27.76 -28.32 24.89
CA ARG F 127 -29.18 -28.23 24.52
C ARG F 127 -30.04 -27.44 25.52
N GLU F 128 -30.83 -28.15 26.33
CA GLU F 128 -31.79 -27.50 27.22
C GLU F 128 -31.57 -27.82 28.70
N ASN F 129 -30.44 -28.43 29.01
CA ASN F 129 -30.15 -28.88 30.37
C ASN F 129 -29.38 -27.87 31.20
N ALA F 130 -29.22 -26.66 30.67
CA ALA F 130 -28.48 -25.61 31.37
C ALA F 130 -28.80 -24.23 30.82
N GLU F 131 -28.19 -23.21 31.41
CA GLU F 131 -28.56 -21.85 31.05
C GLU F 131 -27.38 -20.88 30.92
N GLU F 132 -27.52 -19.97 29.96
CA GLU F 132 -26.61 -18.83 29.85
C GLU F 132 -26.87 -17.83 30.97
N ASP F 133 -25.95 -17.75 31.94
CA ASP F 133 -25.98 -16.67 32.94
C ASP F 133 -25.42 -15.36 32.40
N GLY F 134 -24.35 -15.45 31.61
CA GLY F 134 -23.90 -14.34 30.80
C GLY F 134 -22.56 -13.73 31.18
N THR F 135 -21.81 -14.42 32.02
CA THR F 135 -20.41 -14.06 32.30
C THR F 135 -19.46 -15.11 31.73
N GLY F 136 -19.93 -15.86 30.74
CA GLY F 136 -19.15 -16.90 30.11
C GLY F 136 -19.22 -18.18 30.92
N CYS F 137 -20.42 -18.46 31.43
CA CYS F 137 -20.66 -19.61 32.32
C CYS F 137 -21.98 -20.30 31.96
N PHE F 138 -22.05 -21.59 32.26
CA PHE F 138 -23.29 -22.34 32.15
C PHE F 138 -23.69 -22.95 33.49
N GLU F 139 -24.80 -22.46 34.04
CA GLU F 139 -25.43 -23.10 35.18
C GLU F 139 -26.12 -24.38 34.75
N ILE F 140 -25.59 -25.50 35.25
CA ILE F 140 -26.15 -26.82 34.97
C ILE F 140 -27.31 -27.10 35.93
N PHE F 141 -28.45 -27.48 35.39
CA PHE F 141 -29.64 -27.71 36.22
C PHE F 141 -29.82 -29.19 36.54
N HIS F 142 -28.73 -29.94 36.51
CA HIS F 142 -28.70 -31.26 37.14
C HIS F 142 -27.33 -31.49 37.78
N LYS F 143 -27.35 -32.16 38.93
CA LYS F 143 -26.12 -32.69 39.54
C LYS F 143 -25.29 -33.37 38.47
N CYS F 144 -23.99 -33.14 38.49
CA CYS F 144 -23.09 -33.76 37.53
C CYS F 144 -21.70 -33.96 38.12
N ASP F 145 -21.09 -35.07 37.77
CA ASP F 145 -19.81 -35.50 38.34
C ASP F 145 -18.66 -35.22 37.38
N ASP F 146 -17.45 -35.54 37.83
CA ASP F 146 -16.25 -35.11 37.14
C ASP F 146 -15.96 -35.94 35.88
N ASP F 147 -16.70 -37.03 35.68
CA ASP F 147 -16.63 -37.77 34.43
C ASP F 147 -17.68 -37.26 33.45
N CYS F 148 -18.61 -36.44 33.97
CA CYS F 148 -19.56 -35.74 33.13
C CYS F 148 -18.93 -34.48 32.53
N MET F 149 -18.09 -33.84 33.32
CA MET F 149 -17.34 -32.69 32.83
C MET F 149 -16.46 -33.12 31.67
N ALA F 150 -15.64 -34.13 31.89
CA ALA F 150 -14.72 -34.61 30.86
C ALA F 150 -15.44 -34.96 29.57
N SER F 151 -16.69 -35.39 29.68
CA SER F 151 -17.49 -35.77 28.52
C SER F 151 -18.00 -34.54 27.78
N ILE F 152 -18.16 -33.43 28.51
CA ILE F 152 -18.35 -32.14 27.84
C ILE F 152 -17.08 -31.69 27.12
N ARG F 153 -15.96 -31.75 27.82
CA ARG F 153 -14.65 -31.36 27.28
C ARG F 153 -14.33 -32.03 25.95
N ASN F 154 -14.13 -33.35 25.98
CA ASN F 154 -13.81 -34.10 24.76
C ASN F 154 -15.04 -34.41 23.90
N ASN F 155 -16.12 -33.67 24.15
CA ASN F 155 -17.24 -33.60 23.23
C ASN F 155 -17.98 -34.92 23.05
N THR F 156 -18.41 -35.49 24.16
CA THR F 156 -19.20 -36.71 24.13
C THR F 156 -20.48 -36.62 24.97
N TYR F 157 -20.59 -35.56 25.78
CA TYR F 157 -21.73 -35.40 26.67
C TYR F 157 -23.06 -35.59 25.93
N ASP F 158 -23.82 -36.60 26.35
CA ASP F 158 -25.16 -36.82 25.80
C ASP F 158 -26.22 -36.03 26.57
N HIS F 159 -27.09 -35.36 25.83
CA HIS F 159 -28.13 -34.53 26.44
C HIS F 159 -29.34 -35.35 26.89
N SER F 160 -29.90 -36.12 25.97
CA SER F 160 -31.13 -36.87 26.23
C SER F 160 -30.91 -37.97 27.26
N LYS F 161 -29.78 -37.96 27.95
CA LYS F 161 -29.58 -38.82 29.10
C LYS F 161 -29.96 -38.09 30.39
N TYR F 162 -29.80 -36.77 30.40
CA TYR F 162 -30.05 -35.97 31.60
C TYR F 162 -31.20 -34.98 31.40
N ARG F 163 -31.92 -35.12 30.29
CA ARG F 163 -32.91 -34.14 29.87
C ARG F 163 -33.99 -33.90 30.94
N GLU F 164 -34.87 -34.88 31.12
CA GLU F 164 -35.99 -34.77 32.07
C GLU F 164 -35.52 -34.27 33.42
N GLU F 165 -34.48 -34.89 33.95
CA GLU F 165 -33.89 -34.53 35.24
C GLU F 165 -33.77 -33.02 35.43
N ALA F 166 -33.13 -32.38 34.45
CA ALA F 166 -32.66 -31.00 34.50
C ALA F 166 -33.77 -29.97 34.21
N ILE F 167 -34.96 -30.47 33.91
CA ILE F 167 -36.09 -29.69 33.37
C ILE F 167 -37.12 -29.09 34.33
N GLN F 168 -37.54 -29.82 35.35
CA GLN F 168 -38.38 -29.23 36.39
C GLN F 168 -37.67 -28.06 37.06
N ASN F 169 -36.38 -28.24 37.30
CA ASN F 169 -35.52 -27.20 37.86
C ASN F 169 -35.39 -25.97 36.95
N GLN G 1 -29.94 2.62 -16.45
CA GLN G 1 -30.63 1.45 -17.08
C GLN G 1 -29.58 0.68 -17.89
N VAL G 2 -29.61 -0.66 -17.89
CA VAL G 2 -28.74 -1.32 -18.87
C VAL G 2 -29.39 -1.83 -20.15
N GLN G 3 -28.62 -1.64 -21.22
CA GLN G 3 -28.80 -2.10 -22.60
C GLN G 3 -27.84 -3.17 -23.08
N LEU G 4 -28.27 -4.18 -23.82
CA LEU G 4 -27.27 -5.17 -24.19
C LEU G 4 -27.14 -5.05 -25.72
N VAL G 5 -25.94 -4.60 -26.16
CA VAL G 5 -25.67 -4.37 -27.57
C VAL G 5 -24.90 -5.51 -28.25
N GLN G 6 -25.59 -6.36 -29.02
CA GLN G 6 -24.93 -7.42 -29.79
C GLN G 6 -24.16 -6.98 -31.04
N SER G 7 -23.33 -7.87 -31.61
CA SER G 7 -22.45 -7.51 -32.73
C SER G 7 -23.24 -7.59 -34.06
N GLY G 8 -22.59 -7.17 -35.15
CA GLY G 8 -23.22 -7.10 -36.47
C GLY G 8 -23.74 -8.42 -37.06
N ALA G 9 -24.47 -8.31 -38.16
CA ALA G 9 -24.96 -9.48 -38.92
C ALA G 9 -23.79 -10.29 -39.49
N GLU G 10 -23.94 -11.61 -39.57
CA GLU G 10 -22.87 -12.51 -40.03
C GLU G 10 -23.27 -13.35 -41.24
N VAL G 11 -22.35 -13.52 -42.19
CA VAL G 11 -22.56 -14.43 -43.34
C VAL G 11 -21.46 -15.47 -43.35
N LYS G 12 -21.87 -16.74 -43.26
CA LYS G 12 -20.92 -17.81 -43.03
C LYS G 12 -21.11 -18.96 -44.00
N LYS G 13 -20.00 -19.60 -44.34
CA LYS G 13 -20.01 -20.78 -45.20
C LYS G 13 -20.11 -22.02 -44.32
N PRO G 14 -20.68 -23.11 -44.88
CA PRO G 14 -20.88 -24.38 -44.16
C PRO G 14 -19.59 -24.95 -43.57
N GLY G 15 -19.66 -25.36 -42.31
CA GLY G 15 -18.53 -25.91 -41.60
C GLY G 15 -17.76 -24.87 -40.80
N SER G 16 -18.03 -23.59 -41.05
CA SER G 16 -17.31 -22.52 -40.35
C SER G 16 -17.85 -22.29 -38.95
N SER G 17 -17.27 -21.33 -38.24
N SER G 17 -17.26 -21.33 -38.23
CA SER G 17 -17.74 -20.97 -36.90
CA SER G 17 -17.74 -20.96 -36.90
C SER G 17 -18.06 -19.48 -36.81
C SER G 17 -18.10 -19.48 -36.83
N VAL G 18 -18.96 -19.13 -35.88
CA VAL G 18 -19.33 -17.74 -35.67
C VAL G 18 -19.27 -17.41 -34.18
N LYS G 19 -18.73 -16.24 -33.82
CA LYS G 19 -18.73 -15.82 -32.43
C LYS G 19 -19.40 -14.45 -32.31
N VAL G 20 -20.53 -14.41 -31.59
CA VAL G 20 -21.35 -13.22 -31.45
C VAL G 20 -21.10 -12.66 -30.05
N SER G 21 -21.03 -11.33 -29.94
CA SER G 21 -20.82 -10.69 -28.65
C SER G 21 -22.04 -9.91 -28.17
N CYS G 22 -22.14 -9.71 -26.86
CA CYS G 22 -23.26 -9.01 -26.24
C CYS G 22 -22.65 -8.10 -25.18
N LYS G 23 -22.60 -6.80 -25.44
CA LYS G 23 -21.97 -5.87 -24.51
C LYS G 23 -22.97 -5.22 -23.59
N SER G 24 -22.70 -5.26 -22.30
N SER G 24 -22.72 -5.28 -22.29
CA SER G 24 -23.56 -4.59 -21.33
CA SER G 24 -23.57 -4.58 -21.35
C SER G 24 -23.10 -3.14 -21.16
C SER G 24 -23.08 -3.15 -21.23
N SER G 25 -23.95 -2.22 -21.58
CA SER G 25 -23.64 -0.80 -21.48
C SER G 25 -24.61 -0.09 -20.54
N GLY G 26 -24.10 0.96 -19.91
CA GLY G 26 -24.84 1.69 -18.90
C GLY G 26 -24.80 0.98 -17.56
N GLY G 27 -23.90 0.00 -17.44
CA GLY G 27 -23.72 -0.75 -16.21
C GLY G 27 -23.25 -2.17 -16.47
N THR G 28 -22.91 -2.90 -15.40
CA THR G 28 -22.43 -4.27 -15.56
C THR G 28 -23.57 -5.27 -15.38
N SER G 29 -23.53 -6.35 -16.17
CA SER G 29 -24.38 -7.53 -15.96
C SER G 29 -23.63 -8.70 -15.32
N ASN G 30 -22.45 -8.46 -14.77
CA ASN G 30 -21.60 -9.55 -14.30
C ASN G 30 -22.23 -10.33 -13.15
N ASN G 31 -23.14 -9.69 -12.43
CA ASN G 31 -23.81 -10.32 -11.30
C ASN G 31 -25.12 -11.04 -11.66
N TYR G 32 -25.40 -11.14 -12.96
CA TYR G 32 -26.60 -11.81 -13.47
C TYR G 32 -26.19 -12.94 -14.43
N ALA G 33 -27.11 -13.87 -14.67
CA ALA G 33 -26.99 -14.81 -15.78
C ALA G 33 -27.42 -14.12 -17.09
N ILE G 34 -26.67 -14.37 -18.16
CA ILE G 34 -27.07 -14.00 -19.51
C ILE G 34 -27.17 -15.30 -20.30
N SER G 35 -28.29 -15.49 -20.99
CA SER G 35 -28.51 -16.66 -21.85
C SER G 35 -28.43 -16.29 -23.33
N TRP G 36 -28.17 -17.29 -24.16
CA TRP G 36 -28.27 -17.14 -25.59
C TRP G 36 -29.46 -17.96 -26.10
N VAL G 37 -30.32 -17.31 -26.91
CA VAL G 37 -31.56 -17.90 -27.38
C VAL G 37 -31.64 -17.58 -28.85
N ARG G 38 -31.90 -18.59 -29.68
CA ARG G 38 -31.97 -18.34 -31.11
C ARG G 38 -33.36 -18.56 -31.67
N GLN G 39 -33.60 -18.00 -32.86
CA GLN G 39 -34.89 -18.13 -33.48
C GLN G 39 -34.67 -18.37 -34.97
N ALA G 40 -34.90 -19.61 -35.39
CA ALA G 40 -34.75 -19.95 -36.79
C ALA G 40 -35.89 -19.29 -37.55
N PRO G 41 -35.71 -19.07 -38.86
CA PRO G 41 -36.74 -18.33 -39.58
C PRO G 41 -38.13 -18.96 -39.46
N GLY G 42 -39.11 -18.18 -39.02
CA GLY G 42 -40.46 -18.67 -38.89
C GLY G 42 -40.71 -19.64 -37.75
N GLN G 43 -39.71 -19.86 -36.91
CA GLN G 43 -39.83 -20.82 -35.82
C GLN G 43 -39.86 -20.13 -34.46
N GLY G 44 -39.90 -20.94 -33.40
CA GLY G 44 -40.06 -20.39 -32.07
C GLY G 44 -38.70 -20.17 -31.43
N LEU G 45 -38.71 -19.63 -30.22
CA LEU G 45 -37.50 -19.45 -29.45
C LEU G 45 -36.90 -20.76 -28.95
N ASP G 46 -35.57 -20.83 -28.90
CA ASP G 46 -34.84 -22.04 -28.54
C ASP G 46 -33.60 -21.68 -27.72
N TRP G 47 -33.51 -22.20 -26.50
CA TRP G 47 -32.40 -21.89 -25.62
C TRP G 47 -31.12 -22.61 -26.01
N MET G 48 -30.01 -21.88 -26.10
CA MET G 48 -28.72 -22.48 -26.41
C MET G 48 -27.89 -22.76 -25.14
N GLY G 49 -28.04 -21.93 -24.13
CA GLY G 49 -27.21 -22.03 -22.92
C GLY G 49 -27.07 -20.66 -22.28
N GLY G 50 -26.26 -20.54 -21.25
CA GLY G 50 -26.05 -19.27 -20.57
C GLY G 50 -24.75 -19.24 -19.79
N ILE G 51 -24.44 -18.10 -19.20
CA ILE G 51 -23.25 -17.96 -18.36
C ILE G 51 -23.55 -16.97 -17.24
N SER G 52 -23.03 -17.22 -16.06
CA SER G 52 -23.20 -16.31 -14.94
C SER G 52 -21.79 -16.20 -14.40
N PRO G 53 -21.06 -15.17 -14.86
CA PRO G 53 -19.59 -15.21 -14.78
C PRO G 53 -18.97 -14.99 -13.40
N ILE G 54 -19.59 -14.21 -12.54
CA ILE G 54 -19.10 -14.06 -11.18
C ILE G 54 -19.48 -15.32 -10.38
N PHE G 55 -20.72 -15.75 -10.51
CA PHE G 55 -21.16 -17.00 -9.88
C PHE G 55 -20.30 -18.20 -10.24
N GLY G 56 -19.89 -18.22 -11.51
CA GLY G 56 -18.99 -19.25 -12.00
C GLY G 56 -19.68 -20.36 -12.77
N SER G 57 -20.89 -20.09 -13.27
CA SER G 57 -21.69 -21.11 -13.96
C SER G 57 -21.71 -20.82 -15.46
N THR G 58 -21.50 -21.87 -16.26
CA THR G 58 -21.83 -21.83 -17.67
C THR G 58 -22.69 -23.07 -17.89
N ALA G 59 -23.86 -22.89 -18.52
CA ALA G 59 -24.77 -24.00 -18.74
C ALA G 59 -25.07 -24.13 -20.22
N TYR G 60 -25.34 -25.35 -20.68
CA TYR G 60 -25.61 -25.59 -22.09
C TYR G 60 -26.87 -26.45 -22.25
N ALA G 61 -27.66 -26.13 -23.27
CA ALA G 61 -28.75 -27.01 -23.70
C ALA G 61 -28.11 -28.28 -24.25
N GLN G 62 -28.68 -29.43 -23.89
CA GLN G 62 -28.21 -30.72 -24.40
C GLN G 62 -28.10 -30.80 -25.93
N LYS G 63 -29.09 -30.25 -26.65
CA LYS G 63 -29.09 -30.34 -28.11
C LYS G 63 -27.96 -29.57 -28.81
N PHE G 64 -27.32 -28.66 -28.09
CA PHE G 64 -26.19 -27.90 -28.63
C PHE G 64 -24.88 -28.24 -27.92
N GLN G 65 -24.94 -29.10 -26.90
CA GLN G 65 -23.74 -29.48 -26.16
C GLN G 65 -22.65 -29.95 -27.10
N GLY G 66 -21.46 -29.40 -26.91
CA GLY G 66 -20.30 -29.79 -27.68
C GLY G 66 -20.09 -28.97 -28.93
N ARG G 67 -21.15 -28.33 -29.43
CA ARG G 67 -20.99 -27.54 -30.64
C ARG G 67 -20.96 -26.03 -30.35
N VAL G 68 -21.43 -25.65 -29.16
CA VAL G 68 -21.44 -24.24 -28.76
C VAL G 68 -20.54 -24.03 -27.54
N THR G 69 -19.83 -22.89 -27.50
CA THR G 69 -19.04 -22.48 -26.34
C THR G 69 -19.51 -21.09 -25.88
N ILE G 70 -19.94 -20.96 -24.62
CA ILE G 70 -20.38 -19.68 -24.10
C ILE G 70 -19.38 -19.20 -23.07
N SER G 71 -19.07 -17.91 -23.13
CA SER G 71 -18.02 -17.35 -22.28
C SER G 71 -18.27 -15.88 -21.94
N ALA G 72 -17.44 -15.31 -21.08
CA ALA G 72 -17.62 -13.91 -20.71
C ALA G 72 -16.29 -13.26 -20.33
N ASP G 73 -16.21 -11.96 -20.56
CA ASP G 73 -15.10 -11.17 -20.15
C ASP G 73 -15.72 -10.17 -19.19
N ILE G 74 -15.48 -10.39 -17.90
CA ILE G 74 -16.11 -9.61 -16.86
C ILE G 74 -15.56 -8.20 -16.91
N PHE G 75 -14.38 -8.09 -17.51
CA PHE G 75 -13.68 -6.84 -17.50
C PHE G 75 -14.18 -5.79 -18.50
N SER G 76 -14.71 -6.25 -19.62
CA SER G 76 -15.31 -5.41 -20.67
C SER G 76 -16.83 -5.49 -20.60
N ASN G 77 -17.35 -6.17 -19.58
CA ASN G 77 -18.80 -6.35 -19.44
C ASN G 77 -19.42 -7.00 -20.69
N THR G 78 -18.77 -8.03 -21.23
CA THR G 78 -19.21 -8.67 -22.47
C THR G 78 -19.42 -10.18 -22.34
N ALA G 79 -20.49 -10.70 -22.94
CA ALA G 79 -20.70 -12.15 -23.01
C ALA G 79 -20.56 -12.57 -24.48
N TYR G 80 -20.20 -13.84 -24.73
CA TYR G 80 -19.98 -14.32 -26.08
C TYR G 80 -20.63 -15.68 -26.27
N MET G 81 -21.01 -15.97 -27.51
CA MET G 81 -21.51 -17.28 -27.92
C MET G 81 -20.77 -17.66 -29.20
N GLU G 82 -20.10 -18.81 -29.21
CA GLU G 82 -19.44 -19.28 -30.42
C GLU G 82 -20.08 -20.59 -30.85
N LEU G 83 -20.60 -20.65 -32.07
CA LEU G 83 -21.24 -21.86 -32.55
C LEU G 83 -20.43 -22.42 -33.70
N ASN G 84 -20.09 -23.70 -33.57
CA ASN G 84 -19.18 -24.37 -34.51
C ASN G 84 -19.91 -25.30 -35.47
N SER G 85 -19.20 -25.70 -36.52
CA SER G 85 -19.71 -26.64 -37.52
C SER G 85 -21.07 -26.19 -38.07
N LEU G 86 -21.13 -24.95 -38.53
CA LEU G 86 -22.37 -24.35 -39.02
C LEU G 86 -22.91 -25.03 -40.28
N THR G 87 -24.23 -25.18 -40.33
CA THR G 87 -24.93 -25.58 -41.54
C THR G 87 -26.12 -24.64 -41.74
N SER G 88 -26.88 -24.88 -42.82
CA SER G 88 -28.04 -24.05 -43.10
C SER G 88 -29.10 -24.15 -42.00
N GLU G 89 -29.05 -25.21 -41.20
CA GLU G 89 -29.96 -25.37 -40.08
C GLU G 89 -29.71 -24.32 -38.98
N ASP G 90 -28.55 -23.67 -39.02
CA ASP G 90 -28.19 -22.67 -38.02
C ASP G 90 -28.49 -21.23 -38.46
N THR G 91 -29.01 -21.03 -39.67
CA THR G 91 -29.44 -19.70 -40.06
C THR G 91 -30.55 -19.29 -39.10
N ALA G 92 -30.35 -18.17 -38.41
CA ALA G 92 -31.25 -17.79 -37.33
C ALA G 92 -30.78 -16.53 -36.60
N VAL G 93 -31.67 -15.92 -35.83
CA VAL G 93 -31.40 -14.63 -35.22
C VAL G 93 -30.96 -15.10 -33.84
N TYR G 94 -29.74 -14.75 -33.43
CA TYR G 94 -29.36 -15.00 -32.05
C TYR G 94 -29.49 -13.78 -31.16
N PHE G 95 -30.12 -14.02 -30.04
CA PHE G 95 -30.47 -13.06 -29.00
C PHE G 95 -29.73 -13.28 -27.69
N CYS G 96 -29.16 -12.25 -27.07
CA CYS G 96 -28.52 -12.52 -25.81
C CYS G 96 -29.62 -11.85 -25.01
N ALA G 97 -29.92 -12.43 -23.85
CA ALA G 97 -30.74 -11.80 -22.83
C ALA G 97 -30.34 -11.99 -21.37
N ARG G 98 -30.62 -10.97 -20.57
CA ARG G 98 -30.29 -10.98 -19.16
C ARG G 98 -31.50 -11.43 -18.34
N HIS G 99 -31.18 -12.23 -17.30
CA HIS G 99 -32.09 -12.85 -16.35
C HIS G 99 -32.16 -11.95 -15.13
N GLY G 100 -33.30 -11.94 -14.45
CA GLY G 100 -33.51 -11.05 -13.31
C GLY G 100 -32.61 -11.30 -12.12
N ASN G 101 -31.84 -12.39 -12.17
CA ASN G 101 -30.92 -12.77 -11.10
C ASN G 101 -29.72 -13.52 -11.66
N TYR G 102 -28.94 -14.12 -10.76
CA TYR G 102 -27.73 -14.83 -11.11
C TYR G 102 -27.92 -16.15 -11.87
N TYR G 103 -29.14 -16.64 -12.00
CA TYR G 103 -29.34 -17.96 -12.60
C TYR G 103 -30.45 -17.97 -13.65
N TYR G 104 -30.70 -19.13 -14.25
CA TYR G 104 -31.42 -19.24 -15.50
C TYR G 104 -32.92 -19.52 -15.33
N TYR G 105 -33.41 -19.58 -14.09
CA TYR G 105 -34.84 -19.82 -13.83
C TYR G 105 -35.72 -18.58 -14.02
N SER G 106 -35.25 -17.47 -13.46
CA SER G 106 -35.91 -16.17 -13.54
C SER G 106 -36.16 -15.70 -14.97
N GLY G 107 -37.29 -15.03 -15.16
CA GLY G 107 -37.62 -14.47 -16.46
C GLY G 107 -36.50 -13.56 -16.95
N MET G 108 -36.26 -13.60 -18.26
CA MET G 108 -35.23 -12.78 -18.88
C MET G 108 -35.82 -11.41 -19.22
N ASP G 109 -35.51 -10.38 -18.42
CA ASP G 109 -36.17 -9.08 -18.64
C ASP G 109 -35.38 -8.04 -19.43
N VAL G 110 -34.13 -8.33 -19.77
CA VAL G 110 -33.45 -7.38 -20.68
C VAL G 110 -33.07 -8.21 -21.89
N TRP G 111 -33.16 -7.64 -23.09
CA TRP G 111 -32.59 -8.37 -24.21
C TRP G 111 -31.77 -7.56 -25.20
N GLY G 112 -31.09 -8.31 -26.06
CA GLY G 112 -30.20 -7.78 -27.07
C GLY G 112 -31.04 -7.38 -28.25
N GLN G 113 -30.46 -6.73 -29.25
CA GLN G 113 -31.26 -6.33 -30.40
C GLN G 113 -31.25 -7.50 -31.41
N GLY G 114 -30.33 -8.45 -31.21
CA GLY G 114 -30.28 -9.62 -32.07
C GLY G 114 -29.22 -9.54 -33.18
N THR G 115 -28.63 -10.69 -33.53
CA THR G 115 -27.61 -10.79 -34.56
C THR G 115 -28.16 -11.79 -35.59
N THR G 116 -28.16 -11.43 -36.87
CA THR G 116 -28.54 -12.38 -37.91
C THR G 116 -27.36 -13.16 -38.47
N VAL G 117 -27.43 -14.48 -38.45
CA VAL G 117 -26.34 -15.28 -38.97
C VAL G 117 -26.88 -16.10 -40.13
N THR G 118 -26.27 -15.91 -41.31
CA THR G 118 -26.72 -16.58 -42.53
C THR G 118 -25.67 -17.60 -43.00
N VAL G 119 -26.02 -18.86 -43.14
CA VAL G 119 -25.05 -19.89 -43.48
C VAL G 119 -25.44 -20.27 -44.90
N SER G 120 -24.63 -19.93 -45.90
CA SER G 120 -24.96 -20.32 -47.27
C SER G 120 -23.81 -20.36 -48.29
N SER G 121 -24.11 -21.01 -49.42
CA SER G 121 -23.20 -21.09 -50.56
C SER G 121 -23.14 -19.78 -51.35
N ALA G 122 -24.06 -18.85 -51.07
CA ALA G 122 -24.10 -17.56 -51.75
C ALA G 122 -23.03 -16.59 -51.24
N SER G 123 -22.50 -15.76 -52.13
CA SER G 123 -21.45 -14.80 -51.78
C SER G 123 -21.94 -13.37 -51.59
N THR G 124 -21.28 -12.64 -50.70
CA THR G 124 -21.57 -11.23 -50.41
C THR G 124 -21.57 -10.39 -51.70
N LYS G 125 -22.52 -9.45 -51.81
CA LYS G 125 -22.55 -8.48 -52.92
C LYS G 125 -23.19 -7.11 -52.59
N GLY G 126 -22.55 -6.00 -52.92
CA GLY G 126 -23.10 -4.67 -52.61
C GLY G 126 -24.17 -4.24 -53.58
N PRO G 127 -25.09 -3.36 -53.13
CA PRO G 127 -26.23 -3.02 -53.98
C PRO G 127 -25.90 -2.06 -55.10
N SER G 128 -26.64 -2.14 -56.20
CA SER G 128 -26.65 -1.08 -57.20
C SER G 128 -27.88 -0.24 -56.90
N VAL G 129 -27.68 1.06 -56.69
CA VAL G 129 -28.77 1.94 -56.26
C VAL G 129 -29.25 2.84 -57.39
N PHE G 130 -30.56 2.82 -57.64
CA PHE G 130 -31.18 3.63 -58.68
C PHE G 130 -32.25 4.59 -58.13
N PRO G 131 -32.38 5.78 -58.73
CA PRO G 131 -33.40 6.73 -58.26
C PRO G 131 -34.82 6.40 -58.79
N LEU G 132 -35.85 6.70 -57.99
CA LEU G 132 -37.26 6.55 -58.39
C LEU G 132 -37.90 7.94 -58.41
N ALA G 133 -38.07 8.50 -59.60
CA ALA G 133 -38.51 9.88 -59.79
C ALA G 133 -40.02 10.13 -59.60
N PRO G 134 -40.38 11.30 -59.05
CA PRO G 134 -41.79 11.70 -58.88
C PRO G 134 -42.49 11.82 -60.23
N GLY G 141 -51.02 19.26 -56.60
CA GLY G 141 -50.85 17.87 -56.20
C GLY G 141 -50.89 17.70 -54.69
N GLY G 142 -50.13 18.57 -54.03
CA GLY G 142 -49.97 18.59 -52.58
C GLY G 142 -48.80 17.75 -52.06
N THR G 143 -48.80 16.45 -52.34
CA THR G 143 -47.72 15.60 -51.90
C THR G 143 -47.28 14.74 -53.10
N ALA G 144 -46.02 14.30 -53.08
CA ALA G 144 -45.41 13.49 -54.13
C ALA G 144 -44.70 12.30 -53.51
N ALA G 145 -44.39 11.30 -54.34
CA ALA G 145 -43.70 10.11 -53.87
C ALA G 145 -42.42 9.89 -54.67
N LEU G 146 -41.27 9.93 -53.98
CA LEU G 146 -39.98 9.68 -54.64
C LEU G 146 -39.18 8.73 -53.78
N GLY G 147 -38.29 7.94 -54.35
CA GLY G 147 -37.55 6.99 -53.54
C GLY G 147 -36.29 6.44 -54.19
N CYS G 148 -35.75 5.36 -53.63
CA CYS G 148 -34.58 4.70 -54.19
C CYS G 148 -34.84 3.20 -54.27
N LEU G 149 -34.40 2.57 -55.35
CA LEU G 149 -34.45 1.15 -55.51
C LEU G 149 -33.07 0.60 -55.18
N VAL G 150 -33.02 -0.31 -54.22
CA VAL G 150 -31.74 -0.86 -53.80
C VAL G 150 -31.65 -2.32 -54.29
N LYS G 151 -30.85 -2.52 -55.35
CA LYS G 151 -30.89 -3.74 -56.16
C LYS G 151 -29.75 -4.73 -55.95
N ASP G 152 -30.12 -6.01 -55.96
CA ASP G 152 -29.19 -7.12 -56.09
C ASP G 152 -28.05 -7.11 -55.05
N TYR G 153 -28.42 -7.24 -53.78
CA TYR G 153 -27.43 -7.33 -52.71
C TYR G 153 -27.56 -8.61 -51.86
N PHE G 154 -26.50 -8.97 -51.16
CA PHE G 154 -26.52 -10.09 -50.22
C PHE G 154 -25.40 -9.86 -49.21
N PRO G 155 -25.66 -10.12 -47.91
CA PRO G 155 -26.91 -10.56 -47.28
C PRO G 155 -27.66 -9.34 -46.76
N GLU G 156 -28.78 -9.57 -46.09
CA GLU G 156 -29.39 -8.57 -45.24
C GLU G 156 -28.43 -8.20 -44.11
N PRO G 157 -28.60 -7.01 -43.52
CA PRO G 157 -29.49 -5.88 -43.79
C PRO G 157 -28.87 -4.77 -44.65
N VAL G 158 -29.66 -3.92 -45.27
CA VAL G 158 -29.08 -2.68 -45.76
C VAL G 158 -29.70 -1.66 -44.83
N THR G 159 -29.18 -0.43 -44.77
CA THR G 159 -29.93 0.61 -44.06
C THR G 159 -30.19 1.69 -45.11
N VAL G 160 -31.39 2.26 -45.18
CA VAL G 160 -31.55 3.46 -46.01
C VAL G 160 -31.83 4.72 -45.17
N SER G 161 -31.17 5.84 -45.45
CA SER G 161 -31.43 7.12 -44.78
C SER G 161 -31.72 8.13 -45.88
N TRP G 162 -32.30 9.28 -45.58
CA TRP G 162 -32.38 10.28 -46.65
C TRP G 162 -31.65 11.54 -46.17
N ASN G 163 -31.23 12.40 -47.10
CA ASN G 163 -30.59 13.66 -46.79
C ASN G 163 -29.63 13.56 -45.58
N SER G 164 -28.73 12.58 -45.56
CA SER G 164 -27.84 12.44 -44.40
C SER G 164 -28.62 12.47 -43.08
N GLY G 165 -29.68 11.64 -43.02
CA GLY G 165 -30.53 11.52 -41.85
C GLY G 165 -31.25 12.77 -41.37
N ALA G 166 -31.20 13.83 -42.16
CA ALA G 166 -31.94 15.05 -41.85
C ALA G 166 -33.42 14.88 -42.16
N LEU G 167 -33.79 13.98 -43.07
CA LEU G 167 -35.21 13.80 -43.40
C LEU G 167 -35.71 12.46 -42.90
N THR G 168 -36.43 12.47 -41.79
CA THR G 168 -37.03 11.25 -41.24
C THR G 168 -38.54 11.07 -41.47
N SER G 169 -39.23 12.15 -41.86
CA SER G 169 -40.69 12.12 -42.03
C SER G 169 -41.14 11.62 -43.39
N GLY G 170 -42.15 10.76 -43.39
CA GLY G 170 -42.73 10.28 -44.63
C GLY G 170 -41.93 9.18 -45.30
N VAL G 171 -40.88 8.72 -44.62
CA VAL G 171 -40.02 7.67 -45.15
C VAL G 171 -40.57 6.29 -44.84
N HIS G 172 -40.65 5.45 -45.87
CA HIS G 172 -41.14 4.08 -45.76
C HIS G 172 -40.19 3.15 -46.49
N THR G 173 -39.33 2.44 -45.76
CA THR G 173 -38.44 1.48 -46.39
C THR G 173 -39.11 0.12 -46.37
N PHE G 174 -39.44 -0.41 -47.54
CA PHE G 174 -40.19 -1.65 -47.64
C PHE G 174 -39.32 -2.87 -47.41
N PRO G 175 -39.90 -3.93 -46.80
CA PRO G 175 -39.13 -5.18 -46.70
C PRO G 175 -38.70 -5.72 -48.07
N ALA G 176 -37.46 -6.18 -48.07
CA ALA G 176 -36.79 -6.76 -49.22
C ALA G 176 -37.43 -8.04 -49.74
N VAL G 177 -37.41 -8.19 -51.07
CA VAL G 177 -37.90 -9.38 -51.75
C VAL G 177 -36.79 -10.35 -52.14
N LEU G 178 -36.76 -11.53 -51.54
CA LEU G 178 -35.66 -12.43 -51.84
C LEU G 178 -35.96 -13.05 -53.22
N GLN G 179 -35.11 -12.68 -54.19
CA GLN G 179 -35.17 -13.24 -55.54
C GLN G 179 -34.81 -14.71 -55.57
N SER G 180 -35.19 -15.38 -56.66
CA SER G 180 -34.78 -16.75 -56.89
C SER G 180 -33.27 -16.88 -57.10
N SER G 181 -32.60 -15.77 -57.43
CA SER G 181 -31.15 -15.75 -57.57
C SER G 181 -30.40 -15.93 -56.25
N GLY G 182 -31.03 -15.58 -55.12
CA GLY G 182 -30.38 -15.66 -53.82
C GLY G 182 -29.98 -14.29 -53.30
N LEU G 183 -30.32 -13.27 -54.08
CA LEU G 183 -30.00 -11.88 -53.77
C LEU G 183 -31.28 -11.15 -53.35
N TYR G 184 -31.14 -10.07 -52.59
CA TYR G 184 -32.26 -9.26 -52.13
C TYR G 184 -32.44 -7.94 -52.90
N SER G 185 -33.65 -7.41 -52.86
CA SER G 185 -33.91 -6.06 -53.34
C SER G 185 -34.96 -5.40 -52.45
N LEU G 186 -34.77 -4.12 -52.17
CA LEU G 186 -35.78 -3.34 -51.46
C LEU G 186 -35.96 -1.97 -52.10
N SER G 187 -37.01 -1.28 -51.67
CA SER G 187 -37.27 0.08 -52.09
C SER G 187 -37.51 0.95 -50.87
N SER G 188 -37.09 2.20 -50.93
CA SER G 188 -37.40 3.17 -49.92
C SER G 188 -38.09 4.35 -50.58
N VAL G 189 -39.29 4.67 -50.13
CA VAL G 189 -40.00 5.79 -50.72
C VAL G 189 -40.32 6.79 -49.62
N VAL G 190 -40.08 8.07 -49.90
CA VAL G 190 -40.41 9.14 -49.00
C VAL G 190 -41.48 9.99 -49.63
N THR G 191 -42.47 10.32 -48.82
CA THR G 191 -43.58 11.12 -49.24
C THR G 191 -43.34 12.57 -48.81
N VAL G 192 -43.48 13.50 -49.74
CA VAL G 192 -42.95 14.86 -49.57
C VAL G 192 -43.84 15.88 -50.27
N PRO G 193 -43.96 17.09 -49.70
CA PRO G 193 -44.71 18.14 -50.40
C PRO G 193 -44.19 18.45 -51.81
N SER G 194 -45.08 18.38 -52.80
CA SER G 194 -44.69 18.55 -54.20
C SER G 194 -44.26 19.98 -54.49
N SER G 195 -44.67 20.90 -53.62
CA SER G 195 -44.27 22.29 -53.78
C SER G 195 -42.77 22.27 -53.54
N SER G 196 -42.30 21.51 -52.55
CA SER G 196 -40.87 21.46 -52.33
C SER G 196 -40.32 20.40 -53.26
N LEU G 197 -40.35 20.72 -54.55
CA LEU G 197 -39.82 19.85 -55.59
C LEU G 197 -38.63 20.52 -56.25
N GLY G 198 -38.82 21.79 -56.62
CA GLY G 198 -37.81 22.58 -57.28
C GLY G 198 -37.02 23.47 -56.36
N THR G 199 -36.86 23.03 -55.11
CA THR G 199 -36.12 23.80 -54.11
C THR G 199 -35.26 22.84 -53.30
N GLN G 200 -35.89 21.97 -52.52
CA GLN G 200 -35.16 20.99 -51.71
C GLN G 200 -34.67 19.78 -52.55
N THR G 201 -33.43 19.43 -52.29
CA THR G 201 -32.66 18.29 -52.84
C THR G 201 -32.83 17.01 -52.04
N TYR G 202 -33.17 15.90 -52.70
CA TYR G 202 -33.38 14.67 -51.97
C TYR G 202 -32.36 13.71 -52.53
N ILE G 203 -31.63 13.20 -51.55
CA ILE G 203 -30.61 12.18 -51.72
C ILE G 203 -30.89 11.03 -50.74
N CYS G 204 -30.70 9.82 -51.25
CA CYS G 204 -30.88 8.56 -50.53
C CYS G 204 -29.53 7.89 -50.30
N ASN G 205 -29.22 7.62 -49.03
CA ASN G 205 -27.93 7.07 -48.67
C ASN G 205 -28.19 5.63 -48.26
N VAL G 206 -27.53 4.74 -49.01
CA VAL G 206 -27.65 3.30 -48.79
C VAL G 206 -26.33 2.78 -48.28
N ASN G 207 -26.41 2.11 -47.13
CA ASN G 207 -25.25 1.47 -46.52
C ASN G 207 -25.37 -0.02 -46.32
N HIS G 208 -24.48 -0.76 -46.98
CA HIS G 208 -24.46 -2.21 -46.89
C HIS G 208 -23.18 -2.60 -46.18
N LYS G 209 -23.30 -2.97 -44.91
CA LYS G 209 -22.14 -3.31 -44.10
C LYS G 209 -21.36 -4.52 -44.59
N PRO G 210 -22.05 -5.63 -44.90
CA PRO G 210 -21.32 -6.85 -45.26
C PRO G 210 -20.35 -6.71 -46.45
N SER G 211 -20.71 -5.93 -47.47
CA SER G 211 -19.80 -5.64 -48.59
C SER G 211 -19.13 -4.26 -48.46
N ASN G 212 -19.38 -3.58 -47.35
CA ASN G 212 -18.84 -2.25 -47.02
C ASN G 212 -19.14 -1.20 -48.09
N THR G 213 -20.40 -1.16 -48.52
CA THR G 213 -20.81 -0.37 -49.67
C THR G 213 -21.55 0.86 -49.16
N LYS G 214 -21.18 2.04 -49.63
CA LYS G 214 -21.91 3.24 -49.23
C LYS G 214 -22.13 3.82 -50.62
N VAL G 215 -23.35 4.25 -50.87
CA VAL G 215 -23.79 4.91 -52.09
C VAL G 215 -24.77 6.06 -51.97
N ASP G 216 -24.48 7.28 -52.46
CA ASP G 216 -25.51 8.25 -52.22
C ASP G 216 -25.95 8.50 -53.65
N LYS G 217 -27.27 8.38 -53.83
CA LYS G 217 -28.00 8.75 -55.04
C LYS G 217 -28.86 10.00 -54.96
N ARG G 218 -28.93 10.82 -56.00
CA ARG G 218 -29.80 12.00 -55.90
C ARG G 218 -31.08 11.77 -56.70
N VAL G 219 -32.26 11.76 -56.07
CA VAL G 219 -33.45 11.57 -56.90
C VAL G 219 -33.90 12.92 -57.49
N GLU G 220 -34.13 12.97 -58.80
CA GLU G 220 -34.63 14.18 -59.48
C GLU G 220 -36.01 13.98 -60.14
N PRO G 221 -36.79 15.07 -60.34
CA PRO G 221 -38.13 14.96 -60.92
C PRO G 221 -38.16 14.45 -62.38
N SER H 2 -40.76 -27.36 -28.98
CA SER H 2 -41.79 -28.09 -28.24
C SER H 2 -41.46 -28.15 -26.74
N ALA H 3 -41.67 -29.33 -26.14
CA ALA H 3 -41.78 -29.51 -24.69
C ALA H 3 -42.99 -28.79 -24.11
N LEU H 4 -43.10 -27.49 -24.36
CA LEU H 4 -44.31 -26.75 -24.08
C LEU H 4 -45.13 -26.63 -25.37
N THR H 5 -46.45 -26.78 -25.28
CA THR H 5 -47.30 -26.79 -26.46
C THR H 5 -48.29 -25.63 -26.41
N GLN H 6 -48.35 -24.84 -27.48
CA GLN H 6 -49.26 -23.70 -27.53
C GLN H 6 -50.08 -23.79 -28.80
N PRO H 7 -51.29 -23.18 -28.79
CA PRO H 7 -52.03 -23.08 -30.04
C PRO H 7 -51.28 -22.16 -31.00
N PRO H 8 -51.23 -22.51 -32.29
CA PRO H 8 -50.51 -21.65 -33.23
C PRO H 8 -51.14 -20.24 -33.34
N ALA H 9 -52.43 -20.11 -33.04
CA ALA H 9 -53.12 -18.85 -33.26
C ALA H 9 -54.24 -18.60 -32.25
N VAL H 10 -54.38 -17.34 -31.86
CA VAL H 10 -55.53 -16.88 -31.10
C VAL H 10 -55.93 -15.51 -31.64
N SER H 11 -57.20 -15.15 -31.47
CA SER H 11 -57.70 -13.85 -31.89
C SER H 11 -58.79 -13.27 -30.99
N GLY H 12 -59.02 -11.97 -31.09
CA GLY H 12 -60.07 -11.31 -30.35
C GLY H 12 -60.27 -9.93 -30.95
N THR H 13 -61.37 -9.26 -30.59
CA THR H 13 -61.64 -7.90 -31.06
C THR H 13 -61.19 -6.88 -30.02
N PRO H 14 -60.95 -5.62 -30.44
CA PRO H 14 -60.57 -4.65 -29.41
C PRO H 14 -61.59 -4.64 -28.26
N GLY H 15 -61.06 -4.75 -27.05
CA GLY H 15 -61.87 -4.83 -25.85
C GLY H 15 -62.26 -6.23 -25.39
N GLN H 16 -62.16 -7.23 -26.28
CA GLN H 16 -62.51 -8.60 -25.92
C GLN H 16 -61.45 -9.17 -24.98
N ARG H 17 -61.80 -10.22 -24.23
CA ARG H 17 -60.81 -10.97 -23.45
C ARG H 17 -60.35 -12.19 -24.25
N VAL H 18 -59.03 -12.35 -24.38
CA VAL H 18 -58.47 -13.51 -25.10
C VAL H 18 -57.54 -14.32 -24.22
N THR H 19 -57.52 -15.64 -24.41
CA THR H 19 -56.63 -16.48 -23.63
C THR H 19 -55.70 -17.32 -24.51
N ILE H 20 -54.50 -17.59 -24.02
CA ILE H 20 -53.53 -18.41 -24.73
C ILE H 20 -53.06 -19.49 -23.77
N SER H 21 -53.26 -20.75 -24.12
CA SER H 21 -52.93 -21.87 -23.23
C SER H 21 -51.51 -22.38 -23.45
N CYS H 22 -50.94 -23.07 -22.45
CA CYS H 22 -49.59 -23.61 -22.56
C CYS H 22 -49.54 -24.96 -21.84
N SER H 23 -49.45 -26.04 -22.62
CA SER H 23 -49.35 -27.39 -22.05
C SER H 23 -47.92 -27.95 -21.91
N GLY H 24 -47.59 -28.41 -20.71
CA GLY H 24 -46.30 -29.01 -20.41
C GLY H 24 -46.39 -30.41 -19.82
N SER H 25 -45.42 -30.72 -18.96
CA SER H 25 -45.30 -32.03 -18.31
C SER H 25 -44.87 -31.81 -16.86
N ASP H 26 -44.62 -32.87 -16.13
CA ASP H 26 -44.20 -32.76 -14.72
C ASP H 26 -42.83 -32.10 -14.57
N SER H 27 -41.94 -32.36 -15.53
CA SER H 27 -40.56 -31.90 -15.43
C SER H 27 -40.35 -30.40 -15.70
N ASN H 28 -41.33 -29.72 -16.27
CA ASN H 28 -41.23 -28.26 -16.44
C ASN H 28 -42.36 -27.53 -15.70
N ILE H 29 -43.48 -27.28 -16.35
CA ILE H 29 -44.55 -26.49 -15.74
C ILE H 29 -45.01 -27.08 -14.41
N GLY H 30 -45.10 -28.41 -14.35
CA GLY H 30 -45.52 -29.07 -13.13
C GLY H 30 -44.72 -28.64 -11.90
N ARG H 31 -43.39 -28.64 -12.03
CA ARG H 31 -42.52 -28.41 -10.89
C ARG H 31 -41.73 -27.09 -10.96
N ARG H 32 -41.94 -26.34 -12.04
CA ARG H 32 -41.23 -25.07 -12.23
C ARG H 32 -42.13 -23.89 -12.62
N SER H 33 -41.59 -22.69 -12.39
CA SER H 33 -42.30 -21.46 -12.68
C SER H 33 -42.30 -21.19 -14.18
N VAL H 34 -43.38 -20.56 -14.64
CA VAL H 34 -43.57 -20.25 -16.06
C VAL H 34 -43.29 -18.78 -16.34
N ASN H 35 -42.60 -18.50 -17.45
CA ASN H 35 -42.40 -17.11 -17.88
C ASN H 35 -43.12 -16.92 -19.21
N TRP H 36 -43.60 -15.70 -19.47
CA TRP H 36 -44.25 -15.38 -20.73
C TRP H 36 -43.54 -14.19 -21.36
N TYR H 37 -43.41 -14.26 -22.68
CA TYR H 37 -42.76 -13.23 -23.49
C TYR H 37 -43.64 -12.74 -24.63
N GLN H 38 -43.50 -11.47 -24.97
CA GLN H 38 -44.20 -10.88 -26.11
C GLN H 38 -43.15 -10.54 -27.16
N GLN H 39 -43.44 -10.82 -28.43
CA GLN H 39 -42.50 -10.52 -29.50
C GLN H 39 -43.19 -9.95 -30.72
N PHE H 40 -42.78 -8.76 -31.14
CA PHE H 40 -43.22 -8.19 -32.40
C PHE H 40 -42.23 -8.60 -33.49
N PRO H 41 -42.71 -8.72 -34.74
CA PRO H 41 -41.86 -9.26 -35.81
C PRO H 41 -40.53 -8.50 -35.95
N GLY H 42 -39.42 -9.22 -36.00
CA GLY H 42 -38.10 -8.63 -36.19
C GLY H 42 -37.51 -7.84 -35.04
N THR H 43 -38.10 -7.95 -33.84
CA THR H 43 -37.57 -7.28 -32.66
C THR H 43 -37.41 -8.32 -31.55
N ALA H 44 -36.67 -7.98 -30.50
CA ALA H 44 -36.44 -8.93 -29.41
C ALA H 44 -37.71 -9.11 -28.58
N PRO H 45 -37.87 -10.30 -27.98
CA PRO H 45 -38.98 -10.58 -27.07
C PRO H 45 -38.99 -9.65 -25.86
N LYS H 46 -40.15 -9.49 -25.22
CA LYS H 46 -40.26 -8.72 -23.99
C LYS H 46 -40.86 -9.61 -22.92
N LEU H 47 -40.33 -9.51 -21.71
CA LEU H 47 -40.90 -10.25 -20.58
C LEU H 47 -42.25 -9.64 -20.20
N LEU H 48 -43.26 -10.49 -20.19
CA LEU H 48 -44.63 -10.09 -19.90
C LEU H 48 -45.04 -10.55 -18.51
N ILE H 49 -44.73 -11.81 -18.20
CA ILE H 49 -45.09 -12.37 -16.90
C ILE H 49 -43.97 -13.25 -16.37
N TYR H 50 -43.74 -13.22 -15.06
CA TYR H 50 -42.78 -14.14 -14.46
C TYR H 50 -43.32 -14.76 -13.16
N SER H 51 -42.68 -15.82 -12.69
CA SER H 51 -43.07 -16.50 -11.44
C SER H 51 -44.53 -16.94 -11.42
N ASN H 52 -45.04 -17.21 -12.62
CA ASN H 52 -46.39 -17.69 -12.92
C ASN H 52 -47.50 -16.66 -13.12
N ASP H 53 -47.62 -15.72 -12.18
CA ASP H 53 -48.58 -14.64 -12.27
C ASP H 53 -48.01 -13.21 -12.09
N GLN H 54 -46.70 -13.10 -11.92
CA GLN H 54 -46.08 -11.82 -11.59
C GLN H 54 -45.88 -11.00 -12.86
N ARG H 55 -46.38 -9.77 -12.82
CA ARG H 55 -46.21 -8.82 -13.92
C ARG H 55 -45.20 -7.71 -13.63
N PRO H 56 -44.21 -7.53 -14.53
CA PRO H 56 -43.25 -6.42 -14.44
C PRO H 56 -43.96 -5.08 -14.34
N SER H 57 -43.33 -4.12 -13.69
CA SER H 57 -43.98 -2.84 -13.45
C SER H 57 -44.36 -2.11 -14.75
N VAL H 58 -43.56 -2.31 -15.80
CA VAL H 58 -43.80 -1.61 -17.07
C VAL H 58 -44.89 -2.25 -17.93
N VAL H 59 -45.32 -3.46 -17.55
CA VAL H 59 -46.34 -4.21 -18.29
C VAL H 59 -47.76 -3.88 -17.79
N PRO H 60 -48.68 -3.53 -18.73
CA PRO H 60 -50.07 -3.24 -18.34
C PRO H 60 -50.71 -4.39 -17.57
N ASP H 61 -51.55 -4.07 -16.59
CA ASP H 61 -52.16 -5.10 -15.75
C ASP H 61 -53.28 -5.85 -16.48
N ARG H 62 -53.60 -5.43 -17.71
CA ARG H 62 -54.54 -6.22 -18.51
C ARG H 62 -53.93 -7.58 -18.84
N PHE H 63 -52.63 -7.72 -18.62
CA PHE H 63 -51.93 -8.99 -18.79
C PHE H 63 -51.88 -9.69 -17.44
N SER H 64 -52.34 -10.94 -17.40
CA SER H 64 -52.27 -11.74 -16.18
C SER H 64 -51.93 -13.17 -16.51
N GLY H 65 -51.33 -13.89 -15.57
CA GLY H 65 -50.98 -15.26 -15.81
C GLY H 65 -51.39 -16.18 -14.68
N SER H 66 -51.56 -17.46 -15.01
CA SER H 66 -51.89 -18.45 -13.99
C SER H 66 -51.30 -19.81 -14.36
N LYS H 67 -51.20 -20.67 -13.35
CA LYS H 67 -50.63 -22.00 -13.53
C LYS H 67 -51.41 -23.00 -12.70
N SER H 68 -51.85 -24.08 -13.35
CA SER H 68 -52.53 -25.16 -12.63
C SER H 68 -52.07 -26.50 -13.17
N GLY H 69 -51.53 -27.34 -12.29
CA GLY H 69 -51.01 -28.63 -12.67
C GLY H 69 -49.79 -28.46 -13.56
N THR H 70 -49.86 -29.04 -14.75
CA THR H 70 -48.77 -28.97 -15.71
C THR H 70 -49.20 -28.03 -16.84
N SER H 71 -50.13 -27.12 -16.56
CA SER H 71 -50.63 -26.18 -17.56
C SER H 71 -50.48 -24.74 -17.09
N ALA H 72 -50.46 -23.82 -18.05
CA ALA H 72 -50.43 -22.39 -17.75
C ALA H 72 -51.27 -21.61 -18.74
N SER H 73 -51.69 -20.41 -18.35
CA SER H 73 -52.55 -19.58 -19.18
C SER H 73 -52.19 -18.09 -19.07
N LEU H 74 -52.16 -17.43 -20.22
CA LEU H 74 -52.02 -15.98 -20.28
C LEU H 74 -53.37 -15.43 -20.66
N ALA H 75 -53.87 -14.48 -19.89
CA ALA H 75 -55.11 -13.82 -20.20
C ALA H 75 -54.84 -12.35 -20.48
N ILE H 76 -55.39 -11.86 -21.58
CA ILE H 76 -55.33 -10.45 -21.91
C ILE H 76 -56.77 -9.96 -21.83
N SER H 77 -57.09 -9.20 -20.78
CA SER H 77 -58.40 -8.60 -20.65
C SER H 77 -58.38 -7.34 -21.51
N GLY H 78 -59.52 -6.98 -22.10
CA GLY H 78 -59.59 -5.74 -22.85
C GLY H 78 -58.49 -5.65 -23.91
N LEU H 79 -58.48 -6.58 -24.86
CA LEU H 79 -57.50 -6.54 -25.94
C LEU H 79 -57.44 -5.18 -26.63
N GLN H 80 -56.27 -4.88 -27.18
CA GLN H 80 -55.99 -3.64 -27.89
C GLN H 80 -55.37 -4.00 -29.23
N SER H 81 -55.39 -3.05 -30.16
CA SER H 81 -54.76 -3.27 -31.44
C SER H 81 -53.26 -3.56 -31.30
N GLU H 82 -52.61 -2.90 -30.34
CA GLU H 82 -51.15 -3.03 -30.18
C GLU H 82 -50.72 -4.38 -29.58
N ASP H 83 -51.68 -5.22 -29.21
CA ASP H 83 -51.36 -6.54 -28.63
C ASP H 83 -51.13 -7.62 -29.69
N GLU H 84 -51.32 -7.28 -30.97
CA GLU H 84 -51.07 -8.23 -32.05
C GLU H 84 -49.56 -8.53 -32.07
N ALA H 85 -49.20 -9.78 -31.80
CA ALA H 85 -47.81 -10.16 -31.59
C ALA H 85 -47.74 -11.68 -31.44
N GLU H 86 -46.53 -12.22 -31.35
CA GLU H 86 -46.31 -13.62 -30.97
C GLU H 86 -46.12 -13.71 -29.46
N TYR H 87 -46.67 -14.74 -28.85
CA TYR H 87 -46.53 -14.94 -27.42
C TYR H 87 -45.89 -16.30 -27.14
N TYR H 88 -44.87 -16.33 -26.30
CA TYR H 88 -44.21 -17.59 -25.95
C TYR H 88 -44.32 -17.85 -24.46
N CYS H 89 -44.71 -19.08 -24.11
CA CYS H 89 -44.57 -19.54 -22.74
C CYS H 89 -43.21 -20.19 -22.57
N ALA H 90 -42.75 -20.29 -21.33
CA ALA H 90 -41.43 -20.84 -21.04
C ALA H 90 -41.33 -21.33 -19.60
N ALA H 91 -40.45 -22.30 -19.38
CA ALA H 91 -40.20 -22.79 -18.04
C ALA H 91 -38.86 -23.52 -18.07
N TRP H 92 -38.23 -23.67 -16.91
CA TRP H 92 -37.07 -24.54 -16.81
C TRP H 92 -37.60 -25.97 -16.85
N ASP H 93 -36.83 -26.86 -17.47
CA ASP H 93 -37.18 -28.28 -17.51
C ASP H 93 -36.13 -29.10 -16.77
N ASP H 94 -36.53 -29.80 -15.71
CA ASP H 94 -35.60 -30.56 -14.88
C ASP H 94 -35.14 -31.88 -15.49
N SER H 95 -35.79 -32.31 -16.55
CA SER H 95 -35.39 -33.57 -17.19
C SER H 95 -34.30 -33.27 -18.21
N LEU H 96 -34.46 -32.17 -18.94
CA LEU H 96 -33.49 -31.78 -19.94
C LEU H 96 -32.37 -30.94 -19.34
N LYS H 97 -32.58 -30.45 -18.11
CA LYS H 97 -31.65 -29.51 -17.48
C LYS H 97 -31.40 -28.33 -18.42
N GLY H 98 -32.46 -27.70 -18.90
CA GLY H 98 -32.33 -26.57 -19.80
C GLY H 98 -33.63 -25.83 -19.89
N ALA H 99 -33.58 -24.63 -20.46
CA ALA H 99 -34.77 -23.83 -20.64
C ALA H 99 -35.56 -24.32 -21.83
N VAL H 100 -36.88 -24.35 -21.69
CA VAL H 100 -37.72 -24.70 -22.80
C VAL H 100 -38.77 -23.62 -23.06
N PHE H 101 -39.24 -23.60 -24.30
CA PHE H 101 -40.22 -22.62 -24.77
C PHE H 101 -41.34 -23.35 -25.45
N GLY H 102 -42.53 -22.76 -25.42
CA GLY H 102 -43.60 -23.22 -26.28
C GLY H 102 -43.26 -22.81 -27.70
N GLY H 103 -44.02 -23.33 -28.66
CA GLY H 103 -43.78 -23.06 -30.07
C GLY H 103 -44.19 -21.67 -30.51
N GLY H 104 -44.91 -20.95 -29.65
CA GLY H 104 -45.37 -19.60 -29.98
C GLY H 104 -46.81 -19.58 -30.46
N THR H 105 -47.52 -18.52 -30.09
CA THR H 105 -48.89 -18.26 -30.54
C THR H 105 -49.01 -16.92 -31.27
N GLN H 106 -49.54 -16.93 -32.50
CA GLN H 106 -49.78 -15.67 -33.20
C GLN H 106 -51.14 -15.10 -32.81
N LEU H 107 -51.15 -13.90 -32.25
CA LEU H 107 -52.39 -13.23 -31.85
C LEU H 107 -52.71 -12.22 -32.96
N THR H 108 -53.93 -12.30 -33.47
CA THR H 108 -54.48 -11.44 -34.51
C THR H 108 -55.56 -10.58 -33.84
N VAL H 109 -55.60 -9.30 -34.19
CA VAL H 109 -56.61 -8.39 -33.69
C VAL H 109 -57.86 -8.51 -34.56
N LEU H 110 -59.01 -8.47 -33.90
CA LEU H 110 -60.27 -8.70 -34.59
C LEU H 110 -61.10 -7.44 -34.51
N GLY H 111 -62.07 -7.27 -35.40
CA GLY H 111 -62.99 -6.17 -35.20
C GLY H 111 -62.39 -4.94 -35.82
N GLN H 112 -61.15 -5.05 -36.32
CA GLN H 112 -60.48 -3.90 -36.90
C GLN H 112 -61.00 -3.64 -38.29
N PRO H 113 -61.22 -2.36 -38.58
CA PRO H 113 -61.82 -1.87 -39.82
C PRO H 113 -60.93 -2.18 -41.02
N LYS H 114 -61.57 -2.60 -42.10
CA LYS H 114 -60.88 -2.80 -43.36
C LYS H 114 -60.25 -1.51 -43.87
N ALA H 115 -59.11 -1.64 -44.54
CA ALA H 115 -58.43 -0.51 -45.15
C ALA H 115 -57.89 -0.91 -46.53
N ALA H 116 -58.27 -0.16 -47.56
CA ALA H 116 -57.86 -0.47 -48.93
C ALA H 116 -56.39 -0.12 -49.15
N PRO H 117 -55.71 -0.88 -50.02
CA PRO H 117 -54.28 -0.61 -50.26
C PRO H 117 -54.01 0.65 -51.07
N SER H 118 -53.09 1.46 -50.56
CA SER H 118 -52.48 2.54 -51.34
C SER H 118 -51.43 1.90 -52.24
N VAL H 119 -51.44 2.27 -53.51
CA VAL H 119 -50.45 1.75 -54.45
C VAL H 119 -49.61 2.87 -55.05
N THR H 120 -48.32 2.59 -55.23
CA THR H 120 -47.43 3.49 -55.97
C THR H 120 -46.64 2.68 -56.97
N LEU H 121 -46.63 3.08 -58.22
CA LEU H 121 -45.90 2.32 -59.21
C LEU H 121 -44.83 3.20 -59.87
N PHE H 122 -43.57 2.80 -59.71
CA PHE H 122 -42.45 3.52 -60.32
C PHE H 122 -42.01 2.77 -61.59
N PRO H 123 -41.78 3.50 -62.69
CA PRO H 123 -41.23 2.92 -63.94
C PRO H 123 -39.73 2.73 -63.87
N PRO H 124 -39.16 1.93 -64.78
CA PRO H 124 -37.71 1.80 -64.80
C PRO H 124 -37.02 3.17 -64.88
N SER H 125 -35.97 3.36 -64.10
CA SER H 125 -35.21 4.59 -64.15
C SER H 125 -34.30 4.61 -65.37
N SER H 126 -33.95 5.81 -65.83
CA SER H 126 -33.10 5.94 -67.01
C SER H 126 -31.72 5.33 -66.75
N GLU H 127 -31.20 5.54 -65.54
CA GLU H 127 -29.91 4.98 -65.15
C GLU H 127 -29.90 3.46 -65.34
N GLU H 128 -30.98 2.80 -64.93
CA GLU H 128 -31.04 1.33 -65.00
C GLU H 128 -31.14 0.83 -66.44
N LEU H 129 -31.86 1.56 -67.28
CA LEU H 129 -31.96 1.22 -68.71
C LEU H 129 -30.57 1.25 -69.35
N GLN H 130 -29.77 2.24 -68.97
CA GLN H 130 -28.39 2.32 -69.46
C GLN H 130 -27.58 1.09 -69.05
N ALA H 131 -27.96 0.48 -67.93
CA ALA H 131 -27.32 -0.74 -67.44
C ALA H 131 -28.02 -2.00 -68.00
N ASN H 132 -28.84 -1.80 -69.02
CA ASN H 132 -29.50 -2.88 -69.75
C ASN H 132 -30.46 -3.77 -68.93
N LYS H 133 -31.07 -3.18 -67.90
CA LYS H 133 -32.12 -3.84 -67.14
C LYS H 133 -33.34 -2.92 -66.99
N ALA H 134 -34.50 -3.46 -66.66
CA ALA H 134 -35.64 -2.61 -66.37
C ALA H 134 -36.50 -3.21 -65.26
N THR H 135 -36.71 -2.44 -64.19
CA THR H 135 -37.50 -2.91 -63.06
C THR H 135 -38.66 -1.97 -62.77
N LEU H 136 -39.85 -2.54 -62.78
CA LEU H 136 -41.07 -1.85 -62.36
C LEU H 136 -41.31 -2.15 -60.88
N VAL H 137 -41.41 -1.09 -60.07
CA VAL H 137 -41.49 -1.24 -58.62
C VAL H 137 -42.89 -0.89 -58.12
N CYS H 138 -43.59 -1.89 -57.60
CA CYS H 138 -44.95 -1.71 -57.09
C CYS H 138 -45.00 -1.79 -55.57
N LEU H 139 -45.30 -0.65 -54.96
CA LEU H 139 -45.31 -0.51 -53.52
C LEU H 139 -46.73 -0.47 -52.96
N ILE H 140 -47.07 -1.46 -52.14
CA ILE H 140 -48.42 -1.58 -51.61
C ILE H 140 -48.37 -1.32 -50.11
N SER H 141 -49.20 -0.41 -49.60
CA SER H 141 -49.11 -0.05 -48.19
C SER H 141 -50.49 0.19 -47.57
N ASP H 142 -50.54 0.20 -46.24
CA ASP H 142 -51.75 0.54 -45.49
C ASP H 142 -53.01 -0.29 -45.79
N PHE H 143 -52.88 -1.60 -45.99
CA PHE H 143 -54.10 -2.43 -46.13
C PHE H 143 -54.39 -3.38 -44.94
N TYR H 144 -55.67 -3.67 -44.74
CA TYR H 144 -56.12 -4.64 -43.72
C TYR H 144 -57.47 -5.25 -44.12
N PRO H 145 -57.64 -6.57 -43.93
CA PRO H 145 -56.67 -7.55 -43.41
C PRO H 145 -55.45 -7.68 -44.31
N GLY H 146 -54.42 -8.34 -43.80
CA GLY H 146 -53.08 -8.29 -44.35
C GLY H 146 -52.79 -9.24 -45.51
N ALA H 147 -53.78 -9.45 -46.38
CA ALA H 147 -53.60 -10.35 -47.52
C ALA H 147 -54.10 -9.74 -48.83
N VAL H 148 -53.16 -9.52 -49.75
CA VAL H 148 -53.48 -9.02 -51.09
C VAL H 148 -52.97 -10.03 -52.12
N THR H 149 -53.46 -9.95 -53.35
CA THR H 149 -52.86 -10.68 -54.46
C THR H 149 -52.51 -9.70 -55.57
N VAL H 150 -51.48 -10.00 -56.34
CA VAL H 150 -50.99 -9.03 -57.32
C VAL H 150 -50.98 -9.62 -58.73
N ALA H 151 -51.59 -8.91 -59.68
CA ALA H 151 -51.61 -9.29 -61.08
C ALA H 151 -50.94 -8.18 -61.89
N TRP H 152 -50.00 -8.56 -62.74
CA TRP H 152 -49.29 -7.62 -63.61
C TRP H 152 -49.87 -7.64 -65.02
N LYS H 153 -50.12 -6.47 -65.57
CA LYS H 153 -50.69 -6.34 -66.89
C LYS H 153 -49.68 -5.77 -67.86
N ALA H 154 -49.46 -6.48 -68.94
CA ALA H 154 -48.60 -5.99 -70.00
C ALA H 154 -49.64 -5.66 -71.04
N ASP H 155 -49.71 -4.39 -71.40
CA ASP H 155 -50.78 -3.93 -72.26
C ASP H 155 -52.01 -4.37 -71.46
N SER H 156 -52.93 -5.13 -72.05
CA SER H 156 -54.07 -5.68 -71.31
C SER H 156 -53.86 -7.15 -70.92
N SER H 157 -52.70 -7.68 -71.27
CA SER H 157 -52.40 -9.11 -71.18
C SER H 157 -51.68 -9.53 -69.91
N PRO H 158 -51.77 -10.82 -69.52
CA PRO H 158 -51.11 -10.89 -68.22
C PRO H 158 -49.67 -11.41 -68.28
N VAL H 159 -48.78 -10.85 -67.45
CA VAL H 159 -47.40 -11.29 -67.41
C VAL H 159 -47.35 -12.60 -66.67
N LYS H 160 -46.72 -13.61 -67.25
CA LYS H 160 -46.53 -14.86 -66.53
C LYS H 160 -45.06 -15.05 -66.14
N ALA H 161 -44.23 -14.05 -66.45
CA ALA H 161 -42.81 -14.08 -66.11
C ALA H 161 -42.29 -12.87 -65.31
N GLY H 162 -41.21 -13.09 -64.57
CA GLY H 162 -40.45 -12.02 -63.95
C GLY H 162 -41.17 -11.29 -62.83
N VAL H 163 -42.24 -11.89 -62.32
CA VAL H 163 -42.98 -11.32 -61.21
C VAL H 163 -42.53 -11.95 -59.88
N GLU H 164 -42.03 -11.11 -58.97
CA GLU H 164 -41.63 -11.56 -57.62
C GLU H 164 -42.28 -10.66 -56.56
N THR H 165 -43.06 -11.24 -55.67
CA THR H 165 -43.84 -10.45 -54.71
C THR H 165 -43.52 -10.87 -53.28
N THR H 166 -43.32 -9.89 -52.40
CA THR H 166 -43.01 -10.19 -51.00
C THR H 166 -44.24 -10.68 -50.27
N THR H 167 -44.02 -11.26 -49.10
CA THR H 167 -45.10 -11.56 -48.17
C THR H 167 -45.61 -10.27 -47.56
N PRO H 168 -46.85 -10.29 -47.06
CA PRO H 168 -47.31 -9.13 -46.29
C PRO H 168 -46.60 -9.06 -44.94
N SER H 169 -46.21 -7.85 -44.54
CA SER H 169 -45.49 -7.58 -43.28
C SER H 169 -46.28 -6.50 -42.58
N LYS H 170 -46.39 -6.56 -41.25
CA LYS H 170 -47.15 -5.50 -40.61
C LYS H 170 -46.40 -4.18 -40.39
N GLN H 171 -47.10 -3.09 -40.62
CA GLN H 171 -46.57 -1.73 -40.49
C GLN H 171 -46.58 -1.33 -39.02
N SER H 172 -46.26 -0.07 -38.74
CA SER H 172 -46.30 0.45 -37.37
C SER H 172 -47.73 0.82 -36.94
N ASN H 173 -48.58 1.13 -37.90
CA ASN H 173 -49.99 1.48 -37.62
C ASN H 173 -50.91 0.24 -37.65
N ASN H 174 -50.32 -0.94 -37.51
CA ASN H 174 -51.07 -2.22 -37.50
C ASN H 174 -51.80 -2.62 -38.79
N LYS H 175 -51.59 -1.87 -39.85
CA LYS H 175 -52.02 -2.28 -41.19
C LYS H 175 -50.82 -2.95 -41.88
N TYR H 176 -50.98 -3.45 -43.10
CA TYR H 176 -49.93 -4.23 -43.75
C TYR H 176 -49.34 -3.59 -45.01
N ALA H 177 -48.13 -4.03 -45.36
CA ALA H 177 -47.45 -3.55 -46.56
C ALA H 177 -46.86 -4.73 -47.34
N ALA H 178 -46.73 -4.55 -48.64
CA ALA H 178 -46.06 -5.53 -49.49
C ALA H 178 -45.39 -4.78 -50.64
N SER H 179 -44.69 -5.51 -51.48
CA SER H 179 -44.15 -4.94 -52.71
C SER H 179 -43.96 -6.03 -53.76
N SER H 180 -44.18 -5.68 -55.02
CA SER H 180 -44.03 -6.62 -56.11
C SER H 180 -43.11 -6.00 -57.16
N TYR H 181 -42.25 -6.82 -57.74
CA TYR H 181 -41.24 -6.36 -58.68
C TYR H 181 -41.42 -7.06 -60.02
N LEU H 182 -41.43 -6.28 -61.10
CA LEU H 182 -41.49 -6.85 -62.44
C LEU H 182 -40.17 -6.62 -63.16
N SER H 183 -39.55 -7.70 -63.60
CA SER H 183 -38.26 -7.61 -64.27
C SER H 183 -38.41 -7.84 -65.77
N LEU H 184 -37.94 -6.86 -66.54
CA LEU H 184 -38.06 -6.88 -67.98
C LEU H 184 -36.77 -6.36 -68.61
N THR H 185 -36.52 -6.80 -69.84
CA THR H 185 -35.47 -6.27 -70.71
C THR H 185 -35.92 -4.89 -71.18
N PRO H 186 -34.97 -3.96 -71.39
CA PRO H 186 -35.30 -2.64 -71.92
C PRO H 186 -36.10 -2.72 -73.22
N GLU H 187 -35.89 -3.79 -73.97
CA GLU H 187 -36.66 -4.02 -75.20
C GLU H 187 -38.14 -4.30 -74.90
N GLN H 188 -38.40 -5.09 -73.87
CA GLN H 188 -39.79 -5.37 -73.49
C GLN H 188 -40.50 -4.14 -72.92
N TRP H 189 -39.73 -3.26 -72.27
CA TRP H 189 -40.25 -1.99 -71.76
C TRP H 189 -40.57 -1.05 -72.92
N LYS H 190 -39.83 -1.17 -74.00
CA LYS H 190 -40.12 -0.42 -75.21
C LYS H 190 -41.22 -1.12 -76.02
N SER H 191 -41.26 -2.44 -75.91
CA SER H 191 -42.14 -3.27 -76.73
C SER H 191 -43.61 -3.04 -76.43
N HIS H 192 -43.90 -2.44 -75.28
CA HIS H 192 -45.29 -2.18 -74.90
C HIS H 192 -45.53 -0.73 -74.52
N ARG H 193 -46.77 -0.28 -74.71
CA ARG H 193 -47.12 1.12 -74.46
C ARG H 193 -47.63 1.31 -73.05
N SER H 194 -47.97 0.20 -72.39
CA SER H 194 -48.53 0.30 -71.05
C SER H 194 -48.18 -0.88 -70.15
N TYR H 195 -47.78 -0.59 -68.91
CA TYR H 195 -47.60 -1.63 -67.90
C TYR H 195 -48.42 -1.23 -66.66
N SER H 196 -49.07 -2.20 -66.01
CA SER H 196 -49.96 -1.93 -64.88
C SER H 196 -49.84 -2.87 -63.67
N CYS H 197 -49.83 -2.31 -62.47
CA CYS H 197 -49.84 -3.13 -61.25
C CYS H 197 -51.25 -3.20 -60.69
N GLN H 198 -51.78 -4.43 -60.63
CA GLN H 198 -53.13 -4.68 -60.15
C GLN H 198 -53.08 -5.37 -58.80
N VAL H 199 -53.53 -4.70 -57.76
CA VAL H 199 -53.53 -5.26 -56.41
C VAL H 199 -54.96 -5.51 -55.96
N THR H 200 -55.36 -6.77 -55.81
CA THR H 200 -56.71 -7.06 -55.35
C THR H 200 -56.71 -7.34 -53.84
N HIS H 201 -57.63 -6.68 -53.13
CA HIS H 201 -57.68 -6.79 -51.67
C HIS H 201 -59.14 -6.89 -51.20
N GLU H 202 -59.51 -8.07 -50.71
CA GLU H 202 -60.89 -8.37 -50.32
C GLU H 202 -61.87 -8.12 -51.48
N GLY H 203 -61.60 -8.76 -52.61
CA GLY H 203 -62.45 -8.65 -53.78
C GLY H 203 -62.22 -7.39 -54.60
N SER H 204 -62.04 -6.27 -53.92
CA SER H 204 -61.83 -4.98 -54.59
C SER H 204 -60.41 -4.80 -55.11
N THR H 205 -60.29 -4.25 -56.32
CA THR H 205 -59.00 -4.12 -56.97
C THR H 205 -58.53 -2.66 -57.13
N VAL H 206 -57.35 -2.37 -56.59
CA VAL H 206 -56.68 -1.10 -56.79
C VAL H 206 -55.68 -1.27 -57.94
N GLU H 207 -55.58 -0.28 -58.83
CA GLU H 207 -54.71 -0.41 -60.00
C GLU H 207 -53.87 0.84 -60.24
N LYS H 208 -52.64 0.66 -60.73
CA LYS H 208 -51.86 1.79 -61.21
C LYS H 208 -51.15 1.45 -62.53
N THR H 209 -50.71 2.48 -63.23
CA THR H 209 -50.18 2.31 -64.58
C THR H 209 -49.11 3.33 -64.92
N VAL H 210 -48.08 2.87 -65.62
CA VAL H 210 -47.06 3.77 -66.16
C VAL H 210 -46.83 3.51 -67.65
N ALA H 211 -46.42 4.55 -68.38
CA ALA H 211 -46.16 4.42 -69.81
C ALA H 211 -44.74 4.87 -70.19
N PRO H 212 -44.07 4.11 -71.07
CA PRO H 212 -42.73 4.46 -71.55
C PRO H 212 -42.75 5.66 -72.51
N GLN I 1 5.32 -32.38 3.88
CA GLN I 1 5.67 -33.27 5.03
C GLN I 1 6.94 -32.80 5.70
N VAL I 2 6.80 -32.32 6.94
CA VAL I 2 7.92 -31.80 7.70
C VAL I 2 8.95 -32.88 8.05
N GLN I 3 10.23 -32.52 7.96
CA GLN I 3 11.32 -33.34 8.51
C GLN I 3 12.10 -32.49 9.50
N LEU I 4 12.61 -33.12 10.55
CA LEU I 4 13.48 -32.41 11.47
C LEU I 4 14.93 -32.82 11.22
N VAL I 5 15.79 -31.84 10.96
CA VAL I 5 17.18 -32.12 10.63
C VAL I 5 18.08 -31.51 11.69
N GLN I 6 18.77 -32.36 12.42
CA GLN I 6 19.61 -31.93 13.52
C GLN I 6 21.04 -31.62 13.09
N SER I 7 21.76 -30.83 13.89
CA SER I 7 23.16 -30.55 13.60
C SER I 7 23.99 -31.84 13.81
N GLY I 8 25.23 -31.81 13.33
CA GLY I 8 26.08 -33.00 13.28
C GLY I 8 26.75 -33.40 14.57
N ALA I 9 27.43 -34.52 14.54
CA ALA I 9 28.07 -35.08 15.72
C ALA I 9 29.06 -34.11 16.37
N GLU I 10 29.15 -34.18 17.69
CA GLU I 10 29.99 -33.27 18.48
C GLU I 10 30.96 -34.06 19.32
N VAL I 11 32.21 -33.57 19.41
CA VAL I 11 33.18 -34.17 20.31
C VAL I 11 33.67 -33.13 21.30
N LYS I 12 33.45 -33.41 22.59
CA LYS I 12 33.63 -32.42 23.64
C LYS I 12 34.46 -32.93 24.79
N LYS I 13 35.17 -31.98 25.40
CA LYS I 13 35.99 -32.22 26.57
C LYS I 13 35.17 -31.89 27.81
N PRO I 14 35.49 -32.51 28.95
CA PRO I 14 34.77 -32.29 30.21
C PRO I 14 34.70 -30.82 30.64
N GLY I 15 33.51 -30.38 31.06
CA GLY I 15 33.28 -29.01 31.50
C GLY I 15 32.81 -28.05 30.43
N SER I 16 32.88 -28.45 29.17
CA SER I 16 32.49 -27.58 28.05
C SER I 16 30.98 -27.59 27.88
N SER I 17 30.49 -26.84 26.91
N SER I 17 30.49 -26.84 26.91
CA SER I 17 29.07 -26.83 26.59
CA SER I 17 29.08 -26.82 26.59
C SER I 17 28.86 -27.22 25.14
C SER I 17 28.87 -27.25 25.15
N VAL I 18 27.69 -27.75 24.84
CA VAL I 18 27.36 -28.14 23.47
C VAL I 18 25.98 -27.59 23.13
N LYS I 19 25.85 -27.06 21.91
CA LYS I 19 24.55 -26.58 21.48
C LYS I 19 24.18 -27.27 20.17
N VAL I 20 23.09 -28.04 20.23
CA VAL I 20 22.63 -28.87 19.12
C VAL I 20 21.42 -28.19 18.50
N SER I 21 21.30 -28.22 17.17
CA SER I 21 20.16 -27.62 16.49
C SER I 21 19.22 -28.62 15.82
N CYS I 22 17.97 -28.21 15.65
CA CYS I 22 16.94 -29.04 15.06
C CYS I 22 16.14 -28.13 14.12
N LYS I 23 16.31 -28.30 12.81
CA LYS I 23 15.65 -27.46 11.83
C LYS I 23 14.41 -28.09 11.24
N SER I 24 13.29 -27.38 11.27
N SER I 24 13.30 -27.39 11.28
CA SER I 24 12.08 -27.90 10.65
CA SER I 24 12.11 -27.89 10.63
C SER I 24 12.09 -27.48 9.19
C SER I 24 12.19 -27.48 9.19
N SER I 25 12.20 -28.45 8.30
CA SER I 25 12.26 -28.20 6.88
C SER I 25 11.02 -28.78 6.23
N GLY I 26 10.61 -28.16 5.13
CA GLY I 26 9.41 -28.57 4.42
C GLY I 26 8.16 -28.04 5.11
N GLY I 27 8.34 -27.05 5.97
CA GLY I 27 7.25 -26.43 6.73
C GLY I 27 7.66 -26.04 8.13
N THR I 28 6.87 -25.20 8.79
CA THR I 28 7.23 -24.77 10.14
C THR I 28 6.75 -25.77 11.21
N SER I 29 7.41 -25.78 12.35
CA SER I 29 6.95 -26.52 13.53
C SER I 29 6.64 -25.54 14.66
N ASN I 30 6.56 -24.26 14.34
CA ASN I 30 6.45 -23.21 15.35
C ASN I 30 5.17 -23.28 16.17
N ASN I 31 4.17 -23.91 15.59
CA ASN I 31 2.88 -24.06 16.25
C ASN I 31 2.80 -25.34 17.08
N TYR I 32 3.93 -26.04 17.20
CA TYR I 32 3.97 -27.26 17.97
C TYR I 32 5.03 -27.14 19.06
N ALA I 33 4.91 -27.99 20.08
CA ALA I 33 6.00 -28.21 21.01
C ALA I 33 7.01 -29.16 20.37
N ILE I 34 8.29 -28.88 20.57
CA ILE I 34 9.38 -29.78 20.24
C ILE I 34 10.11 -30.11 21.53
N SER I 35 10.34 -31.39 21.78
CA SER I 35 11.08 -31.84 22.94
C SER I 35 12.47 -32.31 22.58
N TRP I 36 13.36 -32.30 23.57
CA TRP I 36 14.66 -32.92 23.45
C TRP I 36 14.70 -34.13 24.38
N VAL I 37 15.12 -35.27 23.85
CA VAL I 37 15.10 -36.54 24.54
C VAL I 37 16.45 -37.16 24.29
N ARG I 38 17.16 -37.61 25.32
CA ARG I 38 18.47 -38.20 25.07
C ARG I 38 18.48 -39.69 25.39
N GLN I 39 19.47 -40.38 24.85
CA GLN I 39 19.58 -41.81 25.05
C GLN I 39 21.05 -42.13 25.25
N ALA I 40 21.41 -42.42 26.49
CA ALA I 40 22.78 -42.79 26.80
C ALA I 40 23.08 -44.16 26.22
N PRO I 41 24.36 -44.48 25.98
CA PRO I 41 24.62 -45.75 25.30
C PRO I 41 24.01 -46.94 26.02
N GLY I 42 23.20 -47.73 25.32
CA GLY I 42 22.60 -48.92 25.92
C GLY I 42 21.48 -48.66 26.92
N GLN I 43 21.09 -47.40 27.08
CA GLN I 43 20.07 -47.03 28.07
C GLN I 43 18.78 -46.59 27.39
N GLY I 44 17.81 -46.16 28.19
CA GLY I 44 16.51 -45.83 27.64
C GLY I 44 16.40 -44.36 27.32
N LEU I 45 15.26 -43.97 26.77
CA LEU I 45 14.97 -42.58 26.47
C LEU I 45 14.73 -41.75 27.74
N ASP I 46 15.17 -40.49 27.72
CA ASP I 46 15.11 -39.62 28.90
C ASP I 46 14.77 -38.20 28.44
N TRP I 47 13.67 -37.64 28.95
CA TRP I 47 13.23 -36.31 28.53
C TRP I 47 14.09 -35.21 29.14
N MET I 48 14.52 -34.26 28.31
CA MET I 48 15.31 -33.13 28.80
C MET I 48 14.48 -31.86 29.07
N GLY I 49 13.44 -31.66 28.25
CA GLY I 49 12.64 -30.45 28.32
C GLY I 49 12.07 -30.21 26.92
N GLY I 50 11.40 -29.09 26.70
CA GLY I 50 10.86 -28.78 25.40
C GLY I 50 10.56 -27.30 25.21
N ILE I 51 10.12 -26.91 24.01
CA ILE I 51 9.76 -25.55 23.74
C ILE I 51 8.64 -25.53 22.73
N SER I 52 7.70 -24.59 22.90
CA SER I 52 6.60 -24.44 21.96
C SER I 52 6.59 -22.94 21.72
N PRO I 53 7.26 -22.48 20.66
CA PRO I 53 7.70 -21.08 20.60
C PRO I 53 6.63 -20.03 20.33
N ILE I 54 5.56 -20.35 19.60
CA ILE I 54 4.50 -19.36 19.45
C ILE I 54 3.65 -19.29 20.72
N PHE I 55 3.26 -20.44 21.26
CA PHE I 55 2.54 -20.51 22.52
C PHE I 55 3.26 -19.76 23.65
N GLY I 56 4.59 -19.85 23.67
CA GLY I 56 5.43 -19.12 24.61
C GLY I 56 5.93 -19.89 25.83
N SER I 57 5.95 -21.23 25.72
CA SER I 57 6.33 -22.09 26.84
C SER I 57 7.72 -22.71 26.63
N THR I 58 8.54 -22.71 27.68
CA THR I 58 9.73 -23.57 27.72
C THR I 58 9.67 -24.38 29.01
N ALA I 59 9.83 -25.70 28.89
CA ALA I 59 9.77 -26.58 30.05
C ALA I 59 11.04 -27.42 30.21
N TYR I 60 11.36 -27.76 31.45
CA TYR I 60 12.56 -28.53 31.73
C TYR I 60 12.26 -29.67 32.68
N ALA I 61 12.90 -30.81 32.43
CA ALA I 61 12.91 -31.90 33.39
C ALA I 61 13.67 -31.42 34.61
N GLN I 62 13.14 -31.72 35.79
CA GLN I 62 13.81 -31.35 37.02
C GLN I 62 15.26 -31.79 37.09
N LYS I 63 15.56 -32.99 36.63
CA LYS I 63 16.93 -33.49 36.75
C LYS I 63 17.97 -32.75 35.89
N PHE I 64 17.51 -31.98 34.91
CA PHE I 64 18.41 -31.18 34.08
C PHE I 64 18.23 -29.68 34.30
N GLN I 65 17.26 -29.31 35.11
CA GLN I 65 17.00 -27.90 35.37
C GLN I 65 18.26 -27.17 35.77
N GLY I 66 18.51 -26.05 35.10
CA GLY I 66 19.64 -25.20 35.40
C GLY I 66 20.89 -25.51 34.60
N ARG I 67 20.99 -26.72 34.08
CA ARG I 67 22.16 -27.11 33.31
C ARG I 67 21.88 -27.12 31.82
N VAL I 68 20.60 -27.16 31.46
CA VAL I 68 20.19 -27.17 30.06
C VAL I 68 19.41 -25.89 29.76
N THR I 69 19.62 -25.33 28.57
CA THR I 69 18.84 -24.19 28.08
C THR I 69 18.19 -24.56 26.76
N ILE I 70 16.87 -24.49 26.68
CA ILE I 70 16.19 -24.82 25.43
C ILE I 70 15.59 -23.55 24.85
N SER I 71 15.72 -23.40 23.55
CA SER I 71 15.30 -22.16 22.90
C SER I 71 14.85 -22.35 21.46
N ALA I 72 14.33 -21.30 20.83
CA ALA I 72 13.90 -21.43 19.45
C ALA I 72 14.01 -20.09 18.71
N ASP I 73 14.25 -20.17 17.41
CA ASP I 73 14.26 -19.03 16.53
C ASP I 73 13.14 -19.34 15.55
N ILE I 74 12.02 -18.65 15.73
CA ILE I 74 10.82 -18.93 14.94
C ILE I 74 11.01 -18.53 13.47
N PHE I 75 11.98 -17.66 13.22
CA PHE I 75 12.17 -17.14 11.89
C PHE I 75 12.92 -18.09 10.95
N SER I 76 13.76 -18.94 11.52
CA SER I 76 14.49 -19.97 10.76
C SER I 76 13.87 -21.34 10.98
N ASN I 77 12.74 -21.38 11.68
CA ASN I 77 12.06 -22.64 12.00
C ASN I 77 12.99 -23.64 12.68
N THR I 78 13.78 -23.15 13.65
CA THR I 78 14.77 -23.99 14.32
C THR I 78 14.64 -23.98 15.84
N ALA I 79 14.79 -25.14 16.46
CA ALA I 79 14.84 -25.27 17.91
C ALA I 79 16.26 -25.66 18.32
N TYR I 80 16.66 -25.32 19.54
CA TYR I 80 18.02 -25.57 20.01
C TYR I 80 18.01 -26.14 21.42
N MET I 81 19.04 -26.93 21.73
CA MET I 81 19.28 -27.42 23.08
C MET I 81 20.75 -27.20 23.42
N GLU I 82 21.02 -26.48 24.50
CA GLU I 82 22.40 -26.28 24.95
C GLU I 82 22.64 -26.88 26.34
N LEU I 83 23.60 -27.79 26.47
CA LEU I 83 23.87 -28.44 27.75
C LEU I 83 25.26 -28.04 28.24
N ASN I 84 25.33 -27.54 29.47
CA ASN I 84 26.57 -27.00 30.03
C ASN I 84 27.23 -27.97 31.01
N SER I 85 28.47 -27.68 31.38
CA SER I 85 29.21 -28.50 32.35
C SER I 85 29.20 -30.00 32.04
N LEU I 86 29.53 -30.35 30.80
CA LEU I 86 29.47 -31.74 30.30
C LEU I 86 30.42 -32.70 31.01
N THR I 87 29.96 -33.91 31.29
CA THR I 87 30.83 -35.00 31.74
C THR I 87 30.54 -36.25 30.91
N SER I 88 31.27 -37.34 31.16
CA SER I 88 31.07 -38.59 30.41
C SER I 88 29.66 -39.15 30.60
N GLU I 89 28.98 -38.74 31.67
CA GLU I 89 27.60 -39.16 31.88
C GLU I 89 26.67 -38.57 30.83
N ASP I 90 27.15 -37.55 30.11
CA ASP I 90 26.35 -36.90 29.07
C ASP I 90 26.66 -37.45 27.68
N THR I 91 27.61 -38.37 27.57
CA THR I 91 27.86 -39.01 26.30
C THR I 91 26.60 -39.78 25.93
N ALA I 92 26.03 -39.45 24.78
CA ALA I 92 24.71 -39.93 24.42
C ALA I 92 24.30 -39.47 23.03
N VAL I 93 23.22 -40.04 22.50
CA VAL I 93 22.60 -39.51 21.30
C VAL I 93 21.42 -38.63 21.71
N TYR I 94 21.34 -37.44 21.13
CA TYR I 94 20.31 -36.47 21.47
C TYR I 94 19.34 -36.33 20.29
N PHE I 95 18.05 -36.48 20.55
CA PHE I 95 17.02 -36.37 19.53
C PHE I 95 16.14 -35.15 19.84
N CYS I 96 15.70 -34.44 18.81
CA CYS I 96 14.58 -33.51 18.96
C CYS I 96 13.36 -34.22 18.38
N ALA I 97 12.17 -33.96 18.92
CA ALA I 97 10.98 -34.62 18.42
C ALA I 97 9.80 -33.71 18.54
N ARG I 98 8.94 -33.70 17.52
CA ARG I 98 7.79 -32.84 17.53
C ARG I 98 6.62 -33.67 17.99
N HIS I 99 5.90 -33.06 18.93
CA HIS I 99 4.69 -33.56 19.51
C HIS I 99 3.54 -33.35 18.52
N GLY I 100 2.44 -34.03 18.76
CA GLY I 100 1.27 -33.96 17.90
C GLY I 100 0.64 -32.61 18.06
N ASN I 101 1.07 -31.87 19.09
CA ASN I 101 0.51 -30.55 19.34
C ASN I 101 1.37 -29.46 19.98
N TYR I 102 0.72 -28.39 20.45
CA TYR I 102 1.46 -27.25 20.97
C TYR I 102 2.08 -27.53 22.33
N TYR I 103 1.79 -28.70 22.91
CA TYR I 103 2.25 -29.00 24.25
C TYR I 103 2.81 -30.42 24.35
N TYR I 104 3.26 -30.78 25.55
CA TYR I 104 4.14 -31.91 25.77
C TYR I 104 3.41 -33.22 26.12
N TYR I 105 2.09 -33.20 26.26
CA TYR I 105 1.36 -34.42 26.64
C TYR I 105 1.22 -35.41 25.49
N SER I 106 0.99 -34.87 24.30
CA SER I 106 0.72 -35.68 23.11
C SER I 106 1.91 -36.51 22.66
N GLY I 107 1.64 -37.64 22.00
CA GLY I 107 2.69 -38.47 21.46
C GLY I 107 3.61 -37.72 20.52
N MET I 108 4.90 -38.03 20.56
CA MET I 108 5.86 -37.40 19.64
C MET I 108 5.93 -38.16 18.33
N ASP I 109 5.40 -37.58 17.26
CA ASP I 109 5.26 -38.29 16.00
C ASP I 109 6.32 -37.97 14.94
N VAL I 110 7.07 -36.88 15.11
CA VAL I 110 8.10 -36.61 14.11
C VAL I 110 9.45 -36.54 14.83
N TRP I 111 10.44 -37.31 14.39
CA TRP I 111 11.71 -37.30 15.10
C TRP I 111 12.85 -36.93 14.16
N GLY I 112 13.83 -36.19 14.71
CA GLY I 112 15.08 -35.95 14.01
C GLY I 112 15.93 -37.20 13.98
N GLN I 113 17.05 -37.15 13.26
CA GLN I 113 17.87 -38.34 13.06
C GLN I 113 18.81 -38.61 14.24
N GLY I 114 18.92 -37.63 15.14
CA GLY I 114 19.80 -37.75 16.29
C GLY I 114 21.17 -37.13 16.08
N THR I 115 21.78 -36.69 17.18
CA THR I 115 23.12 -36.13 17.17
C THR I 115 23.94 -36.77 18.26
N THR I 116 25.05 -37.39 17.89
CA THR I 116 25.89 -38.03 18.88
C THR I 116 26.79 -36.99 19.54
N VAL I 117 26.81 -37.00 20.86
CA VAL I 117 27.74 -36.16 21.60
C VAL I 117 28.64 -37.06 22.44
N THR I 118 29.94 -36.89 22.25
CA THR I 118 30.92 -37.70 22.95
C THR I 118 31.80 -36.83 23.82
N VAL I 119 31.82 -37.13 25.11
CA VAL I 119 32.55 -36.33 26.06
C VAL I 119 33.72 -37.22 26.48
N SER I 120 34.95 -36.73 26.30
CA SER I 120 36.15 -37.53 26.52
C SER I 120 37.36 -36.69 26.82
N SER I 121 38.31 -37.20 27.60
CA SER I 121 39.48 -36.36 27.78
C SER I 121 40.53 -36.60 26.71
N ALA I 122 40.27 -37.54 25.80
CA ALA I 122 41.18 -37.76 24.69
C ALA I 122 41.10 -36.60 23.68
N SER I 123 42.23 -36.29 23.06
CA SER I 123 42.33 -35.29 22.00
C SER I 123 42.29 -36.05 20.66
N THR I 124 41.68 -35.47 19.64
CA THR I 124 41.72 -36.04 18.28
C THR I 124 43.11 -36.50 17.85
N LYS I 125 43.12 -37.73 17.33
CA LYS I 125 44.31 -38.46 16.90
C LYS I 125 44.00 -39.42 15.76
N GLY I 126 44.79 -39.34 14.70
CA GLY I 126 44.65 -40.22 13.55
C GLY I 126 45.21 -41.60 13.84
N PRO I 127 44.73 -42.61 13.10
CA PRO I 127 45.09 -44.01 13.36
C PRO I 127 46.48 -44.36 12.84
N SER I 128 47.11 -45.34 13.49
CA SER I 128 48.28 -46.02 12.95
C SER I 128 47.81 -47.32 12.31
N VAL I 129 48.14 -47.52 11.04
CA VAL I 129 47.63 -48.65 10.27
C VAL I 129 48.63 -49.76 10.00
N PHE I 130 48.24 -50.98 10.35
CA PHE I 130 49.10 -52.16 10.15
C PHE I 130 48.48 -53.25 9.27
N PRO I 131 49.29 -53.98 8.49
CA PRO I 131 48.78 -55.05 7.63
C PRO I 131 48.51 -56.35 8.40
N LEU I 132 47.49 -57.11 7.98
CA LEU I 132 47.19 -58.43 8.55
C LEU I 132 47.39 -59.44 7.43
N ALA I 133 48.51 -60.16 7.47
CA ALA I 133 48.93 -61.05 6.39
C ALA I 133 48.24 -62.43 6.36
N PRO I 134 47.98 -62.96 5.15
CA PRO I 134 47.39 -64.30 5.01
C PRO I 134 48.31 -65.39 5.58
N GLY I 141 43.80 -74.10 -0.83
CA GLY I 141 43.10 -73.37 0.20
C GLY I 141 41.72 -72.96 -0.28
N GLY I 142 41.71 -72.40 -1.50
CA GLY I 142 40.51 -71.91 -2.15
C GLY I 142 40.32 -70.44 -1.82
N THR I 143 40.20 -70.13 -0.53
CA THR I 143 40.03 -68.74 -0.11
C THR I 143 41.01 -68.44 1.02
N ALA I 144 41.35 -67.16 1.15
CA ALA I 144 42.27 -66.67 2.15
C ALA I 144 41.64 -65.47 2.83
N ALA I 145 42.16 -65.10 3.99
CA ALA I 145 41.65 -63.94 4.72
C ALA I 145 42.80 -62.95 4.99
N LEU I 146 42.71 -61.74 4.46
CA LEU I 146 43.76 -60.74 4.72
C LEU I 146 43.09 -59.41 5.06
N GLY I 147 43.73 -58.55 5.83
CA GLY I 147 43.10 -57.29 6.23
C GLY I 147 44.02 -56.20 6.76
N CYS I 148 43.44 -55.18 7.40
CA CYS I 148 44.18 -54.09 8.02
C CYS I 148 43.67 -53.83 9.44
N LEU I 149 44.58 -53.57 10.37
CA LEU I 149 44.25 -53.19 11.73
C LEU I 149 44.38 -51.68 11.82
N VAL I 150 43.32 -51.00 12.25
CA VAL I 150 43.32 -49.55 12.33
C VAL I 150 43.35 -49.12 13.79
N LYS I 151 44.53 -48.67 14.23
CA LYS I 151 44.83 -48.51 15.66
C LYS I 151 44.82 -47.10 16.21
N ASP I 152 44.28 -47.03 17.42
CA ASP I 152 44.44 -45.89 18.31
C ASP I 152 44.02 -44.57 17.65
N TYR I 153 42.75 -44.43 17.30
CA TYR I 153 42.27 -43.17 16.75
C TYR I 153 41.11 -42.61 17.56
N PHE I 154 40.88 -41.31 17.41
CA PHE I 154 39.72 -40.66 18.02
C PHE I 154 39.38 -39.39 17.25
N PRO I 155 38.09 -39.12 17.04
CA PRO I 155 36.92 -39.93 17.39
C PRO I 155 36.49 -40.79 16.21
N GLU I 156 35.41 -41.55 16.35
CA GLU I 156 34.77 -42.15 15.18
C GLU I 156 34.29 -41.04 14.25
N PRO I 157 34.15 -41.33 12.95
CA PRO I 157 34.41 -42.63 12.32
C PRO I 157 35.70 -42.70 11.50
N VAL I 158 36.02 -43.91 11.06
CA VAL I 158 37.08 -44.15 10.09
C VAL I 158 36.37 -44.80 8.91
N THR I 159 36.75 -44.46 7.69
CA THR I 159 36.26 -45.21 6.53
C THR I 159 37.40 -46.06 5.95
N VAL I 160 37.09 -47.30 5.60
CA VAL I 160 38.07 -48.18 5.00
C VAL I 160 37.58 -48.67 3.64
N SER I 161 38.43 -48.50 2.63
CA SER I 161 38.16 -49.06 1.30
C SER I 161 39.31 -49.97 0.89
N TRP I 162 39.09 -50.83 -0.11
CA TRP I 162 40.16 -51.69 -0.61
C TRP I 162 40.46 -51.41 -2.09
N ASN I 163 41.75 -51.37 -2.42
CA ASN I 163 42.18 -51.06 -3.79
C ASN I 163 41.47 -49.84 -4.36
N SER I 164 41.48 -48.76 -3.58
CA SER I 164 40.88 -47.50 -4.00
C SER I 164 39.40 -47.66 -4.37
N GLY I 165 38.73 -48.61 -3.74
CA GLY I 165 37.31 -48.81 -3.95
C GLY I 165 37.03 -49.84 -5.02
N ALA I 166 38.08 -50.35 -5.65
CA ALA I 166 37.89 -51.31 -6.73
C ALA I 166 37.49 -52.67 -6.19
N LEU I 167 37.90 -52.99 -4.97
CA LEU I 167 37.54 -54.28 -4.38
C LEU I 167 36.52 -54.12 -3.27
N THR I 168 35.27 -54.48 -3.55
CA THR I 168 34.21 -54.38 -2.56
C THR I 168 33.73 -55.74 -2.04
N SER I 169 33.93 -56.78 -2.85
CA SER I 169 33.44 -58.10 -2.50
C SER I 169 34.25 -58.78 -1.39
N GLY I 170 33.54 -59.39 -0.45
CA GLY I 170 34.17 -60.15 0.61
C GLY I 170 34.71 -59.27 1.70
N VAL I 171 34.45 -57.96 1.61
CA VAL I 171 34.94 -57.03 2.62
C VAL I 171 34.01 -56.95 3.82
N HIS I 172 34.59 -57.09 5.01
CA HIS I 172 33.87 -57.02 6.28
C HIS I 172 34.64 -56.12 7.26
N THR I 173 34.18 -54.89 7.43
CA THR I 173 34.79 -53.98 8.39
C THR I 173 34.09 -54.06 9.75
N PHE I 174 34.80 -54.52 10.77
CA PHE I 174 34.18 -54.75 12.08
C PHE I 174 33.98 -53.46 12.84
N PRO I 175 32.91 -53.38 13.65
CA PRO I 175 32.73 -52.22 14.52
C PRO I 175 33.91 -52.06 15.45
N ALA I 176 34.32 -50.81 15.67
CA ALA I 176 35.45 -50.51 16.53
C ALA I 176 35.24 -50.92 17.99
N VAL I 177 36.34 -51.22 18.67
CA VAL I 177 36.33 -51.38 20.12
C VAL I 177 36.77 -50.06 20.74
N LEU I 178 36.14 -49.66 21.84
CA LEU I 178 36.54 -48.45 22.53
C LEU I 178 37.41 -48.85 23.72
N GLN I 179 38.70 -48.50 23.65
CA GLN I 179 39.66 -48.87 24.68
C GLN I 179 39.48 -48.02 25.93
N SER I 180 40.05 -48.48 27.05
CA SER I 180 40.02 -47.71 28.29
C SER I 180 40.80 -46.40 28.18
N SER I 181 41.71 -46.32 27.22
CA SER I 181 42.47 -45.11 26.96
C SER I 181 41.58 -43.98 26.45
N GLY I 182 40.48 -44.34 25.80
CA GLY I 182 39.59 -43.38 25.19
C GLY I 182 39.72 -43.37 23.68
N LEU I 183 40.64 -44.18 23.16
CA LEU I 183 40.86 -44.30 21.73
C LEU I 183 40.12 -45.52 21.19
N TYR I 184 39.81 -45.50 19.90
CA TYR I 184 39.15 -46.60 19.22
C TYR I 184 40.14 -47.41 18.42
N SER I 185 39.78 -48.67 18.15
CA SER I 185 40.51 -49.49 17.19
C SER I 185 39.52 -50.36 16.43
N LEU I 186 39.74 -50.52 15.13
CA LEU I 186 38.96 -51.45 14.34
C LEU I 186 39.82 -52.25 13.40
N SER I 187 39.21 -53.27 12.83
CA SER I 187 39.85 -54.09 11.80
C SER I 187 38.93 -54.23 10.58
N SER I 188 39.52 -54.29 9.39
CA SER I 188 38.79 -54.60 8.16
C SER I 188 39.42 -55.81 7.50
N VAL I 189 38.64 -56.87 7.26
CA VAL I 189 39.18 -58.06 6.62
C VAL I 189 38.42 -58.39 5.35
N VAL I 190 39.16 -58.71 4.30
CA VAL I 190 38.60 -59.12 3.03
C VAL I 190 38.94 -60.58 2.72
N THR I 191 37.94 -61.32 2.28
CA THR I 191 38.10 -62.72 1.94
C THR I 191 38.26 -62.85 0.44
N VAL I 192 39.32 -63.56 0.02
CA VAL I 192 39.80 -63.47 -1.35
C VAL I 192 40.36 -64.83 -1.79
N PRO I 193 40.20 -65.18 -3.07
CA PRO I 193 40.81 -66.42 -3.57
C PRO I 193 42.33 -66.53 -3.34
N SER I 194 42.73 -67.62 -2.71
CA SER I 194 44.13 -67.79 -2.36
C SER I 194 44.97 -67.99 -3.60
N SER I 195 44.32 -68.37 -4.71
CA SER I 195 45.04 -68.55 -5.95
C SER I 195 45.48 -67.15 -6.37
N SER I 196 44.60 -66.16 -6.19
CA SER I 196 44.98 -64.81 -6.55
C SER I 196 45.67 -64.26 -5.31
N LEU I 197 46.86 -64.78 -5.06
CA LEU I 197 47.67 -64.33 -3.95
C LEU I 197 48.95 -63.67 -4.48
N GLY I 198 49.58 -64.37 -5.42
CA GLY I 198 50.81 -63.92 -6.04
C GLY I 198 50.64 -63.21 -7.37
N THR I 199 49.50 -62.54 -7.54
CA THR I 199 49.20 -61.81 -8.77
C THR I 199 48.58 -60.46 -8.43
N GLN I 200 47.39 -60.51 -7.85
CA GLN I 200 46.69 -59.28 -7.47
C GLN I 200 47.27 -58.70 -6.19
N THR I 201 47.50 -57.39 -6.20
CA THR I 201 47.97 -56.68 -5.03
C THR I 201 46.78 -56.23 -4.20
N TYR I 202 46.93 -56.24 -2.88
CA TYR I 202 45.86 -55.82 -1.99
C TYR I 202 46.31 -54.68 -1.08
N ILE I 203 45.65 -53.54 -1.22
CA ILE I 203 45.96 -52.33 -0.46
C ILE I 203 44.72 -51.78 0.25
N CYS I 204 44.81 -51.50 1.55
CA CYS I 204 43.70 -50.85 2.25
C CYS I 204 43.95 -49.35 2.35
N ASN I 205 42.89 -48.57 2.14
CA ASN I 205 42.94 -47.12 2.22
C ASN I 205 42.12 -46.68 3.44
N VAL I 206 42.76 -46.03 4.41
CA VAL I 206 42.12 -45.64 5.65
C VAL I 206 42.00 -44.13 5.73
N ASN I 207 40.78 -43.62 5.82
CA ASN I 207 40.57 -42.19 5.93
C ASN I 207 39.96 -41.81 7.27
N HIS I 208 40.63 -40.90 7.96
CA HIS I 208 40.12 -40.37 9.22
C HIS I 208 39.96 -38.87 9.07
N LYS I 209 38.75 -38.45 8.68
CA LYS I 209 38.46 -37.04 8.47
C LYS I 209 38.85 -36.11 9.63
N PRO I 210 38.43 -36.46 10.85
CA PRO I 210 38.68 -35.51 11.94
C PRO I 210 40.14 -35.10 12.11
N SER I 211 41.08 -35.99 11.78
CA SER I 211 42.50 -35.68 11.87
C SER I 211 43.09 -35.39 10.49
N ASN I 212 42.20 -35.37 9.49
CA ASN I 212 42.62 -35.37 8.10
C ASN I 212 43.75 -36.36 7.83
N THR I 213 43.57 -37.59 8.27
CA THR I 213 44.56 -38.63 8.02
C THR I 213 44.09 -39.49 6.85
N LYS I 214 45.01 -39.81 5.93
CA LYS I 214 44.71 -40.74 4.85
C LYS I 214 45.93 -41.63 4.60
N VAL I 215 45.80 -42.92 4.85
CA VAL I 215 46.91 -43.85 4.73
C VAL I 215 46.61 -45.01 3.77
N ASP I 216 47.54 -45.35 2.88
CA ASP I 216 47.42 -46.60 2.13
C ASP I 216 48.42 -47.59 2.73
N LYS I 217 48.01 -48.85 2.82
CA LYS I 217 48.86 -49.88 3.41
C LYS I 217 48.77 -51.18 2.62
N ARG I 218 49.92 -51.65 2.13
CA ARG I 218 49.97 -52.88 1.37
C ARG I 218 49.99 -54.10 2.30
N VAL I 219 49.17 -55.10 1.99
CA VAL I 219 49.15 -56.32 2.79
C VAL I 219 49.66 -57.49 1.96
N GLU I 220 50.84 -57.98 2.33
CA GLU I 220 51.50 -59.05 1.59
C GLU I 220 51.50 -60.34 2.39
N PRO I 221 51.52 -61.48 1.69
CA PRO I 221 51.57 -62.80 2.31
C PRO I 221 52.81 -62.99 3.18
N SER J 2 13.55 -45.02 34.64
CA SER J 2 12.50 -45.64 35.45
C SER J 2 11.24 -44.76 35.53
N ALA J 3 10.65 -44.66 36.72
CA ALA J 3 9.29 -44.21 36.93
C ALA J 3 8.30 -45.19 36.30
N LEU J 4 8.45 -45.47 35.00
CA LEU J 4 7.73 -46.55 34.36
C LEU J 4 8.62 -47.79 34.28
N THR J 5 8.04 -48.95 34.52
CA THR J 5 8.81 -50.19 34.57
C THR J 5 8.34 -51.18 33.49
N GLN J 6 9.27 -51.68 32.69
CA GLN J 6 8.94 -52.64 31.63
C GLN J 6 9.83 -53.86 31.75
N PRO J 7 9.37 -55.00 31.23
CA PRO J 7 10.29 -56.13 31.19
C PRO J 7 11.41 -55.80 30.22
N PRO J 8 12.65 -56.16 30.59
CA PRO J 8 13.79 -55.88 29.71
C PRO J 8 13.69 -56.62 28.38
N ALA J 9 12.97 -57.75 28.38
CA ALA J 9 12.93 -58.61 27.19
C ALA J 9 11.59 -59.33 27.02
N VAL J 10 11.17 -59.48 25.77
CA VAL J 10 10.08 -60.35 25.38
C VAL J 10 10.44 -61.03 24.09
N SER J 11 9.86 -62.20 23.82
CA SER J 11 10.12 -62.89 22.55
C SER J 11 8.90 -63.64 22.02
N GLY J 12 8.92 -63.96 20.73
CA GLY J 12 7.83 -64.75 20.17
C GLY J 12 8.12 -65.27 18.79
N THR J 13 7.32 -66.21 18.28
CA THR J 13 7.54 -66.71 16.91
C THR J 13 6.68 -65.96 15.90
N PRO J 14 7.08 -65.97 14.62
CA PRO J 14 6.25 -65.32 13.61
C PRO J 14 4.82 -65.85 13.68
N GLY J 15 3.88 -64.91 13.73
CA GLY J 15 2.46 -65.23 13.87
C GLY J 15 1.96 -65.30 15.31
N GLN J 16 2.86 -65.42 16.28
CA GLN J 16 2.45 -65.49 17.69
C GLN J 16 1.96 -64.10 18.16
N ARG J 17 1.16 -64.07 19.22
CA ARG J 17 0.80 -62.80 19.87
C ARG J 17 1.72 -62.50 21.06
N VAL J 18 2.29 -61.29 21.10
CA VAL J 18 3.16 -60.90 22.22
C VAL J 18 2.65 -59.64 22.94
N THR J 19 2.83 -59.56 24.26
CA THR J 19 2.41 -58.37 25.00
C THR J 19 3.60 -57.82 25.78
N ILE J 20 3.65 -56.50 25.97
CA ILE J 20 4.71 -55.87 26.73
C ILE J 20 4.04 -55.00 27.76
N SER J 21 4.33 -55.26 29.03
CA SER J 21 3.66 -54.55 30.12
C SER J 21 4.43 -53.31 30.55
N CYS J 22 3.73 -52.38 31.18
CA CYS J 22 4.35 -51.14 31.64
C CYS J 22 3.70 -50.74 32.96
N SER J 23 4.45 -50.88 34.06
CA SER J 23 3.95 -50.50 35.39
C SER J 23 4.37 -49.10 35.84
N GLY J 24 3.39 -48.31 36.26
CA GLY J 24 3.63 -46.96 36.76
C GLY J 24 3.05 -46.71 38.15
N SER J 25 2.64 -45.45 38.37
CA SER J 25 2.10 -45.00 39.65
C SER J 25 0.93 -44.06 39.38
N ASP J 26 0.34 -43.48 40.43
CA ASP J 26 -0.78 -42.56 40.27
C ASP J 26 -0.44 -41.25 39.57
N SER J 27 0.77 -40.75 39.75
CA SER J 27 1.13 -39.44 39.21
C SER J 27 1.37 -39.46 37.69
N ASN J 28 1.53 -40.64 37.11
CA ASN J 28 1.64 -40.76 35.64
C ASN J 28 0.53 -41.60 34.99
N ILE J 29 0.75 -42.90 34.82
CA ILE J 29 -0.22 -43.75 34.12
C ILE J 29 -1.62 -43.68 34.72
N GLY J 30 -1.69 -43.62 36.04
CA GLY J 30 -2.97 -43.52 36.73
C GLY J 30 -3.83 -42.38 36.21
N ARG J 31 -3.24 -41.20 36.08
CA ARG J 31 -3.98 -39.98 35.76
C ARG J 31 -3.70 -39.38 34.36
N ARG J 32 -2.79 -39.99 33.59
CA ARG J 32 -2.44 -39.46 32.26
C ARG J 32 -2.46 -40.48 31.13
N SER J 33 -2.55 -40.00 29.89
CA SER J 33 -2.60 -40.88 28.72
C SER J 33 -1.20 -41.47 28.41
N VAL J 34 -1.18 -42.69 27.88
CA VAL J 34 0.06 -43.43 27.58
C VAL J 34 0.43 -43.47 26.09
N ASN J 35 1.71 -43.28 25.77
CA ASN J 35 2.23 -43.42 24.40
C ASN J 35 3.23 -44.58 24.29
N TRP J 36 3.31 -45.22 23.12
CA TRP J 36 4.27 -46.29 22.90
C TRP J 36 5.12 -45.94 21.68
N TYR J 37 6.42 -46.23 21.76
CA TYR J 37 7.37 -45.97 20.69
C TYR J 37 8.14 -47.22 20.32
N GLN J 38 8.47 -47.35 19.04
CA GLN J 38 9.28 -48.46 18.55
C GLN J 38 10.60 -47.85 18.07
N GLN J 39 11.73 -48.50 18.37
CA GLN J 39 13.06 -48.02 17.99
C GLN J 39 13.95 -49.12 17.48
N PHE J 40 14.44 -48.95 16.25
CA PHE J 40 15.45 -49.84 15.72
C PHE J 40 16.83 -49.29 16.05
N PRO J 41 17.81 -50.19 16.20
CA PRO J 41 19.13 -49.75 16.67
C PRO J 41 19.73 -48.64 15.82
N GLY J 42 20.22 -47.58 16.45
CA GLY J 42 20.87 -46.50 15.75
C GLY J 42 19.94 -45.64 14.90
N THR J 43 18.64 -45.75 15.13
CA THR J 43 17.67 -44.94 14.39
C THR J 43 16.74 -44.30 15.39
N ALA J 44 16.00 -43.29 14.96
CA ALA J 44 15.09 -42.61 15.87
C ALA J 44 13.88 -43.48 16.18
N PRO J 45 13.30 -43.29 17.37
CA PRO J 45 12.05 -43.96 17.76
C PRO J 45 10.91 -43.57 16.82
N LYS J 46 9.87 -44.41 16.77
CA LYS J 46 8.66 -44.12 15.99
C LYS J 46 7.47 -44.19 16.93
N LEU J 47 6.54 -43.24 16.80
CA LEU J 47 5.32 -43.29 17.61
C LEU J 47 4.45 -44.43 17.10
N LEU J 48 4.09 -45.31 18.04
CA LEU J 48 3.32 -46.51 17.78
C LEU J 48 1.89 -46.35 18.28
N ILE J 49 1.75 -45.85 19.50
CA ILE J 49 0.42 -45.68 20.09
C ILE J 49 0.36 -44.36 20.85
N TYR J 50 -0.78 -43.67 20.79
CA TYR J 50 -0.95 -42.48 21.63
C TYR J 50 -2.35 -42.50 22.25
N SER J 51 -2.55 -41.65 23.25
CA SER J 51 -3.84 -41.55 23.94
C SER J 51 -4.32 -42.90 24.50
N ASN J 52 -3.37 -43.76 24.81
CA ASN J 52 -3.60 -45.08 25.41
C ASN J 52 -3.84 -46.23 24.42
N ASP J 53 -4.80 -46.03 23.53
CA ASP J 53 -5.17 -47.06 22.56
C ASP J 53 -5.32 -46.55 21.12
N GLN J 54 -4.93 -45.30 20.86
CA GLN J 54 -5.06 -44.76 19.51
C GLN J 54 -3.85 -45.07 18.64
N ARG J 55 -4.12 -45.39 17.37
CA ARG J 55 -3.09 -45.85 16.46
C ARG J 55 -2.94 -44.93 15.25
N PRO J 56 -1.72 -44.42 15.02
CA PRO J 56 -1.48 -43.63 13.81
C PRO J 56 -1.82 -44.41 12.54
N SER J 57 -2.25 -43.70 11.50
CA SER J 57 -2.76 -44.33 10.29
C SER J 57 -1.72 -45.22 9.59
N VAL J 58 -0.45 -44.82 9.72
CA VAL J 58 0.63 -45.52 9.05
C VAL J 58 1.07 -46.80 9.79
N VAL J 59 0.59 -46.95 11.02
CA VAL J 59 0.93 -48.12 11.84
C VAL J 59 -0.04 -49.29 11.61
N PRO J 60 0.49 -50.49 11.29
CA PRO J 60 -0.32 -51.70 11.05
C PRO J 60 -1.25 -52.02 12.21
N ASP J 61 -2.43 -52.58 11.92
CA ASP J 61 -3.42 -52.83 12.96
C ASP J 61 -3.08 -53.98 13.92
N ARG J 62 -1.99 -54.70 13.67
CA ARG J 62 -1.56 -55.72 14.61
C ARG J 62 -1.03 -55.14 15.95
N PHE J 63 -0.77 -53.83 15.97
CA PHE J 63 -0.36 -53.12 17.18
C PHE J 63 -1.58 -52.51 17.84
N SER J 64 -1.76 -52.78 19.14
CA SER J 64 -2.86 -52.21 19.91
C SER J 64 -2.42 -51.85 21.33
N GLY J 65 -3.08 -50.88 21.96
CA GLY J 65 -2.70 -50.53 23.31
C GLY J 65 -3.89 -50.44 24.22
N SER J 66 -3.64 -50.63 25.51
CA SER J 66 -4.69 -50.49 26.52
C SER J 66 -4.11 -49.98 27.83
N LYS J 67 -4.99 -49.46 28.68
CA LYS J 67 -4.60 -48.89 29.96
C LYS J 67 -5.62 -49.25 31.03
N SER J 68 -5.14 -49.81 32.13
CA SER J 68 -6.03 -50.11 33.26
C SER J 68 -5.34 -49.77 34.57
N GLY J 69 -5.96 -48.90 35.35
CA GLY J 69 -5.38 -48.45 36.60
C GLY J 69 -4.13 -47.65 36.33
N THR J 70 -3.02 -48.09 36.91
CA THR J 70 -1.74 -47.44 36.75
C THR J 70 -0.84 -48.31 35.88
N SER J 71 -1.45 -49.15 35.05
CA SER J 71 -0.70 -50.05 34.17
C SER J 71 -1.11 -49.89 32.71
N ALA J 72 -0.22 -50.30 31.82
CA ALA J 72 -0.52 -50.29 30.39
C ALA J 72 0.08 -51.49 29.70
N SER J 73 -0.48 -51.82 28.54
CA SER J 73 -0.04 -52.98 27.78
C SER J 73 -0.06 -52.69 26.29
N LEU J 74 1.01 -53.12 25.62
CA LEU J 74 1.08 -53.08 24.17
C LEU J 74 0.95 -54.52 23.71
N ALA J 75 0.04 -54.78 22.78
CA ALA J 75 -0.12 -56.09 22.20
C ALA J 75 0.22 -56.04 20.73
N ILE J 76 1.04 -56.98 20.28
CA ILE J 76 1.36 -57.12 18.89
C ILE J 76 0.77 -58.44 18.46
N SER J 77 -0.32 -58.38 17.69
CA SER J 77 -0.93 -59.57 17.14
C SER J 77 -0.11 -59.92 15.90
N GLY J 78 -0.08 -61.20 15.55
CA GLY J 78 0.58 -61.64 14.33
C GLY J 78 1.99 -61.10 14.15
N LEU J 79 2.85 -61.40 15.13
CA LEU J 79 4.24 -60.93 15.14
C LEU J 79 4.93 -61.16 13.78
N GLN J 80 5.64 -60.14 13.29
CA GLN J 80 6.40 -60.25 12.05
C GLN J 80 7.89 -60.12 12.33
N SER J 81 8.72 -60.65 11.45
CA SER J 81 10.16 -60.59 11.65
C SER J 81 10.61 -59.13 11.77
N GLU J 82 9.95 -58.21 11.06
CA GLU J 82 10.36 -56.80 11.07
C GLU J 82 10.06 -56.10 12.41
N ASP J 83 9.37 -56.78 13.33
CA ASP J 83 9.01 -56.21 14.63
C ASP J 83 10.09 -56.32 15.72
N GLU J 84 11.21 -56.97 15.42
CA GLU J 84 12.32 -57.04 16.36
C GLU J 84 12.88 -55.63 16.58
N ALA J 85 12.78 -55.14 17.81
CA ALA J 85 13.09 -53.74 18.11
C ALA J 85 13.02 -53.51 19.61
N GLU J 86 13.38 -52.30 20.05
CA GLU J 86 13.17 -51.89 21.43
C GLU J 86 11.82 -51.17 21.49
N TYR J 87 11.05 -51.38 22.55
CA TYR J 87 9.75 -50.72 22.71
C TYR J 87 9.72 -49.94 24.02
N TYR J 88 9.29 -48.69 23.96
CA TYR J 88 9.21 -47.86 25.16
C TYR J 88 7.79 -47.39 25.42
N CYS J 89 7.35 -47.53 26.68
CA CYS J 89 6.15 -46.84 27.11
C CYS J 89 6.51 -45.47 27.65
N ALA J 90 5.54 -44.56 27.69
CA ALA J 90 5.82 -43.19 28.14
C ALA J 90 4.53 -42.50 28.60
N ALA J 91 4.68 -41.54 29.52
CA ALA J 91 3.54 -40.75 29.98
C ALA J 91 4.03 -39.47 30.63
N TRP J 92 3.19 -38.45 30.74
CA TRP J 92 3.52 -37.29 31.56
C TRP J 92 3.40 -37.69 33.01
N ASP J 93 4.25 -37.12 33.85
CA ASP J 93 4.19 -37.36 35.28
C ASP J 93 3.86 -36.05 35.96
N ASP J 94 2.72 -36.03 36.66
CA ASP J 94 2.25 -34.80 37.27
C ASP J 94 3.03 -34.47 38.53
N SER J 95 3.83 -35.42 39.01
CA SER J 95 4.64 -35.22 40.19
C SER J 95 5.99 -34.59 39.85
N LEU J 96 6.58 -35.07 38.77
CA LEU J 96 7.88 -34.58 38.30
C LEU J 96 7.72 -33.36 37.38
N LYS J 97 6.49 -33.12 36.93
CA LYS J 97 6.18 -32.10 35.93
C LYS J 97 7.06 -32.26 34.70
N GLY J 98 7.09 -33.48 34.15
CA GLY J 98 7.90 -33.79 32.98
C GLY J 98 7.49 -35.11 32.34
N ALA J 99 7.96 -35.36 31.12
CA ALA J 99 7.67 -36.60 30.43
C ALA J 99 8.58 -37.69 30.99
N VAL J 100 8.03 -38.89 31.17
CA VAL J 100 8.81 -40.03 31.61
C VAL J 100 8.67 -41.19 30.63
N PHE J 101 9.66 -42.08 30.65
CA PHE J 101 9.73 -43.25 29.77
C PHE J 101 9.98 -44.50 30.60
N GLY J 102 9.52 -45.64 30.12
CA GLY J 102 9.95 -46.91 30.67
C GLY J 102 11.39 -47.20 30.31
N GLY J 103 11.96 -48.23 30.95
CA GLY J 103 13.35 -48.58 30.72
C GLY J 103 13.58 -49.25 29.37
N GLY J 104 12.49 -49.63 28.71
CA GLY J 104 12.56 -50.29 27.42
C GLY J 104 12.45 -51.81 27.48
N THR J 105 11.81 -52.39 26.46
CA THR J 105 11.73 -53.83 26.31
C THR J 105 12.29 -54.24 24.95
N GLN J 106 13.28 -55.13 24.96
CA GLN J 106 13.81 -55.66 23.70
C GLN J 106 12.99 -56.86 23.24
N LEU J 107 12.41 -56.77 22.04
CA LEU J 107 11.62 -57.87 21.50
C LEU J 107 12.48 -58.68 20.53
N THR J 108 12.54 -60.00 20.75
CA THR J 108 13.29 -60.90 19.88
C THR J 108 12.34 -61.80 19.09
N VAL J 109 12.59 -61.92 17.79
CA VAL J 109 11.77 -62.83 17.02
C VAL J 109 12.43 -64.21 16.96
N LEU J 110 11.73 -65.16 17.56
CA LEU J 110 12.18 -66.54 17.72
C LEU J 110 12.05 -67.36 16.43
N GLY J 111 12.80 -68.45 16.35
CA GLY J 111 12.62 -69.42 15.29
C GLY J 111 13.79 -69.48 14.34
N GLN J 112 14.74 -68.57 14.54
CA GLN J 112 15.89 -68.52 13.68
C GLN J 112 16.93 -69.56 14.04
N PRO J 113 17.47 -70.22 13.00
CA PRO J 113 18.41 -71.33 13.17
C PRO J 113 19.72 -70.86 13.80
N LYS J 114 20.24 -71.65 14.73
CA LYS J 114 21.55 -71.39 15.32
C LYS J 114 22.63 -71.42 14.25
N ALA J 115 23.65 -70.59 14.42
CA ALA J 115 24.80 -70.56 13.52
C ALA J 115 26.08 -70.40 14.33
N ALA J 116 27.02 -71.34 14.14
CA ALA J 116 28.27 -71.32 14.88
C ALA J 116 29.17 -70.20 14.33
N PRO J 117 29.98 -69.59 15.21
CA PRO J 117 30.87 -68.49 14.79
C PRO J 117 32.06 -68.90 13.93
N SER J 118 32.26 -68.18 12.84
CA SER J 118 33.52 -68.25 12.10
C SER J 118 34.52 -67.40 12.86
N VAL J 119 35.71 -67.94 13.09
CA VAL J 119 36.76 -67.20 13.77
C VAL J 119 37.99 -67.02 12.87
N THR J 120 38.61 -65.86 12.93
CA THR J 120 39.89 -65.64 12.26
C THR J 120 40.85 -64.98 13.24
N LEU J 121 42.05 -65.51 13.41
CA LEU J 121 42.99 -64.92 14.36
C LEU J 121 44.29 -64.50 13.67
N PHE J 122 44.58 -63.20 13.72
CA PHE J 122 45.82 -62.67 13.16
C PHE J 122 46.85 -62.42 14.24
N PRO J 123 48.11 -62.82 13.99
CA PRO J 123 49.22 -62.54 14.90
C PRO J 123 49.72 -61.13 14.69
N PRO J 124 50.50 -60.60 15.64
CA PRO J 124 51.09 -59.26 15.49
C PRO J 124 51.86 -59.12 14.19
N SER J 125 51.69 -57.99 13.52
CA SER J 125 52.43 -57.71 12.30
C SER J 125 53.85 -57.31 12.63
N SER J 126 54.76 -57.51 11.68
CA SER J 126 56.16 -57.17 11.90
C SER J 126 56.34 -55.67 12.11
N GLU J 127 55.60 -54.90 11.33
CA GLU J 127 55.62 -53.44 11.41
C GLU J 127 55.32 -52.98 12.83
N GLU J 128 54.31 -53.61 13.45
CA GLU J 128 53.87 -53.20 14.77
C GLU J 128 54.91 -53.55 15.84
N LEU J 129 55.57 -54.69 15.67
CA LEU J 129 56.65 -55.11 16.58
C LEU J 129 57.78 -54.07 16.53
N GLN J 130 58.08 -53.56 15.35
CA GLN J 130 59.09 -52.52 15.21
C GLN J 130 58.72 -51.28 16.01
N ALA J 131 57.42 -51.05 16.17
CA ALA J 131 56.93 -49.92 16.95
C ALA J 131 56.75 -50.32 18.42
N ASN J 132 57.31 -51.45 18.80
CA ASN J 132 57.33 -51.90 20.20
C ASN J 132 55.95 -52.15 20.83
N LYS J 133 54.99 -52.55 20.01
CA LYS J 133 53.69 -52.98 20.50
C LYS J 133 53.32 -54.32 19.88
N ALA J 134 52.37 -55.05 20.44
CA ALA J 134 51.90 -56.27 19.82
C ALA J 134 50.40 -56.48 20.03
N THR J 135 49.66 -56.62 18.93
CA THR J 135 48.22 -56.81 19.02
C THR J 135 47.77 -58.09 18.31
N LEU J 136 47.11 -58.95 19.08
CA LEU J 136 46.45 -60.14 18.55
C LEU J 136 44.99 -59.83 18.23
N VAL J 137 44.60 -60.06 16.98
CA VAL J 137 43.26 -59.66 16.51
C VAL J 137 42.34 -60.86 16.27
N CYS J 138 41.29 -60.99 17.07
CA CYS J 138 40.35 -62.09 16.94
C CYS J 138 39.00 -61.61 16.38
N LEU J 139 38.70 -62.03 15.16
CA LEU J 139 37.52 -61.61 14.44
C LEU J 139 36.45 -62.69 14.39
N ILE J 140 35.30 -62.38 14.99
CA ILE J 140 34.20 -63.32 15.11
C ILE J 140 33.03 -62.88 14.24
N SER J 141 32.53 -63.76 13.38
CA SER J 141 31.47 -63.36 12.44
C SER J 141 30.44 -64.47 12.25
N ASP J 142 29.30 -64.08 11.70
CA ASP J 142 28.25 -65.03 11.32
C ASP J 142 27.71 -65.93 12.43
N PHE J 143 27.52 -65.42 13.66
CA PHE J 143 26.87 -66.24 14.71
C PHE J 143 25.46 -65.79 15.12
N TYR J 144 24.66 -66.77 15.56
CA TYR J 144 23.32 -66.52 16.11
C TYR J 144 22.94 -67.62 17.11
N PRO J 145 22.31 -67.25 18.24
CA PRO J 145 21.96 -65.90 18.70
C PRO J 145 23.20 -65.02 18.93
N GLY J 146 22.98 -63.73 19.07
CA GLY J 146 24.06 -62.76 19.06
C GLY J 146 24.74 -62.55 20.40
N ALA J 147 25.20 -63.64 21.01
CA ALA J 147 25.87 -63.55 22.30
C ALA J 147 26.95 -64.62 22.41
N VAL J 148 28.20 -64.17 22.41
CA VAL J 148 29.36 -65.03 22.61
C VAL J 148 30.18 -64.59 23.81
N THR J 149 31.03 -65.47 24.34
CA THR J 149 32.04 -65.04 25.33
C THR J 149 33.45 -65.44 24.87
N VAL J 150 34.45 -64.65 25.27
CA VAL J 150 35.80 -64.85 24.75
C VAL J 150 36.83 -65.06 25.87
N ALA J 151 37.62 -66.14 25.74
CA ALA J 151 38.70 -66.47 26.66
C ALA J 151 40.03 -66.51 25.90
N TRP J 152 41.06 -65.84 26.42
CA TRP J 152 42.38 -65.84 25.79
C TRP J 152 43.34 -66.79 26.50
N LYS J 153 44.06 -67.58 25.70
CA LYS J 153 44.98 -68.58 26.21
C LYS J 153 46.43 -68.22 25.90
N ALA J 154 47.25 -68.15 26.93
CA ALA J 154 48.68 -67.94 26.76
C ALA J 154 49.24 -69.30 27.10
N ASP J 155 49.91 -69.93 26.16
CA ASP J 155 50.32 -71.32 26.36
C ASP J 155 48.96 -71.97 26.67
N SER J 156 48.85 -72.69 27.78
CA SER J 156 47.57 -73.27 28.20
C SER J 156 46.91 -72.48 29.34
N SER J 157 47.46 -71.31 29.67
CA SER J 157 46.99 -70.57 30.84
C SER J 157 46.11 -69.39 30.43
N PRO J 158 45.12 -69.05 31.26
CA PRO J 158 44.24 -67.93 30.96
C PRO J 158 44.90 -66.57 31.12
N VAL J 159 44.77 -65.71 30.11
CA VAL J 159 45.27 -64.34 30.21
C VAL J 159 44.28 -63.55 31.05
N LYS J 160 44.80 -62.73 31.96
CA LYS J 160 43.95 -61.89 32.78
C LYS J 160 44.30 -60.41 32.64
N ALA J 161 44.71 -60.02 31.44
CA ALA J 161 45.10 -58.63 31.19
C ALA J 161 45.14 -58.29 29.71
N GLY J 162 44.87 -57.03 29.39
CA GLY J 162 45.02 -56.50 28.04
C GLY J 162 44.01 -57.05 27.05
N VAL J 163 42.94 -57.65 27.56
CA VAL J 163 41.86 -58.17 26.72
C VAL J 163 40.71 -57.16 26.63
N GLU J 164 40.39 -56.71 25.41
CA GLU J 164 39.26 -55.79 25.16
C GLU J 164 38.36 -56.32 24.04
N THR J 165 37.08 -56.54 24.35
CA THR J 165 36.15 -57.16 23.40
C THR J 165 34.94 -56.28 23.16
N THR J 166 34.58 -56.15 21.88
CA THR J 166 33.44 -55.33 21.50
C THR J 166 32.15 -56.01 21.91
N THR J 167 31.05 -55.26 21.91
CA THR J 167 29.73 -55.84 22.01
C THR J 167 29.42 -56.54 20.69
N PRO J 168 28.50 -57.51 20.70
CA PRO J 168 28.08 -58.09 19.43
C PRO J 168 27.23 -57.11 18.63
N SER J 169 27.42 -57.12 17.32
CA SER J 169 26.69 -56.25 16.42
C SER J 169 26.07 -57.08 15.30
N LYS J 170 24.88 -56.69 14.88
CA LYS J 170 24.15 -57.44 13.87
C LYS J 170 24.69 -57.17 12.47
N GLN J 171 25.02 -58.23 11.73
CA GLN J 171 25.51 -58.12 10.35
C GLN J 171 24.32 -57.96 9.39
N SER J 172 24.63 -57.75 8.11
CA SER J 172 23.60 -57.61 7.09
C SER J 172 22.78 -58.89 6.92
N ASN J 173 23.38 -60.03 7.24
CA ASN J 173 22.72 -61.33 7.12
C ASN J 173 21.96 -61.74 8.39
N ASN J 174 21.68 -60.77 9.24
CA ASN J 174 20.94 -61.01 10.48
C ASN J 174 21.62 -61.93 11.50
N LYS J 175 22.86 -62.31 11.23
CA LYS J 175 23.71 -62.98 12.21
C LYS J 175 24.56 -61.88 12.84
N TYR J 176 25.40 -62.24 13.81
CA TYR J 176 26.17 -61.25 14.57
C TYR J 176 27.67 -61.33 14.37
N ALA J 177 28.33 -60.22 14.66
CA ALA J 177 29.78 -60.13 14.58
C ALA J 177 30.30 -59.45 15.84
N ALA J 178 31.52 -59.77 16.21
CA ALA J 178 32.18 -59.09 17.31
C ALA J 178 33.66 -59.08 17.01
N SER J 179 34.44 -58.46 17.89
CA SER J 179 35.88 -58.55 17.78
C SER J 179 36.53 -58.34 19.14
N SER J 180 37.63 -59.06 19.37
CA SER J 180 38.38 -58.98 20.62
C SER J 180 39.87 -58.73 20.36
N TYR J 181 40.49 -57.91 21.19
CA TYR J 181 41.86 -57.49 21.00
C TYR J 181 42.71 -57.87 22.20
N LEU J 182 43.86 -58.50 21.96
CA LEU J 182 44.80 -58.80 23.04
C LEU J 182 46.04 -57.92 22.90
N SER J 183 46.33 -57.14 23.92
CA SER J 183 47.47 -56.26 23.86
C SER J 183 48.60 -56.79 24.71
N LEU J 184 49.74 -56.97 24.06
CA LEU J 184 50.91 -57.53 24.68
C LEU J 184 52.13 -56.78 24.23
N THR J 185 53.14 -56.85 25.09
CA THR J 185 54.47 -56.39 24.78
C THR J 185 55.03 -57.42 23.78
N PRO J 186 55.86 -56.97 22.83
CA PRO J 186 56.53 -57.84 21.87
C PRO J 186 57.23 -58.94 22.62
N GLU J 187 57.55 -58.55 23.85
CA GLU J 187 58.18 -59.40 24.79
C GLU J 187 57.33 -60.59 25.25
N GLN J 188 56.08 -60.31 25.53
CA GLN J 188 55.11 -61.33 25.92
C GLN J 188 54.74 -62.25 24.74
N TRP J 189 54.78 -61.65 23.55
CA TRP J 189 54.54 -62.37 22.28
C TRP J 189 55.61 -63.35 21.93
N LYS J 190 56.80 -62.99 22.36
CA LYS J 190 57.95 -63.82 22.25
C LYS J 190 58.09 -64.88 23.36
N SER J 191 57.59 -64.58 24.54
CA SER J 191 57.73 -65.45 25.70
C SER J 191 57.02 -66.78 25.73
N HIS J 192 56.05 -66.92 24.86
CA HIS J 192 55.27 -68.14 24.82
C HIS J 192 55.32 -68.65 23.40
N ARG J 193 54.98 -69.92 23.28
CA ARG J 193 55.09 -70.62 22.01
C ARG J 193 53.73 -70.67 21.36
N SER J 194 52.70 -70.32 22.12
CA SER J 194 51.35 -70.40 21.60
C SER J 194 50.38 -69.42 22.24
N TYR J 195 49.58 -68.76 21.39
CA TYR J 195 48.48 -67.94 21.86
C TYR J 195 47.20 -68.41 21.16
N SER J 196 46.09 -68.45 21.89
CA SER J 196 44.84 -68.97 21.35
C SER J 196 43.61 -68.13 21.69
N CYS J 197 42.76 -67.89 20.70
CA CYS J 197 41.48 -67.22 20.94
C CYS J 197 40.36 -68.25 21.03
N GLN J 198 39.71 -68.30 22.19
CA GLN J 198 38.64 -69.27 22.45
C GLN J 198 37.29 -68.55 22.51
N VAL J 199 36.42 -68.83 21.55
CA VAL J 199 35.10 -68.21 21.48
C VAL J 199 34.02 -69.24 21.77
N THR J 200 33.34 -69.11 22.90
CA THR J 200 32.26 -70.04 23.23
C THR J 200 30.90 -69.48 22.88
N HIS J 201 30.11 -70.30 22.20
CA HIS J 201 28.79 -69.90 21.72
C HIS J 201 27.74 -70.99 21.91
N GLU J 202 26.82 -70.75 22.84
CA GLU J 202 25.80 -71.73 23.22
C GLU J 202 26.46 -73.05 23.64
N GLY J 203 27.35 -72.97 24.61
CA GLY J 203 28.04 -74.14 25.13
C GLY J 203 29.22 -74.62 24.31
N SER J 204 29.09 -74.61 22.98
CA SER J 204 30.14 -75.08 22.08
C SER J 204 31.26 -74.06 21.89
N THR J 205 32.50 -74.54 21.89
CA THR J 205 33.66 -73.64 21.80
C THR J 205 34.43 -73.81 20.49
N VAL J 206 34.56 -72.71 19.75
CA VAL J 206 35.41 -72.63 18.56
C VAL J 206 36.75 -72.03 18.96
N GLU J 207 37.86 -72.55 18.43
CA GLU J 207 39.17 -72.04 18.86
C GLU J 207 40.10 -71.80 17.68
N LYS J 208 40.96 -70.78 17.79
CA LYS J 208 42.05 -70.59 16.84
C LYS J 208 43.32 -70.23 17.59
N THR J 209 44.44 -70.37 16.90
CA THR J 209 45.74 -70.23 17.54
C THR J 209 46.79 -69.70 16.58
N VAL J 210 47.65 -68.82 17.07
CA VAL J 210 48.80 -68.40 16.28
C VAL J 210 50.08 -68.54 17.08
N ALA J 211 51.17 -68.75 16.35
CA ALA J 211 52.49 -68.93 16.94
C ALA J 211 53.49 -67.94 16.35
N PRO J 212 54.34 -67.37 17.22
CA PRO J 212 55.39 -66.42 16.83
C PRO J 212 56.55 -67.08 16.09
N GLN K 1 -4.36 13.96 31.74
CA GLN K 1 -5.50 14.83 32.17
C GLN K 1 -5.70 16.01 31.23
N VAL K 2 -6.82 15.99 30.51
CA VAL K 2 -7.11 17.05 29.54
C VAL K 2 -7.34 18.40 30.24
N GLN K 3 -6.81 19.48 29.65
CA GLN K 3 -7.16 20.84 30.04
C GLN K 3 -7.71 21.56 28.82
N LEU K 4 -8.65 22.47 29.04
CA LEU K 4 -9.15 23.30 27.94
C LEU K 4 -8.54 24.68 28.09
N VAL K 5 -7.89 25.16 27.03
CA VAL K 5 -7.20 26.45 27.06
C VAL K 5 -7.81 27.39 26.04
N GLN K 6 -8.42 28.47 26.49
CA GLN K 6 -9.08 29.40 25.59
C GLN K 6 -8.18 30.50 25.09
N SER K 7 -8.58 31.11 23.98
CA SER K 7 -7.87 32.25 23.42
C SER K 7 -8.05 33.47 24.32
N GLY K 8 -7.25 34.51 24.08
CA GLY K 8 -7.16 35.63 24.99
C GLY K 8 -8.28 36.65 24.88
N ALA K 9 -8.24 37.63 25.79
CA ALA K 9 -9.28 38.64 25.89
C ALA K 9 -9.43 39.40 24.58
N GLU K 10 -10.65 39.81 24.29
CA GLU K 10 -10.95 40.50 23.05
C GLU K 10 -11.58 41.84 23.34
N VAL K 11 -11.19 42.85 22.59
CA VAL K 11 -11.82 44.15 22.68
C VAL K 11 -12.39 44.49 21.32
N LYS K 12 -13.69 44.69 21.32
CA LYS K 12 -14.45 44.77 20.09
C LYS K 12 -15.35 45.98 20.05
N LYS K 13 -15.56 46.47 18.83
CA LYS K 13 -16.45 47.57 18.60
C LYS K 13 -17.82 47.02 18.27
N PRO K 14 -18.86 47.80 18.54
CA PRO K 14 -20.21 47.33 18.27
C PRO K 14 -20.41 46.91 16.82
N GLY K 15 -21.04 45.76 16.62
CA GLY K 15 -21.30 45.23 15.29
C GLY K 15 -20.33 44.28 14.68
N SER K 16 -19.18 44.19 15.30
CA SER K 16 -18.13 43.34 14.81
C SER K 16 -18.47 41.92 15.23
N SER K 17 -17.59 40.99 14.89
N SER K 17 -17.60 40.99 14.89
CA SER K 17 -17.74 39.61 15.31
CA SER K 17 -17.74 39.61 15.30
C SER K 17 -16.50 39.20 16.09
C SER K 17 -16.51 39.22 16.09
N VAL K 18 -16.66 38.20 16.95
CA VAL K 18 -15.53 37.71 17.72
C VAL K 18 -15.54 36.20 17.60
N LYS K 19 -14.37 35.61 17.42
CA LYS K 19 -14.28 34.16 17.37
C LYS K 19 -13.28 33.69 18.41
N VAL K 20 -13.78 32.92 19.38
CA VAL K 20 -12.99 32.45 20.51
C VAL K 20 -12.68 30.98 20.29
N SER K 21 -11.47 30.58 20.65
CA SER K 21 -11.06 29.19 20.50
C SER K 21 -10.88 28.49 21.84
N CYS K 22 -11.01 27.16 21.81
CA CYS K 22 -10.88 26.34 23.01
C CYS K 22 -10.07 25.11 22.62
N LYS K 23 -8.82 25.05 23.04
CA LYS K 23 -7.94 23.95 22.66
C LYS K 23 -7.85 22.87 23.72
N SER K 24 -8.07 21.62 23.30
N SER K 24 -8.10 21.62 23.31
CA SER K 24 -7.95 20.50 24.23
CA SER K 24 -7.92 20.51 24.23
C SER K 24 -6.50 19.99 24.20
C SER K 24 -6.48 20.07 24.19
N SER K 25 -5.81 20.16 25.33
CA SER K 25 -4.42 19.74 25.45
C SER K 25 -4.32 18.63 26.48
N GLY K 26 -3.33 17.76 26.31
CA GLY K 26 -3.13 16.62 27.18
C GLY K 26 -4.10 15.49 26.83
N GLY K 27 -4.67 15.57 25.63
CA GLY K 27 -5.60 14.57 25.15
C GLY K 27 -6.70 15.20 24.32
N THR K 28 -7.42 14.39 23.56
CA THR K 28 -8.48 14.91 22.72
C THR K 28 -9.81 15.04 23.47
N SER K 29 -10.68 15.93 23.00
CA SER K 29 -12.05 16.00 23.51
C SER K 29 -13.03 15.65 22.38
N ASN K 30 -12.53 15.11 21.28
CA ASN K 30 -13.36 14.92 20.10
C ASN K 30 -14.50 13.92 20.30
N ASN K 31 -14.35 13.03 21.27
CA ASN K 31 -15.38 12.03 21.54
C ASN K 31 -16.39 12.54 22.59
N TYR K 32 -16.29 13.81 22.96
CA TYR K 32 -17.22 14.39 23.93
C TYR K 32 -17.92 15.61 23.31
N ALA K 33 -19.05 16.01 23.89
CA ALA K 33 -19.65 17.31 23.60
C ALA K 33 -18.91 18.40 24.39
N ILE K 34 -18.68 19.54 23.74
CA ILE K 34 -18.20 20.76 24.39
C ILE K 34 -19.25 21.86 24.20
N SER K 35 -19.62 22.53 25.30
CA SER K 35 -20.55 23.65 25.25
C SER K 35 -19.87 24.99 25.44
N TRP K 36 -20.54 26.04 24.97
CA TRP K 36 -20.13 27.39 25.26
C TRP K 36 -21.18 28.03 26.18
N VAL K 37 -20.72 28.63 27.27
CA VAL K 37 -21.58 29.19 28.31
C VAL K 37 -21.04 30.57 28.63
N ARG K 38 -21.88 31.59 28.64
CA ARG K 38 -21.37 32.93 28.91
C ARG K 38 -21.91 33.45 30.23
N GLN K 39 -21.21 34.46 30.75
CA GLN K 39 -21.59 35.04 32.02
C GLN K 39 -21.42 36.54 31.90
N ALA K 40 -22.54 37.24 31.80
CA ALA K 40 -22.51 38.68 31.70
C ALA K 40 -22.09 39.24 33.05
N PRO K 41 -21.55 40.46 33.07
CA PRO K 41 -21.02 40.97 34.34
C PRO K 41 -22.10 40.93 35.42
N GLY K 42 -21.82 40.30 36.55
CA GLY K 42 -22.77 40.25 37.65
C GLY K 42 -23.97 39.34 37.41
N GLN K 43 -23.99 38.62 36.29
CA GLN K 43 -25.11 37.75 35.96
C GLN K 43 -24.74 36.28 36.04
N GLY K 44 -25.68 35.42 35.69
CA GLY K 44 -25.51 34.00 35.83
C GLY K 44 -24.97 33.34 34.58
N LEU K 45 -24.77 32.03 34.67
CA LEU K 45 -24.33 31.27 33.51
C LEU K 45 -25.46 31.16 32.51
N ASP K 46 -25.11 31.18 31.22
CA ASP K 46 -26.12 31.21 30.17
C ASP K 46 -25.59 30.34 29.02
N TRP K 47 -26.33 29.29 28.65
CA TRP K 47 -25.86 28.39 27.60
C TRP K 47 -26.02 29.00 26.21
N MET K 48 -24.96 28.92 25.41
CA MET K 48 -25.00 29.40 24.03
C MET K 48 -25.27 28.30 23.00
N GLY K 49 -24.77 27.09 23.27
CA GLY K 49 -24.84 25.97 22.33
C GLY K 49 -23.68 25.03 22.56
N GLY K 50 -23.51 24.02 21.72
CA GLY K 50 -22.40 23.08 21.86
C GLY K 50 -22.10 22.33 20.57
N ILE K 51 -21.06 21.50 20.59
CA ILE K 51 -20.71 20.68 19.42
C ILE K 51 -20.12 19.35 19.87
N SER K 52 -20.44 18.29 19.15
CA SER K 52 -19.87 16.98 19.44
C SER K 52 -19.45 16.50 18.05
N PRO K 53 -18.18 16.75 17.70
CA PRO K 53 -17.78 16.77 16.29
C PRO K 53 -17.68 15.39 15.63
N ILE K 54 -17.32 14.36 16.38
CA ILE K 54 -17.31 13.02 15.82
C ILE K 54 -18.74 12.49 15.72
N PHE K 55 -19.49 12.66 16.79
CA PHE K 55 -20.90 12.30 16.79
C PHE K 55 -21.64 12.97 15.63
N GLY K 56 -21.26 14.22 15.36
CA GLY K 56 -21.79 14.97 14.23
C GLY K 56 -22.90 15.97 14.52
N SER K 57 -23.01 16.38 15.78
CA SER K 57 -24.08 17.28 16.25
C SER K 57 -23.56 18.69 16.53
N THR K 58 -24.28 19.72 16.09
CA THR K 58 -24.04 21.08 16.59
C THR K 58 -25.40 21.59 17.08
N ALA K 59 -25.44 22.10 18.31
CA ALA K 59 -26.67 22.62 18.92
C ALA K 59 -26.57 24.08 19.39
N TYR K 60 -27.68 24.80 19.35
CA TYR K 60 -27.71 26.20 19.74
C TYR K 60 -28.87 26.49 20.68
N ALA K 61 -28.64 27.35 21.65
CA ALA K 61 -29.72 27.89 22.46
C ALA K 61 -30.55 28.73 21.51
N GLN K 62 -31.87 28.60 21.63
CA GLN K 62 -32.79 29.38 20.83
C GLN K 62 -32.48 30.87 20.88
N LYS K 63 -32.14 31.41 22.05
CA LYS K 63 -31.92 32.85 22.14
C LYS K 63 -30.71 33.37 21.35
N PHE K 64 -29.81 32.49 20.94
CA PHE K 64 -28.65 32.91 20.14
C PHE K 64 -28.65 32.40 18.69
N GLN K 65 -29.63 31.58 18.33
CA GLN K 65 -29.72 31.03 16.98
C GLN K 65 -29.61 32.08 15.88
N GLY K 66 -28.73 31.82 14.91
CA GLY K 66 -28.56 32.68 13.77
C GLY K 66 -27.48 33.73 13.97
N ARG K 67 -27.16 34.01 15.23
CA ARG K 67 -26.15 35.01 15.56
C ARG K 67 -24.82 34.43 16.00
N VAL K 68 -24.85 33.16 16.38
CA VAL K 68 -23.67 32.44 16.87
C VAL K 68 -23.25 31.30 15.93
N THR K 69 -21.94 31.06 15.81
CA THR K 69 -21.44 29.94 15.03
C THR K 69 -20.59 29.02 15.90
N ILE K 70 -20.96 27.76 16.05
CA ILE K 70 -20.09 26.91 16.84
C ILE K 70 -19.52 25.91 15.86
N SER K 71 -18.24 25.63 15.96
CA SER K 71 -17.60 24.75 14.99
C SER K 71 -16.43 24.01 15.62
N ALA K 72 -15.82 23.08 14.90
CA ALA K 72 -14.70 22.37 15.49
C ALA K 72 -13.73 21.89 14.42
N ASP K 73 -12.47 21.82 14.79
CA ASP K 73 -11.44 21.26 13.94
C ASP K 73 -10.92 20.07 14.74
N ILE K 74 -11.31 18.87 14.33
CA ILE K 74 -10.98 17.66 15.07
C ILE K 74 -9.51 17.40 14.99
N PHE K 75 -8.88 17.98 13.98
CA PHE K 75 -7.49 17.67 13.73
C PHE K 75 -6.52 18.41 14.66
N SER K 76 -6.93 19.59 15.13
CA SER K 76 -6.18 20.40 16.10
C SER K 76 -6.79 20.31 17.50
N ASN K 77 -7.78 19.45 17.69
CA ASN K 77 -8.45 19.33 18.97
C ASN K 77 -8.97 20.67 19.47
N THR K 78 -9.58 21.44 18.58
CA THR K 78 -10.04 22.79 18.94
C THR K 78 -11.52 23.00 18.62
N ALA K 79 -12.24 23.66 19.52
CA ALA K 79 -13.62 24.05 19.27
C ALA K 79 -13.66 25.58 19.17
N TYR K 80 -14.64 26.12 18.47
CA TYR K 80 -14.72 27.56 18.25
C TYR K 80 -16.15 28.08 18.46
N MET K 81 -16.26 29.34 18.88
CA MET K 81 -17.53 30.04 18.96
C MET K 81 -17.36 31.40 18.31
N GLU K 82 -18.18 31.72 17.31
CA GLU K 82 -18.13 33.03 16.69
C GLU K 82 -19.46 33.75 16.92
N LEU K 83 -19.43 34.92 17.54
CA LEU K 83 -20.67 35.63 17.81
C LEU K 83 -20.62 36.91 17.00
N ASN K 84 -21.68 37.13 16.21
CA ASN K 84 -21.71 38.23 15.26
C ASN K 84 -22.57 39.39 15.76
N SER K 85 -22.47 40.53 15.08
CA SER K 85 -23.27 41.71 15.40
C SER K 85 -23.22 42.10 16.88
N LEU K 86 -22.01 42.19 17.43
CA LEU K 86 -21.80 42.44 18.86
C LEU K 86 -22.34 43.77 19.37
N THR K 87 -22.96 43.73 20.54
CA THR K 87 -23.30 44.95 21.27
C THR K 87 -22.83 44.85 22.72
N SER K 88 -23.06 45.90 23.49
CA SER K 88 -22.65 45.91 24.90
C SER K 88 -23.34 44.86 25.75
N GLU K 89 -24.49 44.37 25.28
CA GLU K 89 -25.19 43.30 25.96
C GLU K 89 -24.40 42.01 25.88
N ASP K 90 -23.41 42.00 24.98
CA ASP K 90 -22.58 40.83 24.80
C ASP K 90 -21.25 40.89 25.58
N THR K 91 -20.98 42.00 26.26
CA THR K 91 -19.80 42.07 27.12
C THR K 91 -19.99 41.06 28.25
N ALA K 92 -19.06 40.13 28.40
CA ALA K 92 -19.24 38.99 29.28
C ALA K 92 -17.98 38.15 29.29
N VAL K 93 -17.89 37.19 30.21
CA VAL K 93 -16.84 36.19 30.14
C VAL K 93 -17.42 34.94 29.47
N TYR K 94 -16.69 34.41 28.50
CA TYR K 94 -17.15 33.25 27.75
C TYR K 94 -16.29 32.03 28.10
N PHE K 95 -16.96 30.95 28.49
CA PHE K 95 -16.29 29.71 28.86
C PHE K 95 -16.62 28.61 27.85
N CYS K 96 -15.67 27.73 27.53
CA CYS K 96 -15.97 26.44 26.91
C CYS K 96 -15.91 25.36 27.99
N ALA K 97 -16.73 24.32 27.90
CA ALA K 97 -16.71 23.27 28.92
C ALA K 97 -17.01 21.89 28.34
N ARG K 98 -16.32 20.85 28.79
CA ARG K 98 -16.56 19.54 28.28
C ARG K 98 -17.48 18.78 29.24
N HIS K 99 -18.47 18.15 28.63
CA HIS K 99 -19.46 17.29 29.25
C HIS K 99 -18.85 15.92 29.55
N GLY K 100 -19.53 15.14 30.39
CA GLY K 100 -19.04 13.83 30.79
C GLY K 100 -19.12 12.83 29.65
N ASN K 101 -19.83 13.20 28.58
CA ASN K 101 -20.00 12.34 27.41
C ASN K 101 -20.18 13.08 26.09
N TYR K 102 -20.63 12.35 25.08
CA TYR K 102 -20.74 12.90 23.73
C TYR K 102 -21.88 13.89 23.53
N TYR K 103 -22.73 14.10 24.54
CA TYR K 103 -23.91 14.95 24.36
C TYR K 103 -24.07 15.91 25.54
N TYR K 104 -25.12 16.72 25.49
CA TYR K 104 -25.20 17.93 26.30
C TYR K 104 -25.96 17.75 27.64
N TYR K 105 -26.53 16.58 27.90
CA TYR K 105 -27.27 16.38 29.15
C TYR K 105 -26.36 16.21 30.34
N SER K 106 -25.25 15.52 30.16
CA SER K 106 -24.39 15.20 31.28
C SER K 106 -23.78 16.46 31.88
N GLY K 107 -23.46 16.40 33.17
CA GLY K 107 -22.82 17.51 33.85
C GLY K 107 -21.53 17.88 33.15
N MET K 108 -21.25 19.18 33.10
CA MET K 108 -20.01 19.66 32.50
C MET K 108 -18.89 19.67 33.53
N ASP K 109 -17.95 18.74 33.37
CA ASP K 109 -16.91 18.53 34.39
C ASP K 109 -15.53 19.10 34.09
N VAL K 110 -15.29 19.55 32.86
CA VAL K 110 -14.00 20.17 32.54
C VAL K 110 -14.26 21.58 31.99
N TRP K 111 -13.64 22.60 32.56
CA TRP K 111 -13.92 23.97 32.09
C TRP K 111 -12.66 24.67 31.61
N GLY K 112 -12.79 25.50 30.57
CA GLY K 112 -11.72 26.38 30.16
C GLY K 112 -11.57 27.53 31.13
N GLN K 113 -10.52 28.34 30.94
CA GLN K 113 -10.22 29.41 31.89
C GLN K 113 -11.07 30.66 31.66
N GLY K 114 -11.76 30.71 30.52
CA GLY K 114 -12.58 31.85 30.17
C GLY K 114 -11.89 32.87 29.28
N THR K 115 -12.69 33.58 28.48
CA THR K 115 -12.19 34.63 27.61
C THR K 115 -13.06 35.86 27.79
N THR K 116 -12.47 36.98 28.18
CA THR K 116 -13.25 38.20 28.37
C THR K 116 -13.43 38.87 27.02
N VAL K 117 -14.69 39.21 26.72
CA VAL K 117 -14.99 40.00 25.54
C VAL K 117 -15.67 41.28 25.98
N THR K 118 -15.11 42.40 25.57
CA THR K 118 -15.61 43.70 25.93
C THR K 118 -16.03 44.46 24.70
N VAL K 119 -17.28 44.90 24.64
CA VAL K 119 -17.71 45.56 23.43
C VAL K 119 -17.80 47.01 23.90
N SER K 120 -17.00 47.83 23.23
CA SER K 120 -16.83 49.24 23.59
C SER K 120 -16.33 50.05 22.41
N SER K 121 -16.69 51.32 22.40
CA SER K 121 -16.22 52.22 21.37
C SER K 121 -14.89 52.88 21.76
N ALA K 122 -14.33 52.51 22.92
CA ALA K 122 -13.05 53.12 23.31
C ALA K 122 -11.79 52.78 22.49
N SER K 123 -10.92 53.77 22.37
CA SER K 123 -9.61 53.67 21.70
C SER K 123 -8.46 53.48 22.69
N THR K 124 -7.47 52.67 22.36
CA THR K 124 -6.26 52.59 23.18
C THR K 124 -5.63 53.94 23.58
N LYS K 125 -5.33 54.13 24.87
CA LYS K 125 -4.76 55.39 25.34
C LYS K 125 -3.93 55.12 26.61
N GLY K 126 -2.69 55.59 26.61
CA GLY K 126 -1.85 55.44 27.79
C GLY K 126 -2.21 56.43 28.89
N PRO K 127 -1.88 56.08 30.15
CA PRO K 127 -2.28 56.88 31.30
C PRO K 127 -1.42 58.13 31.50
N SER K 128 -2.00 59.17 32.10
CA SER K 128 -1.21 60.27 32.64
C SER K 128 -1.05 60.03 34.15
N VAL K 129 0.19 59.99 34.64
CA VAL K 129 0.45 59.64 36.04
C VAL K 129 0.86 60.81 36.92
N PHE K 130 0.15 60.94 38.04
CA PHE K 130 0.39 62.00 39.01
C PHE K 130 0.72 61.51 40.43
N PRO K 131 1.58 62.24 41.17
CA PRO K 131 1.93 61.84 42.54
C PRO K 131 0.85 62.22 43.57
N LEU K 132 0.71 61.40 44.60
CA LEU K 132 -0.21 61.67 45.72
C LEU K 132 0.64 61.84 46.97
N ALA K 133 0.84 63.09 47.39
CA ALA K 133 1.77 63.41 48.48
C ALA K 133 1.21 63.15 49.88
N PRO K 134 2.08 62.72 50.82
CA PRO K 134 1.68 62.50 52.21
C PRO K 134 1.18 63.77 52.89
N GLY K 141 3.38 60.66 64.16
CA GLY K 141 2.38 60.06 63.29
C GLY K 141 2.46 58.54 63.28
N GLY K 142 3.68 58.05 63.12
CA GLY K 142 3.99 56.62 63.05
C GLY K 142 3.97 56.10 61.63
N THR K 143 2.84 56.26 60.94
CA THR K 143 2.72 55.81 59.55
C THR K 143 2.08 56.94 58.72
N ALA K 144 2.39 56.91 57.43
CA ALA K 144 1.91 57.88 56.47
C ALA K 144 1.34 57.18 55.25
N ALA K 145 0.56 57.89 54.45
CA ALA K 145 -0.02 57.32 53.24
C ALA K 145 0.36 58.14 52.00
N LEU K 146 1.08 57.53 51.04
CA LEU K 146 1.42 58.23 49.80
C LEU K 146 1.17 57.29 48.61
N GLY K 147 0.88 57.83 47.42
CA GLY K 147 0.56 56.97 46.28
C GLY K 147 0.65 57.63 44.92
N CYS K 148 0.09 56.99 43.89
CA CYS K 148 0.05 57.52 42.54
C CYS K 148 -1.35 57.41 41.94
N LEU K 149 -1.77 58.44 41.21
CA LEU K 149 -3.02 58.42 40.47
C LEU K 149 -2.74 58.10 39.01
N VAL K 150 -3.37 57.06 38.49
CA VAL K 150 -3.14 56.65 37.11
C VAL K 150 -4.38 56.97 36.26
N LYS K 151 -4.28 58.03 35.46
CA LYS K 151 -5.46 58.65 34.84
C LYS K 151 -5.71 58.38 33.35
N ASP K 152 -6.98 58.19 33.04
CA ASP K 152 -7.49 58.22 31.67
C ASP K 152 -6.74 57.30 30.72
N TYR K 153 -6.82 55.99 30.99
CA TYR K 153 -6.21 55.03 30.10
C TYR K 153 -7.23 54.04 29.59
N PHE K 154 -6.90 53.40 28.48
CA PHE K 154 -7.72 52.32 27.93
C PHE K 154 -6.91 51.40 27.04
N PRO K 155 -7.15 50.07 27.13
CA PRO K 155 -8.07 49.35 28.01
C PRO K 155 -7.32 48.86 29.25
N GLU K 156 -7.99 48.14 30.14
CA GLU K 156 -7.30 47.38 31.17
C GLU K 156 -6.37 46.34 30.54
N PRO K 157 -5.30 45.93 31.25
CA PRO K 157 -4.89 46.38 32.57
C PRO K 157 -3.68 47.32 32.62
N VAL K 158 -3.41 47.86 33.81
CA VAL K 158 -2.21 48.61 34.14
C VAL K 158 -1.51 47.86 35.27
N THR K 159 -0.18 47.79 35.26
CA THR K 159 0.54 47.29 36.45
C THR K 159 1.28 48.42 37.19
N VAL K 160 1.19 48.42 38.52
CA VAL K 160 1.90 49.40 39.33
C VAL K 160 2.81 48.71 40.33
N SER K 161 4.06 49.15 40.32
CA SER K 161 5.04 48.71 41.29
C SER K 161 5.60 49.92 42.02
N TRP K 162 6.25 49.66 43.14
CA TRP K 162 6.90 50.74 43.89
C TRP K 162 8.39 50.47 43.97
N ASN K 163 9.19 51.53 43.76
CA ASN K 163 10.64 51.41 43.76
C ASN K 163 11.11 50.26 42.87
N SER K 164 10.60 50.24 41.63
CA SER K 164 10.97 49.23 40.65
C SER K 164 10.64 47.86 41.22
N GLY K 165 9.63 47.82 42.07
CA GLY K 165 9.20 46.55 42.61
C GLY K 165 9.88 46.27 43.93
N ALA K 166 10.76 47.16 44.38
CA ALA K 166 11.54 46.94 45.61
C ALA K 166 10.69 47.07 46.86
N LEU K 167 9.62 47.85 46.78
CA LEU K 167 8.75 48.00 47.93
C LEU K 167 7.44 47.26 47.71
N THR K 168 7.27 46.14 48.41
CA THR K 168 6.06 45.34 48.26
C THR K 168 5.14 45.43 49.48
N SER K 169 5.70 45.73 50.65
CA SER K 169 4.90 45.77 51.87
C SER K 169 4.00 47.01 51.94
N GLY K 170 2.74 46.82 52.34
CA GLY K 170 1.84 47.94 52.54
C GLY K 170 1.25 48.54 51.28
N VAL K 171 1.52 47.92 50.13
CA VAL K 171 1.01 48.43 48.86
C VAL K 171 -0.41 47.94 48.60
N HIS K 172 -1.28 48.87 48.26
CA HIS K 172 -2.66 48.56 47.96
C HIS K 172 -3.06 49.28 46.67
N THR K 173 -3.10 48.54 45.56
CA THR K 173 -3.53 49.10 44.28
C THR K 173 -5.04 48.88 44.08
N PHE K 174 -5.81 49.97 44.04
CA PHE K 174 -7.28 49.85 43.96
C PHE K 174 -7.75 49.51 42.55
N PRO K 175 -8.85 48.75 42.46
CA PRO K 175 -9.46 48.50 41.16
C PRO K 175 -9.86 49.79 40.45
N ALA K 176 -9.64 49.82 39.15
CA ALA K 176 -9.96 50.99 38.36
C ALA K 176 -11.45 51.30 38.36
N VAL K 177 -11.76 52.57 38.21
CA VAL K 177 -13.11 53.01 37.94
C VAL K 177 -13.24 53.17 36.44
N LEU K 178 -14.39 52.80 35.90
CA LEU K 178 -14.61 53.00 34.48
C LEU K 178 -15.42 54.27 34.35
N GLN K 179 -14.79 55.29 33.80
CA GLN K 179 -15.44 56.57 33.69
C GLN K 179 -16.45 56.46 32.59
N SER K 180 -17.34 57.41 32.60
CA SER K 180 -18.33 57.53 31.57
C SER K 180 -17.70 57.83 30.22
N SER K 181 -16.48 58.35 30.23
CA SER K 181 -15.75 58.62 28.99
C SER K 181 -15.41 57.31 28.27
N GLY K 182 -15.28 56.23 29.04
CA GLY K 182 -14.89 54.94 28.50
C GLY K 182 -13.46 54.62 28.87
N LEU K 183 -12.82 55.58 29.56
CA LEU K 183 -11.45 55.43 30.02
C LEU K 183 -11.48 55.01 31.48
N TYR K 184 -10.39 54.37 31.90
CA TYR K 184 -10.23 53.93 33.28
C TYR K 184 -9.32 54.86 34.04
N SER K 185 -9.48 54.83 35.36
CA SER K 185 -8.52 55.47 36.25
C SER K 185 -8.42 54.59 37.46
N LEU K 186 -7.20 54.42 37.97
CA LEU K 186 -6.99 53.74 39.23
C LEU K 186 -5.97 54.47 40.10
N SER K 187 -5.89 54.05 41.35
CA SER K 187 -4.89 54.57 42.27
C SER K 187 -4.11 53.47 42.97
N SER K 188 -2.84 53.72 43.26
CA SER K 188 -2.05 52.81 44.07
C SER K 188 -1.51 53.58 45.27
N VAL K 189 -1.82 53.13 46.47
CA VAL K 189 -1.33 53.80 47.66
C VAL K 189 -0.53 52.85 48.53
N VAL K 190 0.62 53.32 48.98
CA VAL K 190 1.46 52.57 49.90
C VAL K 190 1.53 53.28 51.24
N THR K 191 1.38 52.47 52.30
CA THR K 191 1.44 52.96 53.67
C THR K 191 2.84 52.67 54.26
N VAL K 192 3.47 53.68 54.84
CA VAL K 192 4.90 53.66 55.11
C VAL K 192 5.21 54.43 56.40
N PRO K 193 6.23 53.98 57.16
CA PRO K 193 6.63 54.76 58.34
C PRO K 193 6.98 56.21 58.02
N SER K 194 6.34 57.14 58.73
CA SER K 194 6.50 58.56 58.45
C SER K 194 7.90 59.01 58.81
N SER K 195 8.58 58.23 59.64
CA SER K 195 9.94 58.57 60.00
C SER K 195 10.77 58.43 58.72
N SER K 196 10.52 57.39 57.93
CA SER K 196 11.28 57.26 56.70
C SER K 196 10.54 58.09 55.67
N LEU K 197 10.62 59.40 55.82
CA LEU K 197 10.00 60.32 54.88
C LEU K 197 11.07 61.11 54.15
N GLY K 198 11.99 61.65 54.95
CA GLY K 198 13.09 62.46 54.45
C GLY K 198 14.39 61.68 54.29
N THR K 199 14.27 60.39 53.98
CA THR K 199 15.45 59.55 53.80
C THR K 199 15.22 58.66 52.59
N GLN K 200 14.26 57.75 52.70
CA GLN K 200 13.94 56.85 51.61
C GLN K 200 13.12 57.60 50.57
N THR K 201 13.49 57.45 49.30
CA THR K 201 12.73 58.05 48.19
C THR K 201 11.62 57.10 47.71
N TYR K 202 10.47 57.64 47.28
CA TYR K 202 9.37 56.80 46.78
C TYR K 202 8.92 57.12 45.35
N ILE K 203 9.06 56.12 44.48
CA ILE K 203 8.71 56.23 43.05
C ILE K 203 7.77 55.11 42.62
N CYS K 204 6.65 55.44 41.97
CA CYS K 204 5.80 54.38 41.43
C CYS K 204 6.10 54.19 39.94
N ASN K 205 6.14 52.93 39.51
CA ASN K 205 6.39 52.60 38.11
C ASN K 205 5.12 52.02 37.51
N VAL K 206 4.59 52.69 36.50
CA VAL K 206 3.33 52.33 35.89
C VAL K 206 3.57 51.82 34.47
N ASN K 207 3.18 50.58 34.23
CA ASN K 207 3.31 49.99 32.91
C ASN K 207 1.95 49.72 32.29
N HIS K 208 1.76 50.27 31.10
CA HIS K 208 0.54 50.01 30.34
C HIS K 208 0.95 49.37 29.05
N LYS K 209 0.96 48.04 29.03
CA LYS K 209 1.34 47.31 27.84
C LYS K 209 0.65 47.79 26.55
N PRO K 210 -0.69 47.88 26.57
CA PRO K 210 -1.39 48.19 25.32
C PRO K 210 -0.97 49.46 24.56
N SER K 211 -0.54 50.51 25.26
CA SER K 211 -0.08 51.75 24.60
C SER K 211 1.45 51.81 24.59
N ASN K 212 2.08 50.74 25.07
CA ASN K 212 3.52 50.69 25.40
C ASN K 212 3.98 51.91 26.18
N THR K 213 3.25 52.22 27.24
CA THR K 213 3.61 53.33 28.11
C THR K 213 4.29 52.77 29.36
N LYS K 214 5.40 53.40 29.75
CA LYS K 214 6.06 53.07 31.01
C LYS K 214 6.54 54.35 31.66
N VAL K 215 6.00 54.67 32.82
CA VAL K 215 6.32 55.91 33.50
C VAL K 215 6.83 55.71 34.93
N ASP K 216 7.92 56.37 35.31
CA ASP K 216 8.27 56.41 36.73
C ASP K 216 7.87 57.78 37.23
N LYS K 217 7.35 57.82 38.45
CA LYS K 217 6.90 59.09 39.05
C LYS K 217 7.29 59.16 40.52
N ARG K 218 8.06 60.18 40.88
CA ARG K 218 8.52 60.37 42.25
C ARG K 218 7.43 61.05 43.09
N VAL K 219 7.20 60.54 44.30
CA VAL K 219 6.21 61.13 45.20
C VAL K 219 6.88 61.75 46.42
N GLU K 220 6.83 63.07 46.48
CA GLU K 220 7.49 63.82 47.55
C GLU K 220 6.47 64.45 48.50
N PRO K 221 6.88 64.63 49.76
CA PRO K 221 6.03 65.27 50.77
C PRO K 221 5.66 66.69 50.36
N SER L 2 -32.90 32.45 34.28
CA SER L 2 -34.09 31.90 34.92
C SER L 2 -34.41 30.49 34.40
N ALA L 3 -35.69 30.22 34.16
CA ALA L 3 -36.22 28.86 34.03
C ALA L 3 -36.10 28.10 35.35
N LEU L 4 -34.88 28.04 35.87
CA LEU L 4 -34.66 27.55 37.21
C LEU L 4 -34.54 28.73 38.17
N THR L 5 -35.13 28.59 39.35
CA THR L 5 -35.18 29.69 40.29
C THR L 5 -34.45 29.32 41.58
N GLN L 6 -33.53 30.17 42.00
CA GLN L 6 -32.75 29.95 43.22
C GLN L 6 -32.83 31.18 44.10
N PRO L 7 -32.64 30.99 45.42
CA PRO L 7 -32.52 32.18 46.27
C PRO L 7 -31.25 32.92 45.92
N PRO L 8 -31.31 34.27 45.89
CA PRO L 8 -30.08 35.00 45.54
C PRO L 8 -28.99 34.78 46.57
N ALA L 9 -29.37 34.43 47.79
CA ALA L 9 -28.40 34.34 48.88
C ALA L 9 -28.76 33.26 49.92
N VAL L 10 -27.73 32.60 50.42
CA VAL L 10 -27.84 31.75 51.60
C VAL L 10 -26.62 31.97 52.44
N SER L 11 -26.73 31.71 53.72
CA SER L 11 -25.59 31.85 54.60
C SER L 11 -25.59 30.80 55.72
N GLY L 12 -24.43 30.62 56.33
CA GLY L 12 -24.30 29.70 57.46
C GLY L 12 -22.99 29.87 58.23
N THR L 13 -22.87 29.27 59.42
CA THR L 13 -21.62 29.35 60.16
C THR L 13 -20.78 28.13 59.88
N PRO L 14 -19.46 28.23 60.09
CA PRO L 14 -18.64 27.04 59.88
C PRO L 14 -19.19 25.86 60.67
N GLY L 15 -19.38 24.73 59.99
CA GLY L 15 -19.98 23.56 60.61
C GLY L 15 -21.49 23.44 60.49
N GLN L 16 -22.18 24.54 60.17
CA GLN L 16 -23.63 24.48 60.03
C GLN L 16 -24.01 23.71 58.77
N ARG L 17 -25.24 23.22 58.73
CA ARG L 17 -25.78 22.63 57.50
C ARG L 17 -26.57 23.68 56.74
N VAL L 18 -26.26 23.84 55.47
CA VAL L 18 -26.98 24.80 54.63
C VAL L 18 -27.61 24.11 53.41
N THR L 19 -28.77 24.57 53.00
CA THR L 19 -29.41 23.99 51.83
C THR L 19 -29.68 25.12 50.82
N ILE L 20 -29.62 24.81 49.53
CA ILE L 20 -29.89 25.77 48.48
C ILE L 20 -30.94 25.13 47.55
N SER L 21 -32.07 25.80 47.39
CA SER L 21 -33.17 25.24 46.61
C SER L 21 -33.12 25.63 45.14
N CYS L 22 -33.79 24.85 44.29
CA CYS L 22 -33.81 25.12 42.87
C CYS L 22 -35.19 24.77 42.32
N SER L 23 -35.98 25.79 41.99
CA SER L 23 -37.31 25.57 41.43
C SER L 23 -37.35 25.65 39.90
N GLY L 24 -37.89 24.60 39.28
CA GLY L 24 -38.06 24.52 37.84
C GLY L 24 -39.50 24.24 37.44
N SER L 25 -39.63 23.52 36.33
CA SER L 25 -40.93 23.19 35.76
C SER L 25 -40.83 21.75 35.26
N ASP L 26 -41.89 21.25 34.63
CA ASP L 26 -41.91 19.88 34.10
C ASP L 26 -40.94 19.61 32.95
N SER L 27 -40.71 20.62 32.11
CA SER L 27 -39.91 20.42 30.91
C SER L 27 -38.42 20.31 31.22
N ASN L 28 -38.02 20.71 32.42
CA ASN L 28 -36.63 20.53 32.84
C ASN L 28 -36.50 19.63 34.07
N ILE L 29 -36.50 20.19 35.28
CA ILE L 29 -36.28 19.38 36.48
C ILE L 29 -37.27 18.24 36.59
N GLY L 30 -38.52 18.51 36.24
CA GLY L 30 -39.55 17.50 36.28
C GLY L 30 -39.15 16.25 35.52
N ARG L 31 -38.66 16.43 34.31
CA ARG L 31 -38.39 15.31 33.42
C ARG L 31 -36.90 15.07 33.12
N ARG L 32 -36.02 15.89 33.67
CA ARG L 32 -34.57 15.76 33.44
C ARG L 32 -33.69 15.81 34.68
N SER L 33 -32.46 15.31 34.54
CA SER L 33 -31.50 15.25 35.63
C SER L 33 -30.88 16.61 35.91
N VAL L 34 -30.55 16.85 37.19
CA VAL L 34 -29.99 18.11 37.65
C VAL L 34 -28.49 18.06 37.93
N ASN L 35 -27.78 19.10 37.53
CA ASN L 35 -26.36 19.27 37.85
C ASN L 35 -26.18 20.49 38.72
N TRP L 36 -25.17 20.49 39.60
CA TRP L 36 -24.85 21.63 40.44
C TRP L 36 -23.40 22.01 40.20
N TYR L 37 -23.12 23.32 40.15
CA TYR L 37 -21.79 23.85 39.91
C TYR L 37 -21.41 24.84 41.01
N GLN L 38 -20.13 24.88 41.36
CA GLN L 38 -19.60 25.85 42.32
C GLN L 38 -18.67 26.80 41.56
N GLN L 39 -18.74 28.09 41.84
CA GLN L 39 -17.89 29.07 41.16
C GLN L 39 -17.32 30.09 42.13
N PHE L 40 -16.00 30.19 42.15
CA PHE L 40 -15.33 31.25 42.89
C PHE L 40 -15.10 32.45 41.96
N PRO L 41 -15.08 33.68 42.51
CA PRO L 41 -15.02 34.88 41.66
C PRO L 41 -13.82 34.88 40.71
N GLY L 42 -14.07 35.20 39.44
CA GLY L 42 -13.03 35.31 38.43
C GLY L 42 -12.41 33.99 38.01
N THR L 43 -13.05 32.87 38.37
CA THR L 43 -12.57 31.55 38.01
C THR L 43 -13.70 30.76 37.39
N ALA L 44 -13.38 29.67 36.70
CA ALA L 44 -14.40 28.87 36.05
C ALA L 44 -15.20 28.08 37.10
N PRO L 45 -16.46 27.77 36.81
CA PRO L 45 -17.29 26.90 37.63
C PRO L 45 -16.70 25.50 37.78
N LYS L 46 -17.10 24.80 38.84
CA LYS L 46 -16.69 23.42 39.07
C LYS L 46 -17.94 22.56 39.19
N LEU L 47 -17.92 21.38 38.57
CA LEU L 47 -19.04 20.46 38.69
C LEU L 47 -19.06 19.90 40.10
N LEU L 48 -20.20 20.06 40.74
CA LEU L 48 -20.40 19.64 42.12
C LEU L 48 -21.24 18.39 42.22
N ILE L 49 -22.35 18.38 41.50
CA ILE L 49 -23.26 17.22 41.53
C ILE L 49 -23.78 16.94 40.10
N TYR L 50 -23.95 15.68 39.76
CA TYR L 50 -24.57 15.36 38.48
C TYR L 50 -25.59 14.25 38.67
N SER L 51 -26.45 14.06 37.68
CA SER L 51 -27.47 13.03 37.72
C SER L 51 -28.36 13.17 38.97
N ASN L 52 -28.49 14.40 39.45
CA ASN L 52 -29.32 14.76 40.60
C ASN L 52 -28.63 14.66 41.96
N ASP L 53 -28.03 13.49 42.24
CA ASP L 53 -27.39 13.27 43.52
C ASP L 53 -25.99 12.66 43.43
N GLN L 54 -25.44 12.57 42.23
CA GLN L 54 -24.11 11.98 42.09
C GLN L 54 -23.00 12.99 42.27
N ARG L 55 -21.95 12.53 42.93
CA ARG L 55 -20.86 13.38 43.32
C ARG L 55 -19.58 12.89 42.67
N PRO L 56 -18.90 13.78 41.93
CA PRO L 56 -17.59 13.46 41.37
C PRO L 56 -16.63 13.05 42.49
N SER L 57 -15.68 12.18 42.18
CA SER L 57 -14.81 11.60 43.19
C SER L 57 -14.03 12.67 43.93
N VAL L 58 -13.72 13.76 43.23
CA VAL L 58 -12.92 14.84 43.81
C VAL L 58 -13.71 15.76 44.72
N VAL L 59 -15.04 15.64 44.68
CA VAL L 59 -15.90 16.49 45.50
C VAL L 59 -16.18 15.91 46.89
N PRO L 60 -15.91 16.69 47.95
CA PRO L 60 -16.15 16.24 49.33
C PRO L 60 -17.57 15.75 49.56
N ASP L 61 -17.72 14.76 50.43
CA ASP L 61 -19.01 14.14 50.70
C ASP L 61 -19.99 14.99 51.50
N ARG L 62 -19.51 16.13 52.00
CA ARG L 62 -20.39 17.07 52.69
C ARG L 62 -21.38 17.73 51.72
N PHE L 63 -21.11 17.60 50.43
CA PHE L 63 -22.00 18.07 49.38
C PHE L 63 -22.90 16.90 48.94
N SER L 64 -24.21 17.12 48.91
CA SER L 64 -25.17 16.12 48.46
C SER L 64 -26.30 16.81 47.70
N GLY L 65 -26.95 16.11 46.78
CA GLY L 65 -28.04 16.72 46.04
C GLY L 65 -29.25 15.81 46.04
N SER L 66 -30.44 16.38 45.84
CA SER L 66 -31.64 15.56 45.76
C SER L 66 -32.63 16.23 44.82
N LYS L 67 -33.60 15.45 44.33
CA LYS L 67 -34.58 15.97 43.39
C LYS L 67 -35.95 15.40 43.70
N SER L 68 -36.96 16.26 43.84
CA SER L 68 -38.33 15.81 44.03
C SER L 68 -39.31 16.66 43.24
N GLY L 69 -40.08 16.03 42.37
CA GLY L 69 -41.01 16.74 41.53
C GLY L 69 -40.26 17.63 40.56
N THR L 70 -40.58 18.92 40.62
CA THR L 70 -39.96 19.90 39.75
C THR L 70 -39.01 20.77 40.56
N SER L 71 -38.52 20.24 41.69
CA SER L 71 -37.62 20.98 42.56
C SER L 71 -36.34 20.18 42.80
N ALA L 72 -35.28 20.88 43.19
CA ALA L 72 -34.03 20.23 43.53
C ALA L 72 -33.39 20.97 44.70
N SER L 73 -32.51 20.28 45.40
CA SER L 73 -31.85 20.84 46.58
C SER L 73 -30.41 20.38 46.68
N LEU L 74 -29.52 21.32 46.98
CA LEU L 74 -28.13 21.00 47.27
C LEU L 74 -27.95 21.19 48.77
N ALA L 75 -27.41 20.19 49.47
CA ALA L 75 -27.12 20.33 50.88
C ALA L 75 -25.61 20.24 51.12
N ILE L 76 -25.08 21.19 51.88
CA ILE L 76 -23.69 21.18 52.29
C ILE L 76 -23.70 20.96 53.79
N SER L 77 -23.32 19.77 54.23
CA SER L 77 -23.22 19.48 55.66
C SER L 77 -21.88 20.04 56.14
N GLY L 78 -21.80 20.39 57.41
CA GLY L 78 -20.54 20.83 58.00
C GLY L 78 -19.84 21.92 57.20
N LEU L 79 -20.52 23.05 57.02
CA LEU L 79 -20.01 24.18 56.23
C LEU L 79 -18.58 24.57 56.57
N GLN L 80 -17.77 24.79 55.53
CA GLN L 80 -16.40 25.24 55.72
C GLN L 80 -16.23 26.65 55.15
N SER L 81 -15.23 27.38 55.65
CA SER L 81 -15.00 28.73 55.17
C SER L 81 -14.73 28.74 53.66
N GLU L 82 -14.09 27.70 53.16
CA GLU L 82 -13.72 27.65 51.73
C GLU L 82 -14.91 27.45 50.81
N ASP L 83 -16.09 27.24 51.39
CA ASP L 83 -17.31 27.01 50.62
C ASP L 83 -18.00 28.30 50.20
N GLU L 84 -17.47 29.44 50.63
CA GLU L 84 -18.04 30.70 50.19
C GLU L 84 -17.83 30.83 48.68
N ALA L 85 -18.93 30.87 47.95
CA ALA L 85 -18.91 30.81 46.50
C ALA L 85 -20.32 31.01 45.95
N GLU L 86 -20.45 31.10 44.64
CA GLU L 86 -21.76 31.08 43.98
C GLU L 86 -22.10 29.65 43.57
N TYR L 87 -23.36 29.26 43.69
CA TYR L 87 -23.79 27.92 43.30
C TYR L 87 -24.91 27.96 42.26
N TYR L 88 -24.77 27.17 41.19
CA TYR L 88 -25.79 27.11 40.14
C TYR L 88 -26.33 25.71 39.99
N CYS L 89 -27.65 25.59 39.94
CA CYS L 89 -28.27 24.37 39.50
C CYS L 89 -28.43 24.45 37.99
N ALA L 90 -28.58 23.30 37.35
CA ALA L 90 -28.70 23.28 35.90
C ALA L 90 -29.39 22.00 35.46
N ALA L 91 -30.06 22.08 34.33
CA ALA L 91 -30.71 20.91 33.76
C ALA L 91 -30.99 21.17 32.31
N TRP L 92 -31.17 20.11 31.53
CA TRP L 92 -31.66 20.27 30.19
C TRP L 92 -33.15 20.62 30.24
N ASP L 93 -33.60 21.44 29.29
CA ASP L 93 -35.01 21.80 29.17
C ASP L 93 -35.55 21.30 27.85
N ASP L 94 -36.56 20.43 27.90
CA ASP L 94 -37.09 19.82 26.69
C ASP L 94 -37.99 20.74 25.88
N SER L 95 -38.36 21.88 26.48
CA SER L 95 -39.20 22.85 25.79
C SER L 95 -38.36 23.81 24.98
N LEU L 96 -37.23 24.24 25.55
CA LEU L 96 -36.32 25.16 24.90
C LEU L 96 -35.32 24.42 24.03
N LYS L 97 -35.24 23.10 24.21
CA LYS L 97 -34.22 22.29 23.57
C LYS L 97 -32.84 22.87 23.81
N GLY L 98 -32.52 23.11 25.08
CA GLY L 98 -31.24 23.68 25.45
C GLY L 98 -30.96 23.52 26.92
N ALA L 99 -29.71 23.75 27.31
CA ALA L 99 -29.33 23.68 28.71
C ALA L 99 -29.77 24.98 29.39
N VAL L 100 -30.29 24.86 30.60
CA VAL L 100 -30.66 26.02 31.40
C VAL L 100 -30.00 26.02 32.76
N PHE L 101 -29.91 27.21 33.33
CA PHE L 101 -29.28 27.44 34.62
C PHE L 101 -30.19 28.23 35.54
N GLY L 102 -30.04 28.01 36.84
CA GLY L 102 -30.64 28.90 37.83
C GLY L 102 -29.89 30.21 37.83
N GLY L 103 -30.44 31.21 38.52
CA GLY L 103 -29.83 32.53 38.56
C GLY L 103 -28.57 32.58 39.41
N GLY L 104 -28.34 31.54 40.21
CA GLY L 104 -27.18 31.48 41.08
C GLY L 104 -27.51 31.86 42.52
N THR L 105 -26.85 31.20 43.48
CA THR L 105 -26.98 31.54 44.88
C THR L 105 -25.62 31.88 45.47
N GLN L 106 -25.49 33.05 46.07
CA GLN L 106 -24.26 33.43 46.75
C GLN L 106 -24.25 32.89 48.19
N LEU L 107 -23.26 32.06 48.53
CA LEU L 107 -23.14 31.52 49.87
C LEU L 107 -22.12 32.35 50.63
N THR L 108 -22.56 32.80 51.79
CA THR L 108 -21.80 33.60 52.75
C THR L 108 -21.49 32.79 54.01
N VAL L 109 -20.26 32.90 54.50
CA VAL L 109 -19.90 32.23 55.73
C VAL L 109 -20.26 33.18 56.87
N LEU L 110 -21.19 32.70 57.70
CA LEU L 110 -21.76 33.49 58.78
C LEU L 110 -20.79 33.63 59.91
N GLY L 111 -21.01 34.66 60.73
CA GLY L 111 -20.26 34.75 61.96
C GLY L 111 -19.30 35.91 61.90
N GLN L 112 -19.26 36.56 60.74
CA GLN L 112 -18.32 37.64 60.55
C GLN L 112 -18.62 39.02 61.15
N PRO L 113 -17.61 39.58 61.80
CA PRO L 113 -17.58 40.85 62.54
C PRO L 113 -17.72 42.08 61.64
N LYS L 114 -18.51 43.07 62.02
CA LYS L 114 -18.56 44.34 61.28
C LYS L 114 -17.19 45.02 61.32
N ALA L 115 -16.83 45.72 60.25
CA ALA L 115 -15.58 46.47 60.21
C ALA L 115 -15.79 47.84 59.55
N ALA L 116 -15.45 48.90 60.26
CA ALA L 116 -15.61 50.24 59.74
C ALA L 116 -14.55 50.56 58.67
N PRO L 117 -14.91 51.36 57.67
CA PRO L 117 -13.99 51.73 56.59
C PRO L 117 -12.87 52.68 57.01
N SER L 118 -11.64 52.35 56.66
CA SER L 118 -10.55 53.32 56.71
C SER L 118 -10.65 54.22 55.49
N VAL L 119 -10.58 55.54 55.69
CA VAL L 119 -10.62 56.46 54.56
C VAL L 119 -9.35 57.29 54.42
N THR L 120 -8.93 57.51 53.18
CA THR L 120 -7.85 58.44 52.85
C THR L 120 -8.25 59.34 51.71
N LEU L 121 -8.09 60.64 51.85
CA LEU L 121 -8.48 61.56 50.79
C LEU L 121 -7.31 62.41 50.29
N PHE L 122 -6.97 62.25 49.01
CA PHE L 122 -5.92 63.04 48.41
C PHE L 122 -6.47 64.21 47.61
N PRO L 123 -5.86 65.38 47.80
CA PRO L 123 -6.20 66.57 47.03
C PRO L 123 -5.52 66.50 45.67
N PRO L 124 -5.97 67.33 44.72
CA PRO L 124 -5.36 67.44 43.40
C PRO L 124 -3.87 67.69 43.50
N SER L 125 -3.08 67.01 42.68
CA SER L 125 -1.64 67.25 42.67
C SER L 125 -1.35 68.55 41.94
N SER L 126 -0.23 69.17 42.26
CA SER L 126 0.15 70.43 41.64
C SER L 126 0.36 70.21 40.15
N GLU L 127 0.98 69.10 39.83
CA GLU L 127 1.23 68.71 38.45
C GLU L 127 -0.10 68.73 37.71
N GLU L 128 -1.13 68.19 38.35
CA GLU L 128 -2.44 68.09 37.71
C GLU L 128 -3.10 69.46 37.52
N LEU L 129 -2.92 70.35 38.48
CA LEU L 129 -3.43 71.71 38.37
C LEU L 129 -2.78 72.40 37.17
N GLN L 130 -1.49 72.17 36.98
CA GLN L 130 -0.77 72.71 35.83
C GLN L 130 -1.32 72.22 34.50
N ALA L 131 -1.90 71.02 34.49
CA ALA L 131 -2.52 70.48 33.28
C ALA L 131 -4.01 70.86 33.22
N ASN L 132 -4.41 71.81 34.07
CA ASN L 132 -5.75 72.38 34.06
C ASN L 132 -6.87 71.38 34.38
N LYS L 133 -6.55 70.36 35.17
CA LYS L 133 -7.56 69.43 35.69
C LYS L 133 -7.39 69.32 37.20
N ALA L 134 -8.40 68.83 37.91
CA ALA L 134 -8.26 68.58 39.33
C ALA L 134 -9.03 67.35 39.75
N THR L 135 -8.35 66.40 40.38
CA THR L 135 -9.03 65.17 40.81
C THR L 135 -8.84 64.94 42.31
N LEU L 136 -9.96 64.84 43.02
CA LEU L 136 -9.98 64.45 44.41
C LEU L 136 -10.17 62.94 44.52
N VAL L 137 -9.24 62.29 45.19
CA VAL L 137 -9.23 60.83 45.24
C VAL L 137 -9.60 60.31 46.63
N CYS L 138 -10.75 59.65 46.74
CA CYS L 138 -11.20 59.13 48.02
C CYS L 138 -11.09 57.60 48.04
N LEU L 139 -10.17 57.11 48.85
CA LEU L 139 -9.86 55.69 48.93
C LEU L 139 -10.45 55.05 50.18
N ILE L 140 -11.33 54.08 49.96
CA ILE L 140 -12.07 53.41 51.03
C ILE L 140 -11.62 51.95 51.16
N SER L 141 -11.25 51.52 52.36
CA SER L 141 -10.71 50.16 52.52
C SER L 141 -11.13 49.47 53.83
N ASP L 142 -10.94 48.16 53.88
CA ASP L 142 -11.15 47.37 55.09
C ASP L 142 -12.55 47.48 55.71
N PHE L 143 -13.59 47.52 54.88
CA PHE L 143 -14.93 47.49 55.46
C PHE L 143 -15.69 46.18 55.23
N TYR L 144 -16.59 45.89 56.18
CA TYR L 144 -17.48 44.74 56.08
C TYR L 144 -18.76 45.00 56.89
N PRO L 145 -19.93 44.63 56.34
CA PRO L 145 -20.23 44.03 55.04
C PRO L 145 -19.85 44.93 53.87
N GLY L 146 -19.83 44.37 52.67
CA GLY L 146 -19.26 45.04 51.51
C GLY L 146 -20.16 46.02 50.77
N ALA L 147 -20.73 46.97 51.49
CA ALA L 147 -21.60 47.96 50.88
C ALA L 147 -21.48 49.32 51.59
N VAL L 148 -20.92 50.29 50.89
CA VAL L 148 -20.81 51.65 51.39
C VAL L 148 -21.50 52.58 50.41
N THR L 149 -21.86 53.78 50.83
CA THR L 149 -22.29 54.84 49.89
C THR L 149 -21.43 56.09 50.07
N VAL L 150 -21.25 56.85 49.00
CA VAL L 150 -20.32 57.96 49.03
C VAL L 150 -20.99 59.28 48.67
N ALA L 151 -20.80 60.28 49.53
CA ALA L 151 -21.30 61.63 49.34
C ALA L 151 -20.16 62.66 49.32
N TRP L 152 -20.15 63.54 48.33
CA TRP L 152 -19.14 64.59 48.24
C TRP L 152 -19.67 65.94 48.72
N LYS L 153 -18.88 66.61 49.57
CA LYS L 153 -19.23 67.90 50.15
C LYS L 153 -18.34 69.00 49.61
N ALA L 154 -18.95 70.03 49.04
CA ALA L 154 -18.21 71.20 48.61
C ALA L 154 -18.61 72.21 49.67
N ASP L 155 -17.64 72.72 50.42
CA ASP L 155 -17.98 73.55 51.56
C ASP L 155 -18.89 72.62 52.37
N SER L 156 -20.08 73.07 52.73
CA SER L 156 -21.05 72.22 53.42
C SER L 156 -22.15 71.72 52.50
N SER L 157 -22.00 71.95 51.19
CA SER L 157 -23.06 71.64 50.23
C SER L 157 -22.76 70.36 49.44
N PRO L 158 -23.80 69.60 49.08
CA PRO L 158 -23.60 68.35 48.32
C PRO L 158 -23.22 68.57 46.86
N VAL L 159 -22.16 67.91 46.39
CA VAL L 159 -21.80 67.95 44.97
C VAL L 159 -22.75 67.02 44.23
N LYS L 160 -23.25 67.49 43.08
CA LYS L 160 -24.13 66.66 42.27
C LYS L 160 -23.62 66.50 40.82
N ALA L 161 -22.29 66.43 40.67
CA ALA L 161 -21.64 66.29 39.35
C ALA L 161 -20.19 65.84 39.47
N GLY L 162 -19.72 65.12 38.46
CA GLY L 162 -18.31 64.74 38.35
C GLY L 162 -17.86 63.73 39.39
N VAL L 163 -18.84 63.09 40.01
CA VAL L 163 -18.59 62.04 40.99
C VAL L 163 -18.67 60.65 40.32
N GLU L 164 -17.59 59.87 40.38
CA GLU L 164 -17.59 58.52 39.84
C GLU L 164 -17.05 57.55 40.87
N THR L 165 -17.87 56.58 41.24
CA THR L 165 -17.50 55.67 42.31
C THR L 165 -17.58 54.23 41.83
N THR L 166 -16.55 53.47 42.14
CA THR L 166 -16.50 52.08 41.73
C THR L 166 -17.47 51.27 42.56
N THR L 167 -17.74 50.07 42.09
CA THR L 167 -18.42 49.09 42.90
C THR L 167 -17.44 48.63 43.98
N PRO L 168 -17.96 48.07 45.09
CA PRO L 168 -17.12 47.48 46.13
C PRO L 168 -16.45 46.16 45.70
N SER L 169 -15.20 45.95 46.12
CA SER L 169 -14.44 44.75 45.80
C SER L 169 -13.82 44.09 47.03
N LYS L 170 -13.78 42.76 47.04
CA LYS L 170 -13.29 42.01 48.19
C LYS L 170 -11.74 42.01 48.24
N GLN L 171 -11.17 42.40 49.38
CA GLN L 171 -9.71 42.39 49.58
C GLN L 171 -9.19 41.00 49.98
N SER L 172 -7.87 40.87 50.10
CA SER L 172 -7.27 39.61 50.51
C SER L 172 -7.66 39.19 51.93
N ASN L 173 -7.98 40.18 52.76
CA ASN L 173 -8.36 39.93 54.15
C ASN L 173 -9.87 39.72 54.34
N ASN L 174 -10.56 39.42 53.24
CA ASN L 174 -12.01 39.18 53.29
C ASN L 174 -12.91 40.37 53.67
N LYS L 175 -12.31 41.55 53.83
CA LYS L 175 -13.06 42.80 53.97
C LYS L 175 -13.13 43.48 52.58
N TYR L 176 -13.82 44.61 52.46
CA TYR L 176 -14.00 45.20 51.13
C TYR L 176 -13.33 46.56 50.97
N ALA L 177 -13.09 46.93 49.71
CA ALA L 177 -12.50 48.22 49.35
C ALA L 177 -13.24 48.88 48.20
N ALA L 178 -13.20 50.21 48.15
CA ALA L 178 -13.75 50.95 47.03
C ALA L 178 -12.95 52.23 46.82
N SER L 179 -13.32 52.99 45.80
CA SER L 179 -12.74 54.32 45.58
C SER L 179 -13.73 55.19 44.79
N SER L 180 -13.75 56.48 45.12
CA SER L 180 -14.64 57.44 44.47
C SER L 180 -13.81 58.62 43.99
N TYR L 181 -14.14 59.15 42.82
CA TYR L 181 -13.36 60.20 42.20
C TYR L 181 -14.20 61.44 41.97
N LEU L 182 -13.67 62.59 42.38
CA LEU L 182 -14.32 63.84 42.12
C LEU L 182 -13.52 64.63 41.10
N SER L 183 -14.17 64.97 39.99
CA SER L 183 -13.48 65.70 38.94
C SER L 183 -13.95 67.14 38.93
N LEU L 184 -12.99 68.06 39.06
CA LEU L 184 -13.26 69.48 39.13
C LEU L 184 -12.25 70.28 38.31
N THR L 185 -12.68 71.46 37.90
CA THR L 185 -11.83 72.48 37.30
C THR L 185 -10.96 73.08 38.39
N PRO L 186 -9.72 73.47 38.07
CA PRO L 186 -8.85 74.14 39.05
C PRO L 186 -9.50 75.36 39.69
N GLU L 187 -10.41 76.00 38.96
CA GLU L 187 -11.16 77.14 39.47
C GLU L 187 -12.13 76.75 40.59
N GLN L 188 -12.82 75.62 40.42
CA GLN L 188 -13.72 75.14 41.45
C GLN L 188 -12.96 74.69 42.70
N TRP L 189 -11.75 74.18 42.48
CA TRP L 189 -10.86 73.81 43.58
C TRP L 189 -10.39 75.05 44.33
N LYS L 190 -10.27 76.16 43.61
CA LYS L 190 -9.95 77.43 44.26
C LYS L 190 -11.20 78.11 44.83
N SER L 191 -12.34 77.86 44.19
CA SER L 191 -13.58 78.58 44.52
C SER L 191 -14.13 78.24 45.90
N HIS L 192 -13.64 77.16 46.49
CA HIS L 192 -14.12 76.76 47.81
C HIS L 192 -12.96 76.54 48.77
N ARG L 193 -13.28 76.56 50.06
CA ARG L 193 -12.26 76.49 51.09
C ARG L 193 -12.17 75.08 51.64
N SER L 194 -13.14 74.25 51.30
CA SER L 194 -13.17 72.90 51.84
C SER L 194 -13.88 71.88 50.95
N TYR L 195 -13.25 70.72 50.78
CA TYR L 195 -13.90 69.60 50.11
C TYR L 195 -13.83 68.39 51.05
N SER L 196 -14.89 67.60 51.10
CA SER L 196 -14.94 66.48 52.05
C SER L 196 -15.49 65.18 51.44
N CYS L 197 -14.83 64.06 51.70
CA CYS L 197 -15.37 62.76 51.28
C CYS L 197 -16.06 62.08 52.46
N GLN L 198 -17.36 61.83 52.29
CA GLN L 198 -18.18 61.23 53.33
C GLN L 198 -18.59 59.80 52.97
N VAL L 199 -18.09 58.82 53.71
CA VAL L 199 -18.41 57.43 53.43
C VAL L 199 -19.30 56.82 54.51
N THR L 200 -20.54 56.51 54.17
CA THR L 200 -21.42 55.90 55.16
C THR L 200 -21.48 54.38 55.01
N HIS L 201 -21.32 53.70 56.14
CA HIS L 201 -21.29 52.25 56.18
C HIS L 201 -22.07 51.73 57.38
N GLU L 202 -23.22 51.11 57.11
CA GLU L 202 -24.13 50.65 58.17
C GLU L 202 -24.55 51.76 59.14
N GLY L 203 -25.10 52.84 58.58
CA GLY L 203 -25.59 53.96 59.37
C GLY L 203 -24.51 54.92 59.84
N SER L 204 -23.38 54.38 60.27
CA SER L 204 -22.29 55.23 60.77
C SER L 204 -21.50 55.84 59.62
N THR L 205 -21.15 57.12 59.75
CA THR L 205 -20.48 57.85 58.68
C THR L 205 -19.06 58.24 59.06
N VAL L 206 -18.11 57.82 58.23
CA VAL L 206 -16.71 58.24 58.34
C VAL L 206 -16.45 59.41 57.39
N GLU L 207 -15.67 60.39 57.84
CA GLU L 207 -15.44 61.56 57.00
C GLU L 207 -13.97 61.97 56.96
N LYS L 208 -13.55 62.49 55.81
CA LYS L 208 -12.26 63.13 55.69
C LYS L 208 -12.38 64.40 54.85
N THR L 209 -11.39 65.27 54.95
CA THR L 209 -11.46 66.59 54.35
C THR L 209 -10.10 67.12 53.90
N VAL L 210 -10.05 67.79 52.76
CA VAL L 210 -8.82 68.48 52.34
C VAL L 210 -9.11 69.92 51.95
N ALA L 211 -8.10 70.77 52.14
CA ALA L 211 -8.18 72.20 51.85
C ALA L 211 -7.07 72.67 50.89
N PRO L 212 -7.43 73.52 49.92
CA PRO L 212 -6.50 74.13 48.96
C PRO L 212 -5.58 75.19 49.58
#